data_5MY2
#
_entry.id   5MY2
#
_cell.length_a   216.565
_cell.length_b   345.810
_cell.length_c   145.229
_cell.angle_alpha   90.000
_cell.angle_beta   90.000
_cell.angle_gamma   90.000
#
_symmetry.space_group_name_H-M   'C 2 2 2'
#
loop_
_entity.id
_entity.type
_entity.pdbx_description
1 polymer 'Fatty acid synthase'
2 non-polymer 'COENZYME A'
#
_entity_poly.entity_id   1
_entity_poly.type   'polypeptide(L)'
_entity_poly.pdbx_seq_one_letter_code
;SEEVVIAGMSGKLPESENLQEFWANLIGGVDMVTDDDRRWKAGLYGLPKRSGKLKDLSKFDASFFGVHPKQAHTMDPQLR
LLLEVSYEAIVDGGINPASLRGTNTGVWVGVSGSEASEALSRDPETLLGYSMVGCQRAMMANRLSFFFDFKGPSIALDTA
CSSSLLALQNAYQAIRSGECPAALVGGINLLLKPNTSVQFMKLGMLSPDGTCRSFDDSGSGYCRSEAVVAVLLTKKSLAR
RVYATILNAGTNTDGSKEQGVTFPSGEVQEQLICSLYQPAGLAPESLEYIEAHGTGTKVGDPQELNGITRSLCAFRQAPL
LIGSTKSNMGHPEPASGLAALTKVLLSLEHGVWAPNLHFHNPNPEIPALLDGRLQVVDRPLPVRGGNVGINSFGFGGSNV
HVILQPNTRQAPAPTAHAALPHLLHASGRTLEAVQDLLEQGRQHSQDLAFVSMLNDIAATPTAAMPFRGYTVLGVEGRVQ
EVQQVSTNKRPLWFICSGMGTQWRGMGLSLMRLDSFRESILRSDEAVKPLGVKVSDLLLSTDERTFDDIVHAFVSLTAIQ
IALIDLLTSVGLKPDGIIGHSLGEVACGYADGCLSQREAVLAAYWRGQCIKDAHLPPGSMAAVGLSWEECKQRCPAGVVP
ACHNSEDTVTISGPQAAVNEFVEQLKQEGVFAKEVRTGGLAFHSYFMEGIAPTLLQALKKVIREPRPRSARWLSTSIPEA
QWQSSLARTSSAEYNVNNLVSPVLFQEALWHIPEHAVVLEIAPHALLQAVLKRGVKSSCTIIPLMKRDHKDNLEFFLTNL
GKVHLTGINVNPNALFPPVEFPAPRGTPLISPHIKWDHSQTWDVPVAEDFPN
;
_entity_poly.pdbx_strand_id   A,B,C,D
#
# COMPACT_ATOMS: atom_id res chain seq x y z
N SER A 1 -26.99 -27.89 -13.82
CA SER A 1 -28.27 -28.62 -13.88
C SER A 1 -29.30 -27.81 -14.69
N GLU A 2 -29.31 -28.11 -15.99
CA GLU A 2 -30.31 -27.65 -16.97
C GLU A 2 -30.13 -28.56 -18.22
N GLU A 3 -31.21 -29.16 -18.73
CA GLU A 3 -31.07 -30.18 -19.78
C GLU A 3 -30.90 -29.63 -21.17
N VAL A 4 -29.85 -30.07 -21.87
CA VAL A 4 -29.49 -29.51 -23.18
C VAL A 4 -29.77 -30.51 -24.29
N VAL A 5 -30.52 -30.08 -25.30
CA VAL A 5 -30.87 -30.95 -26.44
C VAL A 5 -30.40 -30.44 -27.79
N ILE A 6 -30.15 -31.35 -28.71
CA ILE A 6 -29.85 -30.98 -30.09
C ILE A 6 -31.21 -30.95 -30.74
N ALA A 7 -31.61 -29.77 -31.16
CA ALA A 7 -32.97 -29.50 -31.59
C ALA A 7 -33.15 -29.47 -33.08
N GLY A 8 -32.12 -29.06 -33.82
CA GLY A 8 -32.29 -28.79 -35.25
C GLY A 8 -30.96 -28.92 -35.93
N MET A 9 -30.97 -29.31 -37.20
CA MET A 9 -29.70 -29.38 -37.91
C MET A 9 -29.90 -29.15 -39.38
N SER A 10 -28.82 -28.72 -40.00
CA SER A 10 -28.78 -28.64 -41.44
C SER A 10 -27.33 -28.68 -41.87
N GLY A 11 -27.09 -28.88 -43.16
CA GLY A 11 -25.73 -28.77 -43.68
C GLY A 11 -25.52 -29.04 -45.15
N LYS A 12 -24.30 -28.77 -45.61
CA LYS A 12 -23.86 -29.09 -46.96
C LYS A 12 -22.58 -29.89 -46.89
N LEU A 13 -22.54 -31.03 -47.57
CA LEU A 13 -21.41 -31.95 -47.45
C LEU A 13 -20.97 -32.36 -48.83
N PRO A 14 -19.79 -32.98 -48.95
CA PRO A 14 -19.33 -33.38 -50.27
C PRO A 14 -20.39 -34.15 -51.01
N GLU A 15 -20.66 -33.68 -52.23
CA GLU A 15 -21.73 -34.21 -53.09
C GLU A 15 -23.15 -34.18 -52.51
N SER A 16 -23.40 -33.38 -51.47
CA SER A 16 -24.67 -33.43 -50.77
C SER A 16 -25.15 -32.02 -50.48
N GLU A 17 -26.10 -31.56 -51.26
CA GLU A 17 -26.61 -30.19 -51.15
C GLU A 17 -27.43 -29.93 -49.85
N ASN A 18 -27.98 -30.98 -49.25
CA ASN A 18 -28.60 -30.90 -47.94
C ASN A 18 -28.45 -32.22 -47.18
N LEU A 19 -28.98 -32.33 -45.96
CA LEU A 19 -28.84 -33.55 -45.21
C LEU A 19 -29.61 -34.75 -45.74
N GLN A 20 -30.69 -34.53 -46.51
CA GLN A 20 -31.38 -35.69 -47.19
C GLN A 20 -30.43 -36.31 -48.19
N GLU A 21 -29.75 -35.49 -48.99
CA GLU A 21 -28.77 -35.99 -49.94
C GLU A 21 -27.60 -36.65 -49.22
N PHE A 22 -27.19 -36.06 -48.07
CA PHE A 22 -26.09 -36.62 -47.31
C PHE A 22 -26.47 -38.01 -46.80
N TRP A 23 -27.69 -38.15 -46.28
CA TRP A 23 -28.18 -39.43 -45.80
C TRP A 23 -28.23 -40.47 -46.88
N ALA A 24 -28.78 -40.10 -48.02
CA ALA A 24 -28.88 -40.99 -49.16
C ALA A 24 -27.52 -41.58 -49.52
N ASN A 25 -26.50 -40.72 -49.60
CA ASN A 25 -25.13 -41.14 -49.86
C ASN A 25 -24.57 -42.00 -48.75
N LEU A 26 -24.86 -41.65 -47.50
CA LEU A 26 -24.35 -42.42 -46.36
C LEU A 26 -24.85 -43.87 -46.34
N ILE A 27 -26.17 -44.00 -46.28
CA ILE A 27 -26.82 -45.31 -46.15
C ILE A 27 -26.67 -46.07 -47.44
N GLY A 28 -26.59 -45.35 -48.56
CA GLY A 28 -26.31 -45.92 -49.86
C GLY A 28 -24.88 -46.34 -50.14
N GLY A 29 -23.94 -46.05 -49.24
CA GLY A 29 -22.55 -46.42 -49.46
C GLY A 29 -21.90 -45.74 -50.66
N VAL A 30 -22.31 -44.51 -50.95
CA VAL A 30 -21.70 -43.70 -52.00
C VAL A 30 -20.48 -43.00 -51.45
N ASP A 31 -19.35 -43.12 -52.13
CA ASP A 31 -18.13 -42.40 -51.79
C ASP A 31 -18.34 -40.98 -52.32
N MET A 32 -18.29 -40.01 -51.41
CA MET A 32 -18.55 -38.61 -51.72
C MET A 32 -17.26 -37.85 -52.07
N VAL A 33 -16.13 -38.53 -51.91
CA VAL A 33 -14.85 -37.99 -52.34
C VAL A 33 -14.77 -38.12 -53.87
N THR A 34 -14.32 -37.08 -54.57
CA THR A 34 -14.26 -37.07 -56.02
C THR A 34 -12.91 -36.58 -56.51
N ASP A 35 -12.67 -36.66 -57.81
CA ASP A 35 -11.39 -36.28 -58.40
C ASP A 35 -11.48 -35.33 -59.59
N ASP A 36 -12.54 -34.59 -59.69
CA ASP A 36 -12.67 -33.60 -60.76
C ASP A 36 -11.87 -32.34 -60.46
N ASP A 37 -11.92 -31.35 -61.35
CA ASP A 37 -11.08 -30.15 -61.30
C ASP A 37 -11.76 -28.95 -60.67
N ARG A 38 -12.72 -29.20 -59.78
CA ARG A 38 -13.58 -28.11 -59.29
C ARG A 38 -12.85 -26.91 -58.66
N ARG A 39 -11.82 -27.21 -57.86
CA ARG A 39 -11.09 -26.19 -57.15
C ARG A 39 -9.74 -25.90 -57.79
N TRP A 40 -9.10 -26.94 -58.31
CA TRP A 40 -7.83 -26.79 -58.98
C TRP A 40 -7.53 -28.04 -59.84
N LYS A 41 -6.65 -27.92 -60.85
CA LYS A 41 -6.34 -29.05 -61.77
C LYS A 41 -5.95 -30.23 -60.92
N ALA A 42 -6.70 -31.32 -60.98
CA ALA A 42 -6.47 -32.43 -60.06
C ALA A 42 -5.08 -32.99 -60.29
N GLY A 43 -4.26 -33.06 -59.24
CA GLY A 43 -2.88 -33.50 -59.38
C GLY A 43 -1.86 -32.40 -59.27
N LEU A 44 -2.30 -31.16 -59.44
CA LEU A 44 -1.42 -29.98 -59.30
C LEU A 44 -0.43 -30.13 -58.15
N TYR A 45 0.81 -29.74 -58.42
CA TYR A 45 1.90 -29.86 -57.48
C TYR A 45 2.06 -31.26 -56.88
N GLY A 46 1.59 -32.29 -57.59
CA GLY A 46 1.67 -33.66 -57.09
C GLY A 46 0.72 -33.99 -55.96
N LEU A 47 -0.34 -33.20 -55.80
CA LEU A 47 -1.32 -33.41 -54.73
C LEU A 47 -2.19 -34.59 -55.02
N PRO A 48 -2.82 -35.16 -54.00
CA PRO A 48 -3.80 -36.18 -54.31
C PRO A 48 -4.87 -35.64 -55.23
N LYS A 49 -5.39 -36.46 -56.13
CA LYS A 49 -6.42 -36.01 -57.05
C LYS A 49 -7.79 -35.96 -56.34
N ARG A 50 -7.92 -36.70 -55.26
CA ARG A 50 -9.20 -36.89 -54.57
C ARG A 50 -9.34 -35.99 -53.34
N SER A 51 -10.48 -35.31 -53.25
CA SER A 51 -10.81 -34.51 -52.08
C SER A 51 -12.34 -34.47 -52.02
N GLY A 52 -12.93 -34.35 -50.84
CA GLY A 52 -14.41 -34.19 -50.72
C GLY A 52 -14.86 -32.76 -50.99
N LYS A 53 -15.71 -32.52 -51.98
CA LYS A 53 -16.07 -31.11 -52.31
C LYS A 53 -17.58 -30.84 -52.40
N LEU A 54 -17.97 -29.64 -52.00
CA LEU A 54 -19.35 -29.20 -52.14
C LEU A 54 -19.75 -29.05 -53.62
N LYS A 55 -21.00 -29.35 -53.93
CA LYS A 55 -21.50 -29.19 -55.30
C LYS A 55 -21.40 -27.77 -55.74
N ASP A 56 -21.76 -26.82 -54.88
CA ASP A 56 -21.76 -25.43 -55.26
C ASP A 56 -21.37 -24.44 -54.15
N LEU A 57 -20.66 -23.37 -54.53
CA LEU A 57 -20.29 -22.23 -53.67
C LEU A 57 -20.82 -20.86 -54.11
N SER A 58 -21.41 -20.80 -55.29
CA SER A 58 -21.82 -19.55 -55.90
C SER A 58 -23.25 -19.08 -55.55
N LYS A 59 -24.06 -19.89 -54.88
CA LYS A 59 -25.43 -19.48 -54.55
C LYS A 59 -25.59 -18.93 -53.14
N PHE A 60 -26.39 -17.87 -53.04
CA PHE A 60 -26.65 -17.20 -51.79
C PHE A 60 -27.80 -16.22 -51.97
N ASP A 61 -28.88 -16.45 -51.23
CA ASP A 61 -30.03 -15.58 -51.25
C ASP A 61 -29.70 -14.33 -50.49
N ALA A 62 -28.95 -13.46 -51.14
CA ALA A 62 -28.39 -12.29 -50.49
C ALA A 62 -29.42 -11.35 -49.93
N SER A 63 -30.50 -11.11 -50.66
CA SER A 63 -31.44 -10.08 -50.23
C SER A 63 -32.20 -10.51 -48.98
N PHE A 64 -32.42 -11.81 -48.81
CA PHE A 64 -33.06 -12.29 -47.56
C PHE A 64 -32.22 -11.96 -46.35
N PHE A 65 -30.89 -12.01 -46.49
CA PHE A 65 -29.96 -11.78 -45.39
C PHE A 65 -29.48 -10.34 -45.25
N GLY A 66 -30.00 -9.45 -46.10
CA GLY A 66 -29.77 -8.04 -45.95
C GLY A 66 -28.42 -7.64 -46.45
N VAL A 67 -27.94 -8.35 -47.47
CA VAL A 67 -26.58 -8.19 -47.93
C VAL A 67 -26.66 -7.64 -49.33
N HIS A 68 -26.02 -6.49 -49.57
CA HIS A 68 -26.14 -5.85 -50.88
C HIS A 68 -25.16 -6.53 -51.83
N PRO A 69 -25.44 -6.50 -53.14
CA PRO A 69 -24.63 -7.33 -54.06
C PRO A 69 -23.11 -7.08 -54.03
N LYS A 70 -22.69 -5.86 -53.78
CA LYS A 70 -21.28 -5.58 -53.70
C LYS A 70 -20.63 -6.31 -52.48
N GLN A 71 -21.35 -6.40 -51.35
CA GLN A 71 -20.87 -7.12 -50.17
C GLN A 71 -20.89 -8.65 -50.39
N ALA A 72 -21.94 -9.15 -51.03
CA ALA A 72 -22.04 -10.59 -51.32
C ALA A 72 -20.90 -11.10 -52.18
N HIS A 73 -20.52 -10.37 -53.23
CA HIS A 73 -19.38 -10.79 -54.09
C HIS A 73 -18.05 -10.83 -53.32
N THR A 74 -17.95 -10.10 -52.23
CA THR A 74 -16.75 -10.13 -51.39
C THR A 74 -16.94 -10.84 -50.01
N MET A 75 -17.96 -11.70 -49.90
CA MET A 75 -18.11 -12.56 -48.73
C MET A 75 -17.46 -13.91 -48.93
N ASP A 76 -16.83 -14.40 -47.87
CA ASP A 76 -16.31 -15.76 -47.83
C ASP A 76 -17.49 -16.67 -48.17
N PRO A 77 -17.34 -17.51 -49.20
CA PRO A 77 -18.45 -18.42 -49.43
C PRO A 77 -18.79 -19.28 -48.21
N GLN A 78 -17.80 -19.58 -47.33
CA GLN A 78 -18.09 -20.22 -46.03
C GLN A 78 -19.27 -19.54 -45.33
N LEU A 79 -19.21 -18.20 -45.25
CA LEU A 79 -20.20 -17.45 -44.50
C LEU A 79 -21.56 -17.35 -45.18
N ARG A 80 -21.55 -17.18 -46.49
CA ARG A 80 -22.79 -17.15 -47.29
C ARG A 80 -23.55 -18.47 -47.08
N LEU A 81 -22.83 -19.59 -47.19
CA LEU A 81 -23.45 -20.87 -47.04
C LEU A 81 -23.90 -21.10 -45.60
N LEU A 82 -23.08 -20.68 -44.63
CA LEU A 82 -23.42 -20.87 -43.23
C LEU A 82 -24.67 -20.07 -42.80
N LEU A 83 -24.94 -18.92 -43.45
CA LEU A 83 -26.14 -18.14 -43.12
C LEU A 83 -27.39 -18.93 -43.47
N GLU A 84 -27.44 -19.44 -44.70
CA GLU A 84 -28.53 -20.32 -45.16
C GLU A 84 -28.64 -21.54 -44.26
N VAL A 85 -27.52 -22.23 -44.07
CA VAL A 85 -27.51 -23.49 -43.34
C VAL A 85 -27.97 -23.26 -41.89
N SER A 86 -27.53 -22.14 -41.29
CA SER A 86 -27.95 -21.76 -39.94
C SER A 86 -29.45 -21.58 -39.87
N TYR A 87 -30.03 -20.80 -40.81
CA TYR A 87 -31.49 -20.59 -40.84
C TYR A 87 -32.19 -21.94 -40.97
N GLU A 88 -31.71 -22.76 -41.91
CA GLU A 88 -32.26 -24.09 -42.12
C GLU A 88 -32.22 -24.88 -40.80
N ALA A 89 -31.10 -24.79 -40.08
CA ALA A 89 -30.96 -25.51 -38.82
C ALA A 89 -31.94 -25.09 -37.74
N ILE A 90 -32.22 -23.80 -37.66
CA ILE A 90 -33.13 -23.30 -36.64
C ILE A 90 -34.57 -23.75 -36.93
N VAL A 91 -35.03 -23.54 -38.16
CA VAL A 91 -36.38 -23.96 -38.52
C VAL A 91 -36.56 -25.47 -38.54
N ASP A 92 -35.50 -26.22 -38.82
CA ASP A 92 -35.54 -27.71 -38.74
C ASP A 92 -36.00 -28.15 -37.37
N GLY A 93 -35.69 -27.36 -36.33
CA GLY A 93 -36.12 -27.64 -34.97
C GLY A 93 -37.57 -27.30 -34.67
N GLY A 94 -38.22 -26.67 -35.63
CA GLY A 94 -39.59 -26.27 -35.51
C GLY A 94 -39.71 -24.99 -34.74
N ILE A 95 -38.66 -24.20 -34.77
CA ILE A 95 -38.54 -22.96 -34.01
C ILE A 95 -38.45 -21.76 -34.96
N ASN A 96 -39.31 -20.77 -34.73
CA ASN A 96 -39.32 -19.59 -35.55
C ASN A 96 -38.16 -18.76 -35.07
N PRO A 97 -37.23 -18.41 -35.96
CA PRO A 97 -36.10 -17.57 -35.52
C PRO A 97 -36.49 -16.28 -34.76
N ALA A 98 -37.62 -15.70 -35.14
CA ALA A 98 -38.18 -14.53 -34.48
C ALA A 98 -38.30 -14.73 -32.98
N SER A 99 -38.70 -15.93 -32.56
CA SER A 99 -38.81 -16.18 -31.13
C SER A 99 -37.48 -16.19 -30.37
N LEU A 100 -36.35 -16.21 -31.07
CA LEU A 100 -35.05 -16.11 -30.43
C LEU A 100 -34.40 -14.72 -30.61
N ARG A 101 -34.98 -13.85 -31.43
CA ARG A 101 -34.47 -12.50 -31.61
C ARG A 101 -34.43 -11.77 -30.28
N GLY A 102 -33.32 -11.11 -30.00
CA GLY A 102 -33.17 -10.39 -28.78
C GLY A 102 -32.86 -11.21 -27.55
N THR A 103 -32.84 -12.53 -27.67
CA THR A 103 -32.49 -13.39 -26.53
C THR A 103 -30.98 -13.44 -26.35
N ASN A 104 -30.54 -14.05 -25.25
CA ASN A 104 -29.11 -14.22 -25.01
C ASN A 104 -28.61 -15.58 -25.62
N THR A 105 -29.17 -15.93 -26.76
CA THR A 105 -28.74 -17.06 -27.55
C THR A 105 -27.31 -16.80 -28.06
N GLY A 106 -26.47 -17.85 -27.94
CA GLY A 106 -25.06 -17.80 -28.31
C GLY A 106 -24.77 -18.35 -29.70
N VAL A 107 -23.58 -18.05 -30.22
CA VAL A 107 -23.13 -18.59 -31.48
C VAL A 107 -21.67 -18.97 -31.31
N TRP A 108 -21.34 -20.19 -31.63
CA TRP A 108 -19.96 -20.64 -31.61
C TRP A 108 -19.71 -21.32 -32.95
N VAL A 109 -18.64 -20.91 -33.62
CA VAL A 109 -18.33 -21.47 -34.93
C VAL A 109 -16.91 -21.99 -34.92
N GLY A 110 -16.76 -23.28 -35.23
CA GLY A 110 -15.44 -23.89 -35.43
C GLY A 110 -14.99 -23.65 -36.88
N VAL A 111 -13.84 -23.00 -37.04
CA VAL A 111 -13.34 -22.59 -38.36
C VAL A 111 -11.81 -22.42 -38.30
N SER A 112 -11.13 -22.91 -39.34
CA SER A 112 -9.67 -23.00 -39.38
C SER A 112 -9.01 -22.26 -40.51
N GLY A 113 -9.77 -21.70 -41.42
CA GLY A 113 -9.21 -21.08 -42.60
C GLY A 113 -10.03 -19.95 -43.13
N SER A 114 -9.35 -19.04 -43.78
CA SER A 114 -9.93 -17.82 -44.31
C SER A 114 -9.26 -17.58 -45.65
N GLU A 115 -9.34 -18.56 -46.52
CA GLU A 115 -8.65 -18.50 -47.80
C GLU A 115 -9.26 -17.43 -48.67
N ALA A 116 -10.57 -17.22 -48.58
CA ALA A 116 -11.22 -16.11 -49.30
C ALA A 116 -10.66 -14.75 -48.89
N SER A 117 -10.42 -14.57 -47.60
CA SER A 117 -9.74 -13.38 -47.11
C SER A 117 -8.44 -13.12 -47.85
N GLU A 118 -7.61 -14.16 -48.04
CA GLU A 118 -6.34 -13.99 -48.72
C GLU A 118 -6.57 -13.55 -50.15
N ALA A 119 -7.48 -14.24 -50.82
CA ALA A 119 -7.76 -13.98 -52.21
C ALA A 119 -8.26 -12.55 -52.40
N LEU A 120 -9.30 -12.17 -51.66
CA LEU A 120 -9.97 -10.88 -51.82
C LEU A 120 -9.17 -9.69 -51.31
N SER A 121 -8.07 -9.93 -50.60
CA SER A 121 -7.20 -8.84 -50.19
C SER A 121 -5.85 -8.81 -50.96
N ARG A 122 -5.77 -9.52 -52.08
CA ARG A 122 -4.50 -9.66 -52.80
C ARG A 122 -4.03 -8.41 -53.51
N ASP A 123 -4.96 -7.51 -53.87
CA ASP A 123 -4.63 -6.33 -54.66
C ASP A 123 -5.11 -5.05 -53.98
N PRO A 124 -4.20 -4.31 -53.32
CA PRO A 124 -4.52 -3.06 -52.64
C PRO A 124 -5.28 -2.07 -53.49
N GLU A 125 -4.95 -2.02 -54.78
CA GLU A 125 -5.57 -1.07 -55.70
C GLU A 125 -7.07 -1.28 -55.79
N THR A 126 -7.50 -2.51 -55.98
CA THR A 126 -8.90 -2.84 -56.31
C THR A 126 -9.73 -3.53 -55.19
N LEU A 127 -9.14 -3.78 -54.03
CA LEU A 127 -9.85 -4.49 -52.98
C LEU A 127 -10.83 -3.57 -52.30
N LEU A 128 -11.85 -4.15 -51.69
CA LEU A 128 -12.88 -3.40 -51.03
C LEU A 128 -12.70 -3.59 -49.54
N GLY A 129 -13.01 -2.55 -48.79
CA GLY A 129 -13.08 -2.63 -47.36
C GLY A 129 -14.06 -3.68 -46.91
N TYR A 130 -15.11 -3.91 -47.70
CA TYR A 130 -16.11 -4.91 -47.34
C TYR A 130 -15.53 -6.32 -47.21
N SER A 131 -14.39 -6.59 -47.85
CA SER A 131 -13.78 -7.90 -47.77
C SER A 131 -13.48 -8.33 -46.32
N MET A 132 -13.03 -7.39 -45.51
CA MET A 132 -12.83 -7.62 -44.09
C MET A 132 -14.11 -8.04 -43.41
N VAL A 133 -15.19 -7.32 -43.62
CA VAL A 133 -16.46 -7.60 -42.94
C VAL A 133 -17.07 -8.92 -43.36
N GLY A 134 -16.72 -9.38 -44.56
CA GLY A 134 -17.25 -10.64 -45.10
C GLY A 134 -16.28 -11.80 -45.05
N CYS A 135 -15.04 -11.59 -44.57
CA CYS A 135 -14.02 -12.65 -44.54
C CYS A 135 -13.21 -12.83 -43.29
N GLN A 136 -13.04 -11.80 -42.46
CA GLN A 136 -12.31 -11.97 -41.20
C GLN A 136 -13.02 -13.06 -40.39
N ARG A 137 -12.21 -13.90 -39.78
CA ARG A 137 -12.72 -15.08 -39.14
C ARG A 137 -13.77 -14.84 -38.06
N ALA A 138 -13.65 -13.75 -37.29
CA ALA A 138 -14.65 -13.45 -36.29
C ALA A 138 -16.04 -13.32 -36.90
N MET A 139 -16.10 -12.89 -38.16
CA MET A 139 -17.36 -12.65 -38.85
C MET A 139 -18.13 -13.92 -39.16
N MET A 140 -17.45 -15.05 -39.24
CA MET A 140 -18.13 -16.35 -39.43
C MET A 140 -19.13 -16.56 -38.30
N ALA A 141 -18.85 -16.02 -37.11
CA ALA A 141 -19.83 -15.99 -35.99
C ALA A 141 -20.59 -14.67 -35.85
N ASN A 142 -19.89 -13.55 -35.94
CA ASN A 142 -20.47 -12.25 -35.68
C ASN A 142 -21.60 -11.87 -36.68
N ARG A 143 -21.47 -12.23 -37.96
CA ARG A 143 -22.53 -11.95 -38.95
C ARG A 143 -23.76 -12.79 -38.71
N LEU A 144 -23.57 -13.98 -38.17
CA LEU A 144 -24.73 -14.78 -37.76
C LEU A 144 -25.43 -14.08 -36.60
N SER A 145 -24.67 -13.66 -35.58
CA SER A 145 -25.25 -13.01 -34.42
C SER A 145 -26.01 -11.74 -34.86
N PHE A 146 -25.47 -11.05 -35.86
CA PHE A 146 -26.05 -9.80 -36.39
C PHE A 146 -27.38 -10.04 -37.11
N PHE A 147 -27.45 -11.08 -37.95
CA PHE A 147 -28.66 -11.36 -38.69
C PHE A 147 -29.81 -11.87 -37.82
N PHE A 148 -29.54 -12.88 -37.00
CA PHE A 148 -30.55 -13.50 -36.15
C PHE A 148 -30.88 -12.70 -34.87
N ASP A 149 -30.12 -11.63 -34.61
CA ASP A 149 -30.24 -10.81 -33.38
C ASP A 149 -29.99 -11.66 -32.16
N PHE A 150 -28.94 -12.48 -32.19
CA PHE A 150 -28.55 -13.26 -31.02
C PHE A 150 -27.52 -12.48 -30.21
N LYS A 151 -27.86 -12.19 -28.97
CA LYS A 151 -27.09 -11.27 -28.12
C LYS A 151 -26.24 -12.00 -27.08
N GLY A 152 -26.21 -13.34 -27.10
CA GLY A 152 -25.28 -14.08 -26.26
C GLY A 152 -23.90 -14.00 -26.86
N PRO A 153 -22.96 -14.83 -26.36
CA PRO A 153 -21.61 -14.89 -26.89
C PRO A 153 -21.57 -15.14 -28.37
N SER A 154 -20.58 -14.62 -29.08
CA SER A 154 -20.46 -14.82 -30.54
C SER A 154 -18.99 -15.00 -30.82
N ILE A 155 -18.58 -16.24 -31.02
CA ILE A 155 -17.17 -16.62 -30.91
C ILE A 155 -16.78 -17.47 -32.07
N ALA A 156 -15.69 -17.14 -32.74
CA ALA A 156 -15.13 -18.03 -33.73
C ALA A 156 -13.95 -18.73 -33.05
N LEU A 157 -13.85 -20.03 -33.24
CA LEU A 157 -12.75 -20.72 -32.59
C LEU A 157 -12.06 -21.79 -33.40
N ASP A 158 -10.76 -21.90 -33.19
CA ASP A 158 -9.90 -22.81 -33.91
C ASP A 158 -9.15 -23.68 -32.94
N THR A 159 -9.43 -24.97 -32.99
CA THR A 159 -8.54 -25.98 -32.40
C THR A 159 -8.21 -27.01 -33.43
N ALA A 160 -8.08 -26.57 -34.68
CA ALA A 160 -7.91 -27.44 -35.83
C ALA A 160 -9.06 -28.44 -35.90
N CYS A 161 -8.81 -29.75 -36.05
CA CYS A 161 -9.85 -30.67 -36.46
C CYS A 161 -11.01 -30.79 -35.45
N SER A 162 -10.74 -30.49 -34.18
CA SER A 162 -11.76 -30.60 -33.12
C SER A 162 -12.63 -29.34 -32.95
N SER A 163 -12.49 -28.36 -33.81
CA SER A 163 -13.05 -27.04 -33.58
C SER A 163 -14.57 -27.03 -33.42
N SER A 164 -15.26 -27.68 -34.32
CA SER A 164 -16.70 -27.66 -34.30
C SER A 164 -17.28 -28.48 -33.14
N LEU A 165 -16.63 -29.55 -32.71
CA LEU A 165 -17.17 -30.32 -31.61
C LEU A 165 -16.80 -29.63 -30.31
N LEU A 166 -15.65 -28.96 -30.29
CA LEU A 166 -15.34 -28.04 -29.20
C LEU A 166 -16.42 -26.94 -29.11
N ALA A 167 -16.80 -26.39 -30.25
CA ALA A 167 -17.82 -25.38 -30.29
C ALA A 167 -19.11 -25.92 -29.70
N LEU A 168 -19.43 -27.16 -30.01
CA LEU A 168 -20.66 -27.76 -29.51
C LEU A 168 -20.58 -27.88 -27.98
N GLN A 169 -19.40 -28.28 -27.51
CA GLN A 169 -19.16 -28.48 -26.12
C GLN A 169 -19.21 -27.18 -25.33
N ASN A 170 -18.61 -26.12 -25.86
CA ASN A 170 -18.73 -24.79 -25.27
C ASN A 170 -20.21 -24.32 -25.19
N ALA A 171 -20.96 -24.48 -26.26
CA ALA A 171 -22.38 -24.13 -26.29
C ALA A 171 -23.18 -24.94 -25.27
N TYR A 172 -22.90 -26.23 -25.22
CA TYR A 172 -23.53 -27.13 -24.24
C TYR A 172 -23.29 -26.56 -22.83
N GLN A 173 -22.04 -26.23 -22.49
CA GLN A 173 -21.73 -25.67 -21.16
C GLN A 173 -22.50 -24.38 -20.88
N ALA A 174 -22.64 -23.52 -21.89
CA ALA A 174 -23.33 -22.23 -21.75
C ALA A 174 -24.81 -22.40 -21.47
N ILE A 175 -25.45 -23.37 -22.11
CA ILE A 175 -26.86 -23.67 -21.88
C ILE A 175 -27.06 -24.35 -20.52
N ARG A 176 -26.22 -25.31 -20.23
CA ARG A 176 -26.25 -26.05 -18.97
C ARG A 176 -26.19 -25.11 -17.78
N SER A 177 -25.32 -24.12 -17.86
CA SER A 177 -25.07 -23.20 -16.77
C SER A 177 -26.14 -22.12 -16.64
N GLY A 178 -27.08 -22.04 -17.57
CA GLY A 178 -28.03 -20.95 -17.58
C GLY A 178 -27.60 -19.69 -18.28
N GLU A 179 -26.36 -19.58 -18.79
CA GLU A 179 -25.96 -18.37 -19.53
C GLU A 179 -26.83 -18.13 -20.76
N CYS A 180 -27.17 -19.21 -21.48
CA CYS A 180 -27.87 -19.11 -22.75
C CYS A 180 -29.05 -20.04 -22.79
N PRO A 181 -30.17 -19.58 -23.35
CA PRO A 181 -31.32 -20.46 -23.50
C PRO A 181 -31.17 -21.39 -24.70
N ALA A 182 -30.26 -21.03 -25.61
CA ALA A 182 -30.09 -21.75 -26.86
C ALA A 182 -28.75 -21.32 -27.46
N ALA A 183 -28.30 -22.08 -28.47
CA ALA A 183 -27.05 -21.78 -29.14
C ALA A 183 -27.09 -22.26 -30.55
N LEU A 184 -26.61 -21.43 -31.46
CA LEU A 184 -26.34 -21.87 -32.82
C LEU A 184 -24.89 -22.30 -32.88
N VAL A 185 -24.61 -23.48 -33.39
CA VAL A 185 -23.24 -24.00 -33.44
C VAL A 185 -22.88 -24.37 -34.86
N GLY A 186 -21.73 -23.92 -35.33
CA GLY A 186 -21.38 -24.06 -36.75
C GLY A 186 -20.03 -24.70 -36.95
N GLY A 187 -19.84 -25.35 -38.10
CA GLY A 187 -18.52 -25.84 -38.52
C GLY A 187 -18.34 -25.67 -40.02
N ILE A 188 -17.23 -25.09 -40.45
CA ILE A 188 -17.00 -24.76 -41.85
C ILE A 188 -15.57 -25.02 -42.31
N ASN A 189 -15.45 -25.53 -43.53
CA ASN A 189 -14.16 -25.74 -44.17
C ASN A 189 -14.32 -25.74 -45.69
N LEU A 190 -13.44 -25.04 -46.38
CA LEU A 190 -13.36 -25.06 -47.85
C LEU A 190 -11.94 -25.30 -48.37
N LEU A 191 -11.84 -25.92 -49.52
CA LEU A 191 -10.56 -26.17 -50.19
C LEU A 191 -10.44 -25.24 -51.37
N LEU A 192 -10.02 -24.00 -51.13
CA LEU A 192 -9.86 -23.03 -52.23
C LEU A 192 -8.41 -22.84 -52.66
N LYS A 193 -7.47 -22.96 -51.72
CA LYS A 193 -6.07 -22.65 -51.95
C LYS A 193 -5.28 -23.96 -52.01
N PRO A 194 -4.70 -24.28 -53.18
CA PRO A 194 -3.92 -25.50 -53.29
C PRO A 194 -2.75 -25.56 -52.35
N ASN A 195 -2.06 -24.43 -52.19
CA ASN A 195 -0.86 -24.34 -51.34
C ASN A 195 -1.11 -25.00 -49.95
N THR A 196 -2.30 -24.81 -49.40
CA THR A 196 -2.71 -25.42 -48.14
C THR A 196 -2.62 -26.95 -48.15
N SER A 197 -3.18 -27.57 -49.19
CA SER A 197 -3.04 -29.03 -49.34
C SER A 197 -1.56 -29.42 -49.42
N VAL A 198 -0.75 -28.61 -50.11
CA VAL A 198 0.69 -28.89 -50.25
C VAL A 198 1.37 -28.95 -48.88
N GLN A 199 1.03 -28.01 -48.00
CA GLN A 199 1.60 -28.02 -46.65
C GLN A 199 1.28 -29.33 -45.93
N PHE A 200 0.03 -29.78 -46.04
CA PHE A 200 -0.36 -31.01 -45.38
C PHE A 200 0.32 -32.21 -46.03
N MET A 201 0.47 -32.14 -47.36
CA MET A 201 1.13 -33.24 -48.09
C MET A 201 2.56 -33.36 -47.63
N LYS A 202 3.28 -32.26 -47.60
CA LYS A 202 4.66 -32.32 -47.14
C LYS A 202 4.81 -32.76 -45.68
N LEU A 203 3.83 -32.50 -44.80
CA LEU A 203 3.86 -33.11 -43.45
C LEU A 203 3.53 -34.59 -43.45
N GLY A 204 3.14 -35.16 -44.57
CA GLY A 204 2.80 -36.56 -44.62
C GLY A 204 1.49 -36.90 -43.93
N MET A 205 0.55 -35.96 -43.89
CA MET A 205 -0.77 -36.22 -43.30
C MET A 205 -1.82 -36.68 -44.31
N LEU A 206 -1.62 -36.37 -45.59
CA LEU A 206 -2.57 -36.76 -46.65
C LEU A 206 -2.21 -38.09 -47.25
N SER A 207 -3.19 -38.97 -47.40
CA SER A 207 -3.02 -40.18 -48.18
C SER A 207 -2.97 -39.84 -49.68
N PRO A 208 -2.01 -40.44 -50.43
CA PRO A 208 -1.95 -40.22 -51.89
C PRO A 208 -3.24 -40.60 -52.62
N ASP A 209 -3.79 -41.74 -52.22
CA ASP A 209 -5.13 -42.14 -52.65
C ASP A 209 -6.33 -41.25 -52.29
N GLY A 210 -6.13 -40.16 -51.55
CA GLY A 210 -7.20 -39.28 -51.14
C GLY A 210 -8.36 -40.01 -50.47
N THR A 211 -8.07 -40.85 -49.47
CA THR A 211 -9.10 -41.66 -48.83
C THR A 211 -8.82 -41.86 -47.35
N CYS A 212 -9.85 -41.71 -46.51
CA CYS A 212 -9.75 -42.04 -45.10
C CYS A 212 -10.17 -43.47 -44.89
N ARG A 213 -9.20 -44.36 -44.84
CA ARG A 213 -9.49 -45.78 -44.65
C ARG A 213 -9.59 -46.09 -43.17
N SER A 214 -10.57 -45.49 -42.54
CA SER A 214 -10.79 -45.67 -41.13
C SER A 214 -10.66 -47.13 -40.70
N PHE A 215 -9.68 -47.35 -39.82
CA PHE A 215 -9.47 -48.60 -39.08
C PHE A 215 -8.77 -49.70 -39.88
N ASP A 216 -8.49 -49.45 -41.14
CA ASP A 216 -7.98 -50.47 -42.05
C ASP A 216 -6.47 -50.46 -41.98
N ASP A 217 -5.86 -51.64 -42.10
CA ASP A 217 -4.42 -51.79 -42.15
C ASP A 217 -3.72 -50.89 -43.21
N SER A 218 -4.41 -50.62 -44.32
CA SER A 218 -3.79 -49.86 -45.40
C SER A 218 -3.96 -48.33 -45.28
N GLY A 219 -4.39 -47.84 -44.11
CA GLY A 219 -4.44 -46.40 -43.87
C GLY A 219 -3.08 -45.71 -43.97
N SER A 220 -3.02 -44.62 -44.73
CA SER A 220 -1.82 -43.88 -44.98
C SER A 220 -2.06 -42.35 -44.98
N GLY A 221 -3.04 -41.88 -44.22
CA GLY A 221 -3.33 -40.44 -44.16
C GLY A 221 -4.75 -40.13 -44.50
N TYR A 222 -5.10 -38.86 -44.47
CA TYR A 222 -6.49 -38.46 -44.63
C TYR A 222 -6.75 -37.75 -45.97
N CYS A 223 -8.04 -37.74 -46.30
CA CYS A 223 -8.60 -37.05 -47.45
C CYS A 223 -9.12 -35.69 -47.01
N ARG A 224 -8.65 -34.61 -47.62
CA ARG A 224 -9.20 -33.29 -47.30
C ARG A 224 -10.61 -33.13 -47.86
N SER A 225 -11.52 -32.61 -47.04
CA SER A 225 -12.89 -32.38 -47.49
C SER A 225 -13.47 -31.07 -47.02
N GLU A 226 -14.58 -30.68 -47.66
CA GLU A 226 -15.32 -29.47 -47.33
C GLU A 226 -16.58 -29.85 -46.59
N ALA A 227 -17.09 -28.88 -45.85
CA ALA A 227 -18.36 -29.01 -45.16
C ALA A 227 -18.81 -27.68 -44.60
N VAL A 228 -20.12 -27.52 -44.51
CA VAL A 228 -20.75 -26.38 -43.86
C VAL A 228 -21.94 -26.92 -43.10
N VAL A 229 -21.86 -26.91 -41.78
CA VAL A 229 -22.84 -27.60 -40.96
C VAL A 229 -23.27 -26.72 -39.82
N ALA A 230 -24.51 -26.83 -39.43
CA ALA A 230 -25.00 -26.02 -38.31
C ALA A 230 -26.04 -26.79 -37.55
N VAL A 231 -26.04 -26.56 -36.25
CA VAL A 231 -26.87 -27.31 -35.34
C VAL A 231 -27.43 -26.31 -34.34
N LEU A 232 -28.71 -26.45 -34.01
CA LEU A 232 -29.30 -25.62 -32.99
C LEU A 232 -29.38 -26.44 -31.73
N LEU A 233 -28.81 -25.92 -30.65
CA LEU A 233 -28.95 -26.48 -29.30
C LEU A 233 -29.99 -25.63 -28.57
N THR A 234 -30.82 -26.26 -27.73
CA THR A 234 -31.65 -25.49 -26.77
C THR A 234 -31.77 -26.23 -25.44
N LYS A 235 -32.21 -25.51 -24.43
CA LYS A 235 -32.62 -26.17 -23.21
C LYS A 235 -33.92 -26.93 -23.47
N LYS A 236 -34.08 -28.07 -22.79
CA LYS A 236 -35.21 -29.02 -23.02
C LYS A 236 -36.57 -28.32 -23.13
N SER A 237 -36.85 -27.38 -22.22
CA SER A 237 -38.17 -26.75 -22.18
C SER A 237 -38.52 -25.91 -23.42
N LEU A 238 -37.54 -25.49 -24.22
CA LEU A 238 -37.79 -24.70 -25.45
C LEU A 238 -37.95 -25.56 -26.70
N ALA A 239 -37.57 -26.83 -26.61
CA ALA A 239 -37.40 -27.66 -27.78
C ALA A 239 -38.73 -28.17 -28.32
N ARG A 240 -38.84 -28.28 -29.64
CA ARG A 240 -39.96 -28.99 -30.22
C ARG A 240 -39.41 -30.32 -30.67
N ARG A 241 -38.51 -30.32 -31.65
CA ARG A 241 -37.87 -31.54 -32.08
C ARG A 241 -36.75 -31.81 -31.13
N VAL A 242 -36.43 -33.08 -30.90
CA VAL A 242 -35.26 -33.41 -30.09
C VAL A 242 -34.58 -34.62 -30.70
N TYR A 243 -33.47 -34.38 -31.39
CA TYR A 243 -32.67 -35.46 -31.96
C TYR A 243 -32.05 -36.28 -30.83
N ALA A 244 -31.48 -35.61 -29.85
CA ALA A 244 -30.83 -36.28 -28.75
C ALA A 244 -30.58 -35.29 -27.61
N THR A 245 -30.23 -35.83 -26.45
CA THR A 245 -29.97 -35.05 -25.27
C THR A 245 -28.51 -35.19 -25.04
N ILE A 246 -27.83 -34.09 -24.76
CA ILE A 246 -26.40 -34.15 -24.51
C ILE A 246 -26.23 -34.51 -23.05
N LEU A 247 -25.73 -35.72 -22.78
CA LEU A 247 -25.54 -36.18 -21.38
C LEU A 247 -24.27 -35.65 -20.76
N ASN A 248 -23.21 -35.51 -21.54
CA ASN A 248 -21.97 -34.90 -21.05
C ASN A 248 -21.07 -34.56 -22.22
N ALA A 249 -20.09 -33.72 -22.00
CA ALA A 249 -19.12 -33.35 -23.01
C ALA A 249 -17.91 -32.68 -22.38
N GLY A 250 -16.72 -32.91 -22.91
CA GLY A 250 -15.56 -32.22 -22.38
C GLY A 250 -14.42 -32.18 -23.38
N THR A 251 -13.36 -31.45 -23.00
CA THR A 251 -12.16 -31.30 -23.82
C THR A 251 -10.92 -31.41 -22.95
N ASN A 252 -9.84 -31.95 -23.45
CA ASN A 252 -8.54 -31.83 -22.78
C ASN A 252 -7.52 -31.64 -23.90
N THR A 253 -6.25 -31.63 -23.55
CA THR A 253 -5.19 -31.42 -24.54
C THR A 253 -4.04 -32.36 -24.23
N ASP A 254 -3.43 -32.91 -25.25
CA ASP A 254 -2.45 -34.00 -25.08
C ASP A 254 -1.31 -33.51 -24.20
N GLY A 255 -0.91 -32.27 -24.39
CA GLY A 255 0.22 -31.70 -23.66
C GLY A 255 1.50 -32.08 -24.34
N SER A 256 2.52 -32.29 -23.55
CA SER A 256 3.86 -32.68 -24.03
C SER A 256 3.94 -34.16 -24.42
N LYS A 257 4.63 -34.43 -25.51
CA LYS A 257 4.75 -35.76 -26.12
C LYS A 257 6.11 -35.89 -26.79
N GLU A 258 6.85 -36.97 -26.46
CA GLU A 258 8.20 -37.17 -27.01
C GLU A 258 8.19 -37.10 -28.52
N GLN A 259 7.14 -37.67 -29.12
CA GLN A 259 7.13 -38.00 -30.53
C GLN A 259 6.83 -36.79 -31.43
N GLY A 260 6.38 -35.69 -30.84
CA GLY A 260 6.15 -34.45 -31.58
C GLY A 260 4.73 -33.98 -31.37
N VAL A 261 4.48 -32.73 -31.79
CA VAL A 261 3.19 -32.11 -31.49
C VAL A 261 1.99 -32.69 -32.23
N THR A 262 2.24 -33.25 -33.42
CA THR A 262 1.18 -33.87 -34.21
C THR A 262 1.05 -35.40 -34.06
N PHE A 263 1.71 -36.00 -33.07
CA PHE A 263 1.50 -37.42 -32.76
C PHE A 263 0.38 -37.46 -31.72
N PRO A 264 -0.73 -38.09 -32.01
CA PRO A 264 -1.81 -38.10 -30.99
C PRO A 264 -1.54 -39.01 -29.80
N SER A 265 -1.88 -38.55 -28.61
CA SER A 265 -1.70 -39.32 -27.39
C SER A 265 -2.98 -40.03 -27.04
N GLY A 266 -3.06 -41.28 -27.46
CA GLY A 266 -4.10 -42.20 -27.02
C GLY A 266 -4.30 -42.25 -25.52
N GLU A 267 -3.22 -42.12 -24.76
CA GLU A 267 -3.32 -42.16 -23.32
C GLU A 267 -4.10 -40.95 -22.82
N VAL A 268 -3.82 -39.76 -23.33
CA VAL A 268 -4.61 -38.59 -22.91
C VAL A 268 -6.05 -38.60 -23.45
N GLN A 269 -6.25 -39.07 -24.67
CA GLN A 269 -7.61 -39.30 -25.20
C GLN A 269 -8.41 -40.18 -24.27
N GLU A 270 -7.75 -41.23 -23.78
CA GLU A 270 -8.33 -42.18 -22.83
C GLU A 270 -8.73 -41.49 -21.55
N GLN A 271 -7.84 -40.65 -21.03
CA GLN A 271 -8.15 -39.84 -19.84
C GLN A 271 -9.39 -38.99 -19.99
N LEU A 272 -9.57 -38.40 -21.18
CA LEU A 272 -10.74 -37.56 -21.41
C LEU A 272 -12.00 -38.37 -21.29
N ILE A 273 -12.01 -39.49 -22.00
CA ILE A 273 -13.20 -40.37 -22.07
C ILE A 273 -13.53 -40.84 -20.66
N CYS A 274 -12.54 -41.42 -19.97
CA CYS A 274 -12.71 -41.86 -18.57
C CYS A 274 -13.33 -40.83 -17.69
N SER A 275 -12.93 -39.58 -17.86
CA SER A 275 -13.43 -38.51 -17.01
C SER A 275 -14.89 -38.16 -17.24
N LEU A 276 -15.47 -38.56 -18.36
CA LEU A 276 -16.87 -38.20 -18.71
C LEU A 276 -17.92 -39.28 -18.46
N TYR A 277 -17.48 -40.53 -18.30
CA TYR A 277 -18.39 -41.65 -18.07
C TYR A 277 -18.59 -41.87 -16.57
N GLN A 278 -17.79 -42.74 -15.95
CA GLN A 278 -18.11 -43.20 -14.56
C GLN A 278 -18.22 -42.02 -13.59
N PRO A 279 -17.28 -41.05 -13.63
CA PRO A 279 -17.38 -39.91 -12.74
C PRO A 279 -18.67 -39.11 -12.84
N ALA A 280 -19.39 -39.15 -13.96
CA ALA A 280 -20.67 -38.43 -14.07
C ALA A 280 -21.85 -39.37 -13.87
N GLY A 281 -21.59 -40.58 -13.45
CA GLY A 281 -22.62 -41.59 -13.27
C GLY A 281 -23.17 -42.18 -14.55
N LEU A 282 -22.30 -42.35 -15.55
CA LEU A 282 -22.72 -42.85 -16.87
C LEU A 282 -21.86 -44.05 -17.19
N ALA A 283 -22.47 -45.18 -17.48
CA ALA A 283 -21.74 -46.41 -17.66
C ALA A 283 -21.34 -46.59 -19.12
N PRO A 284 -20.07 -46.92 -19.39
CA PRO A 284 -19.66 -47.43 -20.70
C PRO A 284 -20.52 -48.57 -21.21
N GLU A 285 -21.05 -49.40 -20.30
CA GLU A 285 -22.01 -50.43 -20.70
C GLU A 285 -23.24 -49.82 -21.43
N SER A 286 -23.64 -48.57 -21.15
CA SER A 286 -24.83 -48.00 -21.82
C SER A 286 -24.64 -47.58 -23.30
N LEU A 287 -23.40 -47.54 -23.77
CA LEU A 287 -23.11 -47.16 -25.14
C LEU A 287 -23.55 -48.23 -26.12
N GLU A 288 -24.16 -47.83 -27.22
CA GLU A 288 -24.40 -48.72 -28.33
C GLU A 288 -23.32 -48.57 -29.39
N TYR A 289 -22.94 -47.34 -29.67
CA TYR A 289 -22.11 -47.02 -30.83
C TYR A 289 -21.19 -45.88 -30.46
N ILE A 290 -19.96 -45.91 -30.95
CA ILE A 290 -19.09 -44.76 -30.78
C ILE A 290 -18.62 -44.31 -32.16
N GLU A 291 -18.78 -43.03 -32.43
CA GLU A 291 -18.28 -42.42 -33.67
C GLU A 291 -16.86 -41.96 -33.39
N ALA A 292 -15.89 -42.70 -33.89
CA ALA A 292 -14.47 -42.36 -33.74
C ALA A 292 -14.11 -41.26 -34.68
N HIS A 293 -13.05 -40.55 -34.34
CA HIS A 293 -12.41 -39.57 -35.20
C HIS A 293 -12.00 -40.27 -36.48
N GLY A 294 -11.22 -41.33 -36.38
CA GLY A 294 -10.99 -42.23 -37.52
C GLY A 294 -10.51 -41.64 -38.84
N THR A 295 -9.45 -40.85 -38.79
CA THR A 295 -8.90 -40.28 -40.02
C THR A 295 -8.11 -41.26 -40.90
N GLY A 296 -7.81 -42.45 -40.39
CA GLY A 296 -7.11 -43.47 -41.18
C GLY A 296 -5.63 -43.22 -41.38
N THR A 297 -4.96 -42.84 -40.29
CA THR A 297 -3.53 -42.61 -40.30
C THR A 297 -2.86 -43.79 -39.61
N LYS A 298 -1.62 -44.12 -40.04
CA LYS A 298 -0.86 -45.24 -39.44
C LYS A 298 -0.82 -45.17 -37.92
N VAL A 299 -0.57 -43.96 -37.41
CA VAL A 299 -0.36 -43.69 -35.98
C VAL A 299 -1.66 -43.46 -35.22
N GLY A 300 -2.53 -42.60 -35.75
CA GLY A 300 -3.71 -42.15 -35.02
C GLY A 300 -4.80 -43.16 -34.77
N ASP A 301 -5.01 -44.02 -35.76
CA ASP A 301 -6.03 -45.04 -35.64
C ASP A 301 -5.77 -45.98 -34.44
N PRO A 302 -4.53 -46.51 -34.31
CA PRO A 302 -4.28 -47.33 -33.14
C PRO A 302 -4.31 -46.56 -31.83
N GLN A 303 -3.76 -45.34 -31.81
CA GLN A 303 -3.85 -44.54 -30.59
C GLN A 303 -5.29 -44.39 -30.14
N GLU A 304 -6.15 -44.06 -31.09
CA GLU A 304 -7.54 -43.77 -30.77
C GLU A 304 -8.27 -45.03 -30.29
N LEU A 305 -8.27 -46.05 -31.13
CA LEU A 305 -9.05 -47.26 -30.88
C LEU A 305 -8.54 -48.04 -29.67
N ASN A 306 -7.23 -48.03 -29.44
CA ASN A 306 -6.70 -48.62 -28.22
C ASN A 306 -7.17 -47.80 -27.00
N GLY A 307 -7.14 -46.47 -27.09
CA GLY A 307 -7.68 -45.62 -26.02
C GLY A 307 -9.16 -45.90 -25.75
N ILE A 308 -9.91 -46.14 -26.82
CA ILE A 308 -11.31 -46.52 -26.72
C ILE A 308 -11.44 -47.87 -26.02
N THR A 309 -10.56 -48.81 -26.38
CA THR A 309 -10.55 -50.12 -25.76
C THR A 309 -10.34 -50.03 -24.23
N ARG A 310 -9.33 -49.28 -23.81
CA ARG A 310 -9.02 -49.19 -22.38
C ARG A 310 -10.05 -48.37 -21.59
N SER A 311 -10.68 -47.36 -22.20
CA SER A 311 -11.60 -46.49 -21.49
C SER A 311 -13.03 -47.00 -21.50
N LEU A 312 -13.40 -47.79 -22.52
CA LEU A 312 -14.81 -48.19 -22.70
C LEU A 312 -15.01 -49.71 -22.85
N CYS A 313 -14.31 -50.36 -23.77
CA CYS A 313 -14.46 -51.83 -23.94
C CYS A 313 -14.16 -52.64 -22.68
N ALA A 314 -13.18 -52.17 -21.92
CA ALA A 314 -12.78 -52.83 -20.69
C ALA A 314 -13.87 -52.79 -19.61
N PHE A 315 -14.95 -52.02 -19.79
CA PHE A 315 -16.02 -51.96 -18.79
C PHE A 315 -17.36 -52.42 -19.36
N ARG A 316 -17.28 -53.41 -20.28
CA ARG A 316 -18.38 -53.87 -21.14
C ARG A 316 -18.48 -55.39 -21.30
N GLN A 317 -19.69 -55.98 -21.29
CA GLN A 317 -19.92 -57.36 -21.76
C GLN A 317 -19.96 -57.42 -23.26
N ALA A 318 -20.78 -56.57 -23.86
CA ALA A 318 -21.08 -56.62 -25.31
C ALA A 318 -20.00 -55.96 -26.16
N PRO A 319 -19.84 -56.40 -27.42
CA PRO A 319 -19.07 -55.60 -28.38
C PRO A 319 -19.64 -54.17 -28.55
N LEU A 320 -18.75 -53.22 -28.82
CA LEU A 320 -19.12 -51.83 -29.02
C LEU A 320 -18.99 -51.55 -30.51
N LEU A 321 -20.10 -51.08 -31.12
CA LEU A 321 -20.06 -50.72 -32.53
C LEU A 321 -19.21 -49.46 -32.67
N ILE A 322 -18.44 -49.36 -33.75
CA ILE A 322 -17.63 -48.19 -34.03
C ILE A 322 -17.70 -47.81 -35.51
N GLY A 323 -17.71 -46.52 -35.82
CA GLY A 323 -17.70 -46.05 -37.20
C GLY A 323 -16.96 -44.73 -37.35
N SER A 324 -16.79 -44.29 -38.59
CA SER A 324 -16.26 -42.98 -38.88
C SER A 324 -16.77 -42.50 -40.22
N THR A 325 -17.54 -41.43 -40.16
CA THR A 325 -18.01 -40.68 -41.30
C THR A 325 -16.92 -40.25 -42.24
N LYS A 326 -15.70 -40.12 -41.76
CA LYS A 326 -14.58 -39.76 -42.65
C LYS A 326 -14.31 -40.79 -43.77
N SER A 327 -14.59 -42.06 -43.49
CA SER A 327 -14.57 -43.09 -44.53
C SER A 327 -15.53 -42.83 -45.69
N ASN A 328 -16.65 -42.20 -45.38
CA ASN A 328 -17.68 -41.89 -46.36
C ASN A 328 -17.39 -40.63 -47.16
N MET A 329 -16.85 -39.59 -46.51
CA MET A 329 -16.78 -38.26 -47.15
C MET A 329 -15.49 -37.49 -46.97
N GLY A 330 -14.48 -38.14 -46.40
CA GLY A 330 -13.22 -37.50 -46.07
C GLY A 330 -13.28 -36.67 -44.82
N HIS A 331 -12.19 -35.98 -44.56
CA HIS A 331 -11.99 -35.24 -43.32
C HIS A 331 -12.18 -33.74 -43.58
N PRO A 332 -13.26 -33.15 -43.04
CA PRO A 332 -13.50 -31.73 -43.27
C PRO A 332 -12.90 -30.87 -42.19
N GLU A 333 -11.86 -31.40 -41.51
CA GLU A 333 -10.96 -30.63 -40.67
C GLU A 333 -11.81 -30.01 -39.52
N PRO A 334 -11.87 -28.69 -39.34
CA PRO A 334 -12.61 -28.29 -38.14
C PRO A 334 -14.07 -28.64 -38.11
N ALA A 335 -14.67 -28.90 -39.25
CA ALA A 335 -16.07 -29.29 -39.33
C ALA A 335 -16.30 -30.76 -39.12
N SER A 336 -15.24 -31.51 -38.84
CA SER A 336 -15.35 -32.96 -38.69
C SER A 336 -16.37 -33.39 -37.64
N GLY A 337 -16.33 -32.77 -36.48
CA GLY A 337 -17.25 -33.13 -35.42
C GLY A 337 -18.70 -32.93 -35.76
N LEU A 338 -19.05 -31.78 -36.33
CA LEU A 338 -20.46 -31.58 -36.68
C LEU A 338 -20.91 -32.44 -37.86
N ALA A 339 -20.02 -32.64 -38.83
CA ALA A 339 -20.31 -33.55 -39.93
C ALA A 339 -20.62 -34.94 -39.39
N ALA A 340 -19.78 -35.41 -38.48
CA ALA A 340 -19.98 -36.73 -37.89
C ALA A 340 -21.25 -36.77 -37.05
N LEU A 341 -21.49 -35.72 -36.28
CA LEU A 341 -22.71 -35.64 -35.49
C LEU A 341 -23.94 -35.80 -36.38
N THR A 342 -23.89 -35.21 -37.56
CA THR A 342 -24.96 -35.31 -38.54
C THR A 342 -25.26 -36.78 -38.93
N LYS A 343 -24.23 -37.53 -39.26
CA LYS A 343 -24.37 -38.96 -39.54
C LYS A 343 -25.01 -39.70 -38.38
N VAL A 344 -24.55 -39.43 -37.18
CA VAL A 344 -25.08 -40.11 -36.01
C VAL A 344 -26.58 -39.83 -35.84
N LEU A 345 -26.97 -38.57 -35.95
CA LEU A 345 -28.36 -38.23 -35.73
C LEU A 345 -29.22 -38.73 -36.88
N LEU A 346 -28.74 -38.60 -38.11
CA LEU A 346 -29.48 -39.16 -39.22
C LEU A 346 -29.69 -40.68 -39.05
N SER A 347 -28.65 -41.39 -38.63
CA SER A 347 -28.73 -42.84 -38.41
C SER A 347 -29.84 -43.15 -37.36
N LEU A 348 -29.76 -42.46 -36.23
CA LEU A 348 -30.75 -42.62 -35.17
C LEU A 348 -32.17 -42.33 -35.64
N GLU A 349 -32.35 -41.31 -36.46
CA GLU A 349 -33.68 -40.93 -36.91
C GLU A 349 -34.29 -41.93 -37.88
N HIS A 350 -33.45 -42.58 -38.67
CA HIS A 350 -33.92 -43.58 -39.60
C HIS A 350 -33.83 -45.01 -38.99
N GLY A 351 -33.42 -45.12 -37.74
CA GLY A 351 -33.31 -46.42 -37.13
C GLY A 351 -32.26 -47.39 -37.69
N VAL A 352 -31.31 -46.90 -38.51
CA VAL A 352 -30.23 -47.75 -39.02
C VAL A 352 -28.87 -47.02 -39.12
N TRP A 353 -27.79 -47.69 -38.74
CA TRP A 353 -26.46 -47.08 -38.77
C TRP A 353 -25.90 -47.10 -40.17
N ALA A 354 -25.52 -45.94 -40.66
CA ALA A 354 -24.84 -45.86 -41.92
C ALA A 354 -23.46 -46.46 -41.78
N PRO A 355 -23.09 -47.31 -42.71
CA PRO A 355 -21.80 -47.97 -42.62
C PRO A 355 -20.63 -47.18 -43.10
N ASN A 356 -19.48 -47.57 -42.59
CA ASN A 356 -18.16 -47.17 -43.10
C ASN A 356 -17.90 -47.69 -44.48
N LEU A 357 -17.13 -46.96 -45.25
CA LEU A 357 -16.46 -47.50 -46.43
C LEU A 357 -15.03 -47.87 -46.11
N HIS A 358 -14.42 -48.51 -47.10
CA HIS A 358 -13.00 -48.76 -47.16
C HIS A 358 -12.40 -49.67 -46.10
N PHE A 359 -13.23 -50.42 -45.39
CA PHE A 359 -12.77 -51.30 -44.29
C PHE A 359 -12.66 -52.76 -44.76
N HIS A 360 -11.44 -53.21 -45.03
CA HIS A 360 -11.21 -54.51 -45.64
C HIS A 360 -10.42 -55.41 -44.71
N ASN A 361 -9.20 -55.01 -44.32
CA ASN A 361 -8.43 -55.77 -43.31
C ASN A 361 -8.24 -54.91 -42.07
N PRO A 362 -8.63 -55.42 -40.89
CA PRO A 362 -8.41 -54.66 -39.65
C PRO A 362 -6.96 -54.27 -39.45
N ASN A 363 -6.74 -53.13 -38.83
CA ASN A 363 -5.38 -52.78 -38.43
C ASN A 363 -4.92 -53.76 -37.34
N PRO A 364 -3.85 -54.52 -37.60
CA PRO A 364 -3.38 -55.52 -36.64
C PRO A 364 -2.83 -54.93 -35.31
N GLU A 365 -2.40 -53.67 -35.33
CA GLU A 365 -2.02 -52.96 -34.09
C GLU A 365 -3.21 -52.66 -33.14
N ILE A 366 -4.42 -53.10 -33.48
CA ILE A 366 -5.60 -52.76 -32.70
C ILE A 366 -6.26 -54.05 -32.27
N PRO A 367 -5.78 -54.65 -31.17
CA PRO A 367 -6.29 -55.93 -30.67
C PRO A 367 -7.79 -56.11 -30.72
N ALA A 368 -8.53 -55.08 -30.32
CA ALA A 368 -9.98 -55.16 -30.18
C ALA A 368 -10.76 -55.34 -31.49
N LEU A 369 -10.14 -55.02 -32.62
CA LEU A 369 -10.72 -55.31 -33.93
C LEU A 369 -10.62 -56.79 -34.27
N LEU A 370 -9.45 -57.37 -33.96
CA LEU A 370 -9.21 -58.81 -34.09
C LEU A 370 -9.99 -59.70 -33.10
N ASP A 371 -10.29 -59.24 -31.90
CA ASP A 371 -11.04 -60.08 -30.95
C ASP A 371 -12.52 -59.73 -30.79
N GLY A 372 -13.05 -58.80 -31.59
CA GLY A 372 -14.49 -58.51 -31.58
C GLY A 372 -15.04 -57.66 -30.45
N ARG A 373 -14.19 -57.13 -29.58
CA ARG A 373 -14.65 -56.16 -28.56
C ARG A 373 -15.10 -54.83 -29.20
N LEU A 374 -14.43 -54.48 -30.29
CA LEU A 374 -14.89 -53.45 -31.21
C LEU A 374 -15.34 -54.07 -32.52
N GLN A 375 -16.53 -53.68 -32.98
CA GLN A 375 -17.13 -54.17 -34.19
C GLN A 375 -17.38 -52.98 -35.11
N VAL A 376 -16.59 -52.87 -36.18
CA VAL A 376 -16.74 -51.82 -37.17
C VAL A 376 -18.08 -51.97 -37.90
N VAL A 377 -18.82 -50.88 -38.11
CA VAL A 377 -20.09 -50.92 -38.85
C VAL A 377 -19.76 -50.88 -40.33
N ASP A 378 -19.63 -52.05 -40.93
CA ASP A 378 -19.32 -52.16 -42.38
C ASP A 378 -20.52 -52.60 -43.23
N ARG A 379 -21.68 -52.73 -42.59
CA ARG A 379 -22.94 -53.04 -43.25
C ARG A 379 -23.98 -52.22 -42.54
N PRO A 380 -25.12 -51.93 -43.18
CA PRO A 380 -26.20 -51.31 -42.42
C PRO A 380 -26.70 -52.20 -41.30
N LEU A 381 -26.59 -51.76 -40.05
CA LEU A 381 -27.10 -52.47 -38.90
C LEU A 381 -28.25 -51.74 -38.29
N PRO A 382 -29.23 -52.45 -37.77
CA PRO A 382 -30.36 -51.76 -37.14
C PRO A 382 -29.96 -51.17 -35.80
N VAL A 383 -30.68 -50.12 -35.39
CA VAL A 383 -30.37 -49.42 -34.14
C VAL A 383 -31.04 -50.17 -33.04
N ARG A 384 -30.26 -50.80 -32.18
CA ARG A 384 -30.81 -51.66 -31.14
C ARG A 384 -31.14 -50.86 -29.87
N GLY A 385 -30.56 -49.69 -29.68
CA GLY A 385 -30.87 -48.85 -28.50
C GLY A 385 -29.66 -48.66 -27.62
N GLY A 386 -29.53 -47.48 -27.02
CA GLY A 386 -28.37 -47.14 -26.18
C GLY A 386 -27.80 -45.78 -26.49
N ASN A 387 -26.86 -45.35 -25.66
CA ASN A 387 -26.20 -44.07 -25.82
C ASN A 387 -25.15 -44.12 -26.91
N VAL A 388 -24.72 -42.93 -27.36
CA VAL A 388 -23.75 -42.75 -28.42
C VAL A 388 -22.64 -41.80 -28.03
N GLY A 389 -21.39 -42.18 -28.29
CA GLY A 389 -20.25 -41.31 -28.07
C GLY A 389 -19.65 -40.76 -29.35
N ILE A 390 -18.96 -39.61 -29.27
CA ILE A 390 -18.30 -38.98 -30.44
C ILE A 390 -16.96 -38.41 -30.06
N ASN A 391 -15.90 -38.79 -30.77
CA ASN A 391 -14.56 -38.25 -30.58
C ASN A 391 -14.24 -37.28 -31.68
N SER A 392 -13.61 -36.14 -31.35
CA SER A 392 -12.97 -35.31 -32.36
C SER A 392 -11.66 -34.85 -31.77
N PHE A 393 -10.56 -35.15 -32.44
CA PHE A 393 -9.20 -34.85 -31.97
C PHE A 393 -8.48 -34.02 -32.98
N GLY A 394 -8.07 -32.83 -32.58
CA GLY A 394 -7.32 -31.94 -33.46
C GLY A 394 -5.84 -32.36 -33.53
N PHE A 395 -5.22 -32.06 -34.66
CA PHE A 395 -3.82 -32.41 -34.84
C PHE A 395 -2.84 -31.65 -33.97
N GLY A 396 -3.26 -30.69 -33.17
CA GLY A 396 -2.36 -30.05 -32.20
C GLY A 396 -2.57 -30.54 -30.78
N GLY A 397 -3.44 -31.53 -30.63
CA GLY A 397 -3.60 -32.21 -29.38
C GLY A 397 -4.87 -31.89 -28.67
N SER A 398 -5.73 -31.07 -29.26
CA SER A 398 -6.96 -30.64 -28.59
C SER A 398 -8.05 -31.65 -28.80
N ASN A 399 -8.48 -32.35 -27.76
CA ASN A 399 -9.43 -33.47 -27.85
C ASN A 399 -10.80 -33.11 -27.31
N VAL A 400 -11.86 -33.66 -27.92
CA VAL A 400 -13.21 -33.41 -27.47
C VAL A 400 -13.96 -34.73 -27.53
N HIS A 401 -14.80 -34.96 -26.54
CA HIS A 401 -15.70 -36.10 -26.55
C HIS A 401 -17.10 -35.67 -26.09
N VAL A 402 -18.13 -36.11 -26.81
CA VAL A 402 -19.52 -35.90 -26.36
C VAL A 402 -20.34 -37.19 -26.28
N ILE A 403 -21.24 -37.24 -25.30
CA ILE A 403 -22.10 -38.37 -25.03
C ILE A 403 -23.56 -37.96 -25.25
N LEU A 404 -24.25 -38.69 -26.11
CA LEU A 404 -25.59 -38.39 -26.52
C LEU A 404 -26.53 -39.47 -26.07
N GLN A 405 -27.74 -39.08 -25.72
CA GLN A 405 -28.82 -40.00 -25.40
C GLN A 405 -29.86 -39.77 -26.47
N PRO A 406 -30.10 -40.78 -27.31
CA PRO A 406 -31.06 -40.55 -28.37
C PRO A 406 -32.45 -40.43 -27.83
N ASN A 407 -33.26 -39.65 -28.51
CA ASN A 407 -34.64 -39.47 -28.19
C ASN A 407 -35.31 -40.68 -28.73
N THR A 408 -36.04 -41.44 -27.93
CA THR A 408 -36.78 -42.62 -28.42
C THR A 408 -38.31 -42.50 -28.33
N ARG A 409 -38.84 -41.28 -28.18
CA ARG A 409 -40.27 -41.11 -27.97
C ARG A 409 -40.99 -41.63 -29.20
N GLN A 410 -41.98 -42.46 -28.97
CA GLN A 410 -42.87 -43.01 -30.02
C GLN A 410 -44.03 -42.07 -30.22
N ALA A 411 -44.73 -42.16 -31.35
CA ALA A 411 -45.86 -41.27 -31.63
C ALA A 411 -47.05 -41.63 -30.77
N PRO A 412 -47.95 -40.65 -30.50
CA PRO A 412 -49.12 -41.02 -29.69
C PRO A 412 -50.03 -41.99 -30.45
N ALA A 413 -50.87 -42.71 -29.72
CA ALA A 413 -51.98 -43.46 -30.32
C ALA A 413 -53.07 -42.47 -30.77
N PRO A 414 -53.57 -42.60 -32.02
CA PRO A 414 -54.48 -41.54 -32.52
C PRO A 414 -55.81 -41.49 -31.74
N THR A 415 -56.38 -40.30 -31.58
CA THR A 415 -57.68 -40.08 -30.88
C THR A 415 -58.69 -39.39 -31.81
N ALA A 416 -59.91 -39.13 -31.34
CA ALA A 416 -60.97 -38.49 -32.15
C ALA A 416 -60.66 -37.04 -32.62
N HIS A 417 -59.98 -36.28 -31.75
CA HIS A 417 -59.50 -34.91 -32.09
C HIS A 417 -58.35 -34.87 -33.15
N ALA A 418 -57.60 -35.96 -33.32
CA ALA A 418 -56.67 -36.12 -34.46
C ALA A 418 -57.36 -36.31 -35.84
N ALA A 419 -58.57 -36.89 -35.86
CA ALA A 419 -59.34 -37.17 -37.08
C ALA A 419 -59.98 -35.93 -37.74
N LEU A 420 -60.06 -34.81 -37.01
CA LEU A 420 -60.62 -33.55 -37.54
C LEU A 420 -59.75 -33.04 -38.64
N PRO A 421 -60.28 -32.19 -39.53
CA PRO A 421 -59.38 -31.57 -40.49
C PRO A 421 -58.49 -30.52 -39.80
N HIS A 422 -57.33 -30.26 -40.39
CA HIS A 422 -56.32 -29.38 -39.83
C HIS A 422 -55.90 -28.38 -40.91
N LEU A 423 -55.30 -27.28 -40.45
CA LEU A 423 -54.89 -26.20 -41.34
C LEU A 423 -53.38 -26.09 -41.29
N LEU A 424 -52.78 -25.92 -42.46
CA LEU A 424 -51.31 -25.87 -42.59
C LEU A 424 -50.88 -24.61 -43.34
N HIS A 425 -50.01 -23.79 -42.73
CA HIS A 425 -49.45 -22.60 -43.35
C HIS A 425 -48.00 -22.78 -43.77
N ALA A 426 -47.61 -22.11 -44.85
CA ALA A 426 -46.22 -21.95 -45.21
C ALA A 426 -45.92 -20.55 -45.70
N SER A 427 -44.64 -20.18 -45.64
CA SER A 427 -44.11 -18.97 -46.25
C SER A 427 -42.83 -19.33 -46.99
N GLY A 428 -42.34 -18.46 -47.85
CA GLY A 428 -41.19 -18.81 -48.64
C GLY A 428 -40.63 -17.69 -49.48
N ARG A 429 -39.45 -17.97 -50.02
CA ARG A 429 -38.76 -17.03 -50.92
C ARG A 429 -39.26 -17.06 -52.33
N THR A 430 -39.86 -18.19 -52.70
CA THR A 430 -40.31 -18.42 -54.05
C THR A 430 -41.61 -19.20 -53.96
N LEU A 431 -42.42 -19.18 -55.01
CA LEU A 431 -43.64 -19.98 -54.93
C LEU A 431 -43.32 -21.49 -54.78
N GLU A 432 -42.20 -21.93 -55.34
CA GLU A 432 -41.70 -23.34 -55.24
C GLU A 432 -41.51 -23.74 -53.77
N ALA A 433 -40.84 -22.85 -53.03
CA ALA A 433 -40.59 -23.02 -51.61
C ALA A 433 -41.87 -23.30 -50.80
N VAL A 434 -42.93 -22.56 -51.13
CA VAL A 434 -44.21 -22.69 -50.43
C VAL A 434 -44.89 -23.98 -50.84
N GLN A 435 -44.97 -24.21 -52.15
CA GLN A 435 -45.52 -25.47 -52.67
C GLN A 435 -44.86 -26.70 -52.04
N ASP A 436 -43.52 -26.67 -52.02
CA ASP A 436 -42.73 -27.80 -51.50
C ASP A 436 -43.06 -28.09 -50.03
N LEU A 437 -43.25 -27.05 -49.24
CA LEU A 437 -43.59 -27.24 -47.81
C LEU A 437 -44.99 -27.73 -47.63
N LEU A 438 -45.93 -27.18 -48.39
CA LEU A 438 -47.33 -27.61 -48.36
C LEU A 438 -47.46 -29.06 -48.80
N GLU A 439 -46.76 -29.41 -49.87
CA GLU A 439 -46.71 -30.79 -50.35
C GLU A 439 -46.21 -31.73 -49.27
N GLN A 440 -45.16 -31.31 -48.58
CA GLN A 440 -44.60 -32.12 -47.51
C GLN A 440 -45.59 -32.29 -46.35
N GLY A 441 -46.44 -31.30 -46.13
CA GLY A 441 -47.49 -31.42 -45.16
C GLY A 441 -48.64 -32.35 -45.54
N ARG A 442 -49.12 -32.22 -46.79
CA ARG A 442 -50.14 -33.14 -47.33
C ARG A 442 -49.62 -34.55 -47.03
N GLN A 443 -48.40 -34.86 -47.49
CA GLN A 443 -47.83 -36.22 -47.35
C GLN A 443 -47.67 -36.74 -45.93
N HIS A 444 -47.50 -35.88 -44.95
CA HIS A 444 -47.42 -36.34 -43.56
C HIS A 444 -48.53 -35.73 -42.72
N SER A 445 -49.66 -35.48 -43.34
CA SER A 445 -50.82 -34.86 -42.69
C SER A 445 -51.22 -35.48 -41.34
N GLN A 446 -51.01 -36.78 -41.16
CA GLN A 446 -51.36 -37.42 -39.89
C GLN A 446 -50.32 -37.25 -38.80
N ASP A 447 -49.07 -36.88 -39.15
CA ASP A 447 -48.00 -36.57 -38.15
C ASP A 447 -48.29 -35.19 -37.58
N LEU A 448 -48.88 -35.16 -36.38
CA LEU A 448 -49.42 -33.91 -35.85
C LEU A 448 -48.31 -32.99 -35.38
N ALA A 449 -47.26 -33.59 -34.80
CA ALA A 449 -46.10 -32.83 -34.39
C ALA A 449 -45.47 -32.08 -35.57
N PHE A 450 -45.25 -32.81 -36.66
CA PHE A 450 -44.73 -32.24 -37.91
C PHE A 450 -45.54 -31.03 -38.40
N VAL A 451 -46.86 -31.14 -38.33
CA VAL A 451 -47.75 -30.05 -38.80
C VAL A 451 -47.67 -28.85 -37.85
N SER A 452 -47.68 -29.10 -36.54
CA SER A 452 -47.44 -28.04 -35.57
C SER A 452 -46.15 -27.26 -35.84
N MET A 453 -45.06 -28.00 -36.08
CA MET A 453 -43.75 -27.39 -36.27
C MET A 453 -43.77 -26.54 -37.52
N LEU A 454 -44.40 -27.04 -38.57
CA LEU A 454 -44.46 -26.30 -39.85
C LEU A 454 -45.30 -25.05 -39.80
N ASN A 455 -46.36 -25.07 -38.99
CA ASN A 455 -47.16 -23.88 -38.73
C ASN A 455 -46.37 -22.85 -37.93
N ASP A 456 -45.65 -23.28 -36.89
CA ASP A 456 -44.83 -22.36 -36.11
C ASP A 456 -43.79 -21.60 -36.93
N ILE A 457 -43.15 -22.28 -37.87
CA ILE A 457 -42.14 -21.63 -38.71
C ILE A 457 -42.72 -20.79 -39.85
N ALA A 458 -44.03 -20.85 -40.07
CA ALA A 458 -44.68 -20.11 -41.16
C ALA A 458 -44.96 -18.65 -40.84
N ALA A 459 -45.00 -18.28 -39.57
CA ALA A 459 -45.27 -16.88 -39.20
C ALA A 459 -44.03 -16.00 -39.33
N THR A 460 -43.75 -15.52 -40.52
CA THR A 460 -42.50 -14.81 -40.80
C THR A 460 -42.76 -13.45 -41.41
N PRO A 461 -42.00 -12.42 -41.00
CA PRO A 461 -42.20 -11.05 -41.54
C PRO A 461 -42.23 -11.02 -43.08
N THR A 462 -43.16 -10.25 -43.65
CA THR A 462 -43.57 -10.45 -45.05
C THR A 462 -42.54 -9.89 -46.04
N ALA A 463 -41.73 -8.93 -45.58
CA ALA A 463 -40.64 -8.42 -46.42
C ALA A 463 -39.55 -9.49 -46.62
N ALA A 464 -39.37 -10.37 -45.63
CA ALA A 464 -38.41 -11.45 -45.67
C ALA A 464 -38.90 -12.60 -46.56
N MET A 465 -40.14 -13.04 -46.33
CA MET A 465 -40.76 -14.17 -47.05
C MET A 465 -41.99 -13.71 -47.83
N PRO A 466 -41.79 -13.24 -49.09
CA PRO A 466 -42.87 -12.65 -49.86
C PRO A 466 -43.88 -13.63 -50.53
N PHE A 467 -43.77 -14.94 -50.34
CA PHE A 467 -44.79 -15.86 -50.83
C PHE A 467 -45.38 -16.57 -49.63
N ARG A 468 -46.69 -16.81 -49.65
CA ARG A 468 -47.37 -17.52 -48.58
C ARG A 468 -48.34 -18.54 -49.16
N GLY A 469 -48.76 -19.48 -48.33
CA GLY A 469 -49.69 -20.50 -48.77
C GLY A 469 -50.35 -21.20 -47.61
N TYR A 470 -51.45 -21.87 -47.89
CA TYR A 470 -52.10 -22.75 -46.92
C TYR A 470 -52.71 -23.92 -47.64
N THR A 471 -53.00 -24.97 -46.86
CA THR A 471 -53.71 -26.16 -47.30
C THR A 471 -54.56 -26.60 -46.10
N VAL A 472 -55.72 -27.18 -46.40
CA VAL A 472 -56.55 -27.78 -45.38
C VAL A 472 -56.37 -29.27 -45.56
N LEU A 473 -56.00 -29.93 -44.48
CA LEU A 473 -55.65 -31.32 -44.49
C LEU A 473 -56.82 -32.08 -43.95
N GLY A 474 -57.03 -33.28 -44.47
CA GLY A 474 -58.07 -34.19 -43.99
C GLY A 474 -59.44 -33.91 -44.53
N VAL A 475 -59.52 -33.41 -45.76
CA VAL A 475 -60.81 -33.14 -46.43
C VAL A 475 -60.81 -33.60 -47.88
N GLU A 476 -61.99 -33.96 -48.38
CA GLU A 476 -62.15 -34.53 -49.73
C GLU A 476 -61.52 -33.70 -50.85
N GLY A 477 -61.58 -32.39 -50.77
CA GLY A 477 -61.02 -31.58 -51.85
C GLY A 477 -59.49 -31.68 -52.03
N ARG A 478 -58.94 -30.77 -52.84
CA ARG A 478 -57.56 -30.35 -52.71
C ARG A 478 -57.65 -28.85 -52.49
N VAL A 479 -57.75 -28.49 -51.22
CA VAL A 479 -57.89 -27.12 -50.79
C VAL A 479 -56.50 -26.53 -50.52
N GLN A 480 -56.07 -25.64 -51.42
CA GLN A 480 -54.77 -25.03 -51.33
C GLN A 480 -54.72 -23.79 -52.20
N GLU A 481 -54.02 -22.78 -51.71
CA GLU A 481 -53.92 -21.50 -52.35
C GLU A 481 -52.54 -20.96 -51.98
N VAL A 482 -51.92 -20.21 -52.87
CA VAL A 482 -50.57 -19.72 -52.69
C VAL A 482 -50.43 -18.44 -53.46
N GLN A 483 -49.89 -17.40 -52.85
CA GLN A 483 -49.60 -16.19 -53.59
C GLN A 483 -48.51 -15.29 -53.00
N GLN A 484 -48.10 -14.33 -53.81
CA GLN A 484 -47.18 -13.28 -53.41
C GLN A 484 -47.91 -12.27 -52.52
N VAL A 485 -47.19 -11.62 -51.60
CA VAL A 485 -47.77 -10.75 -50.58
C VAL A 485 -47.30 -9.31 -50.78
N SER A 486 -48.18 -8.34 -50.51
CA SER A 486 -47.82 -6.93 -50.50
C SER A 486 -47.06 -6.62 -49.20
N THR A 487 -45.95 -5.91 -49.32
CA THR A 487 -45.12 -5.56 -48.15
C THR A 487 -45.83 -4.64 -47.14
N ASN A 488 -46.91 -4.00 -47.56
CA ASN A 488 -47.84 -3.25 -46.71
C ASN A 488 -48.07 -3.80 -45.30
N LYS A 489 -48.23 -2.86 -44.37
CA LYS A 489 -48.91 -3.11 -43.08
C LYS A 489 -50.36 -3.34 -43.44
N ARG A 490 -50.90 -4.44 -42.95
CA ARG A 490 -52.29 -4.78 -43.25
C ARG A 490 -53.10 -4.84 -41.96
N PRO A 491 -53.92 -3.79 -41.69
CA PRO A 491 -54.69 -3.77 -40.46
C PRO A 491 -55.95 -4.63 -40.51
N LEU A 492 -56.34 -5.12 -39.34
CA LEU A 492 -57.33 -6.17 -39.19
C LEU A 492 -58.64 -5.61 -38.63
N TRP A 493 -59.74 -5.81 -39.36
CA TRP A 493 -61.05 -5.29 -38.95
C TRP A 493 -62.06 -6.41 -38.75
N PHE A 494 -62.68 -6.44 -37.57
CA PHE A 494 -63.80 -7.34 -37.27
C PHE A 494 -65.10 -6.63 -37.61
N ILE A 495 -65.98 -7.31 -38.33
CA ILE A 495 -67.33 -6.86 -38.58
C ILE A 495 -68.30 -7.88 -37.98
N CYS A 496 -69.03 -7.46 -36.93
CA CYS A 496 -70.09 -8.28 -36.34
C CYS A 496 -71.46 -7.97 -37.00
N SER A 497 -72.05 -8.99 -37.61
CA SER A 497 -73.28 -8.84 -38.39
C SER A 497 -74.53 -8.99 -37.53
N GLY A 498 -75.66 -8.54 -38.10
CA GLY A 498 -76.94 -8.47 -37.44
C GLY A 498 -77.87 -9.67 -37.73
N MET A 499 -79.17 -9.38 -37.76
CA MET A 499 -80.20 -10.38 -37.98
C MET A 499 -80.19 -10.82 -39.44
N GLY A 500 -80.83 -11.97 -39.68
CA GLY A 500 -80.93 -12.56 -40.99
C GLY A 500 -79.88 -13.61 -41.25
N THR A 501 -79.09 -13.94 -40.23
CA THR A 501 -77.94 -14.83 -40.39
C THR A 501 -78.18 -16.20 -39.80
N GLN A 502 -79.38 -16.44 -39.27
CA GLN A 502 -79.69 -17.67 -38.53
C GLN A 502 -79.94 -18.84 -39.49
N TRP A 503 -79.75 -20.06 -39.00
CA TRP A 503 -80.11 -21.28 -39.77
C TRP A 503 -80.10 -22.56 -38.92
N ARG A 504 -80.69 -23.63 -39.46
CA ARG A 504 -80.98 -24.86 -38.70
C ARG A 504 -79.68 -25.60 -38.42
N GLY A 505 -79.37 -25.85 -37.16
CA GLY A 505 -78.13 -26.54 -36.78
C GLY A 505 -76.84 -25.80 -37.09
N MET A 506 -76.89 -24.47 -37.03
CA MET A 506 -75.73 -23.61 -37.28
C MET A 506 -74.71 -23.76 -36.17
N GLY A 507 -73.44 -23.75 -36.56
CA GLY A 507 -72.31 -23.96 -35.66
C GLY A 507 -72.15 -25.34 -35.07
N LEU A 508 -72.85 -26.34 -35.61
CA LEU A 508 -72.72 -27.72 -35.08
C LEU A 508 -71.44 -28.34 -35.59
N SER A 509 -71.05 -27.93 -36.80
CA SER A 509 -69.74 -28.25 -37.36
C SER A 509 -68.58 -27.81 -36.41
N LEU A 510 -68.59 -26.55 -35.97
CA LEU A 510 -67.51 -26.00 -35.15
C LEU A 510 -67.50 -26.45 -33.69
N MET A 511 -68.48 -27.23 -33.23
CA MET A 511 -68.48 -27.71 -31.82
C MET A 511 -67.41 -28.79 -31.58
N ARG A 512 -66.91 -29.36 -32.68
CA ARG A 512 -65.73 -30.24 -32.68
C ARG A 512 -64.46 -29.54 -32.13
N LEU A 513 -64.33 -28.23 -32.37
CA LEU A 513 -63.26 -27.45 -31.70
C LEU A 513 -63.59 -27.15 -30.25
N ASP A 514 -62.70 -27.54 -29.35
CA ASP A 514 -62.91 -27.38 -27.89
C ASP A 514 -63.17 -25.91 -27.48
N SER A 515 -62.43 -24.97 -28.05
CA SER A 515 -62.60 -23.54 -27.72
C SER A 515 -63.98 -22.97 -28.09
N PHE A 516 -64.53 -23.46 -29.18
CA PHE A 516 -65.86 -23.08 -29.64
C PHE A 516 -66.93 -23.65 -28.70
N ARG A 517 -66.88 -24.97 -28.52
CA ARG A 517 -67.80 -25.70 -27.65
C ARG A 517 -67.83 -25.08 -26.24
N GLU A 518 -66.65 -24.85 -25.66
CA GLU A 518 -66.57 -24.29 -24.31
C GLU A 518 -67.17 -22.87 -24.21
N SER A 519 -67.09 -22.12 -25.31
CA SER A 519 -67.72 -20.78 -25.38
C SER A 519 -69.25 -20.87 -25.42
N ILE A 520 -69.77 -21.88 -26.12
CA ILE A 520 -71.20 -22.13 -26.20
C ILE A 520 -71.74 -22.64 -24.86
N LEU A 521 -71.04 -23.57 -24.23
CA LEU A 521 -71.42 -24.07 -22.90
C LEU A 521 -71.29 -23.03 -21.80
N ARG A 522 -70.45 -22.02 -22.01
CA ARG A 522 -70.34 -20.90 -21.09
C ARG A 522 -71.51 -19.92 -21.34
N SER A 523 -71.91 -19.75 -22.60
CA SER A 523 -73.13 -19.01 -22.96
C SER A 523 -74.39 -19.67 -22.40
N ASP A 524 -74.37 -21.01 -22.27
CA ASP A 524 -75.47 -21.73 -21.59
C ASP A 524 -75.62 -21.36 -20.12
N GLU A 525 -74.50 -21.20 -19.41
CA GLU A 525 -74.56 -20.83 -17.98
C GLU A 525 -75.27 -19.49 -17.76
N ALA A 526 -75.12 -18.56 -18.71
CA ALA A 526 -75.80 -17.27 -18.61
C ALA A 526 -77.31 -17.39 -18.70
N VAL A 527 -77.83 -18.16 -19.66
CA VAL A 527 -79.30 -18.23 -19.92
C VAL A 527 -80.01 -19.52 -19.48
N LYS A 528 -79.36 -20.34 -18.63
CA LYS A 528 -80.04 -21.52 -18.06
C LYS A 528 -81.08 -21.10 -17.02
N PRO A 529 -80.72 -20.24 -16.03
CA PRO A 529 -81.75 -19.72 -15.10
C PRO A 529 -83.02 -19.18 -15.78
N LEU A 530 -82.89 -18.58 -16.97
CA LEU A 530 -84.03 -18.05 -17.75
C LEU A 530 -84.68 -19.11 -18.67
N GLY A 531 -84.40 -20.41 -18.42
CA GLY A 531 -85.10 -21.50 -19.07
C GLY A 531 -84.70 -21.91 -20.49
N VAL A 532 -83.52 -21.51 -20.95
CA VAL A 532 -83.05 -21.89 -22.32
C VAL A 532 -81.57 -22.28 -22.38
N LYS A 533 -81.24 -23.19 -23.29
CA LYS A 533 -79.88 -23.75 -23.46
C LYS A 533 -79.48 -23.53 -24.92
N VAL A 534 -78.40 -22.79 -25.17
CA VAL A 534 -78.01 -22.48 -26.56
C VAL A 534 -77.63 -23.76 -27.31
N SER A 535 -76.94 -24.68 -26.63
CA SER A 535 -76.54 -25.97 -27.24
C SER A 535 -77.76 -26.78 -27.71
N ASP A 536 -78.80 -26.88 -26.86
CA ASP A 536 -80.11 -27.48 -27.26
C ASP A 536 -80.73 -26.80 -28.52
N LEU A 537 -80.62 -25.48 -28.61
CA LEU A 537 -81.17 -24.73 -29.75
C LEU A 537 -80.40 -25.01 -31.03
N LEU A 538 -79.09 -25.18 -30.91
CA LEU A 538 -78.24 -25.49 -32.06
C LEU A 538 -78.53 -26.92 -32.50
N LEU A 539 -78.50 -27.86 -31.55
CA LEU A 539 -78.76 -29.30 -31.81
C LEU A 539 -80.10 -29.53 -32.50
N SER A 540 -81.16 -28.96 -31.93
CA SER A 540 -82.49 -28.97 -32.54
C SER A 540 -82.44 -28.59 -34.03
N THR A 541 -82.76 -29.58 -34.89
CA THR A 541 -83.04 -29.33 -36.31
C THR A 541 -84.57 -29.47 -36.56
N ASP A 542 -85.36 -29.22 -35.51
CA ASP A 542 -86.70 -28.63 -35.64
C ASP A 542 -86.50 -27.28 -36.36
N GLU A 543 -87.00 -27.17 -37.59
CA GLU A 543 -86.55 -26.12 -38.51
C GLU A 543 -87.10 -24.69 -38.35
N ARG A 544 -87.94 -24.47 -37.35
CA ARG A 544 -88.50 -23.14 -37.04
C ARG A 544 -88.08 -22.65 -35.64
N THR A 545 -87.08 -23.28 -35.01
CA THR A 545 -86.62 -22.89 -33.67
C THR A 545 -86.08 -21.46 -33.63
N PHE A 546 -85.39 -21.07 -34.70
CA PHE A 546 -84.85 -19.70 -34.85
C PHE A 546 -85.80 -18.69 -35.51
N ASP A 547 -87.11 -18.99 -35.51
CA ASP A 547 -88.13 -17.99 -35.81
C ASP A 547 -88.47 -17.19 -34.56
N ASP A 548 -88.37 -17.83 -33.40
CA ASP A 548 -88.46 -17.16 -32.10
C ASP A 548 -87.33 -16.13 -31.96
N ILE A 549 -87.68 -14.87 -31.73
CA ILE A 549 -86.70 -13.77 -31.64
C ILE A 549 -85.66 -13.96 -30.51
N VAL A 550 -86.06 -14.55 -29.39
CA VAL A 550 -85.14 -14.80 -28.29
C VAL A 550 -84.15 -15.91 -28.70
N HIS A 551 -84.67 -16.98 -29.28
CA HIS A 551 -83.82 -18.09 -29.76
C HIS A 551 -82.76 -17.61 -30.76
N ALA A 552 -83.14 -16.68 -31.65
CA ALA A 552 -82.23 -16.13 -32.66
C ALA A 552 -81.17 -15.19 -32.08
N PHE A 553 -81.62 -14.14 -31.39
CA PHE A 553 -80.72 -13.14 -30.78
C PHE A 553 -79.65 -13.78 -29.89
N VAL A 554 -80.06 -14.69 -29.02
CA VAL A 554 -79.16 -15.38 -28.11
C VAL A 554 -78.17 -16.30 -28.86
N SER A 555 -78.64 -16.98 -29.90
CA SER A 555 -77.83 -17.94 -30.64
C SER A 555 -76.80 -17.24 -31.53
N LEU A 556 -77.24 -16.24 -32.29
CA LEU A 556 -76.35 -15.37 -33.08
C LEU A 556 -75.24 -14.79 -32.22
N THR A 557 -75.60 -14.16 -31.11
CA THR A 557 -74.62 -13.49 -30.28
C THR A 557 -73.67 -14.49 -29.58
N ALA A 558 -74.17 -15.64 -29.13
CA ALA A 558 -73.34 -16.68 -28.48
C ALA A 558 -72.29 -17.31 -29.41
N ILE A 559 -72.67 -17.44 -30.69
CA ILE A 559 -71.79 -17.86 -31.76
C ILE A 559 -70.78 -16.81 -32.15
N GLN A 560 -71.25 -15.58 -32.37
CA GLN A 560 -70.35 -14.47 -32.64
C GLN A 560 -69.24 -14.44 -31.58
N ILE A 561 -69.61 -14.69 -30.32
CA ILE A 561 -68.64 -14.78 -29.22
C ILE A 561 -67.69 -15.95 -29.40
N ALA A 562 -68.21 -17.14 -29.68
CA ALA A 562 -67.37 -18.33 -29.86
C ALA A 562 -66.34 -18.13 -30.98
N LEU A 563 -66.79 -17.55 -32.10
CA LEU A 563 -65.87 -17.18 -33.16
C LEU A 563 -64.83 -16.20 -32.68
N ILE A 564 -65.24 -15.16 -31.95
CA ILE A 564 -64.27 -14.19 -31.41
C ILE A 564 -63.23 -14.92 -30.53
N ASP A 565 -63.72 -15.81 -29.68
CA ASP A 565 -62.86 -16.68 -28.87
C ASP A 565 -61.83 -17.49 -29.71
N LEU A 566 -62.28 -18.08 -30.83
CA LEU A 566 -61.38 -18.79 -31.73
C LEU A 566 -60.33 -17.89 -32.33
N LEU A 567 -60.80 -16.79 -32.92
CA LEU A 567 -59.91 -15.78 -33.51
C LEU A 567 -58.85 -15.32 -32.53
N THR A 568 -59.26 -15.16 -31.28
CA THR A 568 -58.34 -14.78 -30.21
C THR A 568 -57.37 -15.91 -29.92
N SER A 569 -57.87 -17.13 -29.77
CA SER A 569 -57.02 -18.27 -29.46
C SER A 569 -55.90 -18.39 -30.52
N VAL A 570 -56.24 -18.06 -31.75
CA VAL A 570 -55.32 -18.11 -32.88
C VAL A 570 -54.38 -16.92 -33.01
N GLY A 571 -54.47 -15.95 -32.09
CA GLY A 571 -53.61 -14.77 -32.08
C GLY A 571 -54.04 -13.54 -32.88
N LEU A 572 -55.25 -13.54 -33.40
CA LEU A 572 -55.79 -12.36 -34.10
C LEU A 572 -56.37 -11.31 -33.14
N LYS A 573 -55.74 -10.13 -33.07
CA LYS A 573 -56.20 -9.02 -32.24
C LYS A 573 -56.71 -7.93 -33.22
N PRO A 574 -57.96 -7.45 -33.07
CA PRO A 574 -58.48 -6.49 -34.07
C PRO A 574 -57.92 -5.06 -33.92
N ASP A 575 -57.66 -4.40 -35.05
CA ASP A 575 -57.29 -2.98 -35.07
C ASP A 575 -58.54 -2.09 -35.10
N GLY A 576 -59.61 -2.57 -35.74
CA GLY A 576 -60.90 -1.92 -35.68
C GLY A 576 -62.07 -2.87 -35.58
N ILE A 577 -63.16 -2.41 -34.95
CA ILE A 577 -64.38 -3.21 -34.78
C ILE A 577 -65.58 -2.38 -35.22
N ILE A 578 -66.54 -3.00 -35.92
CA ILE A 578 -67.77 -2.33 -36.35
C ILE A 578 -68.94 -3.30 -36.24
N GLY A 579 -70.04 -2.88 -35.60
CA GLY A 579 -71.25 -3.73 -35.49
C GLY A 579 -72.39 -3.27 -36.36
N HIS A 580 -73.18 -4.22 -36.87
CA HIS A 580 -74.43 -3.90 -37.56
C HIS A 580 -75.58 -4.34 -36.65
N SER A 581 -76.28 -3.37 -36.05
CA SER A 581 -77.50 -3.66 -35.29
C SER A 581 -77.19 -4.57 -34.09
N LEU A 582 -77.75 -5.78 -34.01
CA LEU A 582 -77.49 -6.76 -32.92
C LEU A 582 -75.99 -7.13 -32.74
N GLY A 583 -75.22 -6.99 -33.82
CA GLY A 583 -73.77 -7.12 -33.80
C GLY A 583 -73.05 -6.24 -32.78
N GLU A 584 -73.62 -5.08 -32.47
CA GLU A 584 -73.00 -4.17 -31.48
C GLU A 584 -72.89 -4.78 -30.09
N VAL A 585 -73.63 -5.84 -29.81
CA VAL A 585 -73.45 -6.58 -28.55
C VAL A 585 -72.17 -7.37 -28.60
N ALA A 586 -71.99 -8.17 -29.66
CA ALA A 586 -70.78 -8.96 -29.86
C ALA A 586 -69.54 -8.07 -29.94
N CYS A 587 -69.64 -6.97 -30.67
CA CYS A 587 -68.59 -5.93 -30.71
C CYS A 587 -68.09 -5.53 -29.33
N GLY A 588 -68.99 -5.44 -28.36
CA GLY A 588 -68.65 -5.11 -26.99
C GLY A 588 -67.78 -6.18 -26.34
N TYR A 589 -68.08 -7.43 -26.63
CA TYR A 589 -67.27 -8.54 -26.14
C TYR A 589 -65.86 -8.47 -26.77
N ALA A 590 -65.83 -8.27 -28.08
CA ALA A 590 -64.58 -8.14 -28.79
C ALA A 590 -63.73 -6.97 -28.28
N ASP A 591 -64.36 -5.90 -27.86
CA ASP A 591 -63.64 -4.69 -27.45
C ASP A 591 -63.13 -4.72 -26.02
N GLY A 592 -63.64 -5.64 -25.20
CA GLY A 592 -63.31 -5.70 -23.78
C GLY A 592 -64.28 -4.97 -22.86
N CYS A 593 -65.34 -4.36 -23.41
CA CYS A 593 -66.39 -3.71 -22.58
C CYS A 593 -67.31 -4.70 -21.86
N LEU A 594 -67.71 -5.76 -22.54
CA LEU A 594 -68.68 -6.70 -22.01
C LEU A 594 -68.07 -8.09 -21.78
N SER A 595 -68.36 -8.67 -20.61
CA SER A 595 -68.07 -10.07 -20.36
C SER A 595 -68.96 -10.92 -21.27
N GLN A 596 -68.66 -12.22 -21.38
CA GLN A 596 -69.52 -13.14 -22.11
C GLN A 596 -70.95 -13.17 -21.55
N ARG A 597 -71.07 -13.20 -20.23
CA ARG A 597 -72.37 -13.26 -19.54
C ARG A 597 -73.19 -12.00 -19.89
N GLU A 598 -72.56 -10.84 -19.70
CA GLU A 598 -73.18 -9.55 -20.02
C GLU A 598 -73.69 -9.50 -21.46
N ALA A 599 -72.89 -9.97 -22.42
CA ALA A 599 -73.28 -9.93 -23.83
C ALA A 599 -74.39 -10.90 -24.16
N VAL A 600 -74.32 -12.13 -23.65
CA VAL A 600 -75.36 -13.12 -23.95
C VAL A 600 -76.69 -12.68 -23.34
N LEU A 601 -76.67 -12.28 -22.07
CA LEU A 601 -77.87 -11.74 -21.40
C LEU A 601 -78.41 -10.44 -22.02
N ALA A 602 -77.54 -9.55 -22.47
CA ALA A 602 -78.00 -8.38 -23.22
C ALA A 602 -78.73 -8.78 -24.51
N ALA A 603 -78.28 -9.87 -25.14
CA ALA A 603 -78.97 -10.44 -26.28
C ALA A 603 -80.33 -11.02 -25.87
N TYR A 604 -80.37 -11.75 -24.75
CA TYR A 604 -81.61 -12.34 -24.26
C TYR A 604 -82.69 -11.30 -24.06
N TRP A 605 -82.42 -10.35 -23.17
CA TRP A 605 -83.39 -9.34 -22.78
C TRP A 605 -83.74 -8.41 -23.93
N ARG A 606 -82.80 -8.08 -24.78
CA ARG A 606 -83.11 -7.36 -26.02
C ARG A 606 -84.22 -8.09 -26.81
N GLY A 607 -84.18 -9.42 -26.84
CA GLY A 607 -85.20 -10.21 -27.52
C GLY A 607 -86.46 -10.47 -26.71
N GLN A 608 -86.31 -10.71 -25.40
CA GLN A 608 -87.42 -10.99 -24.51
C GLN A 608 -88.31 -9.74 -24.28
N CYS A 609 -87.70 -8.57 -24.20
CA CYS A 609 -88.43 -7.30 -24.05
C CYS A 609 -89.21 -6.90 -25.28
N ILE A 610 -88.79 -7.34 -26.45
CA ILE A 610 -89.58 -7.21 -27.68
C ILE A 610 -90.72 -8.21 -27.69
N LYS A 611 -90.42 -9.45 -27.35
CA LYS A 611 -91.44 -10.52 -27.26
C LYS A 611 -92.62 -10.13 -26.31
N ASP A 612 -92.32 -9.51 -25.15
CA ASP A 612 -93.33 -9.08 -24.15
C ASP A 612 -94.11 -7.77 -24.45
N ALA A 613 -93.65 -7.00 -25.43
CA ALA A 613 -94.14 -5.64 -25.71
C ALA A 613 -95.25 -5.64 -26.73
N HIS A 614 -96.18 -4.68 -26.70
CA HIS A 614 -97.16 -4.41 -27.75
C HIS A 614 -96.48 -3.35 -28.55
N LEU A 615 -95.87 -3.65 -29.71
CA LEU A 615 -95.48 -2.60 -30.66
C LEU A 615 -96.41 -2.78 -31.86
N PRO A 616 -96.66 -1.70 -32.65
CA PRO A 616 -97.63 -1.82 -33.76
C PRO A 616 -97.12 -2.62 -34.95
N PRO A 617 -97.95 -3.49 -35.57
CA PRO A 617 -97.45 -4.34 -36.70
C PRO A 617 -96.70 -3.55 -37.82
N GLY A 618 -95.39 -3.80 -37.95
CA GLY A 618 -94.52 -3.07 -38.86
C GLY A 618 -93.65 -3.97 -39.70
N SER A 619 -93.03 -3.37 -40.72
CA SER A 619 -92.16 -4.11 -41.67
C SER A 619 -91.07 -3.25 -42.33
N MET A 620 -90.05 -3.92 -42.85
CA MET A 620 -88.90 -3.29 -43.50
C MET A 620 -88.63 -3.84 -44.91
N ALA A 621 -88.17 -2.97 -45.79
CA ALA A 621 -87.66 -3.39 -47.11
C ALA A 621 -86.36 -2.68 -47.45
N ALA A 622 -85.33 -3.42 -47.85
CA ALA A 622 -84.12 -2.81 -48.46
C ALA A 622 -84.54 -2.18 -49.80
N VAL A 623 -84.13 -0.94 -50.05
CA VAL A 623 -84.44 -0.27 -51.32
C VAL A 623 -83.18 0.30 -51.98
N GLY A 624 -83.24 0.40 -53.30
CA GLY A 624 -82.12 0.80 -54.13
C GLY A 624 -82.08 2.29 -54.35
N LEU A 625 -81.71 3.04 -53.30
CA LEU A 625 -81.47 4.47 -53.41
C LEU A 625 -80.63 4.93 -52.22
N SER A 626 -79.95 6.07 -52.38
CA SER A 626 -78.98 6.54 -51.40
C SER A 626 -79.64 6.91 -50.04
N TRP A 627 -78.79 7.16 -49.04
CA TRP A 627 -79.26 7.60 -47.72
C TRP A 627 -80.05 8.88 -47.89
N GLU A 628 -79.47 9.84 -48.60
CA GLU A 628 -80.07 11.15 -48.82
C GLU A 628 -81.42 11.09 -49.59
N GLU A 629 -81.41 10.35 -50.71
CA GLU A 629 -82.63 10.14 -51.50
C GLU A 629 -83.79 9.50 -50.69
N CYS A 630 -83.47 8.72 -49.66
CA CYS A 630 -84.48 8.14 -48.75
C CYS A 630 -85.21 9.15 -47.85
N LYS A 631 -84.54 10.26 -47.50
CA LYS A 631 -85.18 11.33 -46.73
C LYS A 631 -86.40 11.86 -47.48
N GLN A 632 -86.18 12.30 -48.72
CA GLN A 632 -87.24 12.91 -49.53
C GLN A 632 -88.36 11.91 -49.82
N ARG A 633 -88.06 10.94 -50.66
CA ARG A 633 -89.12 10.14 -51.30
C ARG A 633 -89.89 9.19 -50.34
N CYS A 634 -89.50 9.14 -49.05
CA CYS A 634 -90.30 8.46 -48.02
C CYS A 634 -91.61 9.21 -47.76
N PRO A 635 -92.72 8.48 -47.46
CA PRO A 635 -93.95 9.14 -47.02
C PRO A 635 -93.80 9.75 -45.60
N ALA A 636 -94.88 9.82 -44.82
CA ALA A 636 -94.75 9.99 -43.38
C ALA A 636 -94.88 8.59 -42.73
N GLY A 637 -94.15 8.44 -41.62
CA GLY A 637 -94.17 7.23 -40.80
C GLY A 637 -93.32 6.05 -41.30
N VAL A 638 -92.67 6.27 -42.44
CA VAL A 638 -91.65 5.37 -42.97
C VAL A 638 -90.34 6.16 -42.90
N VAL A 639 -89.32 5.55 -42.31
CA VAL A 639 -88.02 6.23 -42.15
C VAL A 639 -86.83 5.38 -42.58
N PRO A 640 -85.72 6.07 -42.97
CA PRO A 640 -84.49 5.36 -43.29
C PRO A 640 -83.90 4.69 -42.04
N ALA A 641 -83.81 3.37 -42.06
CA ALA A 641 -83.42 2.55 -40.90
C ALA A 641 -81.99 1.99 -40.86
N CYS A 642 -81.47 1.48 -41.95
CA CYS A 642 -80.09 0.91 -42.02
C CYS A 642 -79.38 1.50 -43.25
N HIS A 643 -78.31 2.27 -43.03
CA HIS A 643 -77.45 2.71 -44.15
C HIS A 643 -76.40 1.64 -44.44
N ASN A 644 -76.78 0.65 -45.28
CA ASN A 644 -75.94 -0.48 -45.58
C ASN A 644 -74.81 -0.10 -46.54
N SER A 645 -75.15 0.27 -47.79
CA SER A 645 -74.17 0.89 -48.71
C SER A 645 -74.78 2.16 -49.30
N GLU A 646 -74.08 2.84 -50.20
CA GLU A 646 -74.69 4.00 -50.89
C GLU A 646 -75.76 3.65 -51.92
N ASP A 647 -75.86 2.37 -52.27
CA ASP A 647 -76.94 1.84 -53.14
C ASP A 647 -78.08 1.29 -52.28
N THR A 648 -77.74 0.58 -51.18
CA THR A 648 -78.74 -0.16 -50.42
C THR A 648 -79.02 0.56 -49.10
N VAL A 649 -80.30 0.87 -48.88
CA VAL A 649 -80.76 1.44 -47.62
C VAL A 649 -82.01 0.66 -47.18
N THR A 650 -82.01 0.15 -45.95
CA THR A 650 -83.24 -0.44 -45.38
C THR A 650 -84.15 0.68 -44.84
N ILE A 651 -85.45 0.59 -45.09
CA ILE A 651 -86.46 1.51 -44.53
C ILE A 651 -87.37 0.76 -43.55
N SER A 652 -88.05 1.51 -42.70
CA SER A 652 -88.87 0.91 -41.65
C SER A 652 -90.09 1.78 -41.38
N GLY A 653 -91.21 1.12 -41.10
CA GLY A 653 -92.51 1.77 -40.83
C GLY A 653 -93.64 0.76 -40.59
N PRO A 654 -94.91 1.25 -40.64
CA PRO A 654 -96.05 0.34 -40.69
C PRO A 654 -96.31 -0.11 -42.14
N GLN A 655 -97.03 -1.21 -42.36
CA GLN A 655 -97.51 -1.54 -43.73
C GLN A 655 -98.43 -0.43 -44.33
N ALA A 656 -99.15 0.27 -43.45
CA ALA A 656 -99.99 1.45 -43.81
C ALA A 656 -99.36 2.47 -44.80
N ALA A 657 -98.02 2.52 -44.88
CA ALA A 657 -97.31 3.17 -45.98
C ALA A 657 -96.17 2.34 -46.63
N VAL A 658 -95.65 1.29 -45.99
CA VAL A 658 -94.45 0.58 -46.48
C VAL A 658 -94.70 -0.23 -47.74
N ASN A 659 -95.82 -0.94 -47.81
CA ASN A 659 -96.14 -1.75 -49.01
C ASN A 659 -96.54 -0.85 -50.19
N GLU A 660 -97.41 0.15 -49.95
CA GLU A 660 -97.88 1.06 -51.02
C GLU A 660 -96.84 2.05 -51.56
N PHE A 661 -95.92 2.52 -50.71
CA PHE A 661 -94.81 3.41 -51.14
C PHE A 661 -93.47 2.60 -51.24
N VAL A 662 -93.58 1.27 -51.35
CA VAL A 662 -92.59 0.36 -52.02
C VAL A 662 -92.93 0.20 -53.51
N GLU A 663 -94.23 0.19 -53.83
CA GLU A 663 -94.66 0.04 -55.22
C GLU A 663 -94.54 1.34 -56.03
N GLN A 664 -94.67 2.51 -55.39
CA GLN A 664 -94.33 3.78 -56.04
C GLN A 664 -92.82 3.88 -56.39
N LEU A 665 -92.00 3.07 -55.74
CA LEU A 665 -90.61 2.80 -56.17
C LEU A 665 -90.53 1.77 -57.29
N LYS A 666 -91.03 0.55 -57.03
CA LYS A 666 -90.83 -0.57 -57.97
C LYS A 666 -91.72 -0.56 -59.25
N GLN A 667 -92.59 0.45 -59.36
CA GLN A 667 -93.19 0.82 -60.64
C GLN A 667 -92.25 1.75 -61.46
N GLU A 668 -91.36 2.49 -60.77
CA GLU A 668 -90.21 3.18 -61.42
C GLU A 668 -88.93 2.33 -61.45
N GLY A 669 -89.07 0.99 -61.47
CA GLY A 669 -87.96 0.05 -61.65
C GLY A 669 -86.87 0.03 -60.58
N VAL A 670 -87.17 0.56 -59.39
CA VAL A 670 -86.19 0.67 -58.30
C VAL A 670 -86.20 -0.66 -57.54
N PHE A 671 -85.02 -1.14 -57.11
CA PHE A 671 -84.91 -2.33 -56.24
C PHE A 671 -85.75 -2.21 -54.98
N ALA A 672 -86.33 -3.32 -54.48
CA ALA A 672 -87.17 -3.25 -53.25
C ALA A 672 -87.90 -4.57 -52.95
N LYS A 673 -87.48 -5.27 -51.90
CA LYS A 673 -88.14 -6.48 -51.38
C LYS A 673 -88.45 -6.26 -49.87
N GLU A 674 -89.60 -6.75 -49.38
CA GLU A 674 -89.86 -6.89 -47.92
C GLU A 674 -88.77 -7.79 -47.24
N VAL A 675 -88.53 -7.62 -45.93
CA VAL A 675 -87.58 -8.46 -45.16
C VAL A 675 -88.28 -9.13 -43.94
N ARG A 676 -87.95 -10.40 -43.69
CA ARG A 676 -88.53 -11.20 -42.62
C ARG A 676 -87.97 -10.89 -41.21
N THR A 677 -88.67 -9.95 -40.57
CA THR A 677 -88.37 -9.36 -39.28
C THR A 677 -89.10 -10.05 -38.12
N GLY A 678 -89.91 -11.08 -38.39
CA GLY A 678 -90.87 -11.61 -37.42
C GLY A 678 -91.99 -10.61 -37.05
N GLY A 679 -92.35 -9.73 -38.00
CA GLY A 679 -93.46 -8.78 -37.85
C GLY A 679 -93.16 -7.40 -37.28
N LEU A 680 -91.91 -6.94 -37.29
CA LEU A 680 -91.53 -5.68 -36.60
C LEU A 680 -90.78 -4.67 -37.46
N ALA A 681 -90.80 -3.41 -37.01
CA ALA A 681 -90.17 -2.28 -37.67
C ALA A 681 -89.00 -1.74 -36.83
N PHE A 682 -87.81 -2.42 -36.95
CA PHE A 682 -86.67 -2.12 -36.12
C PHE A 682 -86.00 -0.77 -36.54
N HIS A 683 -85.09 -0.27 -35.71
CA HIS A 683 -84.25 0.89 -35.98
C HIS A 683 -85.00 2.13 -36.39
N SER A 684 -86.15 2.29 -35.74
CA SER A 684 -87.08 3.38 -36.02
C SER A 684 -87.68 3.88 -34.72
N TYR A 685 -88.46 4.94 -34.84
CA TYR A 685 -89.26 5.43 -33.69
C TYR A 685 -90.20 4.35 -33.07
N PHE A 686 -90.83 3.54 -33.90
CA PHE A 686 -91.73 2.42 -33.52
C PHE A 686 -91.26 1.44 -32.43
N MET A 687 -89.97 1.39 -32.15
CA MET A 687 -89.41 0.50 -31.12
C MET A 687 -89.27 1.13 -29.72
N GLU A 688 -89.54 2.42 -29.67
CA GLU A 688 -89.34 3.30 -28.53
C GLU A 688 -90.21 2.89 -27.35
N GLY A 689 -91.26 2.10 -27.56
CA GLY A 689 -92.00 1.42 -26.51
C GLY A 689 -91.31 0.24 -25.84
N ILE A 690 -90.12 -0.13 -26.30
CA ILE A 690 -89.30 -1.14 -25.64
C ILE A 690 -88.37 -0.50 -24.61
N ALA A 691 -87.98 0.76 -24.87
CA ALA A 691 -87.01 1.48 -24.04
C ALA A 691 -87.17 1.33 -22.54
N PRO A 692 -88.36 1.55 -21.95
CA PRO A 692 -88.47 1.46 -20.49
C PRO A 692 -88.19 0.07 -19.87
N THR A 693 -88.80 -0.99 -20.43
CA THR A 693 -88.61 -2.34 -19.89
C THR A 693 -87.21 -2.94 -20.20
N LEU A 694 -86.65 -2.63 -21.38
CA LEU A 694 -85.30 -3.07 -21.74
C LEU A 694 -84.23 -2.36 -20.90
N LEU A 695 -84.30 -1.03 -20.85
CA LEU A 695 -83.43 -0.22 -20.01
C LEU A 695 -83.37 -0.69 -18.55
N GLN A 696 -84.49 -1.23 -18.04
CA GLN A 696 -84.54 -1.76 -16.68
C GLN A 696 -83.83 -3.10 -16.55
N ALA A 697 -84.08 -4.01 -17.49
CA ALA A 697 -83.45 -5.34 -17.45
C ALA A 697 -81.96 -5.24 -17.70
N LEU A 698 -81.54 -4.37 -18.63
CA LEU A 698 -80.11 -4.20 -18.97
C LEU A 698 -79.31 -3.48 -17.90
N LYS A 699 -79.96 -2.75 -17.00
CA LYS A 699 -79.25 -2.12 -15.85
C LYS A 699 -78.98 -3.15 -14.76
N LYS A 700 -79.86 -4.16 -14.64
CA LYS A 700 -79.61 -5.34 -13.80
C LYS A 700 -78.53 -6.29 -14.41
N VAL A 701 -78.24 -6.16 -15.72
CA VAL A 701 -77.29 -7.03 -16.44
C VAL A 701 -75.90 -6.40 -16.61
N ILE A 702 -75.83 -5.18 -17.14
CA ILE A 702 -74.58 -4.42 -17.25
C ILE A 702 -74.39 -3.59 -15.98
N ARG A 703 -73.92 -4.26 -14.93
CA ARG A 703 -73.55 -3.66 -13.64
C ARG A 703 -72.85 -2.32 -13.73
N GLU A 704 -71.61 -2.32 -14.21
CA GLU A 704 -70.79 -1.10 -14.28
C GLU A 704 -70.30 -0.96 -15.72
N PRO A 705 -70.90 -0.03 -16.49
CA PRO A 705 -70.46 0.19 -17.88
C PRO A 705 -68.98 0.53 -17.98
N ARG A 706 -68.29 -0.08 -18.95
CA ARG A 706 -66.85 0.12 -19.17
C ARG A 706 -66.65 0.92 -20.46
N PRO A 707 -65.55 1.67 -20.57
CA PRO A 707 -65.36 2.52 -21.75
C PRO A 707 -65.20 1.73 -23.04
N ARG A 708 -65.63 2.30 -24.15
CA ARG A 708 -65.43 1.70 -25.47
C ARG A 708 -64.13 2.24 -26.04
N SER A 709 -63.22 1.38 -26.48
CA SER A 709 -61.94 1.81 -27.04
C SER A 709 -62.12 2.58 -28.34
N ALA A 710 -61.06 3.24 -28.79
CA ALA A 710 -61.07 3.97 -30.08
C ALA A 710 -61.25 3.01 -31.25
N ARG A 711 -60.83 1.75 -31.05
CA ARG A 711 -60.90 0.72 -32.07
C ARG A 711 -62.36 0.44 -32.48
N TRP A 712 -63.28 0.50 -31.51
CA TRP A 712 -64.70 0.27 -31.78
C TRP A 712 -65.45 1.53 -32.29
N LEU A 713 -65.91 1.46 -33.53
CA LEU A 713 -66.71 2.50 -34.17
C LEU A 713 -68.23 2.22 -34.05
N SER A 714 -68.96 3.15 -33.47
CA SER A 714 -70.41 3.01 -33.30
C SER A 714 -71.12 3.13 -34.63
N THR A 715 -72.17 2.33 -34.79
CA THR A 715 -73.15 2.49 -35.86
C THR A 715 -74.51 3.01 -35.34
N SER A 716 -74.76 2.87 -34.02
CA SER A 716 -75.94 3.42 -33.37
C SER A 716 -75.90 4.95 -33.24
N ILE A 717 -74.71 5.48 -32.97
CA ILE A 717 -74.48 6.90 -32.69
C ILE A 717 -73.65 7.52 -33.81
N PRO A 718 -74.13 8.61 -34.46
CA PRO A 718 -73.35 9.21 -35.56
C PRO A 718 -72.06 9.82 -35.08
N GLU A 719 -71.11 9.97 -35.99
CA GLU A 719 -69.73 10.34 -35.65
C GLU A 719 -69.60 11.63 -34.84
N ALA A 720 -70.39 12.65 -35.19
CA ALA A 720 -70.38 13.94 -34.48
C ALA A 720 -70.52 13.82 -32.94
N GLN A 721 -71.32 12.86 -32.47
CA GLN A 721 -71.52 12.60 -31.03
C GLN A 721 -70.81 11.35 -30.51
N TRP A 722 -69.71 10.94 -31.14
CA TRP A 722 -68.86 9.86 -30.58
C TRP A 722 -68.22 10.33 -29.28
N GLN A 723 -67.98 11.64 -29.20
CA GLN A 723 -67.49 12.29 -27.99
C GLN A 723 -68.50 12.26 -26.82
N SER A 724 -69.81 12.19 -27.12
CA SER A 724 -70.87 12.18 -26.09
C SER A 724 -70.65 11.15 -24.99
N SER A 725 -71.35 11.33 -23.88
CA SER A 725 -71.27 10.41 -22.76
C SER A 725 -72.16 9.17 -22.91
N LEU A 726 -73.12 9.17 -23.86
CA LEU A 726 -73.82 7.93 -24.23
C LEU A 726 -72.86 6.97 -24.91
N ALA A 727 -72.06 7.55 -25.81
CA ALA A 727 -71.02 6.84 -26.56
C ALA A 727 -69.87 6.32 -25.70
N ARG A 728 -69.47 7.05 -24.65
CA ARG A 728 -68.29 6.68 -23.82
C ARG A 728 -68.26 5.17 -23.37
N THR A 729 -69.40 4.60 -22.97
CA THR A 729 -69.46 3.22 -22.47
C THR A 729 -70.54 2.36 -23.14
N SER A 730 -70.43 1.03 -22.96
CA SER A 730 -71.44 0.09 -23.43
C SER A 730 -72.39 -0.19 -22.28
N SER A 731 -73.23 0.81 -22.05
CA SER A 731 -74.16 0.84 -20.94
C SER A 731 -75.45 0.24 -21.39
N ALA A 732 -76.32 -0.03 -20.42
CA ALA A 732 -77.73 -0.31 -20.71
C ALA A 732 -78.35 0.70 -21.72
N GLU A 733 -77.95 1.97 -21.58
CA GLU A 733 -78.43 3.06 -22.45
C GLU A 733 -77.96 2.96 -23.90
N TYR A 734 -76.68 2.66 -24.10
CA TYR A 734 -76.11 2.48 -25.45
C TYR A 734 -76.87 1.42 -26.26
N ASN A 735 -77.11 0.28 -25.61
CA ASN A 735 -77.84 -0.85 -26.19
C ASN A 735 -79.28 -0.56 -26.58
N VAL A 736 -79.99 0.13 -25.70
CA VAL A 736 -81.37 0.52 -25.97
C VAL A 736 -81.38 1.49 -27.16
N ASN A 737 -80.50 2.48 -27.13
CA ASN A 737 -80.35 3.43 -28.22
C ASN A 737 -80.09 2.77 -29.59
N ASN A 738 -79.31 1.68 -29.60
CA ASN A 738 -79.00 0.95 -30.83
C ASN A 738 -80.25 0.42 -31.50
N LEU A 739 -81.15 -0.07 -30.66
CA LEU A 739 -82.37 -0.75 -31.08
C LEU A 739 -83.42 0.18 -31.68
N VAL A 740 -83.42 1.44 -31.26
CA VAL A 740 -84.35 2.48 -31.80
C VAL A 740 -83.72 3.45 -32.82
N SER A 741 -82.41 3.61 -32.78
CA SER A 741 -81.70 4.51 -33.73
C SER A 741 -81.46 3.78 -35.04
N PRO A 742 -81.27 4.53 -36.13
CA PRO A 742 -80.81 3.90 -37.35
C PRO A 742 -79.42 3.25 -37.22
N VAL A 743 -79.08 2.40 -38.19
CA VAL A 743 -77.77 1.72 -38.27
C VAL A 743 -76.90 2.43 -39.31
N LEU A 744 -75.94 3.20 -38.81
CA LEU A 744 -75.07 4.05 -39.62
C LEU A 744 -73.81 3.27 -40.02
N PHE A 745 -74.03 2.33 -40.94
CA PHE A 745 -73.05 1.29 -41.26
C PHE A 745 -72.01 1.81 -42.27
N GLN A 746 -72.45 2.20 -43.50
CA GLN A 746 -71.52 2.75 -44.51
C GLN A 746 -70.69 3.94 -43.91
N GLU A 747 -71.27 4.66 -42.94
CA GLU A 747 -70.56 5.73 -42.25
C GLU A 747 -69.32 5.26 -41.51
N ALA A 748 -69.40 4.07 -40.90
CA ALA A 748 -68.25 3.48 -40.21
C ALA A 748 -67.25 2.83 -41.21
N LEU A 749 -67.76 2.26 -42.30
CA LEU A 749 -66.93 1.65 -43.33
C LEU A 749 -66.07 2.65 -44.11
N TRP A 750 -66.56 3.88 -44.26
CA TRP A 750 -65.76 4.98 -44.82
C TRP A 750 -64.44 5.12 -44.02
N HIS A 751 -64.46 4.84 -42.71
CA HIS A 751 -63.27 4.89 -41.84
C HIS A 751 -62.28 3.70 -41.93
N ILE A 752 -62.62 2.61 -42.61
CA ILE A 752 -61.70 1.49 -42.76
C ILE A 752 -60.61 1.86 -43.77
N PRO A 753 -59.31 1.79 -43.38
CA PRO A 753 -58.20 2.32 -44.19
C PRO A 753 -57.82 1.44 -45.38
N GLU A 754 -56.93 1.93 -46.24
CA GLU A 754 -56.49 1.16 -47.44
C GLU A 754 -55.76 -0.14 -47.02
N HIS A 755 -55.88 -1.17 -47.85
CA HIS A 755 -55.18 -2.45 -47.68
C HIS A 755 -55.51 -3.16 -46.35
N ALA A 756 -56.78 -3.12 -45.96
CA ALA A 756 -57.17 -3.71 -44.70
C ALA A 756 -57.74 -5.09 -44.92
N VAL A 757 -57.68 -5.91 -43.87
CA VAL A 757 -58.29 -7.24 -43.91
C VAL A 757 -59.50 -7.23 -42.98
N VAL A 758 -60.63 -7.64 -43.52
CA VAL A 758 -61.96 -7.46 -42.93
C VAL A 758 -62.63 -8.83 -42.77
N LEU A 759 -62.83 -9.23 -41.52
CA LEU A 759 -63.44 -10.52 -41.17
C LEU A 759 -64.89 -10.34 -40.76
N GLU A 760 -65.82 -10.97 -41.48
CA GLU A 760 -67.23 -10.94 -41.11
C GLU A 760 -67.53 -12.01 -40.09
N ILE A 761 -67.69 -11.57 -38.84
CA ILE A 761 -67.96 -12.45 -37.70
C ILE A 761 -69.46 -12.67 -37.54
N ALA A 762 -69.91 -13.87 -37.95
CA ALA A 762 -71.33 -14.20 -38.01
C ALA A 762 -71.53 -15.59 -38.55
N PRO A 763 -72.58 -16.29 -38.08
CA PRO A 763 -72.90 -17.66 -38.48
C PRO A 763 -73.31 -17.82 -39.94
N HIS A 764 -73.52 -16.73 -40.65
CA HIS A 764 -73.48 -16.77 -42.08
C HIS A 764 -73.01 -15.41 -42.53
N ALA A 765 -72.21 -15.39 -43.59
CA ALA A 765 -71.50 -14.18 -43.98
C ALA A 765 -72.37 -13.35 -44.90
N LEU A 766 -73.50 -12.91 -44.37
CA LEU A 766 -74.54 -12.19 -45.11
C LEU A 766 -74.07 -10.89 -45.78
N LEU A 767 -73.25 -10.13 -45.06
CA LEU A 767 -72.78 -8.82 -45.50
C LEU A 767 -71.59 -8.77 -46.48
N GLN A 768 -71.15 -9.90 -47.04
CA GLN A 768 -69.96 -9.90 -47.90
C GLN A 768 -70.13 -8.94 -49.07
N ALA A 769 -71.26 -9.11 -49.77
CA ALA A 769 -71.64 -8.25 -50.89
C ALA A 769 -71.67 -6.76 -50.54
N VAL A 770 -72.17 -6.44 -49.35
CA VAL A 770 -72.23 -5.04 -48.89
C VAL A 770 -70.82 -4.50 -48.62
N LEU A 771 -70.02 -5.27 -47.90
CA LEU A 771 -68.68 -4.85 -47.48
C LEU A 771 -67.80 -4.57 -48.69
N LYS A 772 -67.88 -5.44 -49.69
CA LYS A 772 -67.14 -5.23 -50.95
C LYS A 772 -67.47 -3.87 -51.59
N ARG A 773 -68.76 -3.57 -51.75
CA ARG A 773 -69.20 -2.26 -52.29
C ARG A 773 -68.80 -1.13 -51.35
N GLY A 774 -68.95 -1.36 -50.05
CA GLY A 774 -68.87 -0.29 -49.06
C GLY A 774 -67.51 0.09 -48.52
N VAL A 775 -66.52 -0.79 -48.64
CA VAL A 775 -65.15 -0.44 -48.24
C VAL A 775 -64.22 -0.46 -49.44
N LYS A 776 -63.14 0.30 -49.36
CA LYS A 776 -62.14 0.42 -50.45
C LYS A 776 -61.80 -0.90 -51.16
N SER A 777 -61.60 -0.84 -52.47
CA SER A 777 -61.25 -2.02 -53.31
C SER A 777 -59.96 -2.69 -52.83
N SER A 778 -59.03 -1.88 -52.34
CA SER A 778 -57.76 -2.36 -51.80
C SER A 778 -57.87 -3.29 -50.58
N CYS A 779 -59.04 -3.35 -49.95
CA CYS A 779 -59.24 -4.21 -48.80
C CYS A 779 -59.60 -5.63 -49.23
N THR A 780 -59.40 -6.58 -48.32
CA THR A 780 -59.73 -7.99 -48.53
C THR A 780 -60.79 -8.40 -47.51
N ILE A 781 -61.93 -8.89 -48.01
CA ILE A 781 -63.11 -9.18 -47.22
C ILE A 781 -63.21 -10.68 -47.11
N ILE A 782 -63.26 -11.19 -45.89
CA ILE A 782 -63.18 -12.63 -45.62
C ILE A 782 -64.37 -13.10 -44.81
N PRO A 783 -65.11 -14.11 -45.28
CA PRO A 783 -66.14 -14.71 -44.44
C PRO A 783 -65.55 -15.71 -43.46
N LEU A 784 -66.38 -16.23 -42.57
CA LEU A 784 -65.97 -17.26 -41.59
C LEU A 784 -66.91 -18.46 -41.47
N MET A 785 -68.22 -18.28 -41.72
CA MET A 785 -69.17 -19.39 -41.83
C MET A 785 -70.12 -19.14 -42.99
N LYS A 786 -70.57 -20.22 -43.63
CA LYS A 786 -71.67 -20.14 -44.61
C LYS A 786 -72.85 -20.99 -44.15
N ARG A 787 -74.03 -20.65 -44.71
CA ARG A 787 -75.31 -21.23 -44.30
C ARG A 787 -75.44 -22.54 -45.03
N ASP A 788 -75.71 -23.60 -44.26
CA ASP A 788 -75.80 -24.96 -44.79
C ASP A 788 -74.57 -25.42 -45.56
N HIS A 789 -73.37 -24.90 -45.26
CA HIS A 789 -72.14 -25.40 -45.87
C HIS A 789 -71.93 -26.81 -45.33
N LYS A 790 -71.50 -27.72 -46.20
CA LYS A 790 -71.44 -29.12 -45.81
C LYS A 790 -70.55 -29.33 -44.57
N ASP A 791 -69.38 -28.69 -44.56
CA ASP A 791 -68.49 -28.66 -43.40
C ASP A 791 -68.06 -27.21 -43.14
N ASN A 792 -68.55 -26.62 -42.04
CA ASN A 792 -68.15 -25.24 -41.68
C ASN A 792 -66.76 -25.20 -41.07
N LEU A 793 -66.35 -26.25 -40.35
CA LEU A 793 -64.99 -26.36 -39.84
C LEU A 793 -63.99 -26.24 -40.98
N GLU A 794 -64.20 -26.98 -42.07
CA GLU A 794 -63.42 -26.78 -43.29
C GLU A 794 -63.48 -25.34 -43.78
N PHE A 795 -64.67 -24.77 -43.89
CA PHE A 795 -64.85 -23.39 -44.43
C PHE A 795 -64.11 -22.33 -43.59
N PHE A 796 -64.25 -22.47 -42.27
CA PHE A 796 -63.59 -21.61 -41.32
C PHE A 796 -62.07 -21.68 -41.50
N LEU A 797 -61.54 -22.90 -41.47
CA LEU A 797 -60.11 -23.18 -41.72
C LEU A 797 -59.59 -22.57 -43.02
N THR A 798 -60.35 -22.65 -44.10
CA THR A 798 -59.92 -22.22 -45.42
C THR A 798 -59.78 -20.71 -45.45
N ASN A 799 -60.69 -20.06 -44.73
CA ASN A 799 -60.75 -18.62 -44.67
C ASN A 799 -59.72 -18.11 -43.68
N LEU A 800 -59.43 -18.90 -42.65
CA LEU A 800 -58.37 -18.57 -41.72
C LEU A 800 -57.01 -18.65 -42.40
N GLY A 801 -56.86 -19.63 -43.29
CA GLY A 801 -55.73 -19.67 -44.21
C GLY A 801 -55.64 -18.46 -45.14
N LYS A 802 -56.78 -18.01 -45.65
CA LYS A 802 -56.83 -16.79 -46.45
C LYS A 802 -56.32 -15.58 -45.67
N VAL A 803 -56.45 -15.59 -44.35
CA VAL A 803 -55.89 -14.48 -43.56
C VAL A 803 -54.37 -14.57 -43.51
N HIS A 804 -53.84 -15.78 -43.29
CA HIS A 804 -52.41 -16.02 -43.40
C HIS A 804 -51.89 -15.50 -44.75
N LEU A 805 -52.61 -15.75 -45.85
CA LEU A 805 -52.20 -15.27 -47.18
C LEU A 805 -51.99 -13.77 -47.30
N THR A 806 -52.64 -12.97 -46.46
CA THR A 806 -52.54 -11.51 -46.55
C THR A 806 -51.24 -10.93 -45.98
N GLY A 807 -50.56 -11.70 -45.12
CA GLY A 807 -49.40 -11.20 -44.39
C GLY A 807 -49.55 -11.18 -42.89
N ILE A 808 -50.75 -11.46 -42.42
CA ILE A 808 -51.09 -11.42 -41.01
C ILE A 808 -50.88 -12.79 -40.42
N ASN A 809 -50.16 -12.83 -39.31
CA ASN A 809 -49.79 -14.10 -38.70
C ASN A 809 -50.94 -14.69 -37.94
N VAL A 810 -50.98 -16.03 -37.93
CA VAL A 810 -52.09 -16.84 -37.45
C VAL A 810 -51.52 -18.13 -36.97
N ASN A 811 -51.81 -18.52 -35.74
CA ASN A 811 -51.35 -19.81 -35.22
C ASN A 811 -52.52 -20.79 -35.08
N PRO A 812 -52.78 -21.57 -36.16
CA PRO A 812 -53.89 -22.50 -36.10
C PRO A 812 -53.68 -23.62 -35.09
N ASN A 813 -52.43 -23.85 -34.65
CA ASN A 813 -52.20 -24.91 -33.68
C ASN A 813 -53.10 -24.78 -32.45
N ALA A 814 -53.42 -23.56 -32.03
CA ALA A 814 -54.24 -23.36 -30.81
C ALA A 814 -55.71 -23.81 -30.93
N LEU A 815 -56.23 -23.95 -32.16
CA LEU A 815 -57.56 -24.51 -32.38
C LEU A 815 -57.71 -25.96 -31.92
N PHE A 816 -56.62 -26.71 -31.82
CA PHE A 816 -56.67 -28.13 -31.52
C PHE A 816 -55.89 -28.41 -30.25
N PRO A 817 -56.12 -29.59 -29.64
CA PRO A 817 -55.39 -29.85 -28.38
C PRO A 817 -53.89 -29.79 -28.58
N PRO A 818 -53.18 -29.35 -27.55
CA PRO A 818 -51.78 -29.08 -27.79
C PRO A 818 -51.02 -30.39 -28.05
N VAL A 819 -50.06 -30.34 -28.97
CA VAL A 819 -49.18 -31.46 -29.23
C VAL A 819 -48.16 -31.57 -28.08
N GLU A 820 -47.94 -32.77 -27.57
CA GLU A 820 -46.98 -32.97 -26.51
C GLU A 820 -45.55 -33.10 -27.07
N PHE A 821 -44.77 -32.02 -27.00
CA PHE A 821 -43.37 -32.07 -27.34
C PHE A 821 -42.58 -32.58 -26.16
N PRO A 822 -41.34 -33.10 -26.36
CA PRO A 822 -40.59 -33.33 -27.60
C PRO A 822 -41.30 -34.17 -28.65
N ALA A 823 -41.15 -33.82 -29.90
CA ALA A 823 -41.71 -34.58 -31.00
C ALA A 823 -41.12 -35.97 -31.02
N PRO A 824 -41.92 -36.94 -31.50
CA PRO A 824 -41.42 -38.28 -31.55
C PRO A 824 -40.30 -38.44 -32.56
N ARG A 825 -39.43 -39.42 -32.29
CA ARG A 825 -38.38 -39.86 -33.20
C ARG A 825 -38.92 -40.14 -34.56
N GLY A 826 -38.15 -39.80 -35.59
CA GLY A 826 -38.59 -40.05 -36.96
C GLY A 826 -39.56 -39.04 -37.52
N THR A 827 -39.87 -37.97 -36.79
CA THR A 827 -40.64 -36.86 -37.36
C THR A 827 -39.79 -36.35 -38.54
N PRO A 828 -40.37 -36.19 -39.73
CA PRO A 828 -39.55 -35.82 -40.90
C PRO A 828 -38.69 -34.60 -40.71
N LEU A 829 -37.53 -34.60 -41.38
CA LEU A 829 -36.61 -33.48 -41.34
C LEU A 829 -37.27 -32.35 -42.11
N ILE A 830 -37.03 -31.12 -41.65
CA ILE A 830 -37.50 -29.89 -42.29
C ILE A 830 -36.39 -29.21 -43.09
N SER A 831 -35.15 -29.23 -42.62
CA SER A 831 -34.04 -28.51 -43.32
C SER A 831 -33.96 -28.77 -44.84
N PRO A 832 -34.17 -30.01 -45.28
CA PRO A 832 -34.05 -30.22 -46.73
C PRO A 832 -35.12 -29.62 -47.59
N HIS A 833 -36.23 -29.17 -47.01
CA HIS A 833 -37.34 -28.59 -47.80
C HIS A 833 -37.39 -27.09 -47.76
N ILE A 834 -36.34 -26.49 -47.22
CA ILE A 834 -36.24 -25.04 -47.19
C ILE A 834 -35.60 -24.62 -48.50
N LYS A 835 -36.29 -23.82 -49.30
CA LYS A 835 -35.78 -23.44 -50.62
C LYS A 835 -35.55 -21.93 -50.65
N TRP A 836 -34.47 -21.53 -51.30
CA TRP A 836 -34.04 -20.15 -51.33
C TRP A 836 -34.25 -19.61 -52.73
N ASP A 837 -34.15 -18.30 -52.88
CA ASP A 837 -34.07 -17.68 -54.21
C ASP A 837 -32.59 -17.69 -54.58
N HIS A 838 -32.21 -18.66 -55.43
CA HIS A 838 -30.87 -18.79 -55.93
C HIS A 838 -30.67 -18.35 -57.38
N SER A 839 -31.44 -17.36 -57.79
CA SER A 839 -31.36 -16.86 -59.16
C SER A 839 -30.06 -16.11 -59.42
N GLN A 840 -29.48 -15.47 -58.41
CA GLN A 840 -28.21 -14.77 -58.58
C GLN A 840 -27.02 -15.75 -58.52
N THR A 841 -25.86 -15.26 -58.99
CA THR A 841 -24.62 -16.03 -58.98
C THR A 841 -23.43 -15.17 -58.53
N TRP A 842 -22.83 -15.52 -57.40
CA TRP A 842 -21.85 -14.68 -56.72
C TRP A 842 -20.44 -15.18 -56.98
N ASP A 843 -19.44 -14.31 -56.79
CA ASP A 843 -18.07 -14.67 -57.07
C ASP A 843 -17.58 -15.68 -56.10
N VAL A 844 -16.62 -16.47 -56.51
CA VAL A 844 -15.98 -17.47 -55.68
C VAL A 844 -14.51 -17.41 -56.03
N PRO A 845 -13.64 -17.31 -55.01
CA PRO A 845 -12.22 -17.37 -55.33
C PRO A 845 -11.81 -18.63 -56.09
N VAL A 846 -10.79 -18.49 -56.92
CA VAL A 846 -10.28 -19.59 -57.73
C VAL A 846 -8.79 -19.82 -57.44
N ALA A 847 -8.25 -20.94 -57.86
CA ALA A 847 -6.84 -21.26 -57.54
C ALA A 847 -5.89 -20.16 -58.01
N GLU A 848 -6.20 -19.56 -59.16
CA GLU A 848 -5.38 -18.49 -59.76
C GLU A 848 -5.32 -17.23 -58.89
N ASP A 849 -6.26 -17.05 -57.97
CA ASP A 849 -6.23 -15.92 -57.03
C ASP A 849 -5.18 -16.04 -55.94
N PHE A 850 -4.50 -17.18 -55.82
CA PHE A 850 -3.45 -17.36 -54.81
C PHE A 850 -2.06 -17.47 -55.44
N PRO A 851 -1.01 -17.11 -54.68
CA PRO A 851 0.38 -17.21 -55.19
C PRO A 851 0.83 -18.63 -55.63
N ASN A 852 1.85 -18.74 -56.51
CA ASN A 852 2.40 -20.04 -57.01
C ASN A 852 3.91 -20.09 -57.29
N SER B 1 -18.28 -21.04 -7.43
CA SER B 1 -17.64 -20.45 -6.23
C SER B 1 -16.22 -21.02 -6.12
N GLU B 2 -15.28 -20.24 -6.67
CA GLU B 2 -13.82 -20.46 -6.54
C GLU B 2 -13.13 -19.15 -6.95
N GLU B 3 -12.24 -18.59 -6.11
CA GLU B 3 -11.70 -17.24 -6.34
C GLU B 3 -10.58 -17.23 -7.38
N VAL B 4 -10.71 -16.37 -8.40
CA VAL B 4 -9.78 -16.35 -9.52
C VAL B 4 -8.93 -15.09 -9.48
N VAL B 5 -7.61 -15.24 -9.53
CA VAL B 5 -6.69 -14.09 -9.50
C VAL B 5 -5.80 -13.99 -10.72
N ILE B 6 -5.38 -12.77 -11.04
CA ILE B 6 -4.38 -12.55 -12.04
C ILE B 6 -3.08 -12.61 -11.28
N ALA B 7 -2.28 -13.61 -11.61
CA ALA B 7 -1.08 -13.95 -10.86
C ALA B 7 0.21 -13.45 -11.45
N GLY B 8 0.28 -13.35 -12.75
CA GLY B 8 1.55 -13.10 -13.44
C GLY B 8 1.30 -12.47 -14.78
N MET B 9 2.22 -11.66 -15.26
CA MET B 9 2.05 -11.06 -16.57
C MET B 9 3.38 -10.77 -17.22
N SER B 10 3.35 -10.71 -18.54
CA SER B 10 4.47 -10.25 -19.30
C SER B 10 4.00 -9.78 -20.65
N GLY B 11 4.85 -9.10 -21.38
CA GLY B 11 4.51 -8.75 -22.74
C GLY B 11 5.49 -7.90 -23.52
N LYS B 12 5.21 -7.74 -24.82
CA LYS B 12 5.95 -6.87 -25.71
C LYS B 12 4.99 -5.90 -26.38
N LEU B 13 5.29 -4.61 -26.31
CA LEU B 13 4.37 -3.58 -26.80
C LEU B 13 5.14 -2.61 -27.66
N PRO B 14 4.43 -1.77 -28.43
CA PRO B 14 5.12 -0.83 -29.28
C PRO B 14 6.17 -0.05 -28.53
N GLU B 15 7.38 -0.07 -29.08
CA GLU B 15 8.59 0.49 -28.48
C GLU B 15 8.97 -0.06 -27.10
N SER B 16 8.45 -1.21 -26.69
CA SER B 16 8.62 -1.66 -25.30
C SER B 16 8.91 -3.14 -25.30
N GLU B 17 10.18 -3.49 -25.09
CA GLU B 17 10.63 -4.89 -25.15
C GLU B 17 10.11 -5.74 -23.98
N ASN B 18 9.73 -5.12 -22.85
CA ASN B 18 9.07 -5.78 -21.75
C ASN B 18 8.13 -4.80 -21.02
N LEU B 19 7.44 -5.25 -19.98
CA LEU B 19 6.50 -4.38 -19.29
C LEU B 19 7.16 -3.25 -18.47
N GLN B 20 8.43 -3.39 -18.07
CA GLN B 20 9.16 -2.27 -17.44
C GLN B 20 9.29 -1.11 -18.42
N GLU B 21 9.70 -1.43 -19.65
CA GLU B 21 9.81 -0.42 -20.69
C GLU B 21 8.44 0.15 -21.03
N PHE B 22 7.41 -0.69 -21.03
CA PHE B 22 6.06 -0.24 -21.31
C PHE B 22 5.62 0.78 -20.27
N TRP B 23 5.89 0.47 -19.01
CA TRP B 23 5.54 1.38 -17.91
C TRP B 23 6.25 2.71 -18.03
N ALA B 24 7.56 2.64 -18.28
CA ALA B 24 8.38 3.83 -18.43
C ALA B 24 7.76 4.78 -19.47
N ASN B 25 7.39 4.22 -20.64
CA ASN B 25 6.72 4.98 -21.68
C ASN B 25 5.35 5.49 -21.25
N LEU B 26 4.59 4.66 -20.56
CA LEU B 26 3.23 5.06 -20.13
C LEU B 26 3.24 6.28 -19.19
N ILE B 27 3.94 6.13 -18.07
CA ILE B 27 3.95 7.13 -17.01
C ILE B 27 4.74 8.33 -17.48
N GLY B 28 5.73 8.09 -18.34
CA GLY B 28 6.48 9.14 -18.99
C GLY B 28 5.79 9.90 -20.12
N GLY B 29 4.60 9.49 -20.51
CA GLY B 29 3.90 10.17 -21.59
C GLY B 29 4.59 10.10 -22.95
N VAL B 30 5.33 9.03 -23.21
CA VAL B 30 5.96 8.78 -24.50
C VAL B 30 4.93 8.16 -25.45
N ASP B 31 4.78 8.74 -26.63
CA ASP B 31 3.93 8.19 -27.68
C ASP B 31 4.74 7.04 -28.29
N MET B 32 4.18 5.85 -28.23
CA MET B 32 4.84 4.62 -28.69
C MET B 32 4.52 4.32 -30.16
N VAL B 33 3.61 5.10 -30.72
CA VAL B 33 3.33 5.04 -32.15
C VAL B 33 4.47 5.73 -32.91
N THR B 34 4.94 5.14 -33.98
CA THR B 34 6.08 5.67 -34.74
C THR B 34 5.79 5.66 -36.22
N ASP B 35 6.68 6.26 -37.01
CA ASP B 35 6.46 6.40 -38.46
C ASP B 35 7.64 5.95 -39.31
N ASP B 36 8.48 5.08 -38.79
CA ASP B 36 9.59 4.55 -39.56
C ASP B 36 9.10 3.44 -40.52
N ASP B 37 10.01 2.87 -41.29
CA ASP B 37 9.71 1.93 -42.38
C ASP B 37 9.86 0.46 -41.96
N ARG B 38 9.65 0.17 -40.67
CA ARG B 38 9.97 -1.16 -40.16
C ARG B 38 9.28 -2.33 -40.86
N ARG B 39 8.00 -2.15 -41.17
CA ARG B 39 7.21 -3.20 -41.78
C ARG B 39 7.01 -2.96 -43.27
N TRP B 40 6.83 -1.71 -43.64
CA TRP B 40 6.64 -1.34 -45.02
C TRP B 40 6.91 0.17 -45.21
N LYS B 41 7.22 0.60 -46.45
CA LYS B 41 7.57 2.01 -46.72
C LYS B 41 6.44 2.85 -46.19
N ALA B 42 6.71 3.73 -45.24
CA ALA B 42 5.62 4.45 -44.59
C ALA B 42 4.89 5.31 -45.62
N GLY B 43 3.58 5.17 -45.73
CA GLY B 43 2.79 5.86 -46.74
C GLY B 43 2.32 4.98 -47.88
N LEU B 44 2.96 3.83 -48.06
CA LEU B 44 2.53 2.85 -49.07
C LEU B 44 1.03 2.74 -49.22
N TYR B 45 0.58 2.70 -50.47
CA TYR B 45 -0.86 2.66 -50.81
C TYR B 45 -1.68 3.76 -50.12
N GLY B 46 -1.05 4.87 -49.77
CA GLY B 46 -1.76 5.96 -49.09
C GLY B 46 -2.14 5.68 -47.66
N LEU B 47 -1.46 4.70 -47.03
CA LEU B 47 -1.76 4.30 -45.66
C LEU B 47 -1.22 5.31 -44.69
N PRO B 48 -1.76 5.33 -43.47
CA PRO B 48 -1.14 6.21 -42.50
C PRO B 48 0.32 5.91 -42.34
N LYS B 49 1.14 6.89 -42.06
CA LYS B 49 2.57 6.64 -41.82
C LYS B 49 2.82 6.07 -40.43
N ARG B 50 1.87 6.28 -39.51
CA ARG B 50 2.04 5.95 -38.11
C ARG B 50 1.33 4.65 -37.74
N SER B 51 2.04 3.78 -37.03
CA SER B 51 1.48 2.55 -36.49
C SER B 51 2.30 2.20 -35.25
N GLY B 52 1.71 1.52 -34.25
CA GLY B 52 2.49 1.05 -33.09
C GLY B 52 3.25 -0.25 -33.40
N LYS B 53 4.57 -0.28 -33.30
CA LYS B 53 5.31 -1.49 -33.70
C LYS B 53 6.31 -2.00 -32.65
N LEU B 54 6.46 -3.31 -32.59
CA LEU B 54 7.44 -3.93 -31.71
C LEU B 54 8.87 -3.59 -32.17
N LYS B 55 9.79 -3.45 -31.21
CA LYS B 55 11.19 -3.21 -31.53
C LYS B 55 11.78 -4.31 -32.39
N ASP B 56 11.46 -5.55 -32.08
CA ASP B 56 12.03 -6.67 -32.82
C ASP B 56 11.10 -7.90 -32.94
N LEU B 57 11.19 -8.60 -34.09
CA LEU B 57 10.51 -9.88 -34.36
C LEU B 57 11.43 -11.07 -34.66
N SER B 58 12.73 -10.80 -34.80
CA SER B 58 13.67 -11.80 -35.23
C SER B 58 14.31 -12.64 -34.11
N LYS B 59 14.10 -12.30 -32.84
CA LYS B 59 14.68 -13.07 -31.75
C LYS B 59 13.76 -14.11 -31.14
N PHE B 60 14.35 -15.26 -30.83
CA PHE B 60 13.66 -16.39 -30.27
C PHE B 60 14.68 -17.43 -29.80
N ASP B 61 14.70 -17.70 -28.51
CA ASP B 61 15.57 -18.70 -27.93
C ASP B 61 15.03 -20.07 -28.28
N ALA B 62 15.27 -20.47 -29.50
CA ALA B 62 14.66 -21.67 -30.05
C ALA B 62 15.00 -22.93 -29.29
N SER B 63 16.26 -23.09 -28.91
CA SER B 63 16.67 -24.36 -28.36
C SER B 63 16.06 -24.56 -26.96
N PHE B 64 15.81 -23.48 -26.21
CA PHE B 64 15.11 -23.61 -24.93
C PHE B 64 13.73 -24.23 -25.08
N PHE B 65 13.05 -23.88 -26.18
CA PHE B 65 11.67 -24.34 -26.45
C PHE B 65 11.57 -25.59 -27.30
N GLY B 66 12.71 -26.16 -27.65
CA GLY B 66 12.75 -27.48 -28.26
C GLY B 66 12.44 -27.40 -29.74
N VAL B 67 12.80 -26.28 -30.36
CA VAL B 67 12.40 -26.01 -31.72
C VAL B 67 13.65 -26.00 -32.55
N HIS B 68 13.68 -26.84 -33.59
CA HIS B 68 14.90 -27.00 -34.39
C HIS B 68 14.95 -25.83 -35.37
N PRO B 69 16.16 -25.45 -35.82
CA PRO B 69 16.25 -24.16 -36.58
C PRO B 69 15.39 -24.09 -37.85
N LYS B 70 15.18 -25.20 -38.53
CA LYS B 70 14.35 -25.22 -39.70
C LYS B 70 12.89 -24.88 -39.34
N GLN B 71 12.40 -25.35 -38.19
CA GLN B 71 11.05 -25.06 -37.73
C GLN B 71 10.93 -23.58 -37.26
N ALA B 72 11.93 -23.09 -36.56
CA ALA B 72 11.94 -21.70 -36.09
C ALA B 72 11.85 -20.69 -37.23
N HIS B 73 12.60 -20.90 -38.31
CA HIS B 73 12.54 -19.97 -39.45
C HIS B 73 11.16 -19.94 -40.12
N THR B 74 10.37 -21.00 -39.94
CA THR B 74 9.01 -21.05 -40.47
C THR B 74 7.91 -20.97 -39.38
N MET B 75 8.23 -20.41 -38.22
CA MET B 75 7.23 -20.10 -37.21
C MET B 75 6.73 -18.69 -37.34
N ASP B 76 5.43 -18.52 -37.12
CA ASP B 76 4.83 -17.20 -37.01
C ASP B 76 5.61 -16.46 -35.92
N PRO B 77 6.16 -15.29 -36.22
CA PRO B 77 6.81 -14.60 -35.13
C PRO B 77 5.87 -14.33 -33.94
N GLN B 78 4.55 -14.21 -34.17
CA GLN B 78 3.56 -14.19 -33.05
C GLN B 78 3.84 -15.32 -32.07
N LEU B 79 4.03 -16.52 -32.57
CA LEU B 79 4.16 -17.70 -31.70
C LEU B 79 5.52 -17.79 -31.00
N ARG B 80 6.57 -17.43 -31.71
CA ARG B 80 7.91 -17.39 -31.14
C ARG B 80 7.94 -16.41 -29.95
N LEU B 81 7.38 -15.22 -30.16
CA LEU B 81 7.36 -14.23 -29.12
C LEU B 81 6.42 -14.67 -27.98
N LEU B 82 5.28 -15.25 -28.32
CA LEU B 82 4.33 -15.67 -27.28
C LEU B 82 4.87 -16.80 -26.39
N LEU B 83 5.76 -17.64 -26.91
CA LEU B 83 6.36 -18.71 -26.08
C LEU B 83 7.20 -18.10 -24.96
N GLU B 84 8.10 -17.19 -25.34
CA GLU B 84 8.92 -16.43 -24.37
C GLU B 84 8.02 -15.68 -23.41
N VAL B 85 7.08 -14.91 -23.95
CA VAL B 85 6.27 -14.03 -23.14
C VAL B 85 5.42 -14.87 -22.15
N SER B 86 4.92 -16.02 -22.61
CA SER B 86 4.17 -16.92 -21.76
C SER B 86 5.00 -17.42 -20.61
N TYR B 87 6.24 -17.90 -20.89
CA TYR B 87 7.16 -18.36 -19.83
C TYR B 87 7.40 -17.22 -18.84
N GLU B 88 7.70 -16.04 -19.38
CA GLU B 88 7.92 -14.85 -18.55
C GLU B 88 6.69 -14.61 -17.67
N ALA B 89 5.49 -14.75 -18.22
CA ALA B 89 4.27 -14.52 -17.44
C ALA B 89 4.07 -15.50 -16.30
N ILE B 90 4.42 -16.75 -16.52
CA ILE B 90 4.25 -17.76 -15.49
C ILE B 90 5.24 -17.54 -14.34
N VAL B 91 6.52 -17.35 -14.66
CA VAL B 91 7.49 -17.09 -13.61
C VAL B 91 7.29 -15.75 -12.91
N ASP B 92 6.74 -14.76 -13.61
CA ASP B 92 6.40 -13.46 -12.98
C ASP B 92 5.48 -13.65 -11.79
N GLY B 93 4.65 -14.70 -11.84
CA GLY B 93 3.76 -15.05 -10.74
C GLY B 93 4.45 -15.76 -9.57
N GLY B 94 5.73 -16.09 -9.75
CA GLY B 94 6.53 -16.75 -8.76
C GLY B 94 6.25 -18.22 -8.75
N ILE B 95 5.84 -18.73 -9.90
CA ILE B 95 5.44 -20.13 -10.09
C ILE B 95 6.42 -20.83 -11.04
N ASN B 96 6.98 -21.97 -10.60
CA ASN B 96 7.92 -22.72 -11.41
C ASN B 96 7.01 -23.46 -12.40
N PRO B 97 7.23 -23.26 -13.71
CA PRO B 97 6.35 -23.93 -14.68
C PRO B 97 6.26 -25.47 -14.51
N ALA B 98 7.35 -26.08 -14.04
CA ALA B 98 7.39 -27.51 -13.74
C ALA B 98 6.25 -27.92 -12.83
N SER B 99 5.92 -27.09 -11.84
CA SER B 99 4.82 -27.42 -10.95
C SER B 99 3.44 -27.45 -11.60
N LEU B 100 3.31 -26.90 -12.82
CA LEU B 100 2.06 -26.98 -13.55
C LEU B 100 2.05 -28.04 -14.67
N ARG B 101 3.22 -28.63 -14.96
CA ARG B 101 3.29 -29.71 -15.94
C ARG B 101 2.36 -30.84 -15.57
N GLY B 102 1.60 -31.32 -16.53
CA GLY B 102 0.68 -32.39 -16.29
C GLY B 102 -0.61 -32.03 -15.63
N THR B 103 -0.79 -30.77 -15.24
CA THR B 103 -2.05 -30.33 -14.63
C THR B 103 -3.07 -30.08 -15.72
N ASN B 104 -4.32 -29.86 -15.31
CA ASN B 104 -5.39 -29.52 -16.23
C ASN B 104 -5.49 -27.96 -16.43
N THR B 105 -4.31 -27.32 -16.42
CA THR B 105 -4.17 -25.92 -16.76
C THR B 105 -4.56 -25.70 -18.20
N GLY B 106 -5.36 -24.63 -18.43
CA GLY B 106 -5.91 -24.29 -19.76
C GLY B 106 -5.07 -23.21 -20.47
N VAL B 107 -5.27 -23.07 -21.76
CA VAL B 107 -4.65 -22.02 -22.55
C VAL B 107 -5.68 -21.44 -23.48
N TRP B 108 -5.85 -20.13 -23.44
CA TRP B 108 -6.75 -19.46 -24.34
C TRP B 108 -5.98 -18.31 -24.94
N VAL B 109 -5.98 -18.22 -26.26
CA VAL B 109 -5.27 -17.16 -26.96
C VAL B 109 -6.21 -16.41 -27.87
N GLY B 110 -6.29 -15.11 -27.70
CA GLY B 110 -7.01 -14.22 -28.62
C GLY B 110 -6.10 -13.81 -29.76
N VAL B 111 -6.50 -14.12 -30.99
CA VAL B 111 -5.67 -13.92 -32.19
C VAL B 111 -6.59 -13.81 -33.43
N SER B 112 -6.27 -12.86 -34.29
CA SER B 112 -7.11 -12.47 -35.44
C SER B 112 -6.46 -12.60 -36.79
N GLY B 113 -5.16 -12.90 -36.84
CA GLY B 113 -4.44 -12.91 -38.08
C GLY B 113 -3.33 -13.91 -38.12
N SER B 114 -3.04 -14.38 -39.33
CA SER B 114 -2.05 -15.39 -39.57
C SER B 114 -1.34 -14.98 -40.87
N GLU B 115 -0.81 -13.78 -40.87
CA GLU B 115 -0.19 -13.24 -42.06
C GLU B 115 1.08 -14.02 -42.40
N ALA B 116 1.81 -14.49 -41.38
CA ALA B 116 2.96 -15.37 -41.61
C ALA B 116 2.61 -16.64 -42.36
N SER B 117 1.49 -17.23 -42.01
CA SER B 117 0.95 -18.36 -42.73
C SER B 117 0.86 -18.07 -44.22
N GLU B 118 0.32 -16.91 -44.59
CA GLU B 118 0.18 -16.56 -46.01
C GLU B 118 1.53 -16.47 -46.68
N ALA B 119 2.43 -15.78 -46.02
CA ALA B 119 3.75 -15.54 -46.55
C ALA B 119 4.49 -16.84 -46.76
N LEU B 120 4.57 -17.67 -45.70
CA LEU B 120 5.34 -18.93 -45.74
C LEU B 120 4.75 -20.04 -46.60
N SER B 121 3.51 -19.88 -47.04
CA SER B 121 2.89 -20.84 -47.94
C SER B 121 2.72 -20.31 -49.37
N ARG B 122 3.42 -19.22 -49.71
CA ARG B 122 3.23 -18.58 -51.01
C ARG B 122 3.76 -19.36 -52.19
N ASP B 123 4.76 -20.22 -51.98
CA ASP B 123 5.41 -20.94 -53.08
C ASP B 123 5.38 -22.46 -52.86
N PRO B 124 4.49 -23.18 -53.55
CA PRO B 124 4.37 -24.63 -53.45
C PRO B 124 5.67 -25.37 -53.62
N GLU B 125 6.53 -24.87 -54.51
CA GLU B 125 7.79 -25.54 -54.80
C GLU B 125 8.67 -25.62 -53.55
N THR B 126 8.83 -24.51 -52.86
CA THR B 126 9.83 -24.37 -51.79
C THR B 126 9.29 -24.32 -50.33
N LEU B 127 7.96 -24.38 -50.14
CA LEU B 127 7.40 -24.24 -48.80
C LEU B 127 7.63 -25.50 -48.01
N LEU B 128 7.60 -25.36 -46.69
CA LEU B 128 7.83 -26.48 -45.82
C LEU B 128 6.52 -26.85 -45.18
N GLY B 129 6.34 -28.13 -44.97
CA GLY B 129 5.22 -28.63 -44.18
C GLY B 129 5.24 -28.04 -42.79
N TYR B 130 6.42 -27.73 -42.25
CA TYR B 130 6.52 -27.14 -40.93
C TYR B 130 5.79 -25.82 -40.80
N SER B 131 5.58 -25.11 -41.89
CA SER B 131 4.88 -23.83 -41.86
C SER B 131 3.49 -23.94 -41.25
N MET B 132 2.78 -25.01 -41.55
CA MET B 132 1.49 -25.31 -40.93
C MET B 132 1.60 -25.44 -39.43
N VAL B 133 2.56 -26.23 -38.96
CA VAL B 133 2.70 -26.48 -37.50
C VAL B 133 3.11 -25.24 -36.73
N GLY B 134 3.75 -24.29 -37.42
CA GLY B 134 4.22 -23.06 -36.80
C GLY B 134 3.39 -21.84 -37.11
N CYS B 135 2.34 -21.97 -37.94
CA CYS B 135 1.51 -20.82 -38.34
C CYS B 135 0.02 -20.98 -38.28
N GLN B 136 -0.52 -22.20 -38.37
CA GLN B 136 -1.97 -22.37 -38.24
C GLN B 136 -2.43 -21.81 -36.91
N ARG B 137 -3.54 -21.10 -36.95
CA ARG B 137 -3.98 -20.35 -35.80
C ARG B 137 -4.17 -21.18 -34.51
N ALA B 138 -4.66 -22.40 -34.63
CA ALA B 138 -4.81 -23.26 -33.45
C ALA B 138 -3.49 -23.44 -32.72
N MET B 139 -2.38 -23.39 -33.45
CA MET B 139 -1.05 -23.60 -32.88
C MET B 139 -0.61 -22.47 -31.98
N MET B 140 -1.15 -21.28 -32.13
CA MET B 140 -0.85 -20.18 -31.21
C MET B 140 -1.19 -20.60 -29.77
N ALA B 141 -2.19 -21.47 -29.61
CA ALA B 141 -2.48 -22.08 -28.30
C ALA B 141 -1.93 -23.49 -28.12
N ASN B 142 -2.06 -24.33 -29.13
CA ASN B 142 -1.67 -25.73 -29.02
C ASN B 142 -0.15 -25.92 -28.78
N ARG B 143 0.71 -25.11 -29.39
CA ARG B 143 2.17 -25.19 -29.14
C ARG B 143 2.53 -24.76 -27.74
N LEU B 144 1.76 -23.84 -27.17
CA LEU B 144 1.95 -23.50 -25.77
C LEU B 144 1.58 -24.70 -24.92
N SER B 145 0.42 -25.30 -25.16
CA SER B 145 -0.03 -26.45 -24.37
C SER B 145 1.03 -27.58 -24.47
N PHE B 146 1.63 -27.73 -25.64
CA PHE B 146 2.65 -28.76 -25.89
C PHE B 146 3.94 -28.52 -25.12
N PHE B 147 4.44 -27.28 -25.10
CA PHE B 147 5.68 -26.96 -24.39
C PHE B 147 5.55 -27.03 -22.88
N PHE B 148 4.54 -26.39 -22.31
CA PHE B 148 4.32 -26.35 -20.87
C PHE B 148 3.66 -27.60 -20.27
N ASP B 149 3.21 -28.52 -21.13
CA ASP B 149 2.47 -29.74 -20.74
C ASP B 149 1.21 -29.38 -20.03
N PHE B 150 0.45 -28.43 -20.57
CA PHE B 150 -0.85 -28.06 -20.02
C PHE B 150 -1.94 -28.87 -20.70
N LYS B 151 -2.66 -29.67 -19.92
CA LYS B 151 -3.60 -30.64 -20.42
C LYS B 151 -5.05 -30.20 -20.31
N GLY B 152 -5.31 -28.97 -19.86
CA GLY B 152 -6.67 -28.43 -19.90
C GLY B 152 -6.98 -28.02 -21.33
N PRO B 153 -8.08 -27.31 -21.53
CA PRO B 153 -8.46 -26.81 -22.86
C PRO B 153 -7.36 -26.00 -23.51
N SER B 154 -7.26 -26.03 -24.84
CA SER B 154 -6.22 -25.27 -25.56
C SER B 154 -6.88 -24.71 -26.80
N ILE B 155 -7.21 -23.43 -26.76
CA ILE B 155 -8.17 -22.86 -27.68
C ILE B 155 -7.65 -21.56 -28.22
N ALA B 156 -7.68 -21.38 -29.53
CA ALA B 156 -7.38 -20.10 -30.12
C ALA B 156 -8.72 -19.50 -30.49
N LEU B 157 -8.92 -18.23 -30.18
CA LEU B 157 -10.22 -17.65 -30.48
C LEU B 157 -10.20 -16.24 -31.03
N ASP B 158 -11.15 -15.98 -31.91
CA ASP B 158 -11.26 -14.73 -32.63
C ASP B 158 -12.64 -14.13 -32.44
N THR B 159 -12.67 -12.99 -31.77
CA THR B 159 -13.85 -12.12 -31.80
C THR B 159 -13.42 -10.74 -32.20
N ALA B 160 -12.42 -10.66 -33.07
CA ALA B 160 -11.81 -9.40 -33.45
C ALA B 160 -11.26 -8.68 -32.24
N CYS B 161 -11.52 -7.39 -32.04
CA CYS B 161 -10.78 -6.61 -31.06
C CYS B 161 -10.93 -7.08 -29.62
N SER B 162 -12.03 -7.78 -29.32
CA SER B 162 -12.29 -8.27 -27.96
C SER B 162 -11.70 -9.64 -27.64
N SER B 163 -10.90 -10.19 -28.54
CA SER B 163 -10.51 -11.59 -28.47
C SER B 163 -9.74 -11.96 -27.19
N SER B 164 -8.75 -11.15 -26.83
CA SER B 164 -7.94 -11.47 -25.70
C SER B 164 -8.70 -11.28 -24.37
N LEU B 165 -9.63 -10.33 -24.29
CA LEU B 165 -10.35 -10.14 -23.04
C LEU B 165 -11.44 -11.18 -22.96
N LEU B 166 -11.98 -11.56 -24.11
CA LEU B 166 -12.84 -12.75 -24.16
C LEU B 166 -12.07 -13.99 -23.66
N ALA B 167 -10.84 -14.15 -24.13
CA ALA B 167 -10.01 -15.25 -23.71
C ALA B 167 -9.85 -15.23 -22.21
N LEU B 168 -9.67 -14.04 -21.64
CA LEU B 168 -9.49 -13.94 -20.20
C LEU B 168 -10.77 -14.38 -19.48
N GLN B 169 -11.89 -13.96 -20.04
CA GLN B 169 -13.17 -14.24 -19.48
C GLN B 169 -13.51 -15.74 -19.54
N ASN B 170 -13.22 -16.37 -20.67
CA ASN B 170 -13.34 -17.83 -20.78
C ASN B 170 -12.48 -18.57 -19.74
N ALA B 171 -11.23 -18.18 -19.61
CA ALA B 171 -10.30 -18.77 -18.61
C ALA B 171 -10.84 -18.57 -17.19
N TYR B 172 -11.29 -17.35 -16.92
CA TYR B 172 -11.88 -17.03 -15.63
C TYR B 172 -13.02 -18.01 -15.33
N GLN B 173 -13.96 -18.19 -16.27
CA GLN B 173 -15.08 -19.13 -16.08
C GLN B 173 -14.59 -20.55 -15.80
N ALA B 174 -13.54 -20.99 -16.49
CA ALA B 174 -12.98 -22.35 -16.34
C ALA B 174 -12.38 -22.58 -14.96
N ILE B 175 -11.70 -21.58 -14.43
CA ILE B 175 -11.14 -21.67 -13.08
C ILE B 175 -12.22 -21.58 -12.01
N ARG B 176 -13.14 -20.65 -12.19
CA ARG B 176 -14.26 -20.46 -11.29
C ARG B 176 -15.06 -21.74 -11.08
N SER B 177 -15.28 -22.45 -12.16
CA SER B 177 -16.12 -23.63 -12.16
C SER B 177 -15.38 -24.87 -11.65
N GLY B 178 -14.08 -24.78 -11.39
CA GLY B 178 -13.30 -25.95 -11.03
C GLY B 178 -12.74 -26.76 -12.19
N GLU B 179 -13.05 -26.44 -13.46
CA GLU B 179 -12.44 -27.16 -14.59
C GLU B 179 -10.91 -27.09 -14.59
N CYS B 180 -10.36 -25.92 -14.26
CA CYS B 180 -8.93 -25.68 -14.34
C CYS B 180 -8.41 -25.06 -13.07
N PRO B 181 -7.22 -25.46 -12.63
CA PRO B 181 -6.62 -24.83 -11.47
C PRO B 181 -5.96 -23.49 -11.85
N ALA B 182 -5.68 -23.31 -13.14
CA ALA B 182 -4.93 -22.18 -13.63
C ALA B 182 -5.13 -22.08 -15.14
N ALA B 183 -4.76 -20.95 -15.72
CA ALA B 183 -4.89 -20.73 -17.14
C ALA B 183 -3.83 -19.78 -17.63
N LEU B 184 -3.24 -20.08 -18.77
CA LEU B 184 -2.39 -19.13 -19.48
C LEU B 184 -3.27 -18.43 -20.49
N VAL B 185 -3.26 -17.11 -20.52
CA VAL B 185 -4.13 -16.36 -21.42
C VAL B 185 -3.28 -15.42 -22.25
N GLY B 186 -3.47 -15.44 -23.56
CA GLY B 186 -2.59 -14.71 -24.48
C GLY B 186 -3.33 -13.80 -25.43
N GLY B 187 -2.66 -12.75 -25.90
CA GLY B 187 -3.17 -11.90 -26.96
C GLY B 187 -2.05 -11.50 -27.90
N ILE B 188 -2.24 -11.65 -29.22
CA ILE B 188 -1.22 -11.37 -30.21
C ILE B 188 -1.72 -10.68 -31.47
N ASN B 189 -0.91 -9.75 -31.97
CA ASN B 189 -1.20 -9.05 -33.21
C ASN B 189 0.09 -8.52 -33.82
N LEU B 190 0.26 -8.73 -35.12
CA LEU B 190 1.38 -8.14 -35.89
C LEU B 190 0.90 -7.44 -37.16
N LEU B 191 1.64 -6.44 -37.59
CA LEU B 191 1.37 -5.71 -38.84
C LEU B 191 2.43 -6.12 -39.84
N LEU B 192 2.24 -7.25 -40.51
CA LEU B 192 3.20 -7.70 -41.52
C LEU B 192 2.75 -7.44 -42.95
N LYS B 193 1.44 -7.52 -43.18
CA LYS B 193 0.87 -7.42 -44.52
C LYS B 193 0.19 -6.05 -44.69
N PRO B 194 0.71 -5.20 -45.59
CA PRO B 194 0.11 -3.88 -45.79
C PRO B 194 -1.33 -3.96 -46.25
N ASN B 195 -1.63 -4.92 -47.13
CA ASN B 195 -2.99 -5.10 -47.69
C ASN B 195 -4.05 -5.06 -46.58
N THR B 196 -3.76 -5.68 -45.45
CA THR B 196 -4.63 -5.67 -44.26
C THR B 196 -4.97 -4.24 -43.78
N SER B 197 -3.95 -3.40 -43.63
CA SER B 197 -4.18 -2.01 -43.28
C SER B 197 -5.08 -1.32 -44.34
N VAL B 198 -4.86 -1.65 -45.61
CA VAL B 198 -5.63 -1.07 -46.70
C VAL B 198 -7.11 -1.41 -46.53
N GLN B 199 -7.42 -2.64 -46.17
CA GLN B 199 -8.83 -3.02 -45.94
C GLN B 199 -9.45 -2.16 -44.85
N PHE B 200 -8.73 -1.94 -43.77
CA PHE B 200 -9.25 -1.13 -42.68
C PHE B 200 -9.36 0.32 -43.10
N MET B 201 -8.40 0.79 -43.91
CA MET B 201 -8.43 2.16 -44.41
C MET B 201 -9.68 2.37 -45.24
N LYS B 202 -9.91 1.48 -46.20
CA LYS B 202 -11.11 1.59 -47.00
C LYS B 202 -12.42 1.49 -46.22
N LEU B 203 -12.46 0.76 -45.11
CA LEU B 203 -13.66 0.79 -44.22
C LEU B 203 -13.78 2.07 -43.43
N GLY B 204 -12.79 2.95 -43.49
CA GLY B 204 -12.87 4.18 -42.74
C GLY B 204 -12.68 4.00 -41.25
N MET B 205 -11.96 2.96 -40.83
CA MET B 205 -11.68 2.74 -39.41
C MET B 205 -10.37 3.40 -38.94
N LEU B 206 -9.42 3.63 -39.85
CA LEU B 206 -8.11 4.17 -39.48
C LEU B 206 -8.08 5.67 -39.58
N SER B 207 -7.52 6.33 -38.57
CA SER B 207 -7.22 7.74 -38.65
C SER B 207 -6.01 7.99 -39.56
N PRO B 208 -6.11 8.98 -40.47
CA PRO B 208 -4.95 9.35 -41.32
C PRO B 208 -3.70 9.71 -40.53
N ASP B 209 -3.91 10.48 -39.47
CA ASP B 209 -2.89 10.78 -38.49
C ASP B 209 -2.30 9.60 -37.67
N GLY B 210 -2.78 8.37 -37.87
CA GLY B 210 -2.29 7.24 -37.13
C GLY B 210 -2.29 7.45 -35.61
N THR B 211 -3.42 7.88 -35.05
CA THR B 211 -3.50 8.19 -33.63
C THR B 211 -4.85 7.88 -33.05
N CYS B 212 -4.88 7.23 -31.88
CA CYS B 212 -6.16 7.02 -31.17
C CYS B 212 -6.31 8.18 -30.19
N ARG B 213 -7.09 9.17 -30.60
CA ARG B 213 -7.37 10.31 -29.74
C ARG B 213 -8.58 9.99 -28.89
N SER B 214 -8.39 9.02 -28.02
CA SER B 214 -9.42 8.61 -27.11
C SER B 214 -10.13 9.80 -26.47
N PHE B 215 -11.44 9.87 -26.74
CA PHE B 215 -12.40 10.77 -26.08
C PHE B 215 -12.38 12.21 -26.61
N ASP B 216 -11.49 12.50 -27.54
CA ASP B 216 -11.26 13.87 -27.99
C ASP B 216 -12.16 14.16 -29.16
N ASP B 217 -12.63 15.40 -29.24
CA ASP B 217 -13.43 15.89 -30.37
C ASP B 217 -12.79 15.64 -31.75
N SER B 218 -11.47 15.65 -31.83
CA SER B 218 -10.79 15.48 -33.10
C SER B 218 -10.50 14.01 -33.51
N GLY B 219 -11.09 13.05 -32.79
CA GLY B 219 -10.94 11.64 -33.15
C GLY B 219 -11.54 11.31 -34.50
N SER B 220 -10.77 10.60 -35.30
CA SER B 220 -11.11 10.25 -36.67
C SER B 220 -10.69 8.81 -37.04
N GLY B 221 -10.66 7.90 -36.06
CA GLY B 221 -10.29 6.51 -36.33
C GLY B 221 -9.14 6.05 -35.49
N TYR B 222 -8.72 4.81 -35.67
CA TYR B 222 -7.72 4.23 -34.81
C TYR B 222 -6.38 4.01 -35.51
N CYS B 223 -5.36 3.86 -34.66
CA CYS B 223 -4.00 3.56 -35.05
C CYS B 223 -3.77 2.06 -34.92
N ARG B 224 -3.36 1.39 -36.00
CA ARG B 224 -3.04 -0.03 -35.89
C ARG B 224 -1.75 -0.24 -35.10
N SER B 225 -1.77 -1.21 -34.18
CA SER B 225 -0.58 -1.51 -33.40
C SER B 225 -0.35 -2.99 -33.19
N GLU B 226 0.86 -3.31 -32.77
CA GLU B 226 1.26 -4.68 -32.46
C GLU B 226 1.31 -4.87 -30.97
N ALA B 227 1.23 -6.13 -30.57
CA ALA B 227 1.36 -6.51 -29.18
C ALA B 227 1.43 -8.01 -29.04
N VAL B 228 2.17 -8.46 -28.03
CA VAL B 228 2.24 -9.86 -27.64
C VAL B 228 2.21 -9.87 -26.13
N VAL B 229 1.14 -10.34 -25.54
CA VAL B 229 0.89 -10.19 -24.13
C VAL B 229 0.39 -11.50 -23.53
N ALA B 230 0.78 -11.81 -22.31
CA ALA B 230 0.32 -13.02 -21.69
C ALA B 230 0.17 -12.83 -20.20
N VAL B 231 -0.77 -13.54 -19.63
CA VAL B 231 -1.17 -13.34 -18.26
C VAL B 231 -1.42 -14.73 -17.71
N LEU B 232 -1.00 -14.98 -16.48
CA LEU B 232 -1.30 -16.23 -15.81
C LEU B 232 -2.42 -15.98 -14.85
N LEU B 233 -3.50 -16.74 -14.98
CA LEU B 233 -4.61 -16.78 -14.03
C LEU B 233 -4.42 -18.00 -13.14
N THR B 234 -4.74 -17.90 -11.85
CA THR B 234 -4.86 -19.10 -10.99
C THR B 234 -6.01 -18.92 -9.99
N LYS B 235 -6.40 -20.04 -9.41
CA LYS B 235 -7.28 -19.96 -8.25
C LYS B 235 -6.46 -19.43 -7.07
N LYS B 236 -7.13 -18.66 -6.19
CA LYS B 236 -6.48 -17.92 -5.08
C LYS B 236 -5.47 -18.77 -4.30
N SER B 237 -5.85 -20.01 -3.98
CA SER B 237 -5.01 -20.88 -3.17
C SER B 237 -3.68 -21.27 -3.80
N LEU B 238 -3.52 -21.16 -5.11
CA LEU B 238 -2.23 -21.46 -5.79
C LEU B 238 -1.32 -20.25 -5.95
N ALA B 239 -1.86 -19.07 -5.75
CA ALA B 239 -1.20 -17.83 -6.16
C ALA B 239 -0.10 -17.41 -5.20
N ARG B 240 0.99 -16.85 -5.73
CA ARG B 240 1.98 -16.22 -4.87
C ARG B 240 1.73 -14.72 -5.02
N ARG B 241 1.97 -14.20 -6.24
CA ARG B 241 1.67 -12.82 -6.50
C ARG B 241 0.21 -12.70 -6.80
N VAL B 242 -0.40 -11.57 -6.46
CA VAL B 242 -1.79 -11.34 -6.83
C VAL B 242 -1.95 -9.88 -7.25
N TYR B 243 -2.00 -9.66 -8.57
CA TYR B 243 -2.20 -8.34 -9.10
C TYR B 243 -3.62 -7.89 -8.79
N ALA B 244 -4.59 -8.75 -9.02
CA ALA B 244 -5.97 -8.43 -8.80
C ALA B 244 -6.82 -9.70 -8.77
N THR B 245 -8.05 -9.58 -8.30
CA THR B 245 -8.98 -10.66 -8.18
C THR B 245 -10.04 -10.34 -9.17
N ILE B 246 -10.44 -11.32 -9.97
CA ILE B 246 -11.47 -11.08 -10.96
C ILE B 246 -12.80 -11.26 -10.25
N LEU B 247 -13.54 -10.16 -10.07
CA LEU B 247 -14.82 -10.21 -9.36
C LEU B 247 -15.95 -10.69 -10.26
N ASN B 248 -15.92 -10.31 -11.53
CA ASN B 248 -16.92 -10.79 -12.48
C ASN B 248 -16.42 -10.51 -13.88
N ALA B 249 -17.01 -11.19 -14.85
CA ALA B 249 -16.68 -10.94 -16.24
C ALA B 249 -17.75 -11.54 -17.15
N GLY B 250 -18.04 -10.90 -18.28
CA GLY B 250 -18.97 -11.48 -19.20
C GLY B 250 -18.83 -10.95 -20.59
N THR B 251 -19.59 -11.54 -21.51
CA THR B 251 -19.62 -11.13 -22.94
C THR B 251 -21.06 -11.10 -23.43
N ASN B 252 -21.38 -10.20 -24.33
CA ASN B 252 -22.64 -10.31 -25.08
C ASN B 252 -22.30 -9.89 -26.50
N THR B 253 -23.31 -9.78 -27.37
CA THR B 253 -23.10 -9.38 -28.75
C THR B 253 -24.18 -8.43 -29.16
N ASP B 254 -23.83 -7.42 -29.95
CA ASP B 254 -24.73 -6.32 -30.24
C ASP B 254 -25.99 -6.84 -30.88
N GLY B 255 -25.86 -7.82 -31.75
CA GLY B 255 -27.00 -8.38 -32.46
C GLY B 255 -27.34 -7.51 -33.64
N SER B 256 -28.62 -7.37 -33.93
CA SER B 256 -29.13 -6.59 -35.05
C SER B 256 -29.08 -5.09 -34.80
N LYS B 257 -28.67 -4.34 -35.83
CA LYS B 257 -28.49 -2.90 -35.75
C LYS B 257 -28.80 -2.29 -37.10
N GLU B 258 -29.70 -1.29 -37.15
CA GLU B 258 -30.07 -0.65 -38.44
C GLU B 258 -28.84 -0.14 -39.16
N GLN B 259 -27.88 0.38 -38.41
CA GLN B 259 -26.80 1.18 -38.97
C GLN B 259 -25.69 0.33 -39.60
N GLY B 260 -25.70 -0.98 -39.36
CA GLY B 260 -24.73 -1.89 -39.96
C GLY B 260 -23.95 -2.66 -38.94
N VAL B 261 -23.24 -3.68 -39.40
CA VAL B 261 -22.56 -4.62 -38.49
C VAL B 261 -21.37 -4.03 -37.71
N THR B 262 -20.71 -3.03 -38.30
CA THR B 262 -19.60 -2.38 -37.61
C THR B 262 -19.95 -1.07 -36.91
N PHE B 263 -21.24 -0.77 -36.72
CA PHE B 263 -21.64 0.37 -35.88
C PHE B 263 -21.81 -0.20 -34.48
N PRO B 264 -21.04 0.28 -33.50
CA PRO B 264 -21.21 -0.30 -32.17
C PRO B 264 -22.49 0.16 -31.46
N SER B 265 -23.16 -0.77 -30.79
CA SER B 265 -24.36 -0.48 -30.05
C SER B 265 -24.06 -0.20 -28.60
N GLY B 266 -23.95 1.09 -28.30
CA GLY B 266 -23.87 1.55 -26.91
C GLY B 266 -24.97 0.99 -26.01
N GLU B 267 -26.15 0.81 -26.56
CA GLU B 267 -27.25 0.31 -25.78
C GLU B 267 -26.97 -1.13 -25.34
N VAL B 268 -26.48 -1.98 -26.24
CA VAL B 268 -26.13 -3.35 -25.85
C VAL B 268 -24.89 -3.42 -24.95
N GLN B 269 -23.90 -2.57 -25.21
CA GLN B 269 -22.74 -2.47 -24.31
C GLN B 269 -23.20 -2.14 -22.90
N GLU B 270 -24.17 -1.23 -22.79
CA GLU B 270 -24.77 -0.84 -21.53
C GLU B 270 -25.42 -2.02 -20.85
N GLN B 271 -26.19 -2.80 -21.61
CA GLN B 271 -26.79 -4.02 -21.07
C GLN B 271 -25.78 -5.00 -20.48
N LEU B 272 -24.62 -5.13 -21.11
CA LEU B 272 -23.59 -6.04 -20.62
C LEU B 272 -23.12 -5.59 -19.26
N ILE B 273 -22.77 -4.31 -19.19
CA ILE B 273 -22.22 -3.71 -17.96
C ILE B 273 -23.26 -3.86 -16.83
N CYS B 274 -24.47 -3.40 -17.08
CA CYS B 274 -25.59 -3.54 -16.11
C CYS B 274 -25.72 -4.92 -15.55
N SER B 275 -25.56 -5.93 -16.40
CA SER B 275 -25.75 -7.30 -15.98
C SER B 275 -24.66 -7.81 -15.04
N LEU B 276 -23.50 -7.15 -14.99
CA LEU B 276 -22.36 -7.61 -14.20
C LEU B 276 -22.16 -6.92 -12.84
N TYR B 277 -22.80 -5.76 -12.66
CA TYR B 277 -22.69 -4.99 -11.44
C TYR B 277 -23.80 -5.37 -10.47
N GLN B 278 -24.92 -4.62 -10.46
CA GLN B 278 -25.93 -4.76 -9.36
C GLN B 278 -26.42 -6.21 -9.22
N PRO B 279 -26.76 -6.89 -10.34
CA PRO B 279 -27.19 -8.27 -10.22
C PRO B 279 -26.24 -9.22 -9.53
N ALA B 280 -24.93 -8.93 -9.51
CA ALA B 280 -23.97 -9.80 -8.83
C ALA B 280 -23.59 -9.26 -7.47
N GLY B 281 -24.30 -8.24 -7.01
CA GLY B 281 -24.04 -7.61 -5.73
C GLY B 281 -22.81 -6.73 -5.74
N LEU B 282 -22.56 -6.05 -6.85
CA LEU B 282 -21.38 -5.19 -6.98
C LEU B 282 -21.85 -3.82 -7.37
N ALA B 283 -21.49 -2.82 -6.58
CA ALA B 283 -22.04 -1.50 -6.82
C ALA B 283 -21.12 -0.73 -7.76
N PRO B 284 -21.69 -0.06 -8.79
CA PRO B 284 -20.96 0.94 -9.55
C PRO B 284 -20.27 1.98 -8.68
N GLU B 285 -20.84 2.29 -7.52
CA GLU B 285 -20.15 3.15 -6.55
C GLU B 285 -18.76 2.62 -6.16
N SER B 286 -18.53 1.31 -6.18
CA SER B 286 -17.19 0.80 -5.81
C SER B 286 -16.05 1.00 -6.83
N LEU B 287 -16.40 1.39 -8.05
CA LEU B 287 -15.41 1.61 -9.10
C LEU B 287 -14.58 2.87 -8.81
N GLU B 288 -13.28 2.79 -9.02
CA GLU B 288 -12.45 3.97 -9.07
C GLU B 288 -12.22 4.41 -10.49
N TYR B 289 -11.99 3.47 -11.39
CA TYR B 289 -11.45 3.76 -12.71
C TYR B 289 -12.04 2.78 -13.69
N ILE B 290 -12.36 3.23 -14.88
CA ILE B 290 -12.76 2.30 -15.94
C ILE B 290 -11.85 2.50 -17.12
N GLU B 291 -11.28 1.38 -17.59
CA GLU B 291 -10.43 1.37 -18.79
C GLU B 291 -11.36 1.15 -19.96
N ALA B 292 -11.66 2.21 -20.70
CA ALA B 292 -12.55 2.13 -21.85
C ALA B 292 -11.79 1.53 -23.00
N HIS B 293 -12.54 0.97 -23.93
CA HIS B 293 -12.04 0.53 -25.21
C HIS B 293 -11.40 1.73 -25.90
N GLY B 294 -12.14 2.81 -26.08
CA GLY B 294 -11.54 4.08 -26.45
C GLY B 294 -10.65 4.15 -27.69
N THR B 295 -11.13 3.63 -28.80
CA THR B 295 -10.36 3.66 -30.03
C THR B 295 -10.31 5.04 -30.74
N GLY B 296 -11.11 6.00 -30.29
CA GLY B 296 -11.06 7.35 -30.84
C GLY B 296 -11.72 7.51 -32.20
N THR B 297 -12.88 6.88 -32.37
CA THR B 297 -13.66 6.98 -33.59
C THR B 297 -14.83 7.93 -33.35
N LYS B 298 -15.26 8.65 -34.40
CA LYS B 298 -16.41 9.57 -34.29
C LYS B 298 -17.62 8.94 -33.66
N VAL B 299 -17.94 7.70 -34.06
CA VAL B 299 -19.14 6.98 -33.63
C VAL B 299 -18.96 6.22 -32.33
N GLY B 300 -17.87 5.46 -32.23
CA GLY B 300 -17.68 4.51 -31.12
C GLY B 300 -17.44 5.13 -29.76
N ASP B 301 -16.69 6.23 -29.73
CA ASP B 301 -16.40 6.91 -28.47
C ASP B 301 -17.70 7.36 -27.77
N PRO B 302 -18.61 8.04 -28.48
CA PRO B 302 -19.85 8.41 -27.81
C PRO B 302 -20.72 7.22 -27.45
N GLN B 303 -20.82 6.22 -28.33
CA GLN B 303 -21.60 5.03 -27.97
C GLN B 303 -21.09 4.42 -26.68
N GLU B 304 -19.77 4.29 -26.57
CA GLU B 304 -19.18 3.65 -25.43
C GLU B 304 -19.39 4.45 -24.14
N LEU B 305 -18.90 5.69 -24.18
CA LEU B 305 -18.89 6.55 -22.98
C LEU B 305 -20.30 6.90 -22.50
N ASN B 306 -21.24 7.07 -23.45
CA ASN B 306 -22.62 7.27 -23.06
C ASN B 306 -23.17 5.99 -22.41
N GLY B 307 -22.86 4.82 -22.97
CA GLY B 307 -23.24 3.54 -22.34
C GLY B 307 -22.68 3.41 -20.94
N ILE B 308 -21.44 3.85 -20.76
CA ILE B 308 -20.80 3.86 -19.45
C ILE B 308 -21.55 4.84 -18.51
N THR B 309 -21.94 6.00 -19.05
CA THR B 309 -22.68 6.97 -18.28
C THR B 309 -24.01 6.39 -17.73
N ARG B 310 -24.78 5.74 -18.61
CA ARG B 310 -26.08 5.23 -18.20
C ARG B 310 -25.99 3.99 -17.30
N SER B 311 -24.94 3.16 -17.47
CA SER B 311 -24.83 1.92 -16.69
C SER B 311 -24.08 2.12 -15.39
N LEU B 312 -23.21 3.14 -15.29
CA LEU B 312 -22.36 3.31 -14.12
C LEU B 312 -22.39 4.69 -13.48
N CYS B 313 -22.16 5.76 -14.24
CA CYS B 313 -22.17 7.14 -13.68
C CYS B 313 -23.49 7.52 -12.99
N ALA B 314 -24.58 7.04 -13.55
CA ALA B 314 -25.90 7.27 -13.02
C ALA B 314 -26.11 6.67 -11.62
N PHE B 315 -25.22 5.79 -11.15
CA PHE B 315 -25.40 5.14 -9.86
C PHE B 315 -24.25 5.46 -8.91
N ARG B 316 -23.72 6.71 -9.05
CA ARG B 316 -22.49 7.19 -8.40
C ARG B 316 -22.57 8.61 -7.85
N GLN B 317 -22.00 8.86 -6.66
CA GLN B 317 -21.82 10.22 -6.11
C GLN B 317 -20.57 10.85 -6.79
N ALA B 318 -19.46 10.12 -6.75
CA ALA B 318 -18.18 10.62 -7.25
C ALA B 318 -18.04 10.56 -8.78
N PRO B 319 -17.25 11.45 -9.37
CA PRO B 319 -16.82 11.23 -10.76
C PRO B 319 -16.07 9.91 -10.93
N LEU B 320 -16.18 9.32 -12.12
CA LEU B 320 -15.53 8.05 -12.46
C LEU B 320 -14.35 8.35 -13.35
N LEU B 321 -13.16 7.94 -12.95
CA LEU B 321 -11.98 8.15 -13.77
C LEU B 321 -12.09 7.23 -14.98
N ILE B 322 -11.63 7.71 -16.13
CA ILE B 322 -11.65 6.91 -17.35
C ILE B 322 -10.36 7.09 -18.15
N GLY B 323 -9.86 6.02 -18.76
CA GLY B 323 -8.66 6.10 -19.59
C GLY B 323 -8.70 5.11 -20.74
N SER B 324 -7.71 5.21 -21.62
CA SER B 324 -7.52 4.25 -22.67
C SER B 324 -6.09 4.20 -23.11
N THR B 325 -5.47 3.06 -22.86
CA THR B 325 -4.15 2.71 -23.30
C THR B 325 -3.94 2.88 -24.79
N LYS B 326 -5.00 2.83 -25.57
CA LYS B 326 -4.87 3.06 -27.01
C LYS B 326 -4.35 4.46 -27.38
N SER B 327 -4.65 5.45 -26.57
CA SER B 327 -4.05 6.79 -26.71
C SER B 327 -2.52 6.79 -26.61
N ASN B 328 -2.00 5.87 -25.81
CA ASN B 328 -0.58 5.78 -25.58
C ASN B 328 0.13 4.98 -26.65
N MET B 329 -0.48 3.89 -27.14
CA MET B 329 0.26 2.93 -27.98
C MET B 329 -0.48 2.43 -29.22
N GLY B 330 -1.65 3.01 -29.50
CA GLY B 330 -2.52 2.54 -30.56
C GLY B 330 -3.31 1.28 -30.21
N HIS B 331 -4.03 0.79 -31.19
CA HIS B 331 -4.97 -0.31 -31.04
C HIS B 331 -4.37 -1.62 -31.57
N PRO B 332 -4.05 -2.56 -30.67
CA PRO B 332 -3.46 -3.82 -31.12
C PRO B 332 -4.52 -4.89 -31.39
N GLU B 333 -5.73 -4.45 -31.70
CA GLU B 333 -6.77 -5.31 -32.25
C GLU B 333 -7.08 -6.44 -31.26
N PRO B 334 -6.93 -7.72 -31.62
CA PRO B 334 -7.39 -8.68 -30.59
C PRO B 334 -6.64 -8.65 -29.28
N ALA B 335 -5.42 -8.12 -29.28
CA ALA B 335 -4.63 -8.05 -28.07
C ALA B 335 -4.95 -6.80 -27.24
N SER B 336 -5.92 -6.00 -27.67
CA SER B 336 -6.26 -4.77 -26.99
C SER B 336 -6.58 -4.95 -25.52
N GLY B 337 -7.40 -5.94 -25.20
CA GLY B 337 -7.78 -6.17 -23.83
C GLY B 337 -6.62 -6.50 -22.91
N LEU B 338 -5.73 -7.41 -23.33
CA LEU B 338 -4.62 -7.73 -22.45
C LEU B 338 -3.58 -6.59 -22.38
N ALA B 339 -3.36 -5.89 -23.49
CA ALA B 339 -2.51 -4.72 -23.47
C ALA B 339 -3.03 -3.71 -22.44
N ALA B 340 -4.33 -3.45 -22.48
CA ALA B 340 -4.93 -2.50 -21.56
C ALA B 340 -4.89 -3.01 -20.14
N LEU B 341 -5.15 -4.30 -19.94
CA LEU B 341 -5.07 -4.90 -18.62
C LEU B 341 -3.67 -4.66 -18.02
N THR B 342 -2.65 -4.75 -18.86
CA THR B 342 -1.28 -4.51 -18.44
C THR B 342 -1.09 -3.08 -17.86
N LYS B 343 -1.57 -2.08 -18.56
CA LYS B 343 -1.53 -0.70 -18.09
C LYS B 343 -2.24 -0.56 -16.75
N VAL B 344 -3.41 -1.17 -16.62
CA VAL B 344 -4.16 -1.06 -15.40
C VAL B 344 -3.38 -1.66 -14.22
N LEU B 345 -2.82 -2.85 -14.41
CA LEU B 345 -2.13 -3.50 -13.31
C LEU B 345 -0.82 -2.80 -13.02
N LEU B 346 -0.09 -2.38 -14.04
CA LEU B 346 1.10 -1.59 -13.79
C LEU B 346 0.79 -0.32 -12.99
N SER B 347 -0.29 0.38 -13.35
CA SER B 347 -0.70 1.59 -12.64
C SER B 347 -0.98 1.27 -11.17
N LEU B 348 -1.79 0.26 -10.93
CA LEU B 348 -2.10 -0.19 -9.56
C LEU B 348 -0.83 -0.55 -8.76
N GLU B 349 0.12 -1.20 -9.40
CA GLU B 349 1.32 -1.65 -8.70
C GLU B 349 2.25 -0.47 -8.34
N HIS B 350 2.25 0.57 -9.15
CA HIS B 350 3.04 1.75 -8.87
C HIS B 350 2.23 2.82 -8.14
N GLY B 351 0.99 2.54 -7.79
CA GLY B 351 0.17 3.51 -7.11
C GLY B 351 -0.21 4.78 -7.87
N VAL B 352 0.00 4.84 -9.19
CA VAL B 352 -0.39 5.99 -10.00
C VAL B 352 -0.93 5.62 -11.38
N TRP B 353 -2.00 6.28 -11.80
CA TRP B 353 -2.62 6.00 -13.09
C TRP B 353 -1.82 6.65 -14.20
N ALA B 354 -1.41 5.86 -15.17
CA ALA B 354 -0.77 6.41 -16.34
C ALA B 354 -1.81 7.16 -17.13
N PRO B 355 -1.46 8.38 -17.53
CA PRO B 355 -2.41 9.18 -18.24
C PRO B 355 -2.51 8.86 -19.71
N ASN B 356 -3.67 9.25 -20.24
CA ASN B 356 -3.92 9.25 -21.67
C ASN B 356 -3.08 10.29 -22.37
N LEU B 357 -2.75 10.05 -23.63
CA LEU B 357 -2.32 11.08 -24.51
C LEU B 357 -3.46 11.58 -25.36
N HIS B 358 -3.15 12.68 -26.05
CA HIS B 358 -3.96 13.22 -27.09
C HIS B 358 -5.34 13.75 -26.70
N PHE B 359 -5.59 13.96 -25.39
CA PHE B 359 -6.89 14.45 -24.90
C PHE B 359 -6.85 15.97 -24.66
N HIS B 360 -7.43 16.73 -25.58
CA HIS B 360 -7.35 18.18 -25.56
C HIS B 360 -8.73 18.79 -25.38
N ASN B 361 -9.65 18.53 -26.29
CA ASN B 361 -11.04 19.02 -26.20
C ASN B 361 -11.97 17.82 -26.07
N PRO B 362 -12.82 17.79 -25.04
CA PRO B 362 -13.79 16.70 -24.92
C PRO B 362 -14.67 16.56 -26.14
N ASN B 363 -15.07 15.34 -26.46
CA ASN B 363 -16.08 15.15 -27.49
C ASN B 363 -17.42 15.71 -26.96
N PRO B 364 -17.97 16.71 -27.66
CA PRO B 364 -19.21 17.35 -27.18
C PRO B 364 -20.46 16.44 -27.23
N GLU B 365 -20.44 15.39 -28.05
CA GLU B 365 -21.50 14.36 -28.01
C GLU B 365 -21.49 13.47 -26.75
N ILE B 366 -20.63 13.77 -25.77
CA ILE B 366 -20.50 12.91 -24.60
C ILE B 366 -20.75 13.81 -23.40
N PRO B 367 -22.04 14.03 -23.05
CA PRO B 367 -22.41 14.89 -21.93
C PRO B 367 -21.56 14.76 -20.67
N ALA B 368 -21.23 13.53 -20.29
CA ALA B 368 -20.53 13.28 -19.03
C ALA B 368 -19.09 13.78 -18.95
N LEU B 369 -18.47 14.06 -20.10
CA LEU B 369 -17.15 14.69 -20.15
C LEU B 369 -17.28 16.19 -19.84
N LEU B 370 -18.30 16.82 -20.41
CA LEU B 370 -18.67 18.20 -20.11
C LEU B 370 -19.21 18.48 -18.71
N ASP B 371 -19.91 17.55 -18.07
CA ASP B 371 -20.43 17.80 -16.71
C ASP B 371 -19.65 17.15 -15.57
N GLY B 372 -18.50 16.53 -15.87
CA GLY B 372 -17.64 15.99 -14.80
C GLY B 372 -18.03 14.68 -14.15
N ARG B 373 -19.07 14.00 -14.63
CA ARG B 373 -19.40 12.64 -14.14
C ARG B 373 -18.34 11.61 -14.57
N LEU B 374 -17.77 11.85 -15.76
CA LEU B 374 -16.56 11.18 -16.20
C LEU B 374 -15.40 12.18 -16.19
N GLN B 375 -14.27 11.75 -15.61
CA GLN B 375 -13.06 12.50 -15.55
C GLN B 375 -11.96 11.70 -16.25
N VAL B 376 -11.56 12.16 -17.44
CA VAL B 376 -10.46 11.55 -18.19
C VAL B 376 -9.15 11.70 -17.42
N VAL B 377 -8.33 10.65 -17.34
CA VAL B 377 -7.01 10.73 -16.67
C VAL B 377 -6.04 11.32 -17.70
N ASP B 378 -5.90 12.64 -17.69
CA ASP B 378 -4.98 13.35 -18.58
C ASP B 378 -3.70 13.85 -17.90
N ARG B 379 -3.54 13.53 -16.63
CA ARG B 379 -2.37 13.82 -15.85
C ARG B 379 -2.19 12.61 -14.95
N PRO B 380 -0.98 12.37 -14.43
CA PRO B 380 -0.84 11.28 -13.47
C PRO B 380 -1.65 11.54 -12.20
N LEU B 381 -2.59 10.66 -11.88
CA LEU B 381 -3.41 10.77 -10.67
C LEU B 381 -3.03 9.66 -9.73
N PRO B 382 -3.08 9.93 -8.43
CA PRO B 382 -2.76 8.87 -7.47
C PRO B 382 -3.87 7.85 -7.37
N VAL B 383 -3.54 6.62 -6.98
CA VAL B 383 -4.53 5.57 -6.91
C VAL B 383 -5.18 5.66 -5.57
N ARG B 384 -6.43 6.07 -5.54
CA ARG B 384 -7.11 6.35 -4.29
C ARG B 384 -7.77 5.10 -3.72
N GLY B 385 -8.01 4.08 -4.53
CA GLY B 385 -8.56 2.81 -4.03
C GLY B 385 -9.94 2.57 -4.64
N GLY B 386 -10.26 1.29 -4.87
CA GLY B 386 -11.53 0.93 -5.49
C GLY B 386 -11.36 -0.07 -6.62
N ASN B 387 -12.48 -0.59 -7.09
CA ASN B 387 -12.48 -1.55 -8.15
C ASN B 387 -12.24 -0.89 -9.50
N VAL B 388 -11.89 -1.72 -10.49
CA VAL B 388 -11.55 -1.32 -11.84
C VAL B 388 -12.35 -2.10 -12.86
N GLY B 389 -12.93 -1.39 -13.83
CA GLY B 389 -13.61 -2.02 -14.95
C GLY B 389 -12.81 -1.95 -16.24
N ILE B 390 -13.04 -2.92 -17.15
CA ILE B 390 -12.33 -2.93 -18.47
C ILE B 390 -13.32 -3.32 -19.55
N ASN B 391 -13.43 -2.48 -20.57
CA ASN B 391 -14.24 -2.78 -21.77
C ASN B 391 -13.34 -3.21 -22.91
N SER B 392 -13.75 -4.23 -23.65
CA SER B 392 -13.16 -4.49 -24.95
C SER B 392 -14.29 -4.87 -25.87
N PHE B 393 -14.45 -4.13 -26.95
CA PHE B 393 -15.56 -4.31 -27.91
C PHE B 393 -15.00 -4.56 -29.29
N GLY B 394 -15.30 -5.72 -29.84
CA GLY B 394 -14.86 -6.06 -31.17
C GLY B 394 -15.73 -5.43 -32.24
N PHE B 395 -15.14 -5.13 -33.40
CA PHE B 395 -15.85 -4.48 -34.46
C PHE B 395 -16.97 -5.29 -35.11
N GLY B 396 -17.18 -6.55 -34.77
CA GLY B 396 -18.36 -7.28 -35.26
C GLY B 396 -19.46 -7.42 -34.23
N GLY B 397 -19.28 -6.75 -33.11
CA GLY B 397 -20.33 -6.63 -32.12
C GLY B 397 -20.10 -7.42 -30.87
N SER B 398 -19.00 -8.15 -30.78
CA SER B 398 -18.72 -9.00 -29.64
C SER B 398 -18.11 -8.18 -28.50
N ASN B 399 -18.84 -8.00 -27.39
CA ASN B 399 -18.41 -7.13 -26.27
C ASN B 399 -17.98 -7.94 -25.04
N VAL B 400 -16.99 -7.43 -24.32
CA VAL B 400 -16.52 -8.07 -23.10
C VAL B 400 -16.32 -7.00 -22.05
N HIS B 401 -16.69 -7.32 -20.82
CA HIS B 401 -16.38 -6.46 -19.70
C HIS B 401 -15.84 -7.30 -18.55
N VAL B 402 -14.76 -6.83 -17.92
CA VAL B 402 -14.28 -7.45 -16.67
C VAL B 402 -14.15 -6.46 -15.52
N ILE B 403 -14.44 -6.96 -14.31
CA ILE B 403 -14.37 -6.20 -13.09
C ILE B 403 -13.29 -6.79 -12.18
N LEU B 404 -12.35 -5.95 -11.79
CA LEU B 404 -11.21 -6.34 -11.04
C LEU B 404 -11.24 -5.69 -9.68
N GLN B 405 -10.72 -6.41 -8.69
CA GLN B 405 -10.50 -5.89 -7.36
C GLN B 405 -9.02 -5.91 -7.16
N PRO B 406 -8.40 -4.75 -7.04
CA PRO B 406 -6.96 -4.74 -6.84
C PRO B 406 -6.58 -5.31 -5.51
N ASN B 407 -5.42 -5.94 -5.45
CA ASN B 407 -4.82 -6.44 -4.25
C ASN B 407 -4.52 -5.31 -3.28
N THR B 408 -5.09 -5.42 -2.08
CA THR B 408 -4.95 -4.41 -1.03
C THR B 408 -4.17 -4.87 0.21
N ARG B 409 -3.38 -5.96 0.09
CA ARG B 409 -2.31 -6.16 1.05
C ARG B 409 -1.26 -5.14 0.64
N GLN B 410 -1.11 -4.03 1.35
CA GLN B 410 -0.08 -3.02 1.16
C GLN B 410 1.06 -3.41 2.08
N ALA B 411 0.74 -3.86 3.29
CA ALA B 411 1.75 -4.25 4.26
C ALA B 411 2.40 -5.54 3.87
N PRO B 412 3.63 -5.79 4.34
CA PRO B 412 4.26 -7.08 4.03
C PRO B 412 3.50 -8.28 4.61
N ALA B 413 3.68 -9.43 3.98
CA ALA B 413 2.99 -10.63 4.34
C ALA B 413 3.63 -11.21 5.64
N PRO B 414 2.79 -11.59 6.64
CA PRO B 414 3.38 -11.87 7.97
C PRO B 414 4.24 -13.12 7.98
N THR B 415 5.34 -13.12 8.75
CA THR B 415 6.21 -14.30 9.01
C THR B 415 6.90 -14.06 10.38
N ALA B 416 7.67 -15.05 10.85
CA ALA B 416 8.67 -14.82 11.93
C ALA B 416 9.98 -14.33 11.24
N HIS B 417 10.95 -13.76 11.98
CA HIS B 417 12.42 -13.90 11.74
C HIS B 417 12.99 -13.25 10.46
N ALA B 418 12.47 -12.06 10.16
CA ALA B 418 12.81 -11.34 8.93
C ALA B 418 14.22 -10.72 8.87
N ALA B 419 14.78 -10.38 10.04
CA ALA B 419 16.09 -9.72 10.16
C ALA B 419 17.34 -10.58 9.84
N LEU B 420 17.16 -11.91 9.79
CA LEU B 420 18.25 -12.86 9.49
C LEU B 420 18.77 -12.61 8.09
N PRO B 421 20.02 -12.99 7.78
CA PRO B 421 20.44 -12.92 6.37
C PRO B 421 19.75 -14.06 5.58
N HIS B 422 19.59 -13.85 4.28
CA HIS B 422 18.84 -14.77 3.41
C HIS B 422 19.68 -15.13 2.19
N LEU B 423 19.32 -16.22 1.52
CA LEU B 423 20.07 -16.74 0.37
C LEU B 423 19.18 -16.65 -0.84
N LEU B 424 19.75 -16.20 -1.96
CA LEU B 424 19.01 -16.07 -3.20
C LEU B 424 19.66 -16.82 -4.36
N HIS B 425 18.88 -17.69 -5.02
CA HIS B 425 19.35 -18.41 -6.21
C HIS B 425 18.75 -17.88 -7.50
N ALA B 426 19.52 -17.98 -8.58
CA ALA B 426 19.01 -17.76 -9.92
C ALA B 426 19.57 -18.77 -10.92
N SER B 427 18.83 -18.96 -11.99
CA SER B 427 19.27 -19.74 -13.15
C SER B 427 18.97 -18.93 -14.40
N GLY B 428 19.59 -19.28 -15.49
CA GLY B 428 19.40 -18.50 -16.69
C GLY B 428 20.00 -19.07 -17.94
N ARG B 429 19.64 -18.46 -19.06
CA ARG B 429 20.12 -18.88 -20.38
C ARG B 429 21.50 -18.29 -20.68
N THR B 430 21.83 -17.19 -20.00
CA THR B 430 23.07 -16.49 -20.24
C THR B 430 23.58 -15.98 -18.91
N LEU B 431 24.86 -15.65 -18.84
CA LEU B 431 25.36 -15.12 -17.57
C LEU B 431 24.66 -13.80 -17.21
N GLU B 432 24.26 -13.01 -18.22
CA GLU B 432 23.52 -11.74 -18.06
C GLU B 432 22.21 -11.97 -17.31
N ALA B 433 21.47 -12.99 -17.77
CA ALA B 433 20.22 -13.41 -17.14
C ALA B 433 20.32 -13.65 -15.64
N VAL B 434 21.41 -14.30 -15.24
CA VAL B 434 21.65 -14.65 -13.83
C VAL B 434 22.03 -13.40 -13.06
N GLN B 435 23.01 -12.67 -13.60
CA GLN B 435 23.41 -11.39 -12.99
C GLN B 435 22.24 -10.47 -12.77
N ASP B 436 21.40 -10.32 -13.80
CA ASP B 436 20.25 -9.41 -13.75
C ASP B 436 19.29 -9.78 -12.63
N LEU B 437 19.05 -11.08 -12.44
CA LEU B 437 18.14 -11.53 -11.38
C LEU B 437 18.73 -11.33 -10.01
N LEU B 438 20.02 -11.66 -9.87
CA LEU B 438 20.72 -11.48 -8.60
C LEU B 438 20.81 -10.03 -8.21
N GLU B 439 21.12 -9.18 -9.20
CA GLU B 439 21.12 -7.73 -9.00
C GLU B 439 19.80 -7.25 -8.50
N GLN B 440 18.72 -7.74 -9.10
CA GLN B 440 17.39 -7.35 -8.70
C GLN B 440 17.07 -7.81 -7.28
N GLY B 441 17.65 -8.92 -6.85
CA GLY B 441 17.50 -9.38 -5.49
C GLY B 441 18.24 -8.55 -4.46
N ARG B 442 19.52 -8.23 -4.75
CA ARG B 442 20.32 -7.36 -3.89
C ARG B 442 19.46 -6.10 -3.66
N GLN B 443 19.00 -5.46 -4.74
CA GLN B 443 18.22 -4.22 -4.63
C GLN B 443 16.91 -4.29 -3.86
N HIS B 444 16.28 -5.45 -3.79
CA HIS B 444 15.04 -5.60 -3.00
C HIS B 444 15.22 -6.66 -1.93
N SER B 445 16.45 -6.76 -1.42
CA SER B 445 16.82 -7.75 -0.39
C SER B 445 15.89 -7.82 0.81
N GLN B 446 15.25 -6.72 1.19
CA GLN B 446 14.33 -6.76 2.34
C GLN B 446 12.95 -7.30 2.01
N ASP B 447 12.56 -7.32 0.72
CA ASP B 447 11.24 -7.84 0.29
C ASP B 447 11.30 -9.35 0.30
N LEU B 448 10.74 -9.95 1.34
CA LEU B 448 10.91 -11.38 1.56
C LEU B 448 10.07 -12.21 0.65
N ALA B 449 8.88 -11.72 0.33
CA ALA B 449 8.01 -12.38 -0.63
C ALA B 449 8.72 -12.50 -2.00
N PHE B 450 9.30 -11.38 -2.46
CA PHE B 450 10.08 -11.32 -3.70
C PHE B 450 11.20 -12.36 -3.71
N VAL B 451 11.91 -12.51 -2.60
CA VAL B 451 13.04 -13.45 -2.51
C VAL B 451 12.53 -14.90 -2.55
N SER B 452 11.45 -15.19 -1.82
CA SER B 452 10.81 -16.49 -1.92
C SER B 452 10.45 -16.87 -3.36
N MET B 453 9.80 -15.93 -4.06
CA MET B 453 9.33 -16.19 -5.41
C MET B 453 10.50 -16.45 -6.33
N LEU B 454 11.58 -15.68 -6.17
CA LEU B 454 12.76 -15.84 -7.02
C LEU B 454 13.52 -17.12 -6.79
N ASN B 455 13.52 -17.60 -5.56
CA ASN B 455 14.08 -18.92 -5.25
C ASN B 455 13.24 -20.04 -5.84
N ASP B 456 11.91 -19.95 -5.74
CA ASP B 456 11.03 -20.95 -6.33
C ASP B 456 11.23 -21.14 -7.84
N ILE B 457 11.42 -20.04 -8.57
CA ILE B 457 11.64 -20.13 -10.00
C ILE B 457 13.05 -20.51 -10.42
N ALA B 458 13.97 -20.58 -9.48
CA ALA B 458 15.40 -20.90 -9.76
C ALA B 458 15.67 -22.40 -9.90
N ALA B 459 14.77 -23.25 -9.39
CA ALA B 459 14.96 -24.70 -9.50
C ALA B 459 14.56 -25.22 -10.88
N THR B 460 15.49 -25.13 -11.84
CA THR B 460 15.16 -25.47 -13.21
C THR B 460 16.18 -26.47 -13.74
N PRO B 461 15.71 -27.49 -14.49
CA PRO B 461 16.64 -28.51 -15.04
C PRO B 461 17.84 -27.88 -15.78
N THR B 462 19.03 -28.43 -15.60
CA THR B 462 20.28 -27.72 -15.92
C THR B 462 20.53 -27.69 -17.45
N ALA B 463 19.94 -28.65 -18.18
CA ALA B 463 20.03 -28.61 -19.64
C ALA B 463 19.24 -27.45 -20.23
N ALA B 464 18.16 -27.04 -19.55
CA ALA B 464 17.33 -25.91 -19.95
C ALA B 464 17.99 -24.58 -19.61
N MET B 465 18.45 -24.43 -18.37
CA MET B 465 19.08 -23.20 -17.86
C MET B 465 20.54 -23.46 -17.44
N PRO B 466 21.49 -23.33 -18.40
CA PRO B 466 22.88 -23.69 -18.14
C PRO B 466 23.75 -22.71 -17.34
N PHE B 467 23.23 -21.58 -16.87
CA PHE B 467 23.99 -20.68 -15.99
C PHE B 467 23.26 -20.61 -14.66
N ARG B 468 24.03 -20.57 -13.58
CA ARG B 468 23.45 -20.46 -12.23
C ARG B 468 24.21 -19.45 -11.40
N GLY B 469 23.58 -19.00 -10.32
CA GLY B 469 24.19 -18.01 -9.46
C GLY B 469 23.51 -17.95 -8.11
N TYR B 470 24.21 -17.39 -7.14
CA TYR B 470 23.63 -17.12 -5.83
C TYR B 470 24.20 -15.83 -5.27
N THR B 471 23.49 -15.27 -4.30
CA THR B 471 23.92 -14.11 -3.52
C THR B 471 23.39 -14.31 -2.10
N VAL B 472 24.15 -13.85 -1.12
CA VAL B 472 23.69 -13.89 0.27
C VAL B 472 23.33 -12.46 0.60
N LEU B 473 22.12 -12.30 1.09
CA LEU B 473 21.55 -10.99 1.33
C LEU B 473 21.60 -10.71 2.78
N GLY B 474 21.79 -9.44 3.11
CA GLY B 474 21.75 -8.95 4.50
C GLY B 474 23.04 -9.16 5.25
N VAL B 475 24.18 -9.11 4.55
CA VAL B 475 25.50 -9.29 5.15
C VAL B 475 26.52 -8.30 4.59
N GLU B 476 27.51 -7.96 5.41
CA GLU B 476 28.52 -6.94 5.08
C GLU B 476 29.21 -7.17 3.73
N GLY B 477 29.48 -8.41 3.36
CA GLY B 477 30.15 -8.68 2.11
C GLY B 477 29.41 -8.26 0.84
N ARG B 478 29.95 -8.66 -0.30
CA ARG B 478 29.20 -8.79 -1.54
C ARG B 478 29.47 -10.21 -1.98
N VAL B 479 28.65 -11.10 -1.44
CA VAL B 479 28.83 -12.53 -1.58
C VAL B 479 27.99 -12.98 -2.79
N GLN B 480 28.66 -13.31 -3.89
CA GLN B 480 27.99 -13.61 -5.12
C GLN B 480 28.93 -14.31 -6.07
N GLU B 481 28.41 -15.32 -6.74
CA GLU B 481 29.19 -16.20 -7.58
C GLU B 481 28.24 -16.68 -8.67
N VAL B 482 28.75 -16.90 -9.87
CA VAL B 482 27.91 -17.22 -11.03
C VAL B 482 28.74 -18.04 -11.99
N GLN B 483 28.21 -19.16 -12.47
CA GLN B 483 28.90 -19.90 -13.52
C GLN B 483 28.01 -20.80 -14.37
N GLN B 484 28.62 -21.25 -15.47
CA GLN B 484 28.02 -22.23 -16.37
C GLN B 484 28.09 -23.62 -15.74
N VAL B 485 27.14 -24.49 -16.06
CA VAL B 485 27.02 -25.85 -15.52
C VAL B 485 27.08 -26.82 -16.71
N SER B 486 27.58 -28.04 -16.53
CA SER B 486 27.47 -29.08 -17.56
C SER B 486 26.05 -29.67 -17.54
N ARG B 490 25.27 -34.85 -11.64
CA ARG B 490 26.19 -34.56 -10.55
C ARG B 490 25.64 -35.13 -9.23
N PRO B 491 26.22 -36.27 -8.78
CA PRO B 491 25.67 -36.93 -7.60
C PRO B 491 26.17 -36.32 -6.29
N LEU B 492 25.35 -36.46 -5.26
CA LEU B 492 25.52 -35.74 -3.99
C LEU B 492 25.99 -36.68 -2.89
N TRP B 493 27.13 -36.35 -2.27
CA TRP B 493 27.71 -37.17 -1.22
C TRP B 493 27.78 -36.40 0.11
N PHE B 494 27.20 -37.00 1.15
CA PHE B 494 27.35 -36.48 2.53
C PHE B 494 28.57 -37.14 3.19
N ILE B 495 29.41 -36.32 3.81
CA ILE B 495 30.52 -36.80 4.60
C ILE B 495 30.31 -36.32 6.04
N CYS B 496 30.05 -37.25 6.96
CA CYS B 496 29.95 -36.95 8.39
C CYS B 496 31.33 -37.11 9.07
N SER B 497 31.83 -36.04 9.66
CA SER B 497 33.17 -35.99 10.26
C SER B 497 33.17 -36.40 11.71
N GLY B 498 34.37 -36.73 12.20
CA GLY B 498 34.58 -37.31 13.53
C GLY B 498 34.99 -36.32 14.58
N MET B 499 35.84 -36.76 15.52
CA MET B 499 36.32 -35.91 16.61
C MET B 499 37.33 -34.90 16.09
N GLY B 500 37.57 -33.88 16.90
CA GLY B 500 38.47 -32.79 16.55
C GLY B 500 37.75 -31.60 15.97
N THR B 501 36.42 -31.64 15.93
CA THR B 501 35.63 -30.60 15.28
C THR B 501 34.93 -29.68 16.26
N GLN B 502 35.15 -29.90 17.56
CA GLN B 502 34.43 -29.18 18.61
C GLN B 502 34.96 -27.75 18.78
N TRP B 503 34.14 -26.84 19.31
CA TRP B 503 34.58 -25.50 19.71
C TRP B 503 33.55 -24.76 20.58
N ARG B 504 33.98 -23.66 21.19
CA ARG B 504 33.21 -22.96 22.24
C ARG B 504 32.03 -22.24 21.61
N GLY B 505 30.80 -22.55 22.03
CA GLY B 505 29.61 -21.94 21.45
C GLY B 505 29.34 -22.26 19.99
N MET B 506 29.71 -23.46 19.56
CA MET B 506 29.49 -23.93 18.20
C MET B 506 28.00 -24.15 17.95
N GLY B 507 27.57 -23.78 16.74
CA GLY B 507 26.18 -23.86 16.34
C GLY B 507 25.22 -22.89 17.01
N LEU B 508 25.74 -21.85 17.69
CA LEU B 508 24.88 -20.84 18.31
C LEU B 508 24.37 -19.89 17.25
N SER B 509 25.18 -19.67 16.21
CA SER B 509 24.74 -18.96 15.01
C SER B 509 23.48 -19.61 14.38
N LEU B 510 23.52 -20.91 14.14
CA LEU B 510 22.42 -21.61 13.46
C LEU B 510 21.17 -21.87 14.32
N MET B 511 21.17 -21.54 15.61
CA MET B 511 19.96 -21.73 16.47
C MET B 511 18.84 -20.73 16.10
N ARG B 512 19.23 -19.65 15.42
CA ARG B 512 18.29 -18.70 14.79
C ARG B 512 17.32 -19.38 13.79
N LEU B 513 17.80 -20.40 13.08
CA LEU B 513 16.93 -21.21 12.21
C LEU B 513 16.08 -22.18 13.03
N ASP B 514 14.77 -22.11 12.87
CA ASP B 514 13.82 -22.97 13.61
C ASP B 514 14.07 -24.47 13.45
N SER B 515 14.37 -24.92 12.23
CA SER B 515 14.61 -26.35 11.97
C SER B 515 15.84 -26.90 12.70
N PHE B 516 16.86 -26.06 12.85
CA PHE B 516 18.07 -26.42 13.57
C PHE B 516 17.79 -26.51 15.06
N ARG B 517 17.24 -25.42 15.62
CA ARG B 517 16.87 -25.31 17.03
C ARG B 517 15.97 -26.49 17.45
N GLU B 518 14.93 -26.77 16.68
CA GLU B 518 14.00 -27.87 17.00
C GLU B 518 14.68 -29.24 17.00
N SER B 519 15.71 -29.41 16.17
CA SER B 519 16.50 -30.64 16.15
C SER B 519 17.37 -30.78 17.41
N ILE B 520 17.92 -29.66 17.87
CA ILE B 520 18.72 -29.62 19.09
C ILE B 520 17.84 -29.84 20.33
N LEU B 521 16.67 -29.20 20.39
CA LEU B 521 15.73 -29.38 21.50
C LEU B 521 15.11 -30.79 21.50
N ARG B 522 15.09 -31.45 20.35
CA ARG B 522 14.64 -32.84 20.28
C ARG B 522 15.78 -33.76 20.76
N SER B 523 17.04 -33.41 20.44
CA SER B 523 18.21 -34.09 21.00
C SER B 523 18.29 -33.92 22.53
N ASP B 524 17.81 -32.80 23.06
CA ASP B 524 17.68 -32.61 24.52
C ASP B 524 16.73 -33.60 25.18
N GLU B 525 15.59 -33.91 24.54
CA GLU B 525 14.62 -34.87 25.10
C GLU B 525 15.25 -36.26 25.29
N ALA B 526 16.17 -36.65 24.41
CA ALA B 526 16.86 -37.94 24.53
C ALA B 526 17.74 -38.00 25.78
N VAL B 527 18.54 -36.96 26.03
CA VAL B 527 19.55 -36.98 27.14
C VAL B 527 19.22 -36.13 28.38
N LYS B 528 17.97 -35.70 28.54
CA LYS B 528 17.53 -35.01 29.78
C LYS B 528 17.45 -36.00 30.95
N PRO B 529 16.75 -37.16 30.79
CA PRO B 529 16.78 -38.19 31.84
C PRO B 529 18.20 -38.55 32.35
N LEU B 530 19.21 -38.52 31.47
CA LEU B 530 20.63 -38.78 31.84
C LEU B 530 21.37 -37.51 32.36
N GLY B 531 20.63 -36.45 32.72
CA GLY B 531 21.18 -35.29 33.41
C GLY B 531 21.90 -34.22 32.60
N VAL B 532 21.72 -34.19 31.26
CA VAL B 532 22.41 -33.19 30.43
C VAL B 532 21.52 -32.60 29.31
N LYS B 533 21.79 -31.34 28.96
CA LYS B 533 21.03 -30.56 27.99
C LYS B 533 22.00 -30.07 26.92
N VAL B 534 21.82 -30.47 25.66
CA VAL B 534 22.76 -30.09 24.60
C VAL B 534 22.75 -28.57 24.40
N SER B 535 21.57 -27.95 24.48
CA SER B 535 21.43 -26.49 24.35
C SER B 535 22.25 -25.73 25.40
N ASP B 536 22.17 -26.16 26.67
CA ASP B 536 23.04 -25.62 27.76
C ASP B 536 24.55 -25.75 27.44
N LEU B 537 24.95 -26.89 26.84
CA LEU B 537 26.36 -27.12 26.49
C LEU B 537 26.84 -26.20 25.38
N LEU B 538 25.95 -25.93 24.42
CA LEU B 538 26.27 -25.03 23.33
C LEU B 538 26.36 -23.61 23.83
N LEU B 539 25.33 -23.19 24.59
CA LEU B 539 25.26 -21.82 25.17
C LEU B 539 26.49 -21.50 26.02
N SER B 540 26.81 -22.40 26.96
CA SER B 540 28.03 -22.30 27.75
C SER B 540 29.27 -21.98 26.89
N THR B 541 29.81 -20.77 27.09
CA THR B 541 31.15 -20.42 26.57
C THR B 541 32.16 -20.36 27.75
N ASP B 542 31.86 -21.13 28.81
CA ASP B 542 32.89 -21.76 29.67
C ASP B 542 33.74 -22.63 28.74
N GLU B 543 35.01 -22.25 28.55
CA GLU B 543 35.79 -22.71 27.39
C GLU B 543 36.41 -24.11 27.43
N ARG B 544 36.16 -24.87 28.49
CA ARG B 544 36.61 -26.27 28.58
C ARG B 544 35.44 -27.29 28.62
N THR B 545 34.22 -26.84 28.31
CA THR B 545 33.03 -27.72 28.41
C THR B 545 33.12 -28.91 27.46
N PHE B 546 33.67 -28.68 26.26
CA PHE B 546 33.87 -29.76 25.26
C PHE B 546 35.23 -30.49 25.38
N ASP B 547 35.89 -30.40 26.54
CA ASP B 547 37.00 -31.30 26.87
C ASP B 547 36.45 -32.61 27.44
N ASP B 548 35.32 -32.54 28.14
CA ASP B 548 34.56 -33.71 28.59
C ASP B 548 34.10 -34.52 27.36
N ILE B 549 34.47 -35.79 27.30
CA ILE B 549 34.16 -36.66 26.16
C ILE B 549 32.67 -36.84 25.90
N VAL B 550 31.86 -36.89 26.96
CA VAL B 550 30.41 -37.03 26.81
C VAL B 550 29.84 -35.74 26.22
N HIS B 551 30.27 -34.59 26.75
CA HIS B 551 29.83 -33.29 26.24
C HIS B 551 30.14 -33.13 24.73
N ALA B 552 31.31 -33.59 24.30
CA ALA B 552 31.73 -33.50 22.89
C ALA B 552 30.96 -34.45 21.96
N PHE B 553 31.00 -35.75 22.27
CA PHE B 553 30.33 -36.77 21.45
C PHE B 553 28.84 -36.45 21.22
N VAL B 554 28.13 -36.10 22.29
CA VAL B 554 26.71 -35.77 22.21
C VAL B 554 26.45 -34.48 21.40
N SER B 555 27.31 -33.49 21.56
CA SER B 555 27.12 -32.20 20.91
C SER B 555 27.44 -32.25 19.40
N LEU B 556 28.57 -32.87 19.05
CA LEU B 556 28.91 -33.15 17.65
C LEU B 556 27.79 -33.89 16.93
N THR B 557 27.34 -34.99 17.50
CA THR B 557 26.34 -35.83 16.85
C THR B 557 24.97 -35.12 16.76
N ALA B 558 24.57 -34.38 17.80
CA ALA B 558 23.29 -33.64 17.81
C ALA B 558 23.21 -32.53 16.75
N ILE B 559 24.36 -31.88 16.53
CA ILE B 559 24.55 -30.88 15.48
C ILE B 559 24.60 -31.50 14.10
N GLN B 560 25.40 -32.55 13.93
CA GLN B 560 25.43 -33.27 12.65
C GLN B 560 24.00 -33.64 12.23
N ILE B 561 23.17 -34.03 13.21
CA ILE B 561 21.76 -34.33 12.95
C ILE B 561 20.99 -33.07 12.50
N ALA B 562 21.15 -31.98 13.25
CA ALA B 562 20.46 -30.72 12.92
C ALA B 562 20.80 -30.24 11.51
N LEU B 563 22.08 -30.31 11.15
CA LEU B 563 22.51 -30.02 9.80
C LEU B 563 21.84 -30.94 8.80
N ILE B 564 21.81 -32.24 9.07
CA ILE B 564 21.15 -33.18 8.15
C ILE B 564 19.67 -32.78 8.00
N ASP B 565 19.02 -32.46 9.11
CA ASP B 565 17.65 -31.93 9.10
C ASP B 565 17.47 -30.69 8.21
N LEU B 566 18.40 -29.74 8.28
CA LEU B 566 18.39 -28.55 7.40
C LEU B 566 18.52 -28.93 5.93
N LEU B 567 19.54 -29.70 5.62
CA LEU B 567 19.78 -30.19 4.27
C LEU B 567 18.57 -30.91 3.71
N THR B 568 17.89 -31.66 4.55
CA THR B 568 16.66 -32.34 4.18
C THR B 568 15.53 -31.34 3.94
N SER B 569 15.36 -30.39 4.85
CA SER B 569 14.29 -29.40 4.73
C SER B 569 14.44 -28.67 3.38
N VAL B 570 15.69 -28.46 2.96
CA VAL B 570 16.02 -27.76 1.72
C VAL B 570 15.93 -28.63 0.46
N GLY B 571 15.54 -29.90 0.60
CA GLY B 571 15.35 -30.81 -0.52
C GLY B 571 16.54 -31.67 -0.94
N LEU B 572 17.66 -31.61 -0.23
CA LEU B 572 18.84 -32.42 -0.57
C LEU B 572 18.76 -33.85 -0.02
N LYS B 573 18.67 -34.83 -0.92
CA LYS B 573 18.67 -36.27 -0.58
C LYS B 573 20.01 -36.85 -1.05
N PRO B 574 20.79 -37.48 -0.16
CA PRO B 574 22.15 -37.93 -0.58
C PRO B 574 22.15 -39.18 -1.48
N ASP B 575 23.05 -39.20 -2.46
CA ASP B 575 23.27 -40.39 -3.30
C ASP B 575 24.28 -41.35 -2.65
N GLY B 576 25.25 -40.81 -1.92
CA GLY B 576 26.13 -41.61 -1.09
C GLY B 576 26.43 -40.97 0.26
N ILE B 577 26.71 -41.82 1.25
CA ILE B 577 27.03 -41.36 2.61
C ILE B 577 28.30 -42.05 3.09
N ILE B 578 29.19 -41.31 3.75
CA ILE B 578 30.43 -41.87 4.32
C ILE B 578 30.70 -41.22 5.67
N GLY B 579 30.97 -42.02 6.70
CA GLY B 579 31.31 -41.50 8.04
C GLY B 579 32.78 -41.66 8.37
N HIS B 580 33.34 -40.69 9.10
CA HIS B 580 34.67 -40.80 9.68
C HIS B 580 34.50 -40.98 11.19
N SER B 581 34.77 -42.18 11.69
CA SER B 581 34.78 -42.45 13.13
C SER B 581 33.41 -42.17 13.77
N LEU B 582 33.30 -41.21 14.70
CA LEU B 582 32.02 -40.83 15.35
C LEU B 582 30.91 -40.38 14.38
N GLY B 583 31.33 -39.91 13.20
CA GLY B 583 30.42 -39.62 12.09
C GLY B 583 29.51 -40.76 11.67
N GLU B 584 29.96 -42.01 11.84
CA GLU B 584 29.15 -43.17 11.47
C GLU B 584 27.84 -43.28 12.26
N VAL B 585 27.74 -42.57 13.39
CA VAL B 585 26.46 -42.48 14.10
C VAL B 585 25.50 -41.59 13.32
N ALA B 586 25.96 -40.38 12.99
CA ALA B 586 25.18 -39.41 12.21
C ALA B 586 24.78 -40.00 10.85
N CYS B 587 25.73 -40.64 10.17
CA CYS B 587 25.47 -41.39 8.94
C CYS B 587 24.26 -42.31 9.02
N GLY B 588 24.08 -42.95 10.16
CA GLY B 588 22.94 -43.83 10.40
C GLY B 588 21.61 -43.09 10.40
N TYR B 589 21.62 -41.88 10.97
CA TYR B 589 20.43 -41.02 10.93
C TYR B 589 20.14 -40.61 9.50
N ALA B 590 21.19 -40.18 8.79
CA ALA B 590 21.04 -39.79 7.40
C ALA B 590 20.54 -40.92 6.51
N ASP B 591 20.90 -42.16 6.84
CA ASP B 591 20.56 -43.30 5.99
C ASP B 591 19.16 -43.86 6.24
N GLY B 592 18.55 -43.50 7.37
CA GLY B 592 17.26 -44.06 7.77
C GLY B 592 17.34 -45.28 8.68
N CYS B 593 18.55 -45.70 9.08
CA CYS B 593 18.72 -46.79 10.07
C CYS B 593 18.37 -46.38 11.50
N LEU B 594 18.78 -45.18 11.91
CA LEU B 594 18.65 -44.74 13.29
C LEU B 594 17.70 -43.55 13.43
N SER B 595 16.81 -43.62 14.41
CA SER B 595 16.04 -42.45 14.82
C SER B 595 17.00 -41.41 15.43
N GLN B 596 16.50 -40.19 15.63
CA GLN B 596 17.28 -39.15 16.32
C GLN B 596 17.67 -39.60 17.74
N ARG B 597 16.72 -40.20 18.46
CA ARG B 597 16.92 -40.65 19.84
C ARG B 597 18.02 -41.70 19.89
N GLU B 598 17.88 -42.72 19.04
CA GLU B 598 18.86 -43.79 18.92
C GLU B 598 20.28 -43.25 18.66
N ALA B 599 20.41 -42.29 17.75
CA ALA B 599 21.71 -41.74 17.40
C ALA B 599 22.31 -40.89 18.53
N VAL B 600 21.51 -40.02 19.14
CA VAL B 600 22.02 -39.17 20.22
C VAL B 600 22.44 -40.01 21.42
N LEU B 601 21.58 -40.95 21.82
CA LEU B 601 21.91 -41.87 22.94
C LEU B 601 23.10 -42.81 22.61
N ALA B 602 23.23 -43.27 21.37
CA ALA B 602 24.42 -44.02 20.99
C ALA B 602 25.68 -43.17 21.14
N ALA B 603 25.57 -41.86 20.88
CA ALA B 603 26.67 -40.93 21.13
C ALA B 603 26.96 -40.79 22.62
N TYR B 604 25.90 -40.67 23.44
CA TYR B 604 26.04 -40.53 24.89
C TYR B 604 26.83 -41.69 25.48
N TRP B 605 26.28 -42.90 25.33
CA TRP B 605 26.86 -44.09 25.95
C TRP B 605 28.23 -44.44 25.38
N ARG B 606 28.43 -44.20 24.09
CA ARG B 606 29.78 -44.31 23.52
C ARG B 606 30.79 -43.45 24.32
N GLY B 607 30.36 -42.26 24.75
CA GLY B 607 31.21 -41.37 25.56
C GLY B 607 31.22 -41.68 27.05
N GLN B 608 30.07 -42.04 27.60
CA GLN B 608 29.93 -42.34 29.03
C GLN B 608 30.65 -43.64 29.43
N CYS B 609 30.61 -44.66 28.56
CA CYS B 609 31.31 -45.92 28.79
C CYS B 609 32.83 -45.80 28.75
N ILE B 610 33.34 -44.84 27.99
CA ILE B 610 34.77 -44.51 28.01
C ILE B 610 35.12 -43.72 29.28
N LYS B 611 34.29 -42.73 29.61
CA LYS B 611 34.47 -41.95 30.83
C LYS B 611 34.53 -42.84 32.13
N ASP B 612 33.69 -43.88 32.21
CA ASP B 612 33.64 -44.83 33.35
C ASP B 612 34.76 -45.92 33.42
N ALA B 613 35.49 -46.11 32.33
CA ALA B 613 36.59 -47.10 32.26
C ALA B 613 37.93 -46.57 32.78
N HIS B 614 38.02 -45.24 32.87
CA HIS B 614 39.18 -44.51 33.49
C HIS B 614 40.56 -44.95 32.91
N LEU B 615 40.83 -44.59 31.66
CA LEU B 615 41.92 -45.16 30.87
C LEU B 615 43.22 -44.34 30.98
N PRO B 616 44.38 -44.94 30.62
CA PRO B 616 45.65 -44.20 30.70
C PRO B 616 45.80 -43.14 29.60
N PRO B 617 46.37 -41.95 29.92
CA PRO B 617 46.64 -40.91 28.90
C PRO B 617 47.18 -41.40 27.54
N GLY B 618 46.38 -41.24 26.48
CA GLY B 618 46.82 -41.57 25.09
C GLY B 618 46.60 -40.39 24.14
N SER B 619 47.23 -40.41 22.97
CA SER B 619 47.10 -39.32 21.98
C SER B 619 47.29 -39.73 20.52
N MET B 620 46.76 -38.90 19.62
CA MET B 620 46.79 -39.13 18.18
C MET B 620 47.36 -37.93 17.42
N ALA B 621 48.16 -38.23 16.39
CA ALA B 621 48.68 -37.21 15.47
C ALA B 621 48.54 -37.68 14.03
N ALA B 622 47.91 -36.86 13.18
CA ALA B 622 47.94 -37.08 11.73
C ALA B 622 49.38 -36.92 11.24
N VAL B 623 49.89 -37.86 10.44
CA VAL B 623 51.23 -37.78 9.89
C VAL B 623 51.26 -37.96 8.38
N GLY B 624 52.27 -37.35 7.76
CA GLY B 624 52.44 -37.34 6.31
C GLY B 624 53.24 -38.51 5.78
N LEU B 625 52.62 -39.67 5.79
CA LEU B 625 53.17 -40.87 5.13
C LEU B 625 52.04 -41.87 4.91
N SER B 626 52.21 -42.73 3.92
CA SER B 626 51.15 -43.64 3.46
C SER B 626 50.66 -44.63 4.51
N TRP B 627 49.58 -45.34 4.20
CA TRP B 627 49.04 -46.40 5.09
C TRP B 627 50.13 -47.43 5.32
N GLU B 628 50.71 -47.91 4.21
CA GLU B 628 51.78 -48.91 4.23
C GLU B 628 53.04 -48.48 5.01
N GLU B 629 53.54 -47.29 4.69
CA GLU B 629 54.72 -46.70 5.36
C GLU B 629 54.52 -46.57 6.89
N CYS B 630 53.27 -46.40 7.34
CA CYS B 630 52.95 -46.37 8.78
C CYS B 630 53.12 -47.70 9.52
N LYS B 631 52.96 -48.82 8.82
CA LYS B 631 53.22 -50.15 9.42
C LYS B 631 54.67 -50.21 9.92
N GLN B 632 55.62 -49.98 9.02
CA GLN B 632 57.05 -50.10 9.33
C GLN B 632 57.47 -49.10 10.39
N ARG B 633 57.51 -47.83 10.02
CA ARG B 633 58.24 -46.81 10.78
C ARG B 633 57.59 -46.45 12.15
N CYS B 634 56.44 -47.05 12.47
CA CYS B 634 55.88 -46.98 13.84
C CYS B 634 56.76 -47.74 14.85
N PRO B 635 56.87 -47.23 16.10
CA PRO B 635 57.52 -48.04 17.16
C PRO B 635 56.67 -49.28 17.56
N ALA B 636 56.74 -49.72 18.81
CA ALA B 636 55.70 -50.59 19.37
C ALA B 636 54.75 -49.70 20.19
N GLY B 637 53.49 -50.13 20.28
CA GLY B 637 52.45 -49.43 21.05
C GLY B 637 51.76 -48.28 20.33
N VAL B 638 52.28 -47.93 19.15
CA VAL B 638 51.70 -46.91 18.30
C VAL B 638 51.23 -47.61 17.03
N VAL B 639 49.98 -47.37 16.63
CA VAL B 639 49.43 -48.06 15.43
C VAL B 639 48.68 -47.12 14.47
N PRO B 640 48.62 -47.52 13.18
CA PRO B 640 47.86 -46.74 12.20
C PRO B 640 46.36 -46.80 12.50
N ALA B 641 45.76 -45.65 12.81
CA ALA B 641 44.36 -45.58 13.31
C ALA B 641 43.31 -45.12 12.26
N CYS B 642 43.60 -44.06 11.48
CA CYS B 642 42.67 -43.52 10.49
C CYS B 642 43.35 -43.34 9.15
N HIS B 643 42.90 -44.06 8.11
CA HIS B 643 43.43 -43.87 6.75
C HIS B 643 42.69 -42.72 6.07
N ASN B 644 43.17 -41.49 6.27
CA ASN B 644 42.48 -40.30 5.77
C ASN B 644 42.69 -40.14 4.25
N SER B 645 43.91 -39.87 3.80
CA SER B 645 44.28 -39.92 2.38
C SER B 645 45.51 -40.82 2.21
N GLU B 646 46.05 -40.96 1.00
CA GLU B 646 47.31 -41.67 0.82
C GLU B 646 48.54 -40.87 1.28
N ASP B 647 48.37 -39.57 1.54
CA ASP B 647 49.40 -38.78 2.22
C ASP B 647 49.18 -38.71 3.73
N THR B 648 47.93 -38.59 4.17
CA THR B 648 47.60 -38.35 5.59
C THR B 648 47.08 -39.61 6.27
N VAL B 649 47.74 -40.01 7.35
CA VAL B 649 47.30 -41.14 8.18
C VAL B 649 47.35 -40.71 9.64
N THR B 650 46.26 -40.89 10.39
CA THR B 650 46.29 -40.68 11.85
C THR B 650 46.85 -41.93 12.54
N ILE B 651 47.71 -41.71 13.53
CA ILE B 651 48.27 -42.80 14.36
C ILE B 651 47.76 -42.63 15.79
N SER B 652 47.81 -43.72 16.56
CA SER B 652 47.29 -43.73 17.91
C SER B 652 48.17 -44.60 18.82
N GLY B 653 48.30 -44.14 20.07
CA GLY B 653 49.08 -44.85 21.11
C GLY B 653 49.16 -44.06 22.41
N PRO B 654 50.08 -44.47 23.33
CA PRO B 654 50.39 -43.65 24.51
C PRO B 654 51.43 -42.59 24.12
N GLN B 655 51.56 -41.49 24.90
CA GLN B 655 52.68 -40.54 24.71
C GLN B 655 54.06 -41.22 24.89
N ALA B 656 54.12 -42.27 25.72
CA ALA B 656 55.31 -43.13 25.92
C ALA B 656 56.09 -43.54 24.64
N ALA B 657 55.44 -43.52 23.47
CA ALA B 657 56.13 -43.52 22.16
C ALA B 657 55.63 -42.46 21.14
N VAL B 658 54.42 -41.89 21.31
CA VAL B 658 53.81 -41.04 20.27
C VAL B 658 54.51 -39.69 20.11
N ASN B 659 54.89 -39.03 21.21
CA ASN B 659 55.57 -37.74 21.11
C ASN B 659 57.01 -37.86 20.59
N GLU B 660 57.78 -38.81 21.13
CA GLU B 660 59.20 -38.98 20.72
C GLU B 660 59.40 -39.61 19.33
N PHE B 661 58.48 -40.48 18.89
CA PHE B 661 58.52 -41.02 17.51
C PHE B 661 57.52 -40.28 16.56
N VAL B 662 57.05 -39.09 16.98
CA VAL B 662 56.55 -38.00 16.09
C VAL B 662 57.70 -37.05 15.70
N GLU B 663 58.64 -36.85 16.62
CA GLU B 663 59.77 -35.96 16.37
C GLU B 663 60.85 -36.55 15.48
N GLN B 664 61.06 -37.86 15.52
CA GLN B 664 61.92 -38.54 14.53
C GLN B 664 61.35 -38.41 13.08
N LEU B 665 60.05 -38.14 12.96
CA LEU B 665 59.43 -37.70 11.70
C LEU B 665 59.64 -36.20 11.45
N LYS B 666 59.14 -35.35 12.37
CA LYS B 666 59.07 -33.89 12.12
C LYS B 666 60.42 -33.13 12.28
N GLN B 667 61.48 -33.85 12.63
CA GLN B 667 62.86 -33.37 12.44
C GLN B 667 63.34 -33.63 11.00
N GLU B 668 62.78 -34.66 10.34
CA GLU B 668 62.93 -34.87 8.87
C GLU B 668 61.81 -34.21 8.05
N GLY B 669 61.22 -33.12 8.57
CA GLY B 669 60.27 -32.28 7.84
C GLY B 669 58.94 -32.91 7.44
N VAL B 670 58.56 -34.02 8.09
CA VAL B 670 57.35 -34.77 7.75
C VAL B 670 56.16 -34.12 8.46
N PHE B 671 55.02 -34.04 7.75
CA PHE B 671 53.80 -33.34 8.19
C PHE B 671 53.32 -33.90 9.53
N ALA B 672 52.69 -33.05 10.34
CA ALA B 672 52.16 -33.42 11.67
C ALA B 672 51.32 -32.30 12.29
N GLY B 678 40.22 -35.60 23.03
CA GLY B 678 39.98 -35.21 24.43
C GLY B 678 40.89 -35.91 25.44
N GLY B 679 42.14 -36.16 25.02
CA GLY B 679 43.16 -36.90 25.82
C GLY B 679 43.22 -38.42 25.71
N LEU B 680 42.67 -38.99 24.63
CA LEU B 680 42.51 -40.43 24.42
C LEU B 680 43.08 -40.93 23.08
N ALA B 681 43.28 -42.25 23.00
CA ALA B 681 43.84 -42.94 21.84
C ALA B 681 42.82 -43.86 21.17
N PHE B 682 41.96 -43.29 20.34
CA PHE B 682 40.84 -44.00 19.68
C PHE B 682 41.32 -44.93 18.56
N HIS B 683 40.40 -45.79 18.09
CA HIS B 683 40.62 -46.67 16.90
C HIS B 683 41.88 -47.51 16.99
N SER B 684 42.14 -47.96 18.21
CA SER B 684 43.31 -48.73 18.56
C SER B 684 42.93 -49.77 19.60
N TYR B 685 43.92 -50.58 19.96
CA TYR B 685 43.85 -51.49 21.09
C TYR B 685 43.25 -50.91 22.41
N PHE B 686 43.62 -49.69 22.82
CA PHE B 686 43.15 -49.11 24.13
C PHE B 686 41.64 -49.12 24.41
N MET B 687 40.84 -49.23 23.36
CA MET B 687 39.39 -49.10 23.45
C MET B 687 38.70 -50.46 23.62
N GLU B 688 39.44 -51.55 23.39
CA GLU B 688 38.84 -52.89 23.33
C GLU B 688 38.28 -53.32 24.70
N GLY B 689 38.76 -52.70 25.79
CA GLY B 689 38.19 -52.86 27.11
C GLY B 689 36.85 -52.21 27.37
N ILE B 690 36.38 -51.41 26.42
CA ILE B 690 35.05 -50.78 26.49
C ILE B 690 33.99 -51.68 25.85
N ALA B 691 34.39 -52.52 24.88
CA ALA B 691 33.45 -53.38 24.12
C ALA B 691 32.32 -54.05 24.92
N PRO B 692 32.63 -54.75 26.03
CA PRO B 692 31.54 -55.42 26.77
C PRO B 692 30.49 -54.48 27.42
N THR B 693 30.93 -53.42 28.10
CA THR B 693 29.98 -52.50 28.76
C THR B 693 29.23 -51.56 27.78
N LEU B 694 29.89 -51.16 26.67
CA LEU B 694 29.23 -50.37 25.61
C LEU B 694 28.21 -51.21 24.84
N LEU B 695 28.63 -52.39 24.38
CA LEU B 695 27.74 -53.37 23.72
C LEU B 695 26.46 -53.65 24.54
N GLN B 696 26.56 -53.60 25.87
CA GLN B 696 25.39 -53.79 26.72
C GLN B 696 24.46 -52.57 26.75
N ALA B 697 25.03 -51.38 26.89
CA ALA B 697 24.24 -50.13 26.89
C ALA B 697 23.58 -49.89 25.53
N LEU B 698 24.31 -50.13 24.45
CA LEU B 698 23.80 -49.95 23.08
C LEU B 698 22.74 -50.96 22.63
N LYS B 699 22.66 -52.11 23.30
CA LYS B 699 21.59 -53.08 23.02
C LYS B 699 20.28 -52.67 23.70
N LYS B 700 20.40 -51.97 24.84
CA LYS B 700 19.25 -51.30 25.46
C LYS B 700 18.78 -50.05 24.67
N VAL B 701 19.62 -49.49 23.80
CA VAL B 701 19.34 -48.28 23.02
C VAL B 701 18.85 -48.57 21.59
N ILE B 702 19.60 -49.38 20.83
CA ILE B 702 19.19 -49.82 19.49
C ILE B 702 18.36 -51.10 19.62
N ARG B 703 17.07 -50.93 19.96
CA ARG B 703 16.09 -52.03 20.03
C ARG B 703 16.19 -53.05 18.89
N GLU B 704 15.83 -52.64 17.69
CA GLU B 704 15.78 -53.55 16.55
C GLU B 704 16.59 -52.96 15.41
N PRO B 705 17.84 -53.44 15.18
CA PRO B 705 18.68 -52.93 14.10
C PRO B 705 18.01 -53.00 12.73
N ARG B 706 18.13 -51.93 11.95
CA ARG B 706 17.55 -51.81 10.60
C ARG B 706 18.68 -51.87 9.57
N PRO B 707 18.37 -52.32 8.33
CA PRO B 707 19.43 -52.50 7.33
C PRO B 707 20.07 -51.19 6.90
N ARG B 708 21.35 -51.24 6.53
CA ARG B 708 22.05 -50.07 5.97
C ARG B 708 21.90 -50.11 4.46
N SER B 709 21.45 -49.01 3.85
CA SER B 709 21.26 -48.96 2.39
C SER B 709 22.58 -49.08 1.65
N ALA B 710 22.51 -49.30 0.34
CA ALA B 710 23.68 -49.35 -0.54
C ALA B 710 24.43 -47.99 -0.56
N ARG B 711 23.66 -46.93 -0.35
CA ARG B 711 24.17 -45.57 -0.39
C ARG B 711 25.23 -45.34 0.72
N TRP B 712 25.04 -45.96 1.89
CA TRP B 712 25.99 -45.82 3.00
C TRP B 712 27.19 -46.80 2.90
N LEU B 713 28.38 -46.24 2.73
CA LEU B 713 29.63 -46.98 2.71
C LEU B 713 30.33 -46.97 4.10
N SER B 714 30.60 -48.17 4.62
CA SER B 714 31.26 -48.31 5.92
C SER B 714 32.72 -47.89 5.83
N THR B 715 33.20 -47.26 6.90
CA THR B 715 34.61 -47.04 7.14
C THR B 715 35.16 -47.90 8.29
N SER B 716 34.26 -48.41 9.15
CA SER B 716 34.63 -49.33 10.22
C SER B 716 34.97 -50.74 9.69
N ILE B 717 34.25 -51.18 8.66
CA ILE B 717 34.36 -52.53 8.11
C ILE B 717 34.91 -52.46 6.67
N PRO B 718 36.01 -53.19 6.37
CA PRO B 718 36.57 -53.11 5.01
C PRO B 718 35.65 -53.74 3.97
N GLU B 719 35.85 -53.34 2.72
CA GLU B 719 34.91 -53.63 1.65
C GLU B 719 34.60 -55.12 1.45
N ALA B 720 35.62 -55.97 1.57
CA ALA B 720 35.47 -57.44 1.43
C ALA B 720 34.34 -58.03 2.30
N GLN B 721 34.16 -57.51 3.52
CA GLN B 721 33.08 -57.95 4.42
C GLN B 721 31.89 -56.98 4.53
N TRP B 722 31.63 -56.18 3.50
CA TRP B 722 30.39 -55.39 3.45
C TRP B 722 29.18 -56.32 3.34
N GLN B 723 29.39 -57.47 2.71
CA GLN B 723 28.39 -58.54 2.65
C GLN B 723 28.06 -59.17 4.03
N SER B 724 29.01 -59.14 4.97
CA SER B 724 28.82 -59.75 6.31
C SER B 724 27.55 -59.31 7.02
N SER B 725 27.16 -60.07 8.03
CA SER B 725 25.98 -59.74 8.82
C SER B 725 26.24 -58.70 9.92
N LEU B 726 27.51 -58.41 10.26
CA LEU B 726 27.83 -57.24 11.11
C LEU B 726 27.51 -55.95 10.34
N ALA B 727 27.91 -55.95 9.07
CA ALA B 727 27.67 -54.85 8.14
C ALA B 727 26.20 -54.62 7.80
N ARG B 728 25.39 -55.68 7.69
CA ARG B 728 23.98 -55.58 7.27
C ARG B 728 23.16 -54.47 7.98
N THR B 729 23.32 -54.29 9.29
CA THR B 729 22.53 -53.31 10.08
C THR B 729 23.39 -52.39 10.96
N SER B 730 22.78 -51.30 11.42
CA SER B 730 23.41 -50.38 12.39
C SER B 730 23.01 -50.82 13.79
N SER B 731 23.63 -51.91 14.20
CA SER B 731 23.34 -52.57 15.45
C SER B 731 24.25 -52.00 16.50
N ALA B 732 23.95 -52.33 17.76
CA ALA B 732 24.89 -52.13 18.86
C ALA B 732 26.31 -52.64 18.52
N GLU B 733 26.38 -53.76 17.78
CA GLU B 733 27.64 -54.39 17.38
C GLU B 733 28.44 -53.54 16.37
N TYR B 734 27.76 -53.02 15.35
CA TYR B 734 28.40 -52.16 14.33
C TYR B 734 29.12 -50.96 14.96
N ASN B 735 28.40 -50.30 15.87
CA ASN B 735 28.90 -49.13 16.62
C ASN B 735 30.12 -49.40 17.48
N VAL B 736 30.09 -50.50 18.22
CA VAL B 736 31.20 -50.88 19.07
C VAL B 736 32.42 -51.19 18.19
N ASN B 737 32.19 -51.96 17.13
CA ASN B 737 33.25 -52.26 16.16
C ASN B 737 33.93 -51.00 15.58
N ASN B 738 33.14 -49.95 15.32
CA ASN B 738 33.66 -48.69 14.77
C ASN B 738 34.72 -48.07 15.69
N LEU B 739 34.43 -48.15 16.98
CA LEU B 739 35.20 -47.50 18.03
C LEU B 739 36.57 -48.15 18.25
N VAL B 740 36.67 -49.46 17.99
CA VAL B 740 37.95 -50.20 18.13
C VAL B 740 38.68 -50.47 16.81
N SER B 741 37.96 -50.51 15.69
CA SER B 741 38.56 -50.77 14.38
C SER B 741 39.18 -49.49 13.82
N PRO B 742 40.16 -49.63 12.90
CA PRO B 742 40.65 -48.44 12.23
C PRO B 742 39.57 -47.81 11.33
N VAL B 743 39.82 -46.56 10.90
CA VAL B 743 38.88 -45.81 10.04
C VAL B 743 39.38 -45.85 8.60
N LEU B 744 38.68 -46.64 7.79
CA LEU B 744 39.06 -46.92 6.41
C LEU B 744 38.39 -45.90 5.48
N PHE B 745 38.90 -44.68 5.57
CA PHE B 745 38.28 -43.50 4.97
C PHE B 745 38.62 -43.38 3.47
N GLN B 746 39.91 -43.24 3.11
CA GLN B 746 40.33 -43.23 1.67
C GLN B 746 39.75 -44.40 0.87
N GLU B 747 39.55 -45.53 1.55
CA GLU B 747 38.97 -46.73 0.95
C GLU B 747 37.55 -46.47 0.45
N ALA B 748 36.77 -45.70 1.21
CA ALA B 748 35.41 -45.31 0.80
C ALA B 748 35.41 -44.18 -0.25
N LEU B 749 36.36 -43.26 -0.15
CA LEU B 749 36.49 -42.15 -1.09
C LEU B 749 36.91 -42.58 -2.50
N TRP B 750 37.65 -43.68 -2.62
CA TRP B 750 37.95 -44.31 -3.90
C TRP B 750 36.62 -44.60 -4.66
N HIS B 751 35.55 -44.93 -3.92
CA HIS B 751 34.22 -45.19 -4.50
C HIS B 751 33.37 -43.97 -4.91
N ILE B 752 33.78 -42.75 -4.55
CA ILE B 752 33.01 -41.56 -4.96
C ILE B 752 33.30 -41.28 -6.45
N PRO B 753 32.23 -41.21 -7.29
CA PRO B 753 32.37 -41.16 -8.76
C PRO B 753 32.80 -39.79 -9.29
N GLU B 754 33.10 -39.70 -10.58
CA GLU B 754 33.54 -38.43 -11.19
C GLU B 754 32.41 -37.37 -11.12
N HIS B 755 32.80 -36.09 -11.04
CA HIS B 755 31.87 -34.95 -11.04
C HIS B 755 30.84 -34.98 -9.89
N ALA B 756 31.28 -35.36 -8.71
CA ALA B 756 30.37 -35.46 -7.58
C ALA B 756 30.46 -34.22 -6.71
N VAL B 757 29.39 -33.98 -5.97
CA VAL B 757 29.35 -32.85 -5.03
C VAL B 757 29.32 -33.44 -3.63
N VAL B 758 30.27 -32.97 -2.81
CA VAL B 758 30.61 -33.58 -1.53
C VAL B 758 30.48 -32.54 -0.41
N LEU B 759 29.51 -32.79 0.49
CA LEU B 759 29.24 -31.88 1.60
C LEU B 759 29.79 -32.43 2.91
N GLU B 760 30.69 -31.69 3.54
CA GLU B 760 31.22 -32.08 4.85
C GLU B 760 30.29 -31.63 5.98
N ILE B 761 29.54 -32.59 6.51
CA ILE B 761 28.58 -32.36 7.59
C ILE B 761 29.24 -32.46 8.96
N ALA B 762 29.47 -31.30 9.56
CA ALA B 762 30.23 -31.20 10.81
C ALA B 762 30.35 -29.75 11.25
N PRO B 763 30.38 -29.51 12.57
CA PRO B 763 30.50 -28.15 13.14
C PRO B 763 31.80 -27.43 12.85
N HIS B 764 32.78 -28.11 12.30
CA HIS B 764 33.84 -27.43 11.62
C HIS B 764 34.31 -28.35 10.53
N ALA B 765 34.63 -27.78 9.37
CA ALA B 765 34.89 -28.57 8.19
C ALA B 765 36.35 -29.01 8.14
N LEU B 766 36.73 -29.81 9.13
CA LEU B 766 38.11 -30.25 9.38
C LEU B 766 38.74 -31.03 8.23
N LEU B 767 37.94 -31.89 7.60
CA LEU B 767 38.41 -32.79 6.55
C LEU B 767 38.49 -32.21 5.10
N GLN B 768 38.35 -30.90 4.92
CA GLN B 768 38.34 -30.32 3.57
C GLN B 768 39.60 -30.67 2.81
N ALA B 769 40.73 -30.36 3.46
CA ALA B 769 42.07 -30.67 2.94
C ALA B 769 42.25 -32.13 2.56
N VAL B 770 41.72 -33.04 3.39
CA VAL B 770 41.80 -34.49 3.12
C VAL B 770 40.96 -34.86 1.91
N LEU B 771 39.72 -34.39 1.87
CA LEU B 771 38.76 -34.77 0.83
C LEU B 771 39.27 -34.33 -0.54
N LYS B 772 39.85 -33.12 -0.61
CA LYS B 772 40.45 -32.66 -1.86
C LYS B 772 41.55 -33.60 -2.37
N ARG B 773 42.48 -33.99 -1.50
CA ARG B 773 43.53 -34.97 -1.86
C ARG B 773 42.92 -36.33 -2.18
N GLY B 774 41.93 -36.72 -1.38
CA GLY B 774 41.43 -38.10 -1.38
C GLY B 774 40.38 -38.48 -2.40
N VAL B 775 39.64 -37.51 -2.94
CA VAL B 775 38.66 -37.81 -3.98
C VAL B 775 39.03 -37.11 -5.28
N LYS B 776 38.57 -37.65 -6.41
CA LYS B 776 38.89 -37.14 -7.75
C LYS B 776 38.83 -35.61 -7.86
N SER B 777 39.75 -35.02 -8.64
CA SER B 777 39.78 -33.56 -8.91
C SER B 777 38.48 -33.04 -9.50
N SER B 778 37.82 -33.87 -10.31
CA SER B 778 36.53 -33.51 -10.91
C SER B 778 35.38 -33.27 -9.92
N CYS B 779 35.56 -33.65 -8.66
CA CYS B 779 34.53 -33.45 -7.65
C CYS B 779 34.65 -32.06 -7.03
N THR B 780 33.55 -31.61 -6.42
CA THR B 780 33.49 -30.32 -5.75
C THR B 780 33.19 -30.56 -4.26
N ILE B 781 34.08 -30.06 -3.40
CA ILE B 781 34.07 -30.34 -1.98
C ILE B 781 33.62 -29.07 -1.29
N ILE B 782 32.57 -29.17 -0.49
CA ILE B 782 31.93 -28.01 0.09
C ILE B 782 31.83 -28.14 1.61
N PRO B 783 32.34 -27.14 2.36
CA PRO B 783 32.10 -27.14 3.80
C PRO B 783 30.73 -26.61 4.15
N LEU B 784 30.37 -26.68 5.44
CA LEU B 784 29.10 -26.15 5.93
C LEU B 784 29.18 -25.27 7.19
N MET B 785 30.17 -25.50 8.06
CA MET B 785 30.46 -24.59 9.19
C MET B 785 31.96 -24.42 9.34
N LYS B 786 32.39 -23.25 9.80
CA LYS B 786 33.78 -23.05 10.23
C LYS B 786 33.85 -22.68 11.71
N ARG B 787 35.04 -22.89 12.28
CA ARG B 787 35.28 -22.77 13.71
C ARG B 787 35.53 -21.30 13.98
N ASP B 788 34.79 -20.76 14.94
CA ASP B 788 34.85 -19.33 15.29
C ASP B 788 34.60 -18.39 14.09
N HIS B 789 33.83 -18.83 13.09
CA HIS B 789 33.46 -17.93 11.99
C HIS B 789 32.51 -16.90 12.57
N LYS B 790 32.65 -15.64 12.15
CA LYS B 790 31.88 -14.54 12.75
C LYS B 790 30.37 -14.83 12.69
N ASP B 791 29.88 -15.27 11.52
CA ASP B 791 28.49 -15.68 11.33
C ASP B 791 28.50 -17.02 10.59
N ASN B 792 28.10 -18.10 11.26
CA ASN B 792 28.01 -19.41 10.59
C ASN B 792 26.78 -19.54 9.71
N LEU B 793 25.69 -18.87 10.10
CA LEU B 793 24.50 -18.79 9.25
C LEU B 793 24.86 -18.24 7.87
N GLU B 794 25.60 -17.14 7.82
CA GLU B 794 26.14 -16.64 6.56
C GLU B 794 26.98 -17.70 5.85
N PHE B 795 27.91 -18.34 6.57
CA PHE B 795 28.84 -19.33 5.97
C PHE B 795 28.08 -20.53 5.36
N PHE B 796 27.10 -21.02 6.12
CA PHE B 796 26.25 -22.11 5.69
C PHE B 796 25.51 -21.76 4.41
N LEU B 797 24.82 -20.61 4.44
CA LEU B 797 24.14 -20.04 3.27
C LEU B 797 25.03 -19.93 2.02
N THR B 798 26.27 -19.50 2.17
CA THR B 798 27.15 -19.24 1.04
C THR B 798 27.52 -20.54 0.35
N ASN B 799 27.68 -21.54 1.20
CA ASN B 799 28.08 -22.86 0.75
C ASN B 799 26.88 -23.62 0.19
N LEU B 800 25.70 -23.32 0.75
CA LEU B 800 24.47 -23.90 0.23
C LEU B 800 24.18 -23.34 -1.17
N GLY B 801 24.49 -22.05 -1.36
CA GLY B 801 24.54 -21.47 -2.69
C GLY B 801 25.52 -22.14 -3.64
N LYS B 802 26.70 -22.47 -3.14
CA LYS B 802 27.68 -23.21 -3.94
C LYS B 802 27.12 -24.55 -4.41
N VAL B 803 26.20 -25.14 -3.66
CA VAL B 803 25.60 -26.39 -4.13
C VAL B 803 24.62 -26.13 -5.28
N HIS B 804 23.81 -25.08 -5.16
CA HIS B 804 22.96 -24.63 -6.27
C HIS B 804 23.83 -24.42 -7.53
N LEU B 805 25.01 -23.81 -7.39
CA LEU B 805 25.91 -23.62 -8.54
C LEU B 805 26.29 -24.86 -9.32
N THR B 806 26.27 -26.02 -8.67
CA THR B 806 26.68 -27.27 -9.33
C THR B 806 25.65 -27.84 -10.31
N GLY B 807 24.38 -27.46 -10.14
CA GLY B 807 23.28 -28.04 -10.91
C GLY B 807 22.25 -28.74 -10.05
N ILE B 808 22.50 -28.86 -8.77
CA ILE B 808 21.63 -29.58 -7.86
C ILE B 808 20.64 -28.60 -7.26
N ASN B 809 19.36 -28.92 -7.28
CA ASN B 809 18.37 -28.00 -6.78
C ASN B 809 18.32 -27.94 -5.27
N VAL B 810 17.99 -26.75 -4.78
CA VAL B 810 18.05 -26.37 -3.37
C VAL B 810 16.97 -25.34 -3.16
N ASN B 811 16.07 -25.58 -2.21
CA ASN B 811 15.06 -24.59 -1.86
C ASN B 811 15.37 -23.95 -0.51
N PRO B 812 16.13 -22.85 -0.50
CA PRO B 812 16.46 -22.23 0.78
C PRO B 812 15.28 -21.64 1.50
N ASN B 813 14.17 -21.42 0.82
CA ASN B 813 12.98 -20.89 1.50
C ASN B 813 12.58 -21.70 2.73
N ALA B 814 12.79 -23.01 2.70
CA ALA B 814 12.43 -23.87 3.86
C ALA B 814 13.25 -23.64 5.15
N LEU B 815 14.44 -23.08 5.01
CA LEU B 815 15.25 -22.69 6.16
C LEU B 815 14.62 -21.62 7.05
N PHE B 816 13.72 -20.82 6.51
CA PHE B 816 13.15 -19.69 7.24
C PHE B 816 11.65 -19.86 7.37
N PRO B 817 11.04 -19.11 8.29
CA PRO B 817 9.57 -19.25 8.44
C PRO B 817 8.85 -18.97 7.14
N PRO B 818 7.73 -19.64 6.93
CA PRO B 818 7.10 -19.51 5.61
C PRO B 818 6.59 -18.08 5.38
N VAL B 819 6.72 -17.59 4.15
CA VAL B 819 6.12 -16.32 3.77
C VAL B 819 4.63 -16.50 3.57
N GLU B 820 3.81 -15.62 4.15
CA GLU B 820 2.35 -15.75 3.98
C GLU B 820 1.92 -15.03 2.70
N PHE B 821 1.68 -15.78 1.64
CA PHE B 821 1.13 -15.21 0.42
C PHE B 821 -0.39 -15.06 0.55
N PRO B 822 -1.04 -14.22 -0.27
CA PRO B 822 -0.56 -13.40 -1.37
C PRO B 822 0.55 -12.39 -0.99
N ALA B 823 1.49 -12.20 -1.90
CA ALA B 823 2.51 -11.19 -1.73
C ALA B 823 1.87 -9.82 -1.70
N PRO B 824 2.52 -8.90 -1.04
CA PRO B 824 1.97 -7.54 -1.01
C PRO B 824 2.04 -6.88 -2.37
N ARG B 825 1.11 -5.97 -2.62
CA ARG B 825 1.12 -5.10 -3.78
C ARG B 825 2.40 -4.35 -3.88
N GLY B 826 2.88 -4.10 -5.07
CA GLY B 826 4.16 -3.45 -5.30
C GLY B 826 5.37 -4.34 -5.15
N THR B 827 5.18 -5.66 -4.95
CA THR B 827 6.29 -6.60 -5.04
C THR B 827 6.85 -6.46 -6.46
N PRO B 828 8.18 -6.26 -6.62
CA PRO B 828 8.70 -6.00 -7.96
C PRO B 828 8.30 -7.00 -9.02
N LEU B 829 8.20 -6.53 -10.26
CA LEU B 829 7.91 -7.44 -11.36
C LEU B 829 9.12 -8.30 -11.59
N ILE B 830 8.86 -9.55 -12.01
CA ILE B 830 9.89 -10.52 -12.38
C ILE B 830 10.03 -10.63 -13.89
N SER B 831 8.93 -10.56 -14.65
CA SER B 831 8.97 -10.76 -16.11
C SER B 831 10.07 -9.98 -16.83
N PRO B 832 10.31 -8.71 -16.46
CA PRO B 832 11.29 -7.98 -17.25
C PRO B 832 12.73 -8.42 -17.11
N HIS B 833 13.04 -9.20 -16.07
CA HIS B 833 14.41 -9.58 -15.76
C HIS B 833 14.72 -10.99 -16.18
N ILE B 834 13.79 -11.61 -16.90
CA ILE B 834 14.02 -12.91 -17.50
C ILE B 834 14.66 -12.61 -18.86
N LYS B 835 15.89 -13.10 -19.07
CA LYS B 835 16.62 -12.81 -20.29
C LYS B 835 16.93 -14.12 -20.97
N TRP B 836 16.89 -14.08 -22.31
CA TRP B 836 16.99 -15.26 -23.14
C TRP B 836 18.29 -15.22 -23.88
N ASP B 837 18.66 -16.34 -24.50
CA ASP B 837 19.78 -16.39 -25.42
C ASP B 837 19.23 -15.99 -26.78
N HIS B 838 19.47 -14.74 -27.15
CA HIS B 838 19.04 -14.18 -28.43
C HIS B 838 20.18 -14.01 -29.44
N SER B 839 21.17 -14.89 -29.38
CA SER B 839 22.30 -14.86 -30.30
C SER B 839 21.89 -15.21 -31.71
N GLN B 840 20.87 -16.05 -31.90
CA GLN B 840 20.41 -16.39 -33.24
C GLN B 840 19.49 -15.30 -33.80
N THR B 841 19.29 -15.34 -35.13
CA THR B 841 18.42 -14.39 -35.84
C THR B 841 17.55 -15.13 -36.86
N TRP B 842 16.24 -15.11 -36.65
CA TRP B 842 15.31 -15.92 -37.40
C TRP B 842 14.61 -15.09 -38.46
N ASP B 843 14.05 -15.76 -39.47
CA ASP B 843 13.43 -15.06 -40.58
C ASP B 843 12.15 -14.43 -40.11
N VAL B 844 11.76 -13.37 -40.79
CA VAL B 844 10.52 -12.69 -40.51
C VAL B 844 9.91 -12.33 -41.84
N PRO B 845 8.64 -12.65 -42.06
CA PRO B 845 8.00 -12.15 -43.27
C PRO B 845 8.11 -10.65 -43.47
N VAL B 846 8.20 -10.24 -44.73
CA VAL B 846 8.37 -8.83 -45.10
C VAL B 846 7.27 -8.45 -46.08
N ALA B 847 7.07 -7.15 -46.32
CA ALA B 847 5.97 -6.71 -47.18
C ALA B 847 6.01 -7.36 -48.57
N GLU B 848 7.22 -7.56 -49.08
CA GLU B 848 7.45 -8.13 -50.42
C GLU B 848 6.99 -9.58 -50.52
N ASP B 849 6.83 -10.27 -49.39
CA ASP B 849 6.29 -11.64 -49.39
C ASP B 849 4.80 -11.74 -49.66
N PHE B 850 4.09 -10.61 -49.72
CA PHE B 850 2.65 -10.62 -50.01
C PHE B 850 2.30 -10.04 -51.37
N PRO B 851 1.18 -10.42 -51.98
CA PRO B 851 0.74 -9.86 -53.26
C PRO B 851 0.57 -8.31 -53.29
N ASN B 852 0.66 -7.70 -54.49
CA ASN B 852 0.42 -6.22 -54.71
C ASN B 852 -0.21 -5.80 -56.04
N SER C 1 16.38 5.15 26.18
CA SER C 1 15.71 3.87 25.86
C SER C 1 14.19 3.97 26.12
N GLU C 2 13.49 4.40 25.08
CA GLU C 2 12.03 4.43 24.96
C GLU C 2 11.74 4.71 23.45
N GLU C 3 10.90 3.90 22.80
CA GLU C 3 10.76 3.97 21.32
C GLU C 3 9.81 5.08 20.89
N VAL C 4 10.27 5.94 19.97
CA VAL C 4 9.51 7.12 19.56
C VAL C 4 9.00 6.96 18.15
N VAL C 5 7.71 7.16 17.94
CA VAL C 5 7.09 7.03 16.59
C VAL C 5 6.41 8.30 16.12
N ILE C 6 6.35 8.46 14.80
CA ILE C 6 5.56 9.51 14.19
C ILE C 6 4.21 8.90 14.02
N ALA C 7 3.23 9.43 14.73
CA ALA C 7 1.91 8.84 14.84
C ALA C 7 0.85 9.44 13.98
N GLY C 8 0.96 10.72 13.67
CA GLY C 8 -0.12 11.46 12.99
C GLY C 8 0.47 12.64 12.28
N MET C 9 -0.15 13.05 11.19
CA MET C 9 0.34 14.24 10.49
C MET C 9 -0.76 14.95 9.78
N SER C 10 -0.54 16.23 9.56
CA SER C 10 -1.42 17.01 8.72
C SER C 10 -0.66 18.20 8.22
N GLY C 11 -1.22 18.90 7.24
CA GLY C 11 -0.63 20.16 6.81
C GLY C 11 -1.30 20.88 5.66
N LYS C 12 -0.81 22.09 5.40
CA LYS C 12 -1.20 22.88 4.24
C LYS C 12 0.06 23.30 3.49
N LEU C 13 0.09 23.06 2.18
CA LEU C 13 1.29 23.28 1.38
C LEU C 13 0.92 24.04 0.14
N PRO C 14 1.91 24.59 -0.58
CA PRO C 14 1.58 25.36 -1.76
C PRO C 14 0.66 24.61 -2.68
N GLU C 15 -0.43 25.26 -3.04
CA GLU C 15 -1.53 24.69 -3.83
C GLU C 15 -2.21 23.46 -3.24
N SER C 16 -2.04 23.17 -1.97
CA SER C 16 -2.51 21.92 -1.40
C SER C 16 -3.15 22.18 -0.04
N GLU C 17 -4.48 22.15 -0.02
CA GLU C 17 -5.25 22.48 1.16
C GLU C 17 -5.12 21.44 2.30
N ASN C 18 -4.78 20.19 1.95
CA ASN C 18 -4.45 19.15 2.89
C ASN C 18 -3.42 18.18 2.31
N LEU C 19 -3.04 17.16 3.06
CA LEU C 19 -2.00 16.23 2.56
C LEU C 19 -2.45 15.33 1.43
N GLN C 20 -3.77 15.09 1.25
CA GLN C 20 -4.26 14.34 0.06
C GLN C 20 -3.95 15.13 -1.19
N GLU C 21 -4.26 16.43 -1.16
CA GLU C 21 -3.96 17.31 -2.29
C GLU C 21 -2.48 17.44 -2.49
N PHE C 22 -1.70 17.46 -1.41
CA PHE C 22 -0.24 17.55 -1.51
C PHE C 22 0.28 16.32 -2.24
N TRP C 23 -0.23 15.14 -1.85
CA TRP C 23 0.18 13.90 -2.48
C TRP C 23 -0.15 13.86 -3.96
N ALA C 24 -1.39 14.23 -4.28
CA ALA C 24 -1.84 14.30 -5.65
C ALA C 24 -0.89 15.09 -6.52
N ASN C 25 -0.52 16.28 -6.05
CA ASN C 25 0.45 17.14 -6.74
C ASN C 25 1.84 16.52 -6.80
N LEU C 26 2.28 15.88 -5.72
CA LEU C 26 3.61 15.29 -5.69
C LEU C 26 3.77 14.17 -6.74
N ILE C 27 2.92 13.16 -6.63
CA ILE C 27 3.01 11.96 -7.44
C ILE C 27 2.60 12.28 -8.85
N GLY C 28 1.71 13.25 -8.98
CA GLY C 28 1.32 13.81 -10.28
C GLY C 28 2.29 14.73 -10.97
N GLY C 29 3.39 15.07 -10.35
CA GLY C 29 4.39 15.95 -10.95
C GLY C 29 3.89 17.35 -11.24
N VAL C 30 2.97 17.87 -10.42
CA VAL C 30 2.48 19.23 -10.54
C VAL C 30 3.45 20.16 -9.79
N ASP C 31 3.89 21.23 -10.48
CA ASP C 31 4.70 22.27 -9.88
C ASP C 31 3.74 23.12 -9.07
N MET C 32 3.99 23.20 -7.77
CA MET C 32 3.11 23.91 -6.82
C MET C 32 3.55 25.37 -6.64
N VAL C 33 4.67 25.72 -7.25
CA VAL C 33 5.12 27.09 -7.29
C VAL C 33 4.30 27.82 -8.34
N THR C 34 3.82 29.03 -8.03
CA THR C 34 2.96 29.80 -8.92
C THR C 34 3.44 31.22 -9.04
N ASP C 35 2.84 31.99 -9.95
CA ASP C 35 3.25 33.37 -10.19
C ASP C 35 2.12 34.39 -10.19
N ASP C 36 1.03 34.08 -9.52
CA ASP C 36 -0.07 35.04 -9.41
C ASP C 36 0.25 36.11 -8.35
N ASP C 37 -0.68 37.03 -8.13
CA ASP C 37 -0.49 38.22 -7.31
C ASP C 37 -1.05 38.07 -5.88
N ARG C 38 -1.09 36.83 -5.38
CA ARG C 38 -1.78 36.56 -4.12
C ARG C 38 -1.30 37.37 -2.92
N ARG C 39 0.00 37.53 -2.79
CA ARG C 39 0.57 38.25 -1.65
C ARG C 39 1.02 39.65 -2.02
N TRP C 40 1.54 39.79 -3.23
CA TRP C 40 1.97 41.08 -3.73
C TRP C 40 2.12 41.04 -5.25
N LYS C 41 2.10 42.19 -5.92
CA LYS C 41 2.15 42.28 -7.41
C LYS C 41 3.37 41.51 -7.82
N ALA C 42 3.20 40.44 -8.61
CA ALA C 42 4.33 39.59 -8.92
C ALA C 42 5.37 40.41 -9.71
N GLY C 43 6.61 40.41 -9.24
CA GLY C 43 7.66 41.22 -9.85
C GLY C 43 8.04 42.46 -9.06
N LEU C 44 7.17 42.90 -8.17
CA LEU C 44 7.46 44.02 -7.25
C LEU C 44 8.91 44.06 -6.79
N TYR C 45 9.50 45.25 -6.81
CA TYR C 45 10.90 45.46 -6.47
C TYR C 45 11.87 44.55 -7.23
N GLY C 46 11.47 44.05 -8.40
CA GLY C 46 12.32 43.12 -9.16
C GLY C 46 12.44 41.74 -8.58
N LEU C 47 11.51 41.35 -7.70
CA LEU C 47 11.56 40.05 -7.03
C LEU C 47 11.17 38.97 -8.00
N PRO C 48 11.56 37.72 -7.71
CA PRO C 48 11.05 36.66 -8.56
C PRO C 48 9.53 36.65 -8.57
N LYS C 49 8.93 36.33 -9.70
CA LYS C 49 7.48 36.31 -9.81
C LYS C 49 6.91 35.03 -9.16
N ARG C 50 7.75 34.00 -9.02
CA ARG C 50 7.34 32.69 -8.59
C ARG C 50 7.66 32.46 -7.09
N SER C 51 6.68 31.96 -6.35
CA SER C 51 6.86 31.58 -4.97
C SER C 51 5.82 30.49 -4.68
N GLY C 52 6.08 29.58 -3.74
CA GLY C 52 5.05 28.60 -3.34
C GLY C 52 4.06 29.17 -2.33
N LYS C 53 2.77 29.19 -2.64
CA LYS C 53 1.81 29.85 -1.71
C LYS C 53 0.59 28.98 -1.35
N LEU C 54 0.12 29.13 -0.14
CA LEU C 54 -1.11 28.48 0.30
C LEU C 54 -2.34 29.01 -0.45
N LYS C 55 -3.30 28.13 -0.70
CA LYS C 55 -4.55 28.54 -1.35
C LYS C 55 -5.28 29.57 -0.54
N ASP C 56 -5.33 29.41 0.77
CA ASP C 56 -6.04 30.36 1.60
C ASP C 56 -5.44 30.61 3.00
N LEU C 57 -5.55 31.86 3.49
CA LEU C 57 -5.17 32.26 4.87
C LEU C 57 -6.32 32.86 5.71
N SER C 58 -7.47 33.09 5.09
CA SER C 58 -8.56 33.77 5.74
C SER C 58 -9.55 32.87 6.51
N LYS C 59 -9.43 31.55 6.42
CA LYS C 59 -10.33 30.66 7.14
C LYS C 59 -9.78 30.14 8.45
N PHE C 60 -10.66 30.08 9.44
CA PHE C 60 -10.35 29.64 10.78
C PHE C 60 -11.63 29.45 11.56
N ASP C 61 -11.87 28.22 12.00
CA ASP C 61 -13.01 27.89 12.81
C ASP C 61 -12.78 28.40 14.22
N ALA C 62 -12.97 29.70 14.37
CA ALA C 62 -12.60 30.37 15.60
C ALA C 62 -13.30 29.85 16.83
N SER C 63 -14.61 29.60 16.71
CA SER C 63 -15.38 29.27 17.89
C SER C 63 -15.01 27.90 18.42
N PHE C 64 -14.59 26.98 17.57
CA PHE C 64 -14.11 25.67 18.04
C PHE C 64 -12.91 25.80 18.96
N PHE C 65 -12.04 26.77 18.66
CA PHE C 65 -10.79 26.99 19.40
C PHE C 65 -10.92 28.00 20.54
N GLY C 66 -12.10 28.52 20.75
CA GLY C 66 -12.38 29.35 21.91
C GLY C 66 -11.89 30.76 21.72
N VAL C 67 -11.92 31.23 20.49
CA VAL C 67 -11.31 32.49 20.13
C VAL C 67 -12.41 33.41 19.70
N HIS C 68 -12.53 34.57 20.33
CA HIS C 68 -13.66 35.48 20.03
C HIS C 68 -13.27 36.27 18.78
N PRO C 69 -14.26 36.74 18.02
CA PRO C 69 -13.92 37.32 16.69
C PRO C 69 -12.92 38.47 16.68
N LYS C 70 -12.91 39.28 17.71
CA LYS C 70 -11.95 40.36 17.77
C LYS C 70 -10.51 39.83 17.91
N GLN C 71 -10.33 38.72 18.64
CA GLN C 71 -9.00 38.09 18.78
C GLN C 71 -8.57 37.39 17.46
N ALA C 72 -9.51 36.71 16.81
CA ALA C 72 -9.24 36.04 15.53
C ALA C 72 -8.76 37.00 14.46
N HIS C 73 -9.39 38.16 14.31
CA HIS C 73 -8.95 39.14 13.30
C HIS C 73 -7.53 39.66 13.56
N THR C 74 -7.07 39.57 14.80
CA THR C 74 -5.70 39.97 15.15
C THR C 74 -4.75 38.78 15.49
N MET C 75 -5.08 37.59 15.02
CA MET C 75 -4.17 36.45 15.12
C MET C 75 -3.32 36.30 13.87
N ASP C 76 -2.06 35.95 14.06
CA ASP C 76 -1.18 35.56 12.98
C ASP C 76 -1.88 34.45 12.22
N PRO C 77 -2.09 34.62 10.92
CA PRO C 77 -2.69 33.48 10.23
C PRO C 77 -1.88 32.18 10.36
N GLN C 78 -0.54 32.27 10.55
CA GLN C 78 0.27 31.08 10.91
C GLN C 78 -0.40 30.29 12.04
N LEU C 79 -0.80 30.98 13.10
CA LEU C 79 -1.32 30.33 14.29
C LEU C 79 -2.73 29.77 14.12
N ARG C 80 -3.58 30.53 13.42
CA ARG C 80 -4.94 30.08 13.11
C ARG C 80 -4.88 28.78 12.32
N LEU C 81 -4.04 28.74 11.31
CA LEU C 81 -3.92 27.56 10.49
C LEU C 81 -3.26 26.42 11.29
N LEU C 82 -2.27 26.72 12.09
CA LEU C 82 -1.58 25.67 12.86
C LEU C 82 -2.50 25.02 13.92
N LEU C 83 -3.49 25.76 14.43
CA LEU C 83 -4.42 25.17 15.40
C LEU C 83 -5.23 24.06 14.75
N GLU C 84 -5.83 24.38 13.60
CA GLU C 84 -6.55 23.40 12.77
C GLU C 84 -5.64 22.23 12.41
N VAL C 85 -4.49 22.55 11.85
CA VAL C 85 -3.58 21.54 11.34
C VAL C 85 -3.11 20.61 12.48
N SER C 86 -2.86 21.20 13.66
CA SER C 86 -2.47 20.44 14.83
C SER C 86 -3.56 19.45 15.25
N TYR C 87 -4.81 19.93 15.33
CA TYR C 87 -5.94 19.05 15.67
C TYR C 87 -6.03 17.91 14.63
N GLU C 88 -5.95 18.29 13.35
CA GLU C 88 -5.99 17.32 12.27
C GLU C 88 -4.87 16.29 12.49
N ALA C 89 -3.67 16.74 12.86
CA ALA C 89 -2.55 15.83 13.08
C ALA C 89 -2.76 14.84 14.19
N ILE C 90 -3.38 15.28 15.28
CA ILE C 90 -3.61 14.41 16.42
C ILE C 90 -4.64 13.33 16.08
N VAL C 91 -5.78 13.72 15.53
CA VAL C 91 -6.80 12.73 15.15
C VAL C 91 -6.36 11.82 14.02
N ASP C 92 -5.49 12.31 13.12
CA ASP C 92 -4.92 11.46 12.05
C ASP C 92 -4.26 10.23 12.63
N GLY C 93 -3.71 10.36 13.85
CA GLY C 93 -3.09 9.25 14.54
C GLY C 93 -4.05 8.28 15.19
N GLY C 94 -5.33 8.61 15.16
CA GLY C 94 -6.38 7.76 15.67
C GLY C 94 -6.47 7.98 17.17
N ILE C 95 -6.07 9.17 17.63
CA ILE C 95 -6.00 9.52 19.03
C ILE C 95 -7.00 10.64 19.33
N ASN C 96 -7.84 10.41 20.35
CA ASN C 96 -8.83 11.40 20.74
C ASN C 96 -8.04 12.43 21.55
N PRO C 97 -8.09 13.70 21.13
CA PRO C 97 -7.29 14.69 21.84
C PRO C 97 -7.56 14.76 23.37
N ALA C 98 -8.80 14.46 23.76
CA ALA C 98 -9.19 14.40 25.16
C ALA C 98 -8.26 13.49 25.96
N SER C 99 -7.85 12.37 25.38
CA SER C 99 -6.98 11.47 26.09
C SER C 99 -5.58 12.02 26.37
N LEU C 100 -5.20 13.13 25.73
CA LEU C 100 -3.93 13.77 26.04
C LEU C 100 -4.06 15.03 26.91
N ARG C 101 -5.29 15.49 27.15
CA ARG C 101 -5.52 16.64 28.04
C ARG C 101 -4.96 16.37 29.41
N GLY C 102 -4.24 17.33 29.95
CA GLY C 102 -3.66 17.19 31.26
C GLY C 102 -2.39 16.38 31.33
N THR C 103 -1.96 15.77 30.23
CA THR C 103 -0.71 15.02 30.22
C THR C 103 0.49 15.96 30.11
N ASN C 104 1.68 15.41 30.27
CA ASN C 104 2.90 16.17 30.12
C ASN C 104 3.41 16.11 28.64
N THR C 105 2.46 16.11 27.72
CA THR C 105 2.73 16.22 26.30
C THR C 105 3.34 17.59 26.00
N GLY C 106 4.38 17.59 25.18
CA GLY C 106 5.16 18.79 24.79
C GLY C 106 4.74 19.41 23.48
N VAL C 107 5.15 20.65 23.22
CA VAL C 107 4.91 21.32 21.97
C VAL C 107 6.16 22.05 21.56
N TRP C 108 6.65 21.79 20.37
CA TRP C 108 7.81 22.50 19.84
C TRP C 108 7.40 22.97 18.46
N VAL C 109 7.58 24.24 18.19
CA VAL C 109 7.26 24.78 16.88
C VAL C 109 8.45 25.49 16.29
N GLY C 110 8.84 25.09 15.09
CA GLY C 110 9.86 25.80 14.31
C GLY C 110 9.23 26.92 13.53
N VAL C 111 9.71 28.15 13.77
CA VAL C 111 9.11 29.36 13.18
C VAL C 111 10.16 30.48 13.16
N SER C 112 10.19 31.22 12.04
CA SER C 112 11.24 32.21 11.76
C SER C 112 10.75 33.62 11.54
N GLY C 113 9.46 33.82 11.49
CA GLY C 113 8.91 35.12 11.15
C GLY C 113 7.60 35.40 11.84
N SER C 114 7.36 36.69 12.03
CA SER C 114 6.19 37.18 12.71
C SER C 114 5.77 38.44 11.97
N GLU C 115 5.55 38.29 10.68
CA GLU C 115 5.24 39.42 9.83
C GLU C 115 3.86 39.98 10.21
N ALA C 116 2.93 39.12 10.61
CA ALA C 116 1.63 39.62 11.11
C ALA C 116 1.77 40.53 12.33
N SER C 117 2.64 40.17 13.23
CA SER C 117 2.99 41.02 14.36
C SER C 117 3.35 42.43 13.89
N GLU C 118 4.20 42.55 12.87
CA GLU C 118 4.62 43.87 12.39
C GLU C 118 3.43 44.64 11.87
N ALA C 119 2.63 43.97 11.05
CA ALA C 119 1.50 44.59 10.43
C ALA C 119 0.50 45.07 11.46
N LEU C 120 0.07 44.19 12.36
CA LEU C 120 -0.96 44.49 13.35
C LEU C 120 -0.53 45.42 14.46
N SER C 121 0.76 45.71 14.58
CA SER C 121 1.22 46.70 15.56
C SER C 121 1.69 48.00 14.92
N ARG C 122 1.33 48.24 13.64
CA ARG C 122 1.84 49.41 12.92
C ARG C 122 1.30 50.75 13.40
N ASP C 123 0.11 50.76 13.99
CA ASP C 123 -0.56 52.00 14.35
C ASP C 123 -0.96 52.02 15.84
N PRO C 124 -0.18 52.73 16.68
CA PRO C 124 -0.44 52.85 18.11
C PRO C 124 -1.86 53.26 18.45
N GLU C 125 -2.45 54.13 17.62
CA GLU C 125 -3.81 54.63 17.87
C GLU C 125 -4.81 53.48 17.91
N THR C 126 -4.78 52.64 16.89
CA THR C 126 -5.83 51.63 16.65
C THR C 126 -5.47 50.15 16.93
N LEU C 127 -4.24 49.87 17.37
CA LEU C 127 -3.84 48.49 17.58
C LEU C 127 -4.46 47.96 18.85
N LEU C 128 -4.57 46.64 18.93
CA LEU C 128 -5.17 46.00 20.05
C LEU C 128 -4.09 45.29 20.80
N GLY C 129 -4.22 45.25 22.10
CA GLY C 129 -3.35 44.43 22.94
C GLY C 129 -3.45 42.99 22.55
N TYR C 130 -4.58 42.54 22.03
CA TYR C 130 -4.72 41.15 21.59
C TYR C 130 -3.71 40.75 20.52
N SER C 131 -3.19 41.70 19.75
CA SER C 131 -2.22 41.41 18.71
C SER C 131 -0.98 40.68 19.26
N MET C 132 -0.51 41.09 20.44
CA MET C 132 0.56 40.40 21.12
C MET C 132 0.22 38.94 21.40
N VAL C 133 -0.96 38.68 21.97
CA VAL C 133 -1.35 37.33 22.35
C VAL C 133 -1.56 36.42 21.14
N GLY C 134 -1.85 37.01 19.99
CA GLY C 134 -2.07 36.25 18.78
C GLY C 134 -0.94 36.27 17.78
N CYS C 135 0.14 37.01 18.06
CA CYS C 135 1.27 37.16 17.13
C CYS C 135 2.66 37.00 17.65
N GLN C 136 2.90 37.24 18.94
CA GLN C 136 4.25 37.04 19.50
C GLN C 136 4.64 35.58 19.27
N ARG C 137 5.88 35.39 18.87
CA ARG C 137 6.33 34.11 18.42
C ARG C 137 6.15 32.96 19.44
N ALA C 138 6.32 33.23 20.72
CA ALA C 138 6.09 32.20 21.73
C ALA C 138 4.69 31.61 21.65
N MET C 139 3.73 32.42 21.20
CA MET C 139 2.33 32.01 21.14
C MET C 139 2.07 30.97 20.07
N MET C 140 2.92 30.89 19.05
CA MET C 140 2.81 29.84 18.05
C MET C 140 2.82 28.46 18.71
N ALA C 141 3.52 28.35 19.84
CA ALA C 141 3.52 27.14 20.67
C ALA C 141 2.61 27.24 21.89
N ASN C 142 2.65 28.35 22.60
CA ASN C 142 1.92 28.51 23.85
C ASN C 142 0.37 28.40 23.67
N ARG C 143 -0.18 28.95 22.57
CA ARG C 143 -1.63 28.85 22.31
C ARG C 143 -2.04 27.43 21.98
N LEU C 144 -1.14 26.66 21.38
CA LEU C 144 -1.42 25.26 21.17
C LEU C 144 -1.47 24.57 22.53
N SER C 145 -0.47 24.79 23.38
CA SER C 145 -0.42 24.13 24.69
C SER C 145 -1.72 24.49 25.49
N PHE C 146 -2.17 25.74 25.33
CA PHE C 146 -3.37 26.23 26.02
C PHE C 146 -4.65 25.55 25.55
N PHE C 147 -4.82 25.38 24.25
CA PHE C 147 -6.03 24.74 23.72
C PHE C 147 -6.12 23.26 24.01
N PHE C 148 -5.07 22.51 23.73
CA PHE C 148 -5.05 21.06 23.91
C PHE C 148 -4.80 20.61 25.38
N ASP C 149 -4.50 21.57 26.28
CA ASP C 149 -4.15 21.32 27.68
C ASP C 149 -2.92 20.44 27.76
N PHE C 150 -1.89 20.76 26.99
CA PHE C 150 -0.62 20.04 27.07
C PHE C 150 0.30 20.75 28.05
N LYS C 151 0.70 20.04 29.08
CA LYS C 151 1.44 20.61 30.20
C LYS C 151 2.94 20.31 30.17
N GLY C 152 3.43 19.66 29.12
CA GLY C 152 4.89 19.50 28.95
C GLY C 152 5.47 20.81 28.45
N PRO C 153 6.72 20.81 28.03
CA PRO C 153 7.39 22.01 27.49
C PRO C 153 6.62 22.64 26.35
N SER C 154 6.69 23.95 26.18
CA SER C 154 5.97 24.65 25.09
C SER C 154 6.91 25.71 24.56
N ILE C 155 7.53 25.44 23.43
CA ILE C 155 8.75 26.17 23.02
C ILE C 155 8.63 26.59 21.58
N ALA C 156 8.90 27.84 21.28
CA ALA C 156 9.03 28.22 19.88
C ALA C 156 10.50 28.34 19.59
N LEU C 157 10.94 27.81 18.46
CA LEU C 157 12.37 27.88 18.19
C LEU C 157 12.75 28.21 16.77
N ASP C 158 13.85 28.94 16.65
CA ASP C 158 14.34 29.46 15.38
C ASP C 158 15.77 29.04 15.20
N THR C 159 16.01 28.20 14.21
CA THR C 159 17.35 27.98 13.68
C THR C 159 17.34 28.20 12.20
N ALA C 160 16.53 29.15 11.75
CA ALA C 160 16.30 29.37 10.33
C ALA C 160 15.78 28.10 9.65
N CYS C 161 16.33 27.67 8.53
CA CYS C 161 15.67 26.64 7.70
C CYS C 161 15.51 25.28 8.39
N SER C 162 16.36 25.00 9.36
CA SER C 162 16.33 23.72 10.10
C SER C 162 15.37 23.69 11.30
N SER C 163 14.58 24.73 11.48
CA SER C 163 13.85 24.92 12.73
C SER C 163 12.87 23.79 13.05
N SER C 164 12.06 23.41 12.07
CA SER C 164 11.07 22.41 12.30
C SER C 164 11.65 21.01 12.50
N LEU C 165 12.77 20.69 11.85
CA LEU C 165 13.35 19.38 12.03
C LEU C 165 14.13 19.36 13.32
N LEU C 166 14.70 20.49 13.68
CA LEU C 166 15.24 20.66 15.03
C LEU C 166 14.13 20.44 16.07
N ALA C 167 12.98 21.03 15.84
CA ALA C 167 11.86 20.87 16.72
C ALA C 167 11.52 19.40 16.87
N LEU C 168 11.56 18.67 15.77
CA LEU C 168 11.23 17.26 15.81
C LEU C 168 12.27 16.50 16.64
N GLN C 169 13.50 16.88 16.46
CA GLN C 169 14.61 16.27 17.14
C GLN C 169 14.58 16.54 18.65
N ASN C 170 14.28 17.76 19.04
CA ASN C 170 14.07 18.10 20.46
C ASN C 170 12.92 17.26 21.08
N ALA C 171 11.80 17.19 20.39
CA ALA C 171 10.63 16.40 20.84
C ALA C 171 11.00 14.91 20.96
N TYR C 172 11.70 14.41 19.96
CA TYR C 172 12.18 13.04 19.97
C TYR C 172 13.00 12.80 21.24
N GLN C 173 13.97 13.66 21.53
CA GLN C 173 14.79 13.51 22.76
C GLN C 173 13.93 13.52 24.03
N ALA C 174 12.90 14.36 24.08
CA ALA C 174 12.01 14.48 25.24
C ALA C 174 11.18 13.22 25.49
N ILE C 175 10.72 12.58 24.42
CA ILE C 175 9.97 11.34 24.54
C ILE C 175 10.90 10.16 24.88
N ARG C 176 12.04 10.11 24.20
CA ARG C 176 13.06 9.08 24.43
C ARG C 176 13.47 9.02 25.88
N SER C 177 13.65 10.19 26.48
CA SER C 177 14.16 10.30 27.85
C SER C 177 13.09 10.04 28.90
N GLY C 178 11.83 9.89 28.51
CA GLY C 178 10.75 9.80 29.47
C GLY C 178 10.15 11.12 29.94
N GLU C 179 10.68 12.29 29.55
CA GLU C 179 10.06 13.56 29.94
C GLU C 179 8.60 13.68 29.46
N CYS C 180 8.33 13.20 28.24
CA CYS C 180 7.02 13.39 27.62
C CYS C 180 6.51 12.08 27.06
N PRO C 181 5.21 11.82 27.19
CA PRO C 181 4.64 10.64 26.57
C PRO C 181 4.39 10.86 25.08
N ALA C 182 4.33 12.13 24.66
CA ALA C 182 3.95 12.52 23.32
C ALA C 182 4.36 13.96 23.10
N ALA C 183 4.37 14.39 21.84
CA ALA C 183 4.76 15.76 21.48
C ALA C 183 4.04 16.19 20.25
N LEU C 184 3.52 17.41 20.25
CA LEU C 184 3.02 18.04 19.04
C LEU C 184 4.14 18.85 18.44
N VAL C 185 4.46 18.66 17.17
CA VAL C 185 5.60 19.35 16.57
C VAL C 185 5.14 20.10 15.34
N GLY C 186 5.50 21.37 15.24
CA GLY C 186 4.95 22.23 14.19
C GLY C 186 6.00 22.93 13.36
N GLY C 187 5.68 23.28 12.11
CA GLY C 187 6.53 24.14 11.29
C GLY C 187 5.65 25.10 10.50
N ILE C 188 5.95 26.40 10.52
CA ILE C 188 5.18 27.42 9.84
C ILE C 188 6.01 28.50 9.15
N ASN C 189 5.56 28.89 7.96
CA ASN C 189 6.16 29.98 7.21
C ASN C 189 5.13 30.61 6.30
N LEU C 190 5.07 31.94 6.29
CA LEU C 190 4.24 32.70 5.34
C LEU C 190 5.01 33.80 4.64
N LEU C 191 4.59 34.12 3.43
CA LEU C 191 5.20 35.22 2.65
C LEU C 191 4.20 36.36 2.62
N LEU C 192 4.18 37.17 3.67
CA LEU C 192 3.26 38.32 3.70
C LEU C 192 3.95 39.64 3.40
N LYS C 193 5.23 39.77 3.79
CA LYS C 193 5.96 41.00 3.67
C LYS C 193 6.97 40.91 2.51
N PRO C 194 6.79 41.72 1.46
CA PRO C 194 7.71 41.66 0.33
C PRO C 194 9.13 42.00 0.71
N ASN C 195 9.30 42.98 1.60
CA ASN C 195 10.63 43.44 2.02
C ASN C 195 11.53 42.25 2.41
N THR C 196 10.95 41.24 3.07
CA THR C 196 11.66 40.01 3.44
C THR C 196 12.27 39.29 2.23
N SER C 197 11.47 39.09 1.18
CA SER C 197 12.00 38.51 -0.05
C SER C 197 13.15 39.38 -0.61
N VAL C 198 13.02 40.69 -0.52
CA VAL C 198 14.03 41.61 -1.01
C VAL C 198 15.36 41.38 -0.30
N GLN C 199 15.32 41.21 1.02
CA GLN C 199 16.54 40.90 1.78
C GLN C 199 17.22 39.64 1.24
N PHE C 200 16.45 38.60 0.99
CA PHE C 200 17.02 37.35 0.48
C PHE C 200 17.53 37.55 -0.93
N MET C 201 16.81 38.35 -1.73
CA MET C 201 17.23 38.63 -3.10
C MET C 201 18.58 39.34 -3.08
N LYS C 202 18.70 40.39 -2.29
CA LYS C 202 19.97 41.08 -2.19
C LYS C 202 21.11 40.21 -1.65
N LEU C 203 20.85 39.22 -0.82
CA LEU C 203 21.90 38.24 -0.46
C LEU C 203 22.25 37.28 -1.56
N GLY C 204 21.50 37.29 -2.65
CA GLY C 204 21.77 36.36 -3.73
C GLY C 204 21.40 34.93 -3.41
N MET C 205 20.42 34.71 -2.55
CA MET C 205 19.95 33.37 -2.22
C MET C 205 18.77 32.87 -3.08
N LEU C 206 18.02 33.81 -3.67
CA LEU C 206 16.84 33.45 -4.49
C LEU C 206 17.20 33.29 -5.93
N SER C 207 16.71 32.23 -6.56
CA SER C 207 16.77 32.11 -8.00
C SER C 207 15.78 33.06 -8.70
N PRO C 208 16.22 33.79 -9.73
CA PRO C 208 15.29 34.68 -10.49
C PRO C 208 14.06 33.96 -11.04
N ASP C 209 14.31 32.81 -11.63
CA ASP C 209 13.43 31.69 -11.89
C ASP C 209 12.35 31.29 -10.92
N GLY C 210 12.55 31.62 -9.65
CA GLY C 210 11.71 31.12 -8.54
C GLY C 210 11.55 29.62 -8.56
N THR C 211 12.67 28.90 -8.61
CA THR C 211 12.64 27.43 -8.70
C THR C 211 13.78 26.78 -7.98
N CYS C 212 13.50 25.75 -7.18
CA CYS C 212 14.58 24.96 -6.55
C CYS C 212 14.89 23.79 -7.49
N ARG C 213 15.90 23.95 -8.32
CA ARG C 213 16.33 22.88 -9.22
C ARG C 213 17.30 21.98 -8.49
N SER C 214 16.77 21.29 -7.50
CA SER C 214 17.58 20.42 -6.69
C SER C 214 18.48 19.52 -7.54
N PHE C 215 19.76 19.65 -7.31
CA PHE C 215 20.83 18.78 -7.84
C PHE C 215 21.24 19.07 -9.29
N ASP C 216 20.55 20.01 -9.93
CA ASP C 216 20.73 20.25 -11.37
C ASP C 216 21.81 21.28 -11.55
N ASP C 217 22.59 21.14 -12.62
CA ASP C 217 23.63 22.10 -13.01
C ASP C 217 23.11 23.54 -13.11
N SER C 218 21.86 23.72 -13.49
CA SER C 218 21.32 25.07 -13.68
C SER C 218 20.72 25.72 -12.41
N GLY C 219 20.95 25.12 -11.25
CA GLY C 219 20.58 25.72 -9.98
C GLY C 219 21.24 27.06 -9.70
N SER C 220 20.42 28.03 -9.34
CA SER C 220 20.84 29.40 -9.11
C SER C 220 20.15 30.03 -7.89
N GLY C 221 19.76 29.24 -6.91
CA GLY C 221 19.12 29.76 -5.69
C GLY C 221 17.80 29.11 -5.44
N TYR C 222 17.11 29.53 -4.37
CA TYR C 222 15.89 28.86 -3.98
C TYR C 222 14.63 29.69 -4.22
N CYS C 223 13.51 28.96 -4.22
CA CYS C 223 12.18 29.52 -4.34
C CYS C 223 11.58 29.67 -2.95
N ARG C 224 11.14 30.86 -2.57
CA ARG C 224 10.49 31.00 -1.25
C ARG C 224 9.10 30.39 -1.27
N SER C 225 8.78 29.63 -0.22
CA SER C 225 7.45 29.03 -0.14
C SER C 225 6.85 29.07 1.24
N GLU C 226 5.55 28.80 1.29
CA GLU C 226 4.78 28.75 2.53
C GLU C 226 4.48 27.32 2.87
N ALA C 227 4.17 27.11 4.15
CA ALA C 227 3.77 25.82 4.65
C ALA C 227 3.29 25.96 6.09
N VAL C 228 2.36 25.10 6.46
CA VAL C 228 1.90 24.96 7.82
C VAL C 228 1.72 23.47 8.07
N VAL C 229 2.55 22.89 8.89
CA VAL C 229 2.65 21.46 9.02
C VAL C 229 2.71 21.06 10.46
N ALA C 230 2.11 19.93 10.80
CA ALA C 230 2.18 19.46 12.17
C ALA C 230 2.19 17.94 12.20
N VAL C 231 2.85 17.43 13.20
CA VAL C 231 3.10 16.02 13.31
C VAL C 231 2.92 15.68 14.78
N LEU C 232 2.28 14.55 15.07
CA LEU C 232 2.18 14.08 16.43
C LEU C 232 3.21 12.99 16.60
N LEU C 233 4.08 13.14 17.59
CA LEU C 233 5.01 12.09 18.04
C LEU C 233 4.41 11.42 19.27
N THR C 234 4.57 10.11 19.41
CA THR C 234 4.29 9.44 20.71
C THR C 234 5.30 8.33 20.97
N LYS C 235 5.34 7.88 22.22
CA LYS C 235 6.05 6.66 22.53
C LYS C 235 5.28 5.49 21.93
N LYS C 236 6.00 4.44 21.49
CA LYS C 236 5.42 3.29 20.75
C LYS C 236 4.14 2.75 21.39
N SER C 237 4.15 2.58 22.72
CA SER C 237 3.02 1.98 23.42
C SER C 237 1.72 2.77 23.35
N LEU C 238 1.76 4.07 23.05
CA LEU C 238 0.53 4.89 22.92
C LEU C 238 -0.03 4.96 21.51
N ALA C 239 0.75 4.53 20.54
CA ALA C 239 0.44 4.80 19.14
C ALA C 239 -0.65 3.87 18.60
N ARG C 240 -1.49 4.36 17.70
CA ARG C 240 -2.36 3.48 16.92
C ARG C 240 -1.74 3.44 15.55
N ARG C 241 -1.69 4.56 14.86
CA ARG C 241 -1.01 4.60 13.57
C ARG C 241 0.45 4.76 13.82
N VAL C 242 1.28 4.21 12.95
CA VAL C 242 2.72 4.43 13.04
C VAL C 242 3.29 4.63 11.65
N TYR C 243 3.57 5.87 11.29
CA TYR C 243 4.17 6.18 9.98
C TYR C 243 5.58 5.65 9.94
N ALA C 244 6.33 5.92 11.00
CA ALA C 244 7.73 5.51 11.06
C ALA C 244 8.21 5.60 12.50
N THR C 245 9.34 4.96 12.76
CA THR C 245 9.95 4.94 14.06
C THR C 245 11.18 5.76 13.91
N ILE C 246 11.42 6.66 14.85
CA ILE C 246 12.60 7.50 14.76
C ILE C 246 13.74 6.72 15.38
N LEU C 247 14.70 6.29 14.57
CA LEU C 247 15.83 5.48 15.04
C LEU C 247 16.91 6.34 15.67
N ASN C 248 17.14 7.53 15.13
CA ASN C 248 18.10 8.46 15.73
C ASN C 248 17.85 9.85 15.17
N ALA C 249 18.36 10.85 15.84
CA ALA C 249 18.29 12.22 15.35
C ALA C 249 19.31 13.09 16.08
N GLY C 250 19.91 14.06 15.39
CA GLY C 250 20.80 14.98 16.08
C GLY C 250 20.99 16.26 15.34
N THR C 251 21.70 17.19 15.97
CA THR C 251 22.00 18.51 15.42
C THR C 251 23.44 18.88 15.71
N ASN C 252 24.09 19.60 14.83
CA ASN C 252 25.37 20.22 15.14
C ASN C 252 25.35 21.58 14.45
N THR C 253 26.45 22.32 14.46
CA THR C 253 26.51 23.63 13.85
C THR C 253 27.86 23.78 13.17
N ASP C 254 27.87 24.43 12.03
CA ASP C 254 29.03 24.47 11.17
C ASP C 254 30.22 25.05 11.91
N GLY C 255 29.97 26.08 12.71
CA GLY C 255 31.04 26.75 13.44
C GLY C 255 31.72 27.73 12.55
N SER C 256 33.03 27.87 12.71
CA SER C 256 33.84 28.83 11.96
C SER C 256 34.13 28.35 10.54
N LYS C 257 34.04 29.26 9.58
CA LYS C 257 34.18 28.97 8.15
C LYS C 257 34.81 30.18 7.47
N GLU C 258 35.90 29.99 6.73
CA GLU C 258 36.59 31.10 6.04
C GLU C 258 35.63 31.89 5.19
N GLN C 259 34.71 31.19 4.54
CA GLN C 259 33.93 31.74 3.43
C GLN C 259 32.77 32.60 3.91
N GLY C 260 32.42 32.54 5.19
CA GLY C 260 31.38 33.37 5.76
C GLY C 260 30.27 32.54 6.37
N VAL C 261 29.39 33.23 7.09
CA VAL C 261 28.41 32.51 7.94
C VAL C 261 27.31 31.76 7.19
N THR C 262 26.97 32.23 6.00
CA THR C 262 25.96 31.57 5.17
C THR C 262 26.50 30.63 4.10
N PHE C 263 27.79 30.29 4.15
CA PHE C 263 28.33 29.27 3.25
C PHE C 263 28.21 27.95 4.00
N PRO C 264 27.47 26.99 3.47
CA PRO C 264 27.35 25.73 4.22
C PRO C 264 28.62 24.87 4.21
N SER C 265 28.95 24.29 5.37
CA SER C 265 30.11 23.42 5.49
C SER C 265 29.69 21.99 5.34
N GLY C 266 29.85 21.48 4.11
CA GLY C 266 29.68 20.06 3.84
C GLY C 266 30.48 19.16 4.77
N GLU C 267 31.67 19.61 5.19
CA GLU C 267 32.48 18.81 6.06
C GLU C 267 31.81 18.65 7.40
N VAL C 268 31.25 19.71 7.97
CA VAL C 268 30.51 19.59 9.23
C VAL C 268 29.19 18.83 9.11
N GLN C 269 28.49 19.04 8.01
CA GLN C 269 27.28 18.24 7.71
C GLN C 269 27.62 16.76 7.72
N GLU C 270 28.75 16.43 7.11
CA GLU C 270 29.29 15.07 7.04
C GLU C 270 29.54 14.53 8.45
N GLN C 271 30.19 15.33 9.30
CA GLN C 271 30.40 14.95 10.69
C GLN C 271 29.12 14.60 11.44
N LEU C 272 28.04 15.36 11.18
CA LEU C 272 26.78 15.10 11.84
C LEU C 272 26.26 13.73 11.48
N ILE C 273 26.23 13.48 10.17
CA ILE C 273 25.67 12.24 9.61
C ILE C 273 26.49 11.07 10.16
N CYS C 274 27.82 11.12 10.00
CA CYS C 274 28.72 10.08 10.54
C CYS C 274 28.45 9.75 11.98
N SER C 275 28.17 10.76 12.79
CA SER C 275 27.96 10.54 14.20
C SER C 275 26.66 9.81 14.54
N LEU C 276 25.70 9.75 13.60
CA LEU C 276 24.38 9.16 13.88
C LEU C 276 24.18 7.72 13.34
N TYR C 277 25.05 7.30 12.42
CA TYR C 277 24.95 5.99 11.82
C TYR C 277 25.83 5.00 12.59
N GLN C 278 27.10 4.78 12.15
CA GLN C 278 27.89 3.66 12.71
C GLN C 278 27.97 3.70 14.27
N PRO C 279 28.27 4.89 14.85
CA PRO C 279 28.33 4.97 16.30
C PRO C 279 27.07 4.55 17.05
N ALA C 280 25.90 4.59 16.42
CA ALA C 280 24.67 4.14 17.10
C ALA C 280 24.26 2.74 16.67
N GLY C 281 25.16 2.06 15.95
CA GLY C 281 24.91 0.73 15.47
C GLY C 281 23.95 0.66 14.30
N LEU C 282 24.01 1.65 13.41
CA LEU C 282 23.12 1.72 12.26
C LEU C 282 23.97 1.85 11.03
N ALA C 283 23.79 0.97 10.05
CA ALA C 283 24.68 0.96 8.90
C ALA C 283 24.13 1.89 7.80
N PRO C 284 24.98 2.74 7.22
CA PRO C 284 24.66 3.39 5.96
C PRO C 284 24.13 2.48 4.88
N GLU C 285 24.61 1.22 4.86
CA GLU C 285 24.05 0.22 3.97
C GLU C 285 22.53 0.03 4.17
N SER C 286 21.98 0.27 5.35
CA SER C 286 20.51 0.07 5.55
C SER C 286 19.58 1.12 4.94
N LEU C 287 20.15 2.26 4.49
CA LEU C 287 19.36 3.31 3.90
C LEU C 287 18.85 2.92 2.53
N GLU C 288 17.59 3.24 2.25
CA GLU C 288 17.07 3.15 0.90
C GLU C 288 17.12 4.51 0.22
N TYR C 289 16.77 5.56 0.96
CA TYR C 289 16.49 6.86 0.35
C TYR C 289 16.94 7.92 1.33
N ILE C 290 17.51 9.00 0.83
CA ILE C 290 17.79 10.13 1.70
C ILE C 290 17.12 11.36 1.12
N GLU C 291 16.35 12.06 1.96
CA GLU C 291 15.70 13.31 1.58
C GLU C 291 16.69 14.41 1.92
N ALA C 292 17.34 14.94 0.89
CA ALA C 292 18.31 15.99 1.04
C ALA C 292 17.59 17.29 1.25
N HIS C 293 18.29 18.24 1.86
CA HIS C 293 17.86 19.61 1.97
C HIS C 293 17.62 20.14 0.57
N GLY C 294 18.62 20.07 -0.30
CA GLY C 294 18.41 20.30 -1.74
C GLY C 294 17.74 21.58 -2.19
N THR C 295 18.23 22.71 -1.73
CA THR C 295 17.66 23.99 -2.13
C THR C 295 18.03 24.46 -3.55
N GLY C 296 18.96 23.81 -4.21
CA GLY C 296 19.32 24.14 -5.59
C GLY C 296 20.17 25.40 -5.75
N THR C 297 21.15 25.56 -4.86
CA THR C 297 22.08 26.67 -4.92
C THR C 297 23.41 26.18 -5.48
N LYS C 298 24.12 27.05 -6.19
CA LYS C 298 25.46 26.72 -6.74
C LYS C 298 26.38 26.10 -5.72
N VAL C 299 26.40 26.67 -4.51
CA VAL C 299 27.30 26.25 -3.42
C VAL C 299 26.79 25.10 -2.59
N GLY C 300 25.54 25.20 -2.15
CA GLY C 300 24.99 24.26 -1.16
C GLY C 300 24.75 22.85 -1.63
N ASP C 301 24.31 22.73 -2.88
CA ASP C 301 24.06 21.41 -3.45
C ASP C 301 25.31 20.54 -3.46
N PRO C 302 26.45 21.06 -3.95
CA PRO C 302 27.65 20.24 -3.88
C PRO C 302 28.15 20.00 -2.47
N GLN C 303 28.09 21.00 -1.61
CA GLN C 303 28.49 20.77 -0.22
C GLN C 303 27.69 19.64 0.40
N GLU C 304 26.40 19.65 0.18
CA GLU C 304 25.51 18.69 0.81
C GLU C 304 25.76 17.29 0.25
N LEU C 305 25.61 17.17 -1.08
CA LEU C 305 25.67 15.86 -1.74
C LEU C 305 27.05 15.22 -1.64
N ASN C 306 28.10 16.04 -1.68
CA ASN C 306 29.43 15.51 -1.46
C ASN C 306 29.56 15.03 0.00
N GLY C 307 29.04 15.79 0.96
CA GLY C 307 29.01 15.32 2.36
C GLY C 307 28.25 14.01 2.53
N ILE C 308 27.15 13.88 1.79
CA ILE C 308 26.38 12.65 1.77
C ILE C 308 27.24 11.52 1.16
N THR C 309 27.95 11.83 0.09
CA THR C 309 28.84 10.86 -0.54
C THR C 309 29.90 10.31 0.44
N ARG C 310 30.58 11.21 1.14
CA ARG C 310 31.65 10.78 2.04
C ARG C 310 31.13 10.10 3.32
N SER C 311 29.95 10.47 3.79
CA SER C 311 29.42 9.92 5.06
C SER C 311 28.61 8.66 4.85
N LEU C 312 28.02 8.49 3.66
CA LEU C 312 27.09 7.37 3.44
C LEU C 312 27.42 6.53 2.20
N CYS C 313 27.55 7.13 1.02
CA CYS C 313 27.86 6.37 -0.20
C CYS C 313 29.18 5.58 -0.12
N ALA C 314 30.15 6.14 0.57
CA ALA C 314 31.43 5.47 0.76
C ALA C 314 31.33 4.19 1.59
N PHE C 315 30.19 3.93 2.24
CA PHE C 315 30.04 2.72 3.05
C PHE C 315 28.90 1.83 2.54
N ARG C 316 28.74 1.83 1.21
CA ARG C 316 27.58 1.26 0.48
C ARG C 316 27.96 0.50 -0.80
N GLN C 317 27.32 -0.64 -1.06
CA GLN C 317 27.43 -1.35 -2.36
C GLN C 317 26.47 -0.67 -3.35
N ALA C 318 25.21 -0.54 -2.93
CA ALA C 318 24.13 -0.08 -3.80
C ALA C 318 24.09 1.44 -3.97
N PRO C 319 23.55 1.92 -5.11
CA PRO C 319 23.20 3.34 -5.19
C PRO C 319 22.19 3.76 -4.10
N LEU C 320 22.31 5.01 -3.65
CA LEU C 320 21.43 5.57 -2.66
C LEU C 320 20.49 6.52 -3.38
N LEU C 321 19.18 6.29 -3.23
CA LEU C 321 18.20 7.17 -3.86
C LEU C 321 18.22 8.49 -3.10
N ILE C 322 18.06 9.60 -3.83
CA ILE C 322 18.04 10.91 -3.22
C ILE C 322 16.95 11.78 -3.83
N GLY C 323 16.28 12.59 -3.01
CA GLY C 323 15.26 13.51 -3.50
C GLY C 323 15.21 14.78 -2.69
N SER C 324 14.41 15.72 -3.17
CA SER C 324 14.13 16.93 -2.41
C SER C 324 12.79 17.50 -2.82
N THR C 325 11.89 17.49 -1.85
CA THR C 325 10.59 18.10 -1.93
C THR C 325 10.62 19.55 -2.36
N LYS C 326 11.73 20.23 -2.13
CA LYS C 326 11.86 21.62 -2.57
C LYS C 326 11.73 21.82 -4.10
N SER C 327 12.15 20.83 -4.87
CA SER C 327 11.91 20.80 -6.31
C SER C 327 10.44 20.83 -6.70
N ASN C 328 9.61 20.24 -5.85
CA ASN C 328 8.19 20.15 -6.09
C ASN C 328 7.44 21.40 -5.67
N MET C 329 7.84 22.01 -4.54
CA MET C 329 7.00 23.08 -3.93
C MET C 329 7.76 24.30 -3.41
N GLY C 330 9.05 24.37 -3.69
CA GLY C 330 9.92 25.41 -3.15
C GLY C 330 10.32 25.19 -1.71
N HIS C 331 11.03 26.18 -1.18
CA HIS C 331 11.65 26.10 0.14
C HIS C 331 10.82 26.88 1.16
N PRO C 332 10.17 26.17 2.10
CA PRO C 332 9.35 26.86 3.08
C PRO C 332 10.13 27.22 4.35
N GLU C 333 11.45 27.34 4.22
CA GLU C 333 12.30 27.95 5.22
C GLU C 333 12.19 27.14 6.54
N PRO C 334 11.78 27.71 7.67
CA PRO C 334 11.85 26.83 8.84
C PRO C 334 10.95 25.61 8.81
N ALA C 335 9.91 25.63 7.99
CA ALA C 335 9.02 24.50 7.85
C ALA C 335 9.52 23.47 6.86
N SER C 336 10.71 23.65 6.32
CA SER C 336 11.27 22.75 5.31
C SER C 336 11.32 21.32 5.75
N GLY C 337 11.83 21.09 6.94
CA GLY C 337 11.96 19.73 7.46
C GLY C 337 10.63 19.02 7.58
N LEU C 338 9.61 19.65 8.17
CA LEU C 338 8.34 18.96 8.28
C LEU C 338 7.62 18.80 6.95
N ALA C 339 7.72 19.80 6.09
CA ALA C 339 7.19 19.68 4.73
C ALA C 339 7.81 18.46 4.02
N ALA C 340 9.12 18.34 4.12
CA ALA C 340 9.83 17.21 3.49
C ALA C 340 9.45 15.90 4.17
N LEU C 341 9.35 15.91 5.49
CA LEU C 341 8.95 14.71 6.20
C LEU C 341 7.60 14.22 5.72
N THR C 342 6.71 15.15 5.42
CA THR C 342 5.38 14.83 4.87
C THR C 342 5.48 14.04 3.55
N LYS C 343 6.29 14.52 2.62
CA LYS C 343 6.54 13.82 1.38
C LYS C 343 7.08 12.42 1.62
N VAL C 344 8.03 12.29 2.53
CA VAL C 344 8.62 10.98 2.81
C VAL C 344 7.58 10.02 3.34
N LEU C 345 6.76 10.46 4.30
CA LEU C 345 5.79 9.54 4.88
C LEU C 345 4.68 9.26 3.91
N LEU C 346 4.23 10.26 3.16
CA LEU C 346 3.23 9.99 2.13
C LEU C 346 3.74 8.97 1.11
N SER C 347 5.00 9.12 0.68
CA SER C 347 5.61 8.19 -0.27
C SER C 347 5.59 6.76 0.30
N LEU C 348 6.09 6.61 1.52
CA LEU C 348 6.09 5.32 2.21
C LEU C 348 4.70 4.71 2.34
N GLU C 349 3.70 5.52 2.62
CA GLU C 349 2.35 5.01 2.83
C GLU C 349 1.70 4.55 1.52
N HIS C 350 2.05 5.17 0.42
CA HIS C 350 1.53 4.77 -0.86
C HIS C 350 2.48 3.80 -1.59
N GLY C 351 3.56 3.41 -0.95
CA GLY C 351 4.51 2.51 -1.59
C GLY C 351 5.27 3.02 -2.79
N VAL C 352 5.27 4.32 -3.08
CA VAL C 352 6.04 4.89 -4.21
C VAL C 352 6.65 6.27 -3.89
N TRP C 353 7.90 6.49 -4.29
CA TRP C 353 8.59 7.75 -4.04
C TRP C 353 8.12 8.78 -5.03
N ALA C 354 7.63 9.91 -4.53
CA ALA C 354 7.29 10.99 -5.40
C ALA C 354 8.58 11.57 -5.96
N PRO C 355 8.59 11.79 -7.25
CA PRO C 355 9.79 12.26 -7.88
C PRO C 355 10.00 13.73 -7.77
N ASN C 356 11.29 14.09 -7.92
CA ASN C 356 11.73 15.46 -8.04
C ASN C 356 11.27 16.06 -9.35
N LEU C 357 11.05 17.37 -9.36
CA LEU C 357 10.99 18.09 -10.59
C LEU C 357 12.33 18.74 -10.89
N HIS C 358 12.39 19.27 -12.10
CA HIS C 358 13.44 20.12 -12.58
C HIS C 358 14.85 19.52 -12.67
N PHE C 359 14.97 18.18 -12.60
CA PHE C 359 16.28 17.52 -12.68
C PHE C 359 16.61 17.05 -14.11
N HIS C 360 17.47 17.77 -14.81
CA HIS C 360 17.77 17.50 -16.19
C HIS C 360 19.23 17.11 -16.39
N ASN C 361 20.16 18.00 -16.04
CA ASN C 361 21.59 17.69 -16.09
C ASN C 361 22.18 17.71 -14.70
N PRO C 362 22.85 16.62 -14.28
CA PRO C 362 23.48 16.60 -12.97
C PRO C 362 24.46 17.74 -12.76
N ASN C 363 24.58 18.23 -11.55
CA ASN C 363 25.62 19.17 -11.22
C ASN C 363 26.99 18.46 -11.34
N PRO C 364 27.86 18.94 -12.24
CA PRO C 364 29.15 18.28 -12.47
C PRO C 364 30.12 18.35 -11.28
N GLU C 365 29.95 19.32 -10.38
CA GLU C 365 30.73 19.35 -9.12
C GLU C 365 30.35 18.22 -8.12
N ILE C 366 29.47 17.30 -8.50
CA ILE C 366 28.99 16.29 -7.58
C ILE C 366 29.29 14.95 -8.23
N PRO C 367 30.53 14.44 -8.06
CA PRO C 367 30.95 13.16 -8.66
C PRO C 367 29.92 12.03 -8.58
N ALA C 368 29.26 11.88 -7.44
CA ALA C 368 28.35 10.75 -7.22
C ALA C 368 27.07 10.74 -8.05
N LEU C 369 26.71 11.90 -8.62
CA LEU C 369 25.60 11.97 -9.58
C LEU C 369 26.04 11.45 -10.93
N LEU C 370 27.25 11.81 -11.34
CA LEU C 370 27.90 11.30 -12.56
C LEU C 370 28.27 9.80 -12.52
N ASP C 371 28.62 9.24 -11.37
CA ASP C 371 28.97 7.81 -11.32
C ASP C 371 27.90 6.89 -10.74
N GLY C 372 26.70 7.39 -10.48
CA GLY C 372 25.59 6.53 -10.04
C GLY C 372 25.57 6.04 -8.60
N ARG C 373 26.49 6.50 -7.75
CA ARG C 373 26.43 6.17 -6.31
C ARG C 373 25.24 6.86 -5.63
N LEU C 374 24.90 8.05 -6.13
CA LEU C 374 23.63 8.71 -5.87
C LEU C 374 22.74 8.69 -7.10
N GLN C 375 21.51 8.25 -6.93
CA GLN C 375 20.51 8.15 -7.99
C GLN C 375 19.32 9.06 -7.60
N VAL C 376 19.21 10.19 -8.29
CA VAL C 376 18.11 11.13 -8.07
C VAL C 376 16.78 10.47 -8.47
N VAL C 377 15.73 10.63 -7.66
CA VAL C 377 14.42 10.06 -7.99
C VAL C 377 13.74 11.05 -8.94
N ASP C 378 13.89 10.80 -10.24
CA ASP C 378 13.28 11.65 -11.27
C ASP C 378 12.08 11.00 -11.97
N ARG C 379 11.70 9.81 -11.51
CA ARG C 379 10.53 9.10 -11.99
C ARG C 379 9.91 8.44 -10.77
N PRO C 380 8.62 8.10 -10.79
CA PRO C 380 8.10 7.36 -9.66
C PRO C 380 8.76 5.98 -9.50
N LEU C 381 9.45 5.74 -8.40
CA LEU C 381 10.04 4.42 -8.15
C LEU C 381 9.32 3.79 -7.00
N PRO C 382 8.98 2.50 -7.12
CA PRO C 382 8.31 1.85 -5.99
C PRO C 382 9.29 1.58 -4.85
N VAL C 383 8.75 1.52 -3.64
CA VAL C 383 9.53 1.60 -2.43
C VAL C 383 10.00 0.19 -2.14
N ARG C 384 11.31 0.00 -2.22
CA ARG C 384 11.86 -1.32 -2.15
C ARG C 384 12.12 -1.78 -0.71
N GLY C 385 12.21 -0.84 0.23
CA GLY C 385 12.38 -1.20 1.64
C GLY C 385 13.72 -0.75 2.15
N GLY C 386 13.78 -0.37 3.43
CA GLY C 386 15.01 0.18 4.03
C GLY C 386 14.75 1.45 4.82
N ASN C 387 15.77 1.91 5.53
CA ASN C 387 15.64 3.13 6.31
C ASN C 387 15.74 4.36 5.43
N VAL C 388 15.31 5.48 6.00
CA VAL C 388 15.22 6.78 5.32
C VAL C 388 15.91 7.85 6.17
N GLY C 389 16.74 8.66 5.54
CA GLY C 389 17.37 9.79 6.18
C GLY C 389 16.79 11.13 5.74
N ILE C 390 16.90 12.16 6.60
CA ILE C 390 16.41 13.51 6.27
C ILE C 390 17.38 14.54 6.76
N ASN C 391 17.83 15.43 5.86
CA ASN C 391 18.70 16.55 6.20
C ASN C 391 17.89 17.82 6.22
N SER C 392 18.13 18.68 7.23
CA SER C 392 17.67 20.05 7.14
C SER C 392 18.78 20.91 7.67
N PHE C 393 19.25 21.85 6.85
CA PHE C 393 20.39 22.71 7.20
C PHE C 393 19.94 24.15 7.10
N GLY C 394 20.06 24.86 8.21
CA GLY C 394 19.74 26.27 8.21
C GLY C 394 20.86 27.13 7.64
N PHE C 395 20.51 28.27 7.04
CA PHE C 395 21.51 29.17 6.53
C PHE C 395 22.44 29.83 7.56
N GLY C 396 22.23 29.61 8.86
CA GLY C 396 23.20 30.08 9.86
C GLY C 396 24.19 29.01 10.34
N GLY C 397 24.03 27.82 9.76
CA GLY C 397 24.95 26.73 10.02
C GLY C 397 24.40 25.66 10.91
N SER C 398 23.14 25.77 11.33
CA SER C 398 22.54 24.83 12.27
C SER C 398 21.99 23.65 11.47
N ASN C 399 22.58 22.47 11.64
CA ASN C 399 22.25 21.26 10.86
C ASN C 399 21.46 20.24 11.67
N VAL C 400 20.55 19.52 11.03
CA VAL C 400 19.77 18.49 11.68
C VAL C 400 19.70 17.31 10.74
N HIS C 401 19.80 16.11 11.30
CA HIS C 401 19.58 14.91 10.55
C HIS C 401 18.71 13.94 11.35
N VAL C 402 17.70 13.35 10.70
CA VAL C 402 16.92 12.27 11.33
C VAL C 402 16.89 11.00 10.49
N ILE C 403 16.89 9.87 11.20
CA ILE C 403 16.85 8.53 10.61
C ILE C 403 15.55 7.85 10.99
N LEU C 404 14.82 7.42 9.96
CA LEU C 404 13.51 6.84 10.12
C LEU C 404 13.53 5.40 9.70
N GLN C 405 12.74 4.59 10.39
CA GLN C 405 12.51 3.21 10.03
C GLN C 405 11.04 3.16 9.66
N PRO C 406 10.74 2.90 8.39
CA PRO C 406 9.35 2.88 8.02
C PRO C 406 8.61 1.72 8.62
N ASN C 407 7.34 1.91 8.85
CA ASN C 407 6.53 0.92 9.50
C ASN C 407 6.35 -0.33 8.67
N THR C 408 6.82 -1.45 9.22
CA THR C 408 6.74 -2.77 8.58
C THR C 408 5.91 -3.76 9.35
N ARG C 409 4.99 -3.32 10.20
CA ARG C 409 3.86 -4.14 10.70
C ARG C 409 3.27 -4.92 9.57
N GLN C 410 3.16 -6.24 9.72
CA GLN C 410 2.54 -7.14 8.75
C GLN C 410 1.02 -6.97 8.59
N ALA C 411 0.52 -7.33 7.42
CA ALA C 411 -0.92 -7.16 7.13
C ALA C 411 -1.72 -8.19 7.92
N PRO C 412 -3.01 -7.90 8.19
CA PRO C 412 -3.78 -8.94 8.89
C PRO C 412 -3.97 -10.18 8.03
N ALA C 413 -4.22 -11.34 8.65
CA ALA C 413 -4.75 -12.49 7.86
C ALA C 413 -6.24 -12.22 7.74
N PRO C 414 -6.88 -12.39 6.56
CA PRO C 414 -8.37 -12.26 6.53
C PRO C 414 -9.09 -13.33 7.37
N THR C 415 -10.21 -13.00 8.03
CA THR C 415 -11.00 -14.03 8.76
C THR C 415 -12.49 -13.79 8.61
N ALA C 416 -13.28 -14.76 9.09
CA ALA C 416 -14.76 -14.72 9.08
C ALA C 416 -15.38 -13.58 9.90
N HIS C 417 -14.75 -13.24 11.04
CA HIS C 417 -15.12 -12.06 11.88
C HIS C 417 -14.92 -10.66 11.20
N ALA C 418 -14.01 -10.56 10.21
CA ALA C 418 -13.92 -9.36 9.34
C ALA C 418 -15.11 -9.18 8.35
N ALA C 419 -15.73 -10.29 7.94
CA ALA C 419 -16.86 -10.29 6.96
C ALA C 419 -18.21 -9.81 7.53
N LEU C 420 -18.32 -9.72 8.87
CA LEU C 420 -19.56 -9.27 9.53
C LEU C 420 -19.81 -7.82 9.18
N PRO C 421 -21.05 -7.35 9.32
CA PRO C 421 -21.25 -5.91 9.18
C PRO C 421 -20.69 -5.16 10.39
N HIS C 422 -20.33 -3.90 10.18
CA HIS C 422 -19.66 -3.06 11.18
C HIS C 422 -20.38 -1.73 11.29
N LEU C 423 -20.14 -1.02 12.39
CA LEU C 423 -20.77 0.27 12.64
C LEU C 423 -19.68 1.32 12.69
N LEU C 424 -19.95 2.46 12.05
CA LEU C 424 -19.02 3.57 12.02
C LEU C 424 -19.65 4.88 12.51
N HIS C 425 -19.02 5.52 13.50
CA HIS C 425 -19.43 6.83 14.00
C HIS C 425 -18.54 7.97 13.55
N ALA C 426 -19.15 9.15 13.37
CA ALA C 426 -18.40 10.37 13.19
C ALA C 426 -19.03 11.53 13.95
N SER C 427 -18.19 12.54 14.20
CA SER C 427 -18.67 13.83 14.72
C SER C 427 -18.04 14.94 13.90
N GLY C 428 -18.58 16.14 13.98
CA GLY C 428 -18.08 17.19 13.12
C GLY C 428 -18.64 18.56 13.43
N ARG C 429 -18.03 19.55 12.81
CA ARG C 429 -18.41 20.95 12.94
C ARG C 429 -19.56 21.32 12.05
N THR C 430 -19.75 20.57 10.98
CA THR C 430 -20.77 20.84 9.99
C THR C 430 -21.30 19.50 9.53
N LEU C 431 -22.48 19.49 8.93
CA LEU C 431 -22.97 18.21 8.43
C LEU C 431 -22.05 17.64 7.34
N GLU C 432 -21.39 18.51 6.57
CA GLU C 432 -20.40 18.13 5.51
C GLU C 432 -19.26 17.31 6.11
N ALA C 433 -18.73 17.82 7.23
CA ALA C 433 -17.68 17.15 7.99
C ALA C 433 -17.98 15.71 8.34
N VAL C 434 -19.21 15.49 8.76
CA VAL C 434 -19.67 14.15 9.18
C VAL C 434 -19.87 13.28 7.96
N GLN C 435 -20.58 13.80 6.96
CA GLN C 435 -20.75 13.09 5.69
C GLN C 435 -19.43 12.65 5.08
N ASP C 436 -18.48 13.57 5.04
CA ASP C 436 -17.17 13.31 4.45
C ASP C 436 -16.43 12.16 5.13
N LEU C 437 -16.54 12.09 6.47
CA LEU C 437 -15.90 11.01 7.22
C LEU C 437 -16.60 9.69 7.01
N LEU C 438 -17.92 9.73 7.01
CA LEU C 438 -18.73 8.53 6.77
C LEU C 438 -18.52 7.98 5.38
N GLU C 439 -18.46 8.88 4.39
CA GLU C 439 -18.15 8.53 3.00
C GLU C 439 -16.81 7.81 2.93
N GLN C 440 -15.83 8.35 3.63
CA GLN C 440 -14.51 7.77 3.64
C GLN C 440 -14.52 6.37 4.29
N GLY C 441 -15.39 6.16 5.26
CA GLY C 441 -15.57 4.85 5.85
C GLY C 441 -16.22 3.83 4.92
N ARG C 442 -17.32 4.23 4.26
CA ARG C 442 -17.99 3.38 3.27
C ARG C 442 -16.86 2.88 2.33
N GLN C 443 -16.12 3.81 1.74
CA GLN C 443 -15.07 3.46 0.76
C GLN C 443 -13.93 2.58 1.24
N HIS C 444 -13.63 2.57 2.52
CA HIS C 444 -12.60 1.64 3.05
C HIS C 444 -13.20 0.75 4.12
N SER C 445 -14.47 0.41 3.94
CA SER C 445 -15.20 -0.45 4.87
C SER C 445 -14.49 -1.75 5.28
N GLN C 446 -13.67 -2.31 4.40
CA GLN C 446 -12.94 -3.53 4.77
C GLN C 446 -11.69 -3.31 5.59
N ASP C 447 -11.15 -2.08 5.60
CA ASP C 447 -9.95 -1.73 6.40
C ASP C 447 -10.38 -1.56 7.85
N LEU C 448 -10.12 -2.59 8.67
CA LEU C 448 -10.69 -2.63 10.01
C LEU C 448 -9.98 -1.67 10.94
N ALA C 449 -8.67 -1.54 10.77
CA ALA C 449 -7.88 -0.59 11.56
C ALA C 449 -8.39 0.83 11.35
N PHE C 450 -8.61 1.21 10.09
CA PHE C 450 -9.16 2.51 9.72
C PHE C 450 -10.47 2.81 10.41
N VAL C 451 -11.36 1.81 10.46
CA VAL C 451 -12.68 1.97 11.07
C VAL C 451 -12.56 2.10 12.59
N SER C 452 -11.72 1.28 13.21
CA SER C 452 -11.40 1.45 14.62
C SER C 452 -10.96 2.85 14.98
N MET C 453 -10.01 3.38 14.19
CA MET C 453 -9.43 4.69 14.48
C MET C 453 -10.50 5.75 14.37
N LEU C 454 -11.34 5.64 13.35
CA LEU C 454 -12.40 6.62 13.14
C LEU C 454 -13.48 6.62 14.20
N ASN C 455 -13.77 5.45 14.75
CA ASN C 455 -14.68 5.34 15.90
C ASN C 455 -14.06 5.96 17.16
N ASP C 456 -12.78 5.69 17.42
CA ASP C 456 -12.09 6.28 18.57
C ASP C 456 -12.10 7.81 18.59
N ILE C 457 -11.92 8.44 17.43
CA ILE C 457 -11.93 9.90 17.38
C ILE C 457 -13.31 10.51 17.34
N ALA C 458 -14.36 9.69 17.23
CA ALA C 458 -15.75 10.19 17.15
C ALA C 458 -16.34 10.54 18.51
N ALA C 459 -15.78 10.03 19.61
CA ALA C 459 -16.29 10.34 20.94
C ALA C 459 -15.84 11.73 21.41
N THR C 460 -16.56 12.77 21.00
CA THR C 460 -16.12 14.13 21.26
C THR C 460 -17.23 14.92 21.93
N PRO C 461 -16.87 15.75 22.94
CA PRO C 461 -17.89 16.55 23.64
C PRO C 461 -18.79 17.34 22.68
N THR C 462 -20.10 17.38 22.95
CA THR C 462 -21.08 17.75 21.93
C THR C 462 -21.11 19.26 21.69
N ALA C 463 -20.65 20.04 22.66
CA ALA C 463 -20.51 21.49 22.46
C ALA C 463 -19.42 21.82 21.43
N ALA C 464 -18.38 20.98 21.37
CA ALA C 464 -17.27 21.14 20.43
C ALA C 464 -17.66 20.71 19.03
N MET C 465 -18.26 19.51 18.92
CA MET C 465 -18.67 18.91 17.65
C MET C 465 -20.19 18.70 17.62
N PRO C 466 -20.95 19.72 17.17
CA PRO C 466 -22.40 19.67 17.22
C PRO C 466 -23.13 18.83 16.16
N PHE C 467 -22.43 18.16 15.23
CA PHE C 467 -23.07 17.26 14.28
C PHE C 467 -22.51 15.88 14.51
N ARG C 468 -23.37 14.88 14.39
CA ARG C 468 -22.97 13.48 14.54
C ARG C 468 -23.57 12.65 13.43
N GLY C 469 -23.02 11.47 13.24
CA GLY C 469 -23.52 10.58 12.19
C GLY C 469 -23.04 9.17 12.39
N TYR C 470 -23.72 8.24 11.73
CA TYR C 470 -23.29 6.86 11.71
C TYR C 470 -23.64 6.26 10.35
N THR C 471 -22.97 5.14 10.07
CA THR C 471 -23.24 4.32 8.88
C THR C 471 -23.01 2.88 9.31
N VAL C 472 -23.79 1.98 8.73
CA VAL C 472 -23.59 0.56 8.94
C VAL C 472 -22.95 0.05 7.68
N LEU C 473 -21.83 -0.62 7.85
CA LEU C 473 -21.00 -1.04 6.75
C LEU C 473 -21.22 -2.48 6.52
N GLY C 474 -21.13 -2.87 5.25
CA GLY C 474 -21.17 -4.28 4.85
C GLY C 474 -22.58 -4.85 4.76
N VAL C 475 -23.54 -4.03 4.36
CA VAL C 475 -24.94 -4.45 4.22
C VAL C 475 -25.57 -3.84 2.96
N GLU C 476 -26.55 -4.55 2.42
CA GLU C 476 -27.23 -4.20 1.16
C GLU C 476 -27.74 -2.76 1.11
N GLY C 477 -28.26 -2.23 2.22
CA GLY C 477 -28.81 -0.88 2.18
C GLY C 477 -27.80 0.24 1.90
N ARG C 478 -28.24 1.49 2.05
CA ARG C 478 -27.37 2.60 2.33
C ARG C 478 -27.85 3.20 3.64
N VAL C 479 -27.32 2.61 4.72
CA VAL C 479 -27.78 2.91 6.06
C VAL C 479 -26.92 4.02 6.65
N GLN C 480 -27.48 5.21 6.76
CA GLN C 480 -26.75 6.36 7.22
C GLN C 480 -27.70 7.47 7.64
N GLU C 481 -27.33 8.15 8.71
CA GLU C 481 -28.14 9.19 9.30
C GLU C 481 -27.16 10.18 9.92
N VAL C 482 -27.50 11.46 9.88
CA VAL C 482 -26.62 12.52 10.34
C VAL C 482 -27.49 13.65 10.84
N GLN C 483 -27.19 14.17 12.03
CA GLN C 483 -27.89 15.34 12.51
C GLN C 483 -27.16 16.17 13.56
N GLN C 484 -27.72 17.34 13.79
CA GLN C 484 -27.25 18.26 14.82
C GLN C 484 -27.70 17.77 16.19
N VAL C 485 -26.94 18.07 17.23
CA VAL C 485 -27.20 17.65 18.62
C VAL C 485 -27.36 18.92 19.46
N SER C 486 -28.18 18.90 20.52
CA SER C 486 -28.19 20.03 21.47
C SER C 486 -26.97 19.95 22.41
N ARG C 490 -28.12 14.40 28.34
CA ARG C 490 -29.07 13.40 27.88
C ARG C 490 -28.89 12.08 28.63
N PRO C 491 -29.78 11.79 29.61
CA PRO C 491 -29.61 10.59 30.42
C PRO C 491 -30.13 9.32 29.74
N LEU C 492 -29.53 8.20 30.12
CA LEU C 492 -29.72 6.93 29.42
C LEU C 492 -30.56 5.95 30.24
N TRP C 493 -31.66 5.48 29.66
CA TRP C 493 -32.58 4.58 30.36
C TRP C 493 -32.70 3.24 29.64
N PHE C 494 -32.47 2.15 30.39
CA PHE C 494 -32.71 0.78 29.91
C PHE C 494 -34.14 0.36 30.27
N ILE C 495 -34.87 -0.18 29.31
CA ILE C 495 -36.17 -0.76 29.54
C ILE C 495 -36.11 -2.24 29.16
N CYS C 496 -36.22 -3.13 30.16
CA CYS C 496 -36.31 -4.58 29.93
C CYS C 496 -37.79 -5.03 29.79
N SER C 497 -38.12 -5.60 28.63
CA SER C 497 -39.49 -5.98 28.30
C SER C 497 -39.85 -7.38 28.75
N GLY C 498 -41.16 -7.64 28.79
CA GLY C 498 -41.72 -8.89 29.33
C GLY C 498 -42.07 -9.92 28.29
N MET C 499 -43.14 -10.68 28.54
CA MET C 499 -43.58 -11.74 27.64
C MET C 499 -44.24 -11.14 26.41
N GLY C 500 -44.37 -11.98 25.39
CA GLY C 500 -44.93 -11.59 24.10
C GLY C 500 -43.87 -11.20 23.09
N THR C 501 -42.59 -11.36 23.45
CA THR C 501 -41.49 -10.90 22.61
C THR C 501 -40.77 -12.05 21.92
N GLN C 502 -41.25 -13.28 22.12
CA GLN C 502 -40.57 -14.48 21.61
C GLN C 502 -40.80 -14.66 20.10
N TRP C 503 -39.89 -15.36 19.43
CA TRP C 503 -40.09 -15.76 18.02
C TRP C 503 -39.07 -16.83 17.57
N ARG C 504 -39.33 -17.44 16.40
CA ARG C 504 -38.61 -18.63 15.94
C ARG C 504 -37.20 -18.23 15.50
N GLY C 505 -36.17 -18.84 16.11
CA GLY C 505 -34.78 -18.49 15.78
C GLY C 505 -34.35 -17.07 16.12
N MET C 506 -34.92 -16.52 17.18
CA MET C 506 -34.58 -15.17 17.66
C MET C 506 -33.16 -15.14 18.22
N GLY C 507 -32.47 -14.05 17.94
CA GLY C 507 -31.08 -13.87 18.35
C GLY C 507 -30.04 -14.74 17.64
N LEU C 508 -30.43 -15.40 16.53
CA LEU C 508 -29.48 -16.22 15.78
C LEU C 508 -28.58 -15.33 14.94
N SER C 509 -29.13 -14.20 14.51
CA SER C 509 -28.36 -13.13 13.88
C SER C 509 -27.18 -12.65 14.78
N LEU C 510 -27.47 -12.32 16.04
CA LEU C 510 -26.45 -11.76 16.94
C LEU C 510 -25.46 -12.78 17.50
N MET C 511 -25.61 -14.08 17.22
CA MET C 511 -24.63 -15.09 17.72
C MET C 511 -23.27 -14.98 17.00
N ARG C 512 -23.29 -14.32 15.83
CA ARG C 512 -22.07 -13.92 15.11
C ARG C 512 -21.12 -13.03 15.95
N LEU C 513 -21.67 -12.18 16.82
CA LEU C 513 -20.86 -11.45 17.81
C LEU C 513 -20.40 -12.34 18.94
N ASP C 514 -19.09 -12.40 19.17
CA ASP C 514 -18.51 -13.24 20.24
C ASP C 514 -19.04 -12.92 21.64
N SER C 515 -19.21 -11.63 21.97
CA SER C 515 -19.73 -11.24 23.30
C SER C 515 -21.16 -11.73 23.57
N PHE C 516 -21.98 -11.75 22.53
CA PHE C 516 -23.36 -12.24 22.60
C PHE C 516 -23.36 -13.75 22.80
N ARG C 517 -22.69 -14.45 21.88
CA ARG C 517 -22.56 -15.91 21.90
C ARG C 517 -22.05 -16.40 23.26
N GLU C 518 -20.98 -15.79 23.76
CA GLU C 518 -20.40 -16.18 25.06
C GLU C 518 -21.35 -15.97 26.23
N SER C 519 -22.22 -14.97 26.14
CA SER C 519 -23.26 -14.74 27.15
C SER C 519 -24.36 -15.84 27.11
N ILE C 520 -24.70 -16.28 25.91
CA ILE C 520 -25.66 -17.35 25.71
C ILE C 520 -25.08 -18.71 26.17
N LEU C 521 -23.83 -18.99 25.81
CA LEU C 521 -23.15 -20.22 26.25
C LEU C 521 -22.87 -20.23 27.76
N ARG C 522 -22.80 -19.05 28.38
CA ARG C 522 -22.69 -18.96 29.84
C ARG C 522 -24.07 -19.20 30.48
N SER C 523 -25.13 -18.71 29.83
CA SER C 523 -26.51 -19.02 30.23
C SER C 523 -26.81 -20.54 30.10
N ASP C 524 -26.17 -21.22 29.13
CA ASP C 524 -26.26 -22.69 29.02
C ASP C 524 -25.67 -23.41 30.22
N GLU C 525 -24.55 -22.95 30.77
CA GLU C 525 -23.93 -23.58 31.95
C GLU C 525 -24.89 -23.60 33.16
N ALA C 526 -25.71 -22.56 33.29
CA ALA C 526 -26.69 -22.50 34.37
C ALA C 526 -27.76 -23.58 34.26
N VAL C 527 -28.33 -23.78 33.07
CA VAL C 527 -29.48 -24.69 32.86
C VAL C 527 -29.17 -26.03 32.15
N LYS C 528 -27.90 -26.41 32.05
CA LYS C 528 -27.54 -27.75 31.51
C LYS C 528 -27.88 -28.85 32.51
N PRO C 529 -27.45 -28.73 33.81
CA PRO C 529 -27.88 -29.68 34.82
C PRO C 529 -29.41 -29.95 34.86
N LEU C 530 -30.23 -28.93 34.56
CA LEU C 530 -31.71 -29.06 34.50
C LEU C 530 -32.22 -29.54 33.10
N GLY C 531 -31.34 -30.08 32.27
CA GLY C 531 -31.71 -30.75 31.03
C GLY C 531 -32.02 -29.91 29.81
N VAL C 532 -31.62 -28.64 29.78
CA VAL C 532 -31.92 -27.76 28.61
C VAL C 532 -30.74 -26.84 28.23
N LYS C 533 -30.66 -26.52 26.93
CA LYS C 533 -29.59 -25.72 26.35
C LYS C 533 -30.25 -24.54 25.62
N VAL C 534 -29.94 -23.30 26.03
CA VAL C 534 -30.59 -22.13 25.41
C VAL C 534 -30.21 -22.04 23.93
N SER C 535 -28.95 -22.33 23.60
CA SER C 535 -28.47 -22.31 22.20
C SER C 535 -29.27 -23.28 21.30
N ASP C 536 -29.49 -24.51 21.77
CA ASP C 536 -30.39 -25.49 21.09
C ASP C 536 -31.81 -24.93 20.86
N LEU C 537 -32.35 -24.21 21.85
CA LEU C 537 -33.71 -23.63 21.75
C LEU C 537 -33.78 -22.51 20.71
N LEU C 538 -32.70 -21.72 20.63
CA LEU C 538 -32.62 -20.66 19.64
C LEU C 538 -32.48 -21.25 18.24
N LEU C 539 -31.52 -22.19 18.11
CA LEU C 539 -31.25 -22.87 16.82
C LEU C 539 -32.50 -23.53 16.25
N SER C 540 -33.17 -24.33 17.08
CA SER C 540 -34.45 -24.94 16.73
C SER C 540 -35.41 -23.93 16.10
N THR C 541 -35.70 -24.13 14.81
CA THR C 541 -36.82 -23.46 14.13
C THR C 541 -37.96 -24.49 13.88
N ASP C 542 -38.01 -25.52 14.75
CA ASP C 542 -39.28 -26.16 15.14
C ASP C 542 -40.16 -25.04 15.75
N GLU C 543 -41.26 -24.71 15.08
CA GLU C 543 -41.90 -23.40 15.29
C GLU C 543 -42.83 -23.24 16.50
N ARG C 544 -42.95 -24.25 17.34
CA ARG C 544 -43.72 -24.16 18.60
C ARG C 544 -42.83 -24.32 19.86
N THR C 545 -41.50 -24.23 19.71
CA THR C 545 -40.58 -24.45 20.85
C THR C 545 -40.77 -23.41 21.95
N PHE C 546 -41.05 -22.16 21.55
CA PHE C 546 -41.32 -21.06 22.49
C PHE C 546 -42.81 -20.91 22.91
N ASP C 547 -43.60 -21.96 22.70
CA ASP C 547 -44.92 -22.05 23.34
C ASP C 547 -44.80 -22.60 24.75
N ASP C 548 -43.80 -23.47 24.97
CA ASP C 548 -43.41 -23.94 26.30
C ASP C 548 -42.95 -22.75 27.15
N ILE C 549 -43.58 -22.55 28.30
CA ILE C 549 -43.29 -21.41 29.19
C ILE C 549 -41.84 -21.38 29.70
N VAL C 550 -41.26 -22.55 29.96
CA VAL C 550 -39.87 -22.63 30.41
C VAL C 550 -38.94 -22.21 29.28
N HIS C 551 -39.18 -22.74 28.08
CA HIS C 551 -38.39 -22.40 26.90
C HIS C 551 -38.39 -20.88 26.63
N ALA C 552 -39.54 -20.24 26.79
CA ALA C 552 -39.69 -18.79 26.57
C ALA C 552 -39.00 -17.93 27.65
N PHE C 553 -39.38 -18.14 28.91
CA PHE C 553 -38.82 -17.38 30.04
C PHE C 553 -37.28 -17.40 30.07
N VAL C 554 -36.71 -18.59 29.90
CA VAL C 554 -35.26 -18.77 29.92
C VAL C 554 -34.58 -18.10 28.71
N SER C 555 -35.22 -18.18 27.54
CA SER C 555 -34.65 -17.65 26.30
C SER C 555 -34.70 -16.11 26.25
N LEU C 556 -35.87 -15.55 26.58
CA LEU C 556 -36.02 -14.10 26.72
C LEU C 556 -34.98 -13.51 27.68
N THR C 557 -34.89 -14.07 28.87
CA THR C 557 -34.02 -13.53 29.90
C THR C 557 -32.53 -13.71 29.54
N ALA C 558 -32.16 -14.84 28.95
CA ALA C 558 -30.74 -15.10 28.53
C ALA C 558 -30.24 -14.15 27.43
N ILE C 559 -31.16 -13.79 26.54
CA ILE C 559 -30.94 -12.79 25.49
C ILE C 559 -30.89 -11.37 26.04
N GLN C 560 -31.86 -11.01 26.87
CA GLN C 560 -31.84 -9.72 27.53
C GLN C 560 -30.48 -9.49 28.21
N ILE C 561 -29.94 -10.56 28.82
CA ILE C 561 -28.62 -10.51 29.42
C ILE C 561 -27.52 -10.29 28.38
N ALA C 562 -27.55 -11.05 27.29
CA ALA C 562 -26.53 -10.91 26.23
C ALA C 562 -26.50 -9.49 25.65
N LEU C 563 -27.69 -8.93 25.41
CA LEU C 563 -27.81 -7.55 25.00
C LEU C 563 -27.20 -6.61 26.04
N ILE C 564 -27.52 -6.82 27.32
CA ILE C 564 -26.95 -5.97 28.38
C ILE C 564 -25.41 -6.06 28.35
N ASP C 565 -24.91 -7.28 28.21
CA ASP C 565 -23.47 -7.52 28.03
C ASP C 565 -22.85 -6.74 26.86
N LEU C 566 -23.52 -6.72 25.70
CA LEU C 566 -23.08 -5.93 24.55
C LEU C 566 -23.04 -4.44 24.87
N LEU C 567 -24.16 -3.93 25.37
CA LEU C 567 -24.29 -2.53 25.75
C LEU C 567 -23.19 -2.10 26.73
N THR C 568 -22.87 -3.01 27.64
CA THR C 568 -21.79 -2.79 28.59
C THR C 568 -20.44 -2.79 27.88
N SER C 569 -20.19 -3.79 27.03
CA SER C 569 -18.91 -3.89 26.33
C SER C 569 -18.65 -2.59 25.56
N VAL C 570 -19.72 -1.99 25.04
CA VAL C 570 -19.65 -0.76 24.26
C VAL C 570 -19.56 0.52 25.07
N GLY C 571 -19.51 0.41 26.40
CA GLY C 571 -19.33 1.55 27.31
C GLY C 571 -20.60 2.23 27.82
N LEU C 572 -21.79 1.70 27.51
CA LEU C 572 -23.02 2.28 27.98
C LEU C 572 -23.38 1.84 29.41
N LYS C 573 -23.38 2.81 30.34
CA LYS C 573 -23.79 2.57 31.73
C LYS C 573 -25.15 3.30 31.90
N PRO C 574 -26.19 2.57 32.37
CA PRO C 574 -27.51 3.23 32.46
C PRO C 574 -27.65 4.21 33.63
N ASP C 575 -28.38 5.30 33.42
CA ASP C 575 -28.75 6.22 34.49
C ASP C 575 -30.03 5.76 35.21
N GLY C 576 -30.95 5.14 34.47
CA GLY C 576 -32.10 4.50 35.06
C GLY C 576 -32.47 3.17 34.40
N ILE C 577 -33.09 2.28 35.18
CA ILE C 577 -33.50 0.95 34.70
C ILE C 577 -34.96 0.72 35.09
N ILE C 578 -35.77 0.16 34.19
CA ILE C 578 -37.17 -0.17 34.49
C ILE C 578 -37.53 -1.50 33.83
N GLY C 579 -38.14 -2.42 34.57
CA GLY C 579 -38.58 -3.72 34.02
C GLY C 579 -40.09 -3.81 33.84
N HIS C 580 -40.54 -4.50 32.80
CA HIS C 580 -41.95 -4.85 32.62
C HIS C 580 -42.08 -6.35 32.88
N SER C 581 -42.69 -6.72 34.02
CA SER C 581 -43.00 -8.12 34.31
C SER C 581 -41.72 -8.98 34.37
N LEU C 582 -41.57 -9.99 33.49
CA LEU C 582 -40.36 -10.85 33.43
C LEU C 582 -39.03 -10.09 33.21
N GLY C 583 -39.13 -8.90 32.63
CA GLY C 583 -38.01 -7.98 32.52
C GLY C 583 -37.30 -7.63 33.82
N GLU C 584 -38.04 -7.64 34.94
CA GLU C 584 -37.44 -7.34 36.24
C GLU C 584 -36.34 -8.32 36.66
N VAL C 585 -36.28 -9.49 36.03
CA VAL C 585 -35.15 -10.40 36.26
C VAL C 585 -33.90 -9.84 35.59
N ALA C 586 -34.02 -9.52 34.30
CA ALA C 586 -32.92 -8.92 33.53
C ALA C 586 -32.43 -7.62 34.14
N CYS C 587 -33.39 -6.76 34.52
CA CYS C 587 -33.09 -5.53 35.27
C CYS C 587 -32.14 -5.74 36.45
N GLY C 588 -32.30 -6.85 37.16
CA GLY C 588 -31.42 -7.20 38.27
C GLY C 588 -30.00 -7.46 37.86
N TYR C 589 -29.84 -8.10 36.71
CA TYR C 589 -28.50 -8.33 36.15
C TYR C 589 -27.88 -6.98 35.76
N ALA C 590 -28.66 -6.15 35.08
CA ALA C 590 -28.21 -4.83 34.69
C ALA C 590 -27.83 -3.95 35.88
N ASP C 591 -28.50 -4.13 37.02
CA ASP C 591 -28.28 -3.27 38.17
C ASP C 591 -27.09 -3.69 39.04
N GLY C 592 -26.61 -4.94 38.86
CA GLY C 592 -25.57 -5.50 39.73
C GLY C 592 -26.06 -6.30 40.93
N CYS C 593 -27.38 -6.47 41.06
CA CYS C 593 -27.95 -7.35 42.11
C CYS C 593 -27.76 -8.84 41.84
N LEU C 594 -27.98 -9.25 40.60
CA LEU C 594 -27.99 -10.67 40.25
C LEU C 594 -26.85 -11.04 39.31
N SER C 595 -26.16 -12.14 39.61
CA SER C 595 -25.23 -12.74 38.67
C SER C 595 -26.02 -13.26 37.46
N GLN C 596 -25.31 -13.63 36.39
CA GLN C 596 -25.93 -14.26 35.23
C GLN C 596 -26.65 -15.57 35.61
N ARG C 597 -26.00 -16.38 36.44
CA ARG C 597 -26.53 -17.68 36.87
C ARG C 597 -27.84 -17.47 37.64
N GLU C 598 -27.79 -16.58 38.64
CA GLU C 598 -28.95 -16.24 39.45
C GLU C 598 -30.14 -15.81 38.58
N ALA C 599 -29.88 -14.95 37.60
CA ALA C 599 -30.96 -14.42 36.74
C ALA C 599 -31.53 -15.49 35.82
N VAL C 600 -30.67 -16.28 35.17
CA VAL C 600 -31.15 -17.32 34.25
C VAL C 600 -31.96 -18.38 35.00
N LEU C 601 -31.42 -18.85 36.13
CA LEU C 601 -32.13 -19.84 36.98
C LEU C 601 -33.42 -19.27 37.60
N ALA C 602 -33.43 -17.99 37.99
CA ALA C 602 -34.69 -17.37 38.44
C ALA C 602 -35.74 -17.37 37.31
N ALA C 603 -35.30 -17.22 36.07
CA ALA C 603 -36.19 -17.35 34.91
C ALA C 603 -36.68 -18.79 34.75
N TYR C 604 -35.77 -19.77 34.89
CA TYR C 604 -36.12 -21.20 34.78
C TYR C 604 -37.23 -21.57 35.73
N TRP C 605 -36.95 -21.43 37.03
CA TRP C 605 -37.86 -21.88 38.08
C TRP C 605 -39.17 -21.07 38.08
N ARG C 606 -39.09 -19.78 37.78
CA ARG C 606 -40.31 -19.00 37.55
C ARG C 606 -41.22 -19.68 36.52
N GLY C 607 -40.63 -20.24 35.46
CA GLY C 607 -41.38 -20.96 34.43
C GLY C 607 -41.72 -22.40 34.76
N GLN C 608 -40.78 -23.11 35.39
CA GLN C 608 -40.96 -24.53 35.76
C GLN C 608 -42.02 -24.71 36.86
N CYS C 609 -42.05 -23.79 37.83
CA CYS C 609 -43.05 -23.82 38.90
C CYS C 609 -44.46 -23.54 38.44
N ILE C 610 -44.61 -22.78 37.35
CA ILE C 610 -45.92 -22.59 36.71
C ILE C 610 -46.28 -23.84 35.89
N LYS C 611 -45.33 -24.37 35.13
CA LYS C 611 -45.53 -25.60 34.37
C LYS C 611 -46.01 -26.80 35.26
N ASP C 612 -45.45 -26.94 36.47
CA ASP C 612 -45.82 -28.00 37.45
C ASP C 612 -47.13 -27.82 38.23
N ALA C 613 -47.70 -26.62 38.21
CA ALA C 613 -48.96 -26.32 38.90
C ALA C 613 -50.22 -26.65 38.09
N HIS C 614 -50.03 -26.83 36.78
CA HIS C 614 -51.13 -27.20 35.82
C HIS C 614 -52.45 -26.37 35.98
N LEU C 615 -52.39 -25.13 35.54
CA LEU C 615 -53.42 -24.14 35.82
C LEU C 615 -54.57 -24.10 34.78
N PRO C 616 -55.74 -23.59 35.17
CA PRO C 616 -56.88 -23.54 34.23
C PRO C 616 -56.70 -22.48 33.13
N PRO C 617 -57.09 -22.78 31.87
CA PRO C 617 -56.95 -21.80 30.76
C PRO C 617 -57.35 -20.34 31.09
N GLY C 618 -56.37 -19.43 31.06
CA GLY C 618 -56.61 -17.99 31.26
C GLY C 618 -55.98 -17.16 30.14
N SER C 619 -56.40 -15.90 30.02
CA SER C 619 -55.92 -15.01 28.94
C SER C 619 -55.91 -13.52 29.29
N MET C 620 -55.08 -12.79 28.54
CA MET C 620 -54.90 -11.35 28.73
C MET C 620 -55.10 -10.57 27.41
N ALA C 621 -55.77 -9.42 27.54
CA ALA C 621 -55.96 -8.51 26.41
C ALA C 621 -55.67 -7.07 26.86
N ALA C 622 -54.77 -6.39 26.15
CA ALA C 622 -54.59 -4.93 26.32
C ALA C 622 -55.87 -4.24 25.88
N VAL C 623 -56.39 -3.31 26.69
CA VAL C 623 -57.59 -2.55 26.34
C VAL C 623 -57.38 -1.05 26.47
N GLY C 624 -58.13 -0.31 25.67
CA GLY C 624 -58.02 1.14 25.57
C GLY C 624 -58.89 1.89 26.56
N LEU C 625 -58.49 1.85 27.82
CA LEU C 625 -59.12 2.67 28.87
C LEU C 625 -58.14 2.77 30.06
N SER C 626 -58.31 3.82 30.86
CA SER C 626 -57.35 4.15 31.92
C SER C 626 -57.26 3.08 33.02
N TRP C 627 -56.27 3.23 33.90
CA TRP C 627 -56.11 2.35 35.06
C TRP C 627 -57.39 2.37 35.89
N GLU C 628 -57.83 3.60 36.22
CA GLU C 628 -59.03 3.81 37.03
C GLU C 628 -60.33 3.25 36.40
N GLU C 629 -60.55 3.57 35.13
CA GLU C 629 -61.70 3.08 34.37
C GLU C 629 -61.76 1.52 34.32
N CYS C 630 -60.61 0.85 34.39
CA CYS C 630 -60.54 -0.62 34.45
C CYS C 630 -61.08 -1.23 35.77
N LYS C 631 -60.98 -0.50 36.88
CA LYS C 631 -61.57 -0.96 38.15
C LYS C 631 -63.06 -1.21 37.98
N GLN C 632 -63.79 -0.16 37.56
CA GLN C 632 -65.25 -0.23 37.42
C GLN C 632 -65.66 -1.27 36.40
N ARG C 633 -65.41 -0.98 35.13
CA ARG C 633 -66.08 -1.69 34.02
C ARG C 633 -65.63 -3.16 33.84
N CYS C 634 -64.69 -3.64 34.67
CA CYS C 634 -64.39 -5.09 34.76
C CYS C 634 -65.57 -5.87 35.36
N PRO C 635 -65.81 -7.11 34.90
CA PRO C 635 -66.80 -7.98 35.57
C PRO C 635 -66.35 -8.43 36.98
N GLY C 637 -64.10 -11.84 37.91
CA GLY C 637 -62.88 -12.67 37.76
C GLY C 637 -61.84 -12.12 36.79
N VAL C 638 -62.02 -10.87 36.37
CA VAL C 638 -61.11 -10.18 35.47
C VAL C 638 -60.56 -8.99 36.24
N VAL C 639 -59.24 -8.80 36.22
CA VAL C 639 -58.62 -7.67 36.93
C VAL C 639 -57.59 -6.89 36.11
N PRO C 640 -57.37 -5.60 36.46
CA PRO C 640 -56.32 -4.82 35.83
C PRO C 640 -54.94 -5.36 36.18
N ALA C 641 -54.21 -5.84 35.17
CA ALA C 641 -52.92 -6.55 35.36
C ALA C 641 -51.64 -5.73 35.09
N CYS C 642 -51.59 -4.98 33.98
CA CYS C 642 -50.41 -4.19 33.59
C CYS C 642 -50.81 -2.76 33.25
N HIS C 643 -50.34 -1.77 34.00
CA HIS C 643 -50.56 -0.35 33.66
C HIS C 643 -49.50 0.12 32.66
N ASN C 644 -49.76 -0.09 31.38
CA ASN C 644 -48.78 0.21 30.33
C ASN C 644 -48.68 1.73 30.08
N SER C 645 -49.75 2.35 29.56
CA SER C 645 -49.87 3.82 29.50
C SER C 645 -51.21 4.24 30.13
N GLU C 646 -51.53 5.53 30.12
CA GLU C 646 -52.86 5.97 30.57
C GLU C 646 -53.98 5.65 29.57
N ASP C 647 -53.62 5.28 28.34
CA ASP C 647 -54.56 4.74 27.35
C ASP C 647 -54.62 3.20 27.41
N THR C 648 -53.47 2.55 27.55
CA THR C 648 -53.37 1.10 27.43
C THR C 648 -53.23 0.44 28.79
N VAL C 649 -54.13 -0.49 29.10
CA VAL C 649 -54.05 -1.31 30.31
C VAL C 649 -54.28 -2.77 29.92
N THR C 650 -53.39 -3.68 30.32
CA THR C 650 -53.63 -5.12 30.16
C THR C 650 -54.53 -5.63 31.30
N ILE C 651 -55.50 -6.47 30.96
CA ILE C 651 -56.37 -7.13 31.94
C ILE C 651 -56.11 -8.62 31.93
N SER C 652 -56.49 -9.29 33.00
CA SER C 652 -56.22 -10.72 33.15
C SER C 652 -57.36 -11.43 33.87
N GLY C 653 -57.63 -12.66 33.42
CA GLY C 653 -58.69 -13.51 33.99
C GLY C 653 -58.86 -14.84 33.22
N PRO C 654 -59.99 -15.55 33.46
CA PRO C 654 -60.33 -16.70 32.62
C PRO C 654 -61.08 -16.21 31.36
N GLN C 655 -61.15 -17.02 30.30
CA GLN C 655 -62.04 -16.70 29.16
C GLN C 655 -63.52 -16.58 29.57
N ALA C 656 -63.92 -17.35 30.61
CA ALA C 656 -65.26 -17.29 31.24
C ALA C 656 -65.86 -15.87 31.49
N ALA C 657 -65.01 -14.85 31.57
CA ALA C 657 -65.43 -13.44 31.44
C ALA C 657 -64.59 -12.57 30.47
N VAL C 658 -63.36 -12.97 30.13
CA VAL C 658 -62.42 -12.07 29.39
C VAL C 658 -62.85 -11.86 27.95
N ASN C 659 -63.29 -12.92 27.25
CA ASN C 659 -63.75 -12.78 25.86
C ASN C 659 -65.07 -12.02 25.75
N GLU C 660 -66.07 -12.37 26.57
CA GLU C 660 -67.40 -11.72 26.49
C GLU C 660 -67.45 -10.27 27.02
N PHE C 661 -66.63 -9.95 28.02
CA PHE C 661 -66.51 -8.55 28.53
C PHE C 661 -65.25 -7.83 27.95
N VAL C 662 -64.67 -8.40 26.86
CA VAL C 662 -63.86 -7.66 25.86
C VAL C 662 -64.74 -7.15 24.71
N GLU C 663 -65.78 -7.90 24.37
CA GLU C 663 -66.69 -7.51 23.28
C GLU C 663 -67.68 -6.41 23.66
N GLN C 664 -68.11 -6.35 24.93
CA GLN C 664 -68.88 -5.17 25.40
C GLN C 664 -68.06 -3.86 25.31
N LEU C 665 -66.72 -3.98 25.28
CA LEU C 665 -65.83 -2.87 24.91
C LEU C 665 -65.73 -2.69 23.39
N LYS C 666 -65.26 -3.73 22.68
CA LYS C 666 -64.90 -3.61 21.25
C LYS C 666 -66.10 -3.59 20.27
N GLN C 667 -67.32 -3.71 20.78
CA GLN C 667 -68.54 -3.32 20.06
C GLN C 667 -68.79 -1.79 20.19
N GLU C 668 -68.30 -1.18 21.28
CA GLU C 668 -68.22 0.30 21.41
C GLU C 668 -66.87 0.87 20.93
N GLY C 669 -66.21 0.20 19.98
CA GLY C 669 -65.01 0.68 19.29
C GLY C 669 -63.77 0.89 20.13
N VAL C 670 -63.70 0.25 21.30
CA VAL C 670 -62.59 0.42 22.25
C VAL C 670 -61.46 -0.53 21.83
N PHE C 671 -60.21 -0.04 21.94
CA PHE C 671 -59.00 -0.76 21.47
C PHE C 671 -58.89 -2.13 22.15
N ALA C 672 -58.30 -3.09 21.44
CA ALA C 672 -58.02 -4.43 21.95
C ALA C 672 -57.07 -5.24 21.02
N LYS C 673 -55.82 -5.41 21.43
CA LYS C 673 -54.84 -6.27 20.71
C LYS C 673 -54.26 -7.31 21.70
N GLU C 674 -54.18 -8.58 21.28
CA GLU C 674 -53.82 -9.72 22.16
C GLU C 674 -52.38 -9.56 22.74
N VAL C 675 -52.08 -10.21 23.86
CA VAL C 675 -50.66 -10.50 24.27
C VAL C 675 -50.45 -12.04 24.36
N ARG C 676 -49.34 -12.51 23.76
CA ARG C 676 -49.09 -13.96 23.62
C ARG C 676 -48.45 -14.57 24.89
N THR C 677 -49.35 -15.08 25.74
CA THR C 677 -49.00 -15.58 27.07
C THR C 677 -48.66 -17.09 27.14
N GLY C 678 -48.81 -17.81 26.01
CA GLY C 678 -48.79 -19.27 26.04
C GLY C 678 -49.95 -19.89 26.81
N GLY C 679 -51.11 -19.21 26.83
CA GLY C 679 -52.35 -19.71 27.46
C GLY C 679 -52.60 -19.38 28.94
N LEU C 680 -51.97 -18.34 29.47
CA LEU C 680 -52.03 -18.04 30.92
C LEU C 680 -52.48 -16.62 31.28
N ALA C 681 -52.90 -16.45 32.54
CA ALA C 681 -53.39 -15.19 33.10
C ALA C 681 -52.46 -14.64 34.20
N PHE C 682 -51.36 -14.00 33.80
CA PHE C 682 -50.34 -13.49 34.72
C PHE C 682 -50.79 -12.24 35.49
N HIS C 683 -50.00 -11.87 36.52
CA HIS C 683 -50.18 -10.61 37.30
C HIS C 683 -51.58 -10.44 37.87
N SER C 684 -52.14 -11.58 38.28
CA SER C 684 -53.48 -11.69 38.80
C SER C 684 -53.50 -12.71 39.92
N TYR C 685 -54.68 -12.87 40.51
CA TYR C 685 -54.95 -13.94 41.46
C TYR C 685 -54.49 -15.36 41.05
N PHE C 686 -54.69 -15.77 39.79
CA PHE C 686 -54.33 -17.17 39.33
C PHE C 686 -52.92 -17.69 39.65
N MET C 687 -51.99 -16.76 39.90
CA MET C 687 -50.59 -17.10 40.09
C MET C 687 -50.23 -17.29 41.56
N GLU C 688 -51.12 -16.90 42.46
CA GLU C 688 -50.85 -16.87 43.90
C GLU C 688 -50.64 -18.28 44.47
N GLY C 689 -51.16 -19.30 43.77
CA GLY C 689 -50.87 -20.70 44.07
C GLY C 689 -49.48 -21.21 43.72
N ILE C 690 -48.70 -20.39 43.03
CA ILE C 690 -47.30 -20.70 42.72
C ILE C 690 -46.36 -20.20 43.83
N ALA C 691 -46.77 -19.15 44.55
CA ALA C 691 -45.93 -18.48 45.57
C ALA C 691 -45.12 -19.42 46.49
N PRO C 692 -45.76 -20.42 47.13
CA PRO C 692 -44.98 -21.27 48.04
C PRO C 692 -43.88 -22.14 47.39
N THR C 693 -44.17 -22.81 46.28
CA THR C 693 -43.18 -23.66 45.61
C THR C 693 -42.08 -22.86 44.85
N LEU C 694 -42.45 -21.70 44.27
CA LEU C 694 -41.47 -20.80 43.63
C LEU C 694 -40.54 -20.16 44.66
N LEU C 695 -41.13 -19.56 45.69
CA LEU C 695 -40.38 -18.98 46.83
C LEU C 695 -39.34 -19.96 47.41
N GLN C 696 -39.65 -21.26 47.38
CA GLN C 696 -38.72 -22.27 47.87
C GLN C 696 -37.55 -22.52 46.90
N ALA C 697 -37.87 -22.65 45.61
CA ALA C 697 -36.83 -22.85 44.58
C ALA C 697 -35.91 -21.63 44.45
N LEU C 698 -36.48 -20.43 44.50
CA LEU C 698 -35.72 -19.18 44.39
C LEU C 698 -34.85 -18.83 45.60
N LYS C 699 -35.15 -19.43 46.76
CA LYS C 699 -34.29 -19.27 47.96
C LYS C 699 -33.06 -20.16 47.87
N LYS C 700 -33.19 -21.30 47.19
CA LYS C 700 -32.05 -22.15 46.82
C LYS C 700 -31.19 -21.53 45.68
N VAL C 701 -31.75 -20.57 44.93
CA VAL C 701 -31.06 -19.93 43.78
C VAL C 701 -30.42 -18.56 44.15
N ILE C 702 -31.18 -17.66 44.75
CA ILE C 702 -30.65 -16.37 45.23
C ILE C 702 -30.18 -16.54 46.67
N ARG C 703 -28.95 -17.09 46.81
CA ARG C 703 -28.27 -17.24 48.10
C ARG C 703 -28.42 -16.05 49.06
N GLU C 704 -27.78 -14.94 48.72
CA GLU C 704 -27.75 -13.77 49.59
C GLU C 704 -28.21 -12.56 48.77
N PRO C 705 -29.46 -12.11 48.98
CA PRO C 705 -29.97 -10.95 48.25
C PRO C 705 -29.10 -9.71 48.43
N ARG C 706 -28.86 -8.99 47.33
CA ARG C 706 -28.04 -7.76 47.31
C ARG C 706 -28.94 -6.55 47.05
N PRO C 707 -28.53 -5.36 47.51
CA PRO C 707 -29.41 -4.19 47.41
C PRO C 707 -29.68 -3.75 45.97
N ARG C 708 -30.85 -3.19 45.70
CA ARG C 708 -31.19 -2.60 44.41
C ARG C 708 -30.80 -1.13 44.45
N SER C 709 -30.02 -0.66 43.47
CA SER C 709 -29.59 0.75 43.43
C SER C 709 -30.78 1.68 43.21
N ALA C 710 -30.54 2.98 43.42
CA ALA C 710 -31.54 4.03 43.17
C ALA C 710 -31.94 4.08 41.68
N ARG C 711 -31.00 3.67 40.83
CA ARG C 711 -31.19 3.71 39.38
C ARG C 711 -32.33 2.78 38.94
N TRP C 712 -32.48 1.64 39.62
CA TRP C 712 -33.55 0.68 39.29
C TRP C 712 -34.89 1.02 39.97
N LEU C 713 -35.89 1.35 39.14
CA LEU C 713 -37.25 1.61 39.58
C LEU C 713 -38.15 0.36 39.45
N SER C 714 -38.76 -0.04 40.57
CA SER C 714 -39.64 -1.20 40.60
C SER C 714 -40.94 -0.91 39.87
N THR C 715 -41.44 -1.92 39.17
CA THR C 715 -42.80 -1.97 38.65
C THR C 715 -43.71 -2.94 39.40
N SER C 716 -43.10 -3.90 40.13
CA SER C 716 -43.83 -4.84 40.98
C SER C 716 -44.38 -4.17 42.26
N ILE C 717 -43.61 -3.23 42.81
CA ILE C 717 -43.90 -2.57 44.08
C ILE C 717 -44.19 -1.09 43.84
N PRO C 718 -45.35 -0.57 44.29
CA PRO C 718 -45.65 0.85 44.04
C PRO C 718 -44.72 1.78 44.80
N GLU C 719 -44.62 3.02 44.33
CA GLU C 719 -43.60 3.95 44.79
C GLU C 719 -43.59 4.20 46.31
N ALA C 720 -44.78 4.30 46.91
CA ALA C 720 -44.92 4.51 48.37
C ALA C 720 -44.09 3.52 49.23
N GLN C 721 -44.00 2.26 48.80
CA GLN C 721 -43.22 1.24 49.51
C GLN C 721 -41.90 0.87 48.83
N TRP C 722 -41.30 1.79 48.07
CA TRP C 722 -39.92 1.59 47.57
C TRP C 722 -38.93 1.58 48.74
N GLN C 723 -39.27 2.31 49.79
CA GLN C 723 -38.52 2.29 51.05
C GLN C 723 -38.56 0.93 51.78
N SER C 724 -39.62 0.15 51.59
CA SER C 724 -39.81 -1.15 52.28
C SER C 724 -38.61 -2.08 52.16
N SER C 725 -38.56 -3.09 53.02
CA SER C 725 -37.50 -4.08 52.98
C SER C 725 -37.72 -5.20 51.96
N LEU C 726 -38.94 -5.35 51.43
CA LEU C 726 -39.15 -6.23 50.24
C LEU C 726 -38.44 -5.62 49.03
N ALA C 727 -38.60 -4.31 48.89
CA ALA C 727 -37.98 -3.51 47.84
C ALA C 727 -36.45 -3.42 47.94
N ARG C 728 -35.89 -3.36 49.14
CA ARG C 728 -34.43 -3.16 49.35
C ARG C 728 -33.53 -4.09 48.49
N THR C 729 -33.88 -5.38 48.33
CA THR C 729 -33.05 -6.34 47.59
C THR C 729 -33.82 -7.13 46.53
N SER C 730 -33.08 -7.77 45.62
CA SER C 730 -33.65 -8.68 44.62
C SER C 730 -33.59 -10.09 45.19
N SER C 731 -34.50 -10.33 46.13
CA SER C 731 -34.58 -11.56 46.87
C SER C 731 -35.51 -12.49 46.14
N ALA C 732 -35.51 -13.75 46.55
CA ALA C 732 -36.55 -14.71 46.17
C ALA C 732 -37.98 -14.10 46.34
N GLU C 733 -38.16 -13.30 47.39
CA GLU C 733 -39.44 -12.65 47.69
C GLU C 733 -39.85 -11.58 46.68
N TYR C 734 -38.92 -10.72 46.28
CA TYR C 734 -39.16 -9.68 45.28
C TYR C 734 -39.71 -10.27 43.96
N ASN C 735 -39.03 -11.32 43.50
CA ASN C 735 -39.37 -12.05 42.26
C ASN C 735 -40.75 -12.69 42.29
N VAL C 736 -41.09 -13.34 43.41
CA VAL C 736 -42.39 -13.98 43.55
C VAL C 736 -43.48 -12.90 43.54
N ASN C 737 -43.25 -11.84 44.32
CA ASN C 737 -44.15 -10.69 44.33
C ASN C 737 -44.44 -10.10 42.94
N ASN C 738 -43.41 -10.04 42.09
CA ASN C 738 -43.55 -9.50 40.71
C ASN C 738 -44.59 -10.27 39.90
N LEU C 739 -44.54 -11.58 40.09
CA LEU C 739 -45.33 -12.52 39.32
C LEU C 739 -46.82 -12.49 39.64
N VAL C 740 -47.16 -12.14 40.90
CA VAL C 740 -48.57 -12.02 41.34
C VAL C 740 -49.11 -10.58 41.42
N SER C 741 -48.22 -9.60 41.58
CA SER C 741 -48.63 -8.20 41.67
C SER C 741 -48.86 -7.64 40.27
N PRO C 742 -49.67 -6.56 40.16
CA PRO C 742 -49.76 -5.90 38.87
C PRO C 742 -48.43 -5.25 38.45
N VAL C 743 -48.34 -4.86 37.17
CA VAL C 743 -47.14 -4.22 36.62
C VAL C 743 -47.39 -2.71 36.50
N LEU C 744 -46.75 -1.97 37.41
CA LEU C 744 -46.94 -0.53 37.55
C LEU C 744 -45.91 0.20 36.68
N PHE C 745 -46.17 0.13 35.37
CA PHE C 745 -45.22 0.54 34.33
C PHE C 745 -45.26 2.05 34.11
N GLN C 746 -46.40 2.61 33.68
CA GLN C 746 -46.57 4.08 33.52
C GLN C 746 -46.12 4.85 34.78
N GLU C 747 -46.28 4.24 35.94
CA GLU C 747 -45.85 4.82 37.23
C GLU C 747 -44.35 5.07 37.26
N ALA C 748 -43.58 4.14 36.71
CA ALA C 748 -42.11 4.30 36.61
C ALA C 748 -41.70 5.26 35.47
N LEU C 749 -42.44 5.23 34.36
CA LEU C 749 -42.17 6.10 33.22
C LEU C 749 -42.43 7.59 33.49
N TRP C 750 -43.35 7.90 34.40
CA TRP C 750 -43.55 9.26 34.89
C TRP C 750 -42.23 9.82 35.43
N HIS C 751 -41.39 8.95 36.02
CA HIS C 751 -40.06 9.33 36.55
C HIS C 751 -38.92 9.52 35.53
N ILE C 752 -39.11 9.14 34.27
CA ILE C 752 -38.06 9.35 33.26
C ILE C 752 -38.04 10.83 32.87
N PRO C 753 -36.85 11.51 33.02
CA PRO C 753 -36.76 12.98 32.88
C PRO C 753 -36.79 13.47 31.44
N GLU C 754 -36.86 14.79 31.26
CA GLU C 754 -36.88 15.38 29.90
C GLU C 754 -35.58 15.08 29.13
N HIS C 755 -35.69 14.96 27.82
CA HIS C 755 -34.55 14.76 26.90
C HIS C 755 -33.75 13.47 27.20
N ALA C 756 -34.43 12.40 27.51
CA ALA C 756 -33.75 11.16 27.86
C ALA C 756 -33.70 10.22 26.67
N VAL C 757 -32.74 9.31 26.70
CA VAL C 757 -32.59 8.30 25.65
C VAL C 757 -32.92 6.96 26.29
N VAL C 758 -33.86 6.26 25.65
CA VAL C 758 -34.52 5.09 26.21
C VAL C 758 -34.35 3.89 25.27
N LEU C 759 -33.62 2.88 25.74
CA LEU C 759 -33.34 1.67 24.97
C LEU C 759 -34.20 0.50 25.41
N GLU C 760 -35.01 -0.04 24.51
CA GLU C 760 -35.82 -1.23 24.81
C GLU C 760 -35.00 -2.50 24.63
N ILE C 761 -34.60 -3.07 25.75
CA ILE C 761 -33.79 -4.30 25.80
C ILE C 761 -34.68 -5.55 25.78
N ALA C 762 -34.75 -6.19 24.61
CA ALA C 762 -35.66 -7.31 24.36
C ALA C 762 -35.52 -7.81 22.93
N PRO C 763 -35.73 -9.13 22.74
CA PRO C 763 -35.63 -9.77 21.42
C PRO C 763 -36.67 -9.35 20.40
N HIS C 764 -37.67 -8.59 20.82
CA HIS C 764 -38.42 -7.80 19.88
C HIS C 764 -38.89 -6.59 20.64
N ALA C 765 -38.91 -5.44 19.97
CA ALA C 765 -39.13 -4.17 20.64
C ALA C 765 -40.62 -3.88 20.73
N LEU C 766 -41.32 -4.75 21.46
CA LEU C 766 -42.79 -4.75 21.58
C LEU C 766 -43.38 -3.45 22.14
N LEU C 767 -42.70 -2.91 23.16
CA LEU C 767 -43.18 -1.75 23.90
C LEU C 767 -42.89 -0.34 23.29
N GLN C 768 -42.42 -0.26 22.04
CA GLN C 768 -42.06 1.03 21.45
C GLN C 768 -43.24 1.99 21.47
N ALA C 769 -44.36 1.50 20.93
CA ALA C 769 -45.64 2.22 20.90
C ALA C 769 -46.09 2.70 22.29
N VAL C 770 -45.91 1.86 23.32
CA VAL C 770 -46.26 2.24 24.69
C VAL C 770 -45.35 3.35 25.22
N LEU C 771 -44.04 3.16 25.04
CA LEU C 771 -43.05 4.08 25.57
C LEU C 771 -43.22 5.48 24.99
N LYS C 772 -43.49 5.57 23.69
CA LYS C 772 -43.77 6.86 23.05
C LYS C 772 -44.95 7.59 23.71
N ARG C 773 -46.09 6.89 23.89
CA ARG C 773 -47.24 7.48 24.59
C ARG C 773 -46.90 7.78 26.05
N GLY C 774 -46.18 6.87 26.69
CA GLY C 774 -46.01 6.89 28.15
C GLY C 774 -44.90 7.74 28.72
N VAL C 775 -43.89 8.10 27.93
CA VAL C 775 -42.84 8.98 28.42
C VAL C 775 -42.83 10.27 27.63
N LYS C 776 -42.32 11.35 28.24
CA LYS C 776 -42.27 12.69 27.63
C LYS C 776 -41.86 12.70 26.16
N SER C 777 -42.50 13.58 25.36
CA SER C 777 -42.21 13.71 23.92
C SER C 777 -40.74 14.04 23.63
N SER C 778 -40.14 14.82 24.53
CA SER C 778 -38.74 15.20 24.45
C SER C 778 -37.74 14.05 24.52
N CYS C 779 -38.18 12.85 24.89
CA CYS C 779 -37.30 11.68 24.95
C CYS C 779 -37.20 11.01 23.59
N THR C 780 -36.14 10.21 23.43
CA THR C 780 -35.90 9.45 22.20
C THR C 780 -35.91 7.96 22.57
N ILE C 781 -36.79 7.21 21.90
CA ILE C 781 -37.07 5.82 22.22
C ILE C 781 -36.45 4.99 21.13
N ILE C 782 -35.60 4.05 21.51
CA ILE C 782 -34.79 3.30 20.55
C ILE C 782 -34.99 1.80 20.75
N PRO C 783 -35.36 1.05 19.69
CA PRO C 783 -35.36 -0.40 19.80
C PRO C 783 -33.97 -1.00 19.64
N LEU C 784 -33.86 -2.30 19.81
CA LEU C 784 -32.59 -3.03 19.63
C LEU C 784 -32.68 -4.32 18.79
N MET C 785 -33.83 -5.00 18.79
CA MET C 785 -34.11 -6.13 17.87
C MET C 785 -35.53 -6.04 17.37
N LYS C 786 -35.77 -6.50 16.14
CA LYS C 786 -37.13 -6.70 15.64
C LYS C 786 -37.37 -8.17 15.29
N ARG C 787 -38.66 -8.53 15.22
CA ARG C 787 -39.11 -9.91 15.07
C ARG C 787 -39.06 -10.21 13.59
N ASP C 788 -38.37 -11.30 13.25
CA ASP C 788 -38.18 -11.70 11.86
C ASP C 788 -37.54 -10.60 10.98
N HIS C 789 -36.72 -9.71 11.56
CA HIS C 789 -35.97 -8.76 10.76
C HIS C 789 -34.94 -9.54 9.98
N LYS C 790 -34.73 -9.16 8.71
CA LYS C 790 -33.83 -9.91 7.82
C LYS C 790 -32.44 -10.12 8.45
N ASP C 791 -31.86 -9.06 8.99
CA ASP C 791 -30.60 -9.10 9.72
C ASP C 791 -30.76 -8.29 11.01
N ASN C 792 -30.75 -8.95 12.17
CA ASN C 792 -30.85 -8.23 13.46
C ASN C 792 -29.53 -7.58 13.85
N LEU C 793 -28.41 -8.20 13.47
CA LEU C 793 -27.11 -7.59 13.68
C LEU C 793 -27.03 -6.21 13.04
N GLU C 794 -27.46 -6.11 11.79
CA GLU C 794 -27.63 -4.81 11.15
C GLU C 794 -28.55 -3.89 11.96
N PHE C 795 -29.72 -4.38 12.37
CA PHE C 795 -30.73 -3.56 13.09
C PHE C 795 -30.18 -3.03 14.43
N PHE C 796 -29.49 -3.90 15.15
CA PHE C 796 -28.85 -3.55 16.40
C PHE C 796 -27.83 -2.42 16.19
N LEU C 797 -26.91 -2.66 15.25
CA LEU C 797 -25.91 -1.71 14.79
C LEU C 797 -26.70 -0.95 13.76
N THR C 798 -27.24 0.10 14.16
CA THR C 798 -28.16 1.01 13.37
C THR C 798 -28.81 1.79 14.44
N ASN C 799 -29.34 1.07 15.42
CA ASN C 799 -29.96 1.64 16.61
C ASN C 799 -28.87 2.06 17.59
N LEU C 800 -27.78 1.32 17.60
CA LEU C 800 -26.64 1.70 18.43
C LEU C 800 -26.00 3.00 17.88
N GLY C 801 -25.97 3.12 16.56
CA GLY C 801 -25.67 4.39 15.92
C GLY C 801 -26.61 5.52 16.27
N LYS C 802 -27.91 5.23 16.34
CA LYS C 802 -28.89 6.22 16.78
C LYS C 802 -28.59 6.71 18.17
N VAL C 803 -27.95 5.89 19.01
CA VAL C 803 -27.60 6.40 20.34
C VAL C 803 -26.42 7.37 20.24
N HIS C 804 -25.41 7.05 19.45
CA HIS C 804 -24.33 8.00 19.13
C HIS C 804 -24.94 9.34 18.65
N LEU C 805 -25.95 9.30 17.79
CA LEU C 805 -26.60 10.54 17.31
C LEU C 805 -27.15 11.46 18.38
N THR C 806 -27.47 10.94 19.55
CA THR C 806 -28.07 11.75 20.63
C THR C 806 -27.07 12.63 21.37
N GLY C 807 -25.78 12.27 21.30
CA GLY C 807 -24.74 12.93 22.08
C GLY C 807 -24.02 12.03 23.05
N ILE C 808 -24.50 10.80 23.19
CA ILE C 808 -23.97 9.85 24.14
C ILE C 808 -22.89 9.02 23.45
N ASN C 809 -21.74 8.91 24.09
CA ASN C 809 -20.61 8.23 23.47
C ASN C 809 -20.78 6.72 23.56
N VAL C 810 -20.24 6.02 22.56
CA VAL C 810 -20.44 4.60 22.31
C VAL C 810 -19.20 4.12 21.57
N ASN C 811 -18.56 3.06 22.05
CA ASN C 811 -17.41 2.49 21.37
C ASN C 811 -17.76 1.15 20.72
N PRO C 812 -18.21 1.18 19.46
CA PRO C 812 -18.57 -0.09 18.80
C PRO C 812 -17.41 -1.01 18.57
N ASN C 813 -16.19 -0.50 18.62
CA ASN C 813 -15.01 -1.36 18.42
C ASN C 813 -15.04 -2.60 19.31
N ALA C 814 -15.54 -2.47 20.53
CA ALA C 814 -15.55 -3.61 21.47
C ALA C 814 -16.50 -4.79 21.09
N LEU C 815 -17.48 -4.53 20.24
CA LEU C 815 -18.34 -5.60 19.71
C LEU C 815 -17.61 -6.64 18.88
N PHE C 816 -16.46 -6.29 18.32
CA PHE C 816 -15.74 -7.18 17.39
C PHE C 816 -14.37 -7.46 17.95
N PRO C 817 -13.69 -8.50 17.42
CA PRO C 817 -12.35 -8.80 17.96
C PRO C 817 -11.41 -7.61 17.85
N PRO C 818 -10.52 -7.47 18.83
CA PRO C 818 -9.79 -6.21 18.87
C PRO C 818 -8.82 -6.11 17.70
N VAL C 819 -8.65 -4.92 17.16
CA VAL C 819 -7.62 -4.67 16.14
C VAL C 819 -6.24 -4.63 16.80
N GLU C 820 -5.28 -5.33 16.23
CA GLU C 820 -3.91 -5.30 16.76
C GLU C 820 -3.15 -4.11 16.20
N PHE C 821 -3.00 -3.06 16.99
CA PHE C 821 -2.13 -1.94 16.61
C PHE C 821 -0.69 -2.25 16.93
N PRO C 822 0.29 -1.58 16.31
CA PRO C 822 0.23 -0.53 15.27
C PRO C 822 -0.56 -0.90 14.03
N ALA C 823 -1.30 0.05 13.47
CA ALA C 823 -2.05 -0.20 12.26
C ALA C 823 -1.10 -0.53 11.13
N PRO C 824 -1.58 -1.32 10.16
CA PRO C 824 -0.72 -1.67 9.07
C PRO C 824 -0.44 -0.47 8.19
N ARG C 825 0.70 -0.54 7.53
CA ARG C 825 1.13 0.43 6.52
C ARG C 825 0.06 0.59 5.47
N GLY C 826 -0.10 1.80 4.96
CA GLY C 826 -1.10 2.07 3.95
C GLY C 826 -2.54 2.21 4.45
N THR C 827 -2.78 2.15 5.77
CA THR C 827 -4.06 2.56 6.32
C THR C 827 -4.30 4.01 5.88
N PRO C 828 -5.46 4.32 5.29
CA PRO C 828 -5.66 5.67 4.75
C PRO C 828 -5.45 6.78 5.78
N LEU C 829 -5.04 7.94 5.28
CA LEU C 829 -4.96 9.12 6.09
C LEU C 829 -6.35 9.56 6.53
N ILE C 830 -6.39 10.13 7.74
CA ILE C 830 -7.59 10.74 8.32
C ILE C 830 -7.54 12.25 8.22
N SER C 831 -6.37 12.88 8.36
CA SER C 831 -6.27 14.35 8.39
C SER C 831 -7.02 15.06 7.28
N PRO C 832 -6.99 14.54 6.03
CA PRO C 832 -7.63 15.33 4.97
C PRO C 832 -9.13 15.41 5.03
N HIS C 833 -9.77 14.54 5.83
CA HIS C 833 -11.22 14.44 5.87
C HIS C 833 -11.81 15.12 7.06
N ILE C 834 -10.98 15.81 7.82
CA ILE C 834 -11.46 16.59 8.96
C ILE C 834 -11.84 17.96 8.39
N LYS C 835 -13.10 18.34 8.51
CA LYS C 835 -13.58 19.58 7.92
C LYS C 835 -14.14 20.47 8.98
N TRP C 836 -13.94 21.78 8.78
CA TRP C 836 -14.18 22.79 9.79
C TRP C 836 -15.37 23.63 9.34
N ASP C 837 -15.88 24.45 10.25
CA ASP C 837 -16.85 25.49 9.91
C ASP C 837 -16.06 26.69 9.47
N HIS C 838 -15.96 26.89 8.16
CA HIS C 838 -15.26 28.01 7.57
C HIS C 838 -16.21 29.06 6.96
N SER C 839 -17.37 29.22 7.57
CA SER C 839 -18.33 30.23 7.13
C SER C 839 -17.84 31.65 7.37
N GLN C 840 -17.02 31.89 8.39
CA GLN C 840 -16.49 33.23 8.64
C GLN C 840 -15.29 33.52 7.74
N THR C 841 -14.91 34.79 7.66
CA THR C 841 -13.73 35.25 6.91
C THR C 841 -12.93 36.28 7.70
N TRP C 842 -11.68 35.94 8.05
CA TRP C 842 -10.89 36.72 8.96
C TRP C 842 -9.86 37.56 8.21
N ASP C 843 -9.36 38.60 8.87
CA ASP C 843 -8.43 39.50 8.23
C ASP C 843 -7.12 38.83 8.01
N VAL C 844 -6.39 39.29 7.02
CA VAL C 844 -5.07 38.81 6.73
C VAL C 844 -4.25 40.01 6.36
N PRO C 845 -3.07 40.15 6.95
CA PRO C 845 -2.18 41.22 6.49
C PRO C 845 -1.90 41.19 5.00
N VAL C 846 -1.73 42.37 4.43
CA VAL C 846 -1.49 42.55 3.00
C VAL C 846 -0.21 43.34 2.79
N ALA C 847 0.33 43.34 1.58
CA ALA C 847 1.61 44.02 1.33
C ALA C 847 1.60 45.48 1.75
N GLU C 848 0.44 46.13 1.55
CA GLU C 848 0.26 47.56 1.86
C GLU C 848 0.38 47.84 3.36
N ASP C 849 0.21 46.82 4.21
CA ASP C 849 0.37 46.98 5.67
C ASP C 849 1.83 47.13 6.13
N PHE C 850 2.79 46.93 5.23
CA PHE C 850 4.20 47.06 5.59
C PHE C 850 4.86 48.28 4.95
N PRO C 851 5.93 48.81 5.56
CA PRO C 851 6.68 49.93 5.00
C PRO C 851 7.24 49.75 3.55
N ASN C 852 7.46 50.85 2.83
CA ASN C 852 8.20 50.90 1.53
C ASN C 852 9.01 52.18 1.25
N SER D 1 23.63 12.38 35.07
CA SER D 1 24.76 11.41 35.06
C SER D 1 26.13 12.08 34.87
N GLU D 2 26.19 13.40 35.06
CA GLU D 2 27.36 14.24 34.77
C GLU D 2 27.12 15.60 35.43
N GLU D 3 28.06 16.11 36.24
CA GLU D 3 27.80 17.33 37.04
C GLU D 3 27.96 18.62 36.26
N VAL D 4 26.95 19.48 36.30
CA VAL D 4 26.93 20.71 35.51
C VAL D 4 27.10 21.93 36.39
N VAL D 5 28.06 22.79 36.04
CA VAL D 5 28.32 24.02 36.80
C VAL D 5 28.14 25.31 36.00
N ILE D 6 27.81 26.39 36.69
CA ILE D 6 27.83 27.71 36.10
C ILE D 6 29.23 28.20 36.33
N ALA D 7 29.95 28.39 35.23
CA ALA D 7 31.36 28.66 35.25
C ALA D 7 31.74 30.11 35.11
N GLY D 8 30.95 30.88 34.38
CA GLY D 8 31.36 32.24 33.99
C GLY D 8 30.15 33.06 33.69
N MET D 9 30.23 34.36 33.90
CA MET D 9 29.10 35.21 33.55
C MET D 9 29.54 36.60 33.20
N SER D 10 28.69 37.25 32.44
CA SER D 10 28.87 38.66 32.16
C SER D 10 27.53 39.23 31.76
N GLY D 11 27.42 40.54 31.71
CA GLY D 11 26.23 41.19 31.17
C GLY D 11 26.15 42.68 31.19
N LYS D 12 25.10 43.20 30.56
CA LYS D 12 24.76 44.64 30.60
C LYS D 12 23.32 44.79 31.05
N LEU D 13 23.09 45.57 32.12
CA LEU D 13 21.76 45.75 32.66
C LEU D 13 21.41 47.21 32.76
N PRO D 14 20.13 47.53 32.99
CA PRO D 14 19.76 48.93 33.11
C PRO D 14 20.67 49.69 34.02
N GLU D 15 21.19 50.80 33.50
CA GLU D 15 22.20 51.64 34.15
C GLU D 15 23.50 50.94 34.55
N SER D 16 23.81 49.78 33.98
CA SER D 16 24.95 48.99 34.46
C SER D 16 25.70 48.42 33.28
N GLU D 17 26.83 49.03 32.96
CA GLU D 17 27.63 48.67 31.77
C GLU D 17 28.32 47.29 31.93
N ASN D 18 28.53 46.82 33.17
CA ASN D 18 28.95 45.45 33.42
C ASN D 18 28.40 44.93 34.74
N LEU D 19 28.72 43.70 35.13
CA LEU D 19 28.19 43.15 36.36
C LEU D 19 28.72 43.79 37.63
N GLN D 20 29.92 44.41 37.60
CA GLN D 20 30.39 45.16 38.78
C GLN D 20 29.44 46.33 39.06
N GLU D 21 29.09 47.07 37.99
CA GLU D 21 28.17 48.17 38.12
C GLU D 21 26.78 47.67 38.51
N PHE D 22 26.38 46.52 38.00
CA PHE D 22 25.08 45.94 38.33
C PHE D 22 25.03 45.64 39.82
N TRP D 23 26.09 45.04 40.33
CA TRP D 23 26.17 44.70 41.76
C TRP D 23 26.10 45.94 42.63
N ALA D 24 26.89 46.94 42.26
CA ALA D 24 26.91 48.20 42.99
C ALA D 24 25.50 48.78 43.15
N ASN D 25 24.76 48.81 42.04
CA ASN D 25 23.38 49.29 42.03
C ASN D 25 22.46 48.37 42.86
N LEU D 26 22.65 47.06 42.76
CA LEU D 26 21.81 46.13 43.49
C LEU D 26 21.91 46.26 45.00
N ILE D 27 23.14 46.10 45.49
CA ILE D 27 23.41 46.08 46.94
C ILE D 27 23.24 47.48 47.48
N GLY D 28 23.51 48.48 46.64
CA GLY D 28 23.28 49.87 46.99
C GLY D 28 21.87 50.37 46.92
N GLY D 29 20.91 49.54 46.51
CA GLY D 29 19.53 49.95 46.48
C GLY D 29 19.22 51.08 45.50
N VAL D 30 19.95 51.16 44.40
CA VAL D 30 19.70 52.12 43.34
C VAL D 30 18.62 51.56 42.42
N ASP D 31 17.58 52.34 42.15
CA ASP D 31 16.55 52.01 41.19
C ASP D 31 17.17 52.27 39.81
N MET D 32 17.25 51.21 39.01
CA MET D 32 17.88 51.25 37.69
C MET D 32 16.87 51.60 36.58
N VAL D 33 15.60 51.65 36.96
CA VAL D 33 14.55 52.13 36.07
C VAL D 33 14.65 53.67 35.98
N THR D 34 14.56 54.23 34.78
CA THR D 34 14.72 55.66 34.57
C THR D 34 13.61 56.18 33.67
N ASP D 35 13.54 57.50 33.51
CA ASP D 35 12.47 58.13 32.73
C ASP D 35 12.96 59.14 31.69
N ASP D 36 14.18 59.02 31.25
CA ASP D 36 14.69 59.93 30.21
C ASP D 36 14.18 59.50 28.83
N ASP D 37 14.58 60.22 27.77
CA ASP D 37 14.06 60.06 26.41
C ASP D 37 14.95 59.20 25.51
N ARG D 38 15.70 58.29 26.11
CA ARG D 38 16.71 57.53 25.37
C ARG D 38 16.22 56.79 24.13
N ARG D 39 15.06 56.15 24.24
CA ARG D 39 14.51 55.36 23.14
C ARG D 39 13.37 56.08 22.44
N TRP D 40 12.56 56.79 23.21
CA TRP D 40 11.47 57.57 22.66
C TRP D 40 10.98 58.62 23.68
N LYS D 41 10.30 59.67 23.22
CA LYS D 41 9.83 60.78 24.09
C LYS D 41 9.07 60.15 25.23
N ALA D 42 9.52 60.32 26.46
CA ALA D 42 8.90 59.60 27.57
C ALA D 42 7.45 60.04 27.72
N GLY D 43 6.52 59.09 27.73
CA GLY D 43 5.10 59.39 27.74
C GLY D 43 4.39 59.21 26.44
N LEU D 44 5.14 59.12 25.35
CA LEU D 44 4.56 58.92 24.01
C LEU D 44 3.39 57.93 24.04
N TYR D 45 2.33 58.28 23.30
CA TYR D 45 1.11 57.49 23.27
C TYR D 45 0.54 57.15 24.66
N GLY D 46 0.85 57.94 25.67
CA GLY D 46 0.39 57.67 27.03
C GLY D 46 1.06 56.49 27.71
N LEU D 47 2.23 56.10 27.23
CA LEU D 47 3.01 55.01 27.83
C LEU D 47 3.60 55.38 29.17
N PRO D 48 3.93 54.42 30.00
CA PRO D 48 4.66 54.78 31.20
C PRO D 48 5.93 55.53 30.86
N LYS D 49 6.33 56.49 31.68
CA LYS D 49 7.57 57.22 31.40
C LYS D 49 8.81 56.41 31.78
N ARG D 50 8.61 55.42 32.66
CA ARG D 50 9.71 54.66 33.25
C ARG D 50 9.91 53.30 32.57
N SER D 51 11.15 53.00 32.24
CA SER D 51 11.53 51.70 31.70
C SER D 51 12.99 51.47 32.09
N GLY D 52 13.43 50.23 32.28
CA GLY D 52 14.87 49.96 32.52
C GLY D 52 15.70 49.95 31.24
N LYS D 53 16.71 50.83 31.12
CA LYS D 53 17.44 50.90 29.83
C LYS D 53 18.96 50.78 29.95
N LEU D 54 19.58 50.16 28.95
CA LEU D 54 21.03 50.11 28.88
C LEU D 54 21.65 51.52 28.67
N LYS D 55 22.82 51.73 29.24
CA LYS D 55 23.55 53.00 29.03
C LYS D 55 23.85 53.22 27.57
N ASP D 56 24.28 52.20 26.85
CA ASP D 56 24.69 52.38 25.48
C ASP D 56 24.41 51.16 24.57
N LEU D 57 24.05 51.45 23.31
CA LEU D 57 23.85 50.45 22.25
C LEU D 57 24.77 50.61 21.01
N SER D 58 25.52 51.69 20.96
CA SER D 58 26.30 52.03 19.80
C SER D 58 27.75 51.46 19.79
N LYS D 59 28.24 50.85 20.86
CA LYS D 59 29.59 50.33 20.87
C LYS D 59 29.71 48.84 20.58
N PHE D 60 30.72 48.51 19.78
CA PHE D 60 30.99 47.16 19.35
C PHE D 60 32.34 47.07 18.68
N ASP D 61 33.23 46.29 19.27
CA ASP D 61 34.56 46.06 18.74
C ASP D 61 34.46 45.16 17.53
N ALA D 62 34.02 45.74 16.43
CA ALA D 62 33.66 44.96 15.26
C ALA D 62 34.82 44.13 14.70
N SER D 63 36.00 44.72 14.63
CA SER D 63 37.08 44.04 13.93
C SER D 63 37.54 42.81 14.71
N PHE D 64 37.44 42.82 16.04
CA PHE D 64 37.76 41.63 16.83
C PHE D 64 36.88 40.45 16.46
N PHE D 65 35.61 40.73 16.14
CA PHE D 65 34.62 39.69 15.83
C PHE D 65 34.48 39.38 14.35
N GLY D 66 35.30 40.02 13.53
CA GLY D 66 35.39 39.67 12.13
C GLY D 66 34.26 40.23 11.34
N VAL D 67 33.76 41.39 11.75
CA VAL D 67 32.57 41.97 11.19
C VAL D 67 32.99 43.23 10.50
N HIS D 68 32.66 43.36 9.21
CA HIS D 68 33.11 44.54 8.45
C HIS D 68 32.16 45.69 8.76
N PRO D 69 32.61 46.93 8.62
CA PRO D 69 31.73 48.04 9.07
C PRO D 69 30.33 48.11 8.45
N LYS D 70 30.20 47.71 7.21
CA LYS D 70 28.88 47.71 6.59
C LYS D 70 27.94 46.69 7.27
N GLN D 71 28.48 45.54 7.71
CA GLN D 71 27.69 44.52 8.39
C GLN D 71 27.33 44.99 9.84
N ALA D 72 28.30 45.62 10.53
CA ALA D 72 28.06 46.12 11.88
C ALA D 72 26.95 47.16 11.94
N HIS D 73 26.92 48.10 11.00
CA HIS D 73 25.84 49.11 10.98
C HIS D 73 24.45 48.49 10.75
N THR D 74 24.39 47.29 10.17
CA THR D 74 23.13 46.59 9.98
C THR D 74 22.95 45.35 10.90
N MET D 75 23.67 45.31 12.01
CA MET D 75 23.46 44.26 13.01
C MET D 75 22.52 44.71 14.10
N ASP D 76 21.67 43.79 14.54
CA ASP D 76 20.86 44.01 15.71
C ASP D 76 21.82 44.39 16.86
N PRO D 77 21.60 45.54 17.49
CA PRO D 77 22.46 45.80 18.61
C PRO D 77 22.41 44.71 19.69
N GLN D 78 21.28 43.98 19.83
CA GLN D 78 21.24 42.78 20.70
C GLN D 78 22.45 41.88 20.44
N LEU D 79 22.72 41.59 19.16
CA LEU D 79 23.77 40.65 18.80
C LEU D 79 25.19 41.19 18.98
N ARG D 80 25.38 42.46 18.65
CA ARG D 80 26.67 43.13 18.85
C ARG D 80 27.04 43.07 20.33
N LEU D 81 26.09 43.42 21.19
CA LEU D 81 26.35 43.43 22.62
C LEU D 81 26.55 42.00 23.13
N LEU D 82 25.74 41.06 22.64
CA LEU D 82 25.84 39.67 23.09
C LEU D 82 27.18 39.01 22.69
N LEU D 83 27.80 39.44 21.59
CA LEU D 83 29.11 38.87 21.19
C LEU D 83 30.16 39.23 22.23
N GLU D 84 30.25 40.52 22.58
CA GLU D 84 31.14 40.99 23.64
C GLU D 84 30.82 40.30 24.95
N VAL D 85 29.55 40.33 25.34
CA VAL D 85 29.14 39.81 26.64
C VAL D 85 29.45 38.30 26.72
N SER D 86 29.22 37.58 25.62
CA SER D 86 29.53 36.16 25.53
C SER D 86 31.02 35.91 25.76
N TYR D 87 31.88 36.65 25.05
CA TYR D 87 33.34 36.50 25.22
C TYR D 87 33.71 36.78 26.68
N GLU D 88 33.17 37.88 27.21
CA GLU D 88 33.41 38.25 28.60
C GLU D 88 33.00 37.08 29.51
N ALA D 89 31.86 36.46 29.23
CA ALA D 89 31.37 35.35 30.05
C ALA D 89 32.28 34.14 30.04
N ILE D 90 32.85 33.82 28.89
CA ILE D 90 33.72 32.66 28.77
C ILE D 90 35.03 32.88 29.54
N VAL D 91 35.69 34.02 29.31
CA VAL D 91 36.93 34.29 30.02
C VAL D 91 36.72 34.51 31.51
N ASP D 92 35.56 35.02 31.91
CA ASP D 92 35.22 35.16 33.36
C ASP D 92 35.36 33.84 34.07
N GLY D 93 35.12 32.73 33.36
CA GLY D 93 35.27 31.39 33.88
C GLY D 93 36.69 30.90 34.00
N GLY D 94 37.62 31.67 33.45
CA GLY D 94 39.03 31.35 33.47
C GLY D 94 39.37 30.37 32.39
N ILE D 95 38.55 30.38 31.33
CA ILE D 95 38.64 29.47 30.21
C ILE D 95 39.00 30.22 28.94
N ASN D 96 40.03 29.75 28.25
CA ASN D 96 40.46 30.35 27.00
C ASN D 96 39.49 29.87 25.96
N PRO D 97 38.80 30.79 25.26
CA PRO D 97 37.86 30.35 24.22
C PRO D 97 38.44 29.35 23.18
N ALA D 98 39.73 29.51 22.89
CA ALA D 98 40.47 28.61 22.01
C ALA D 98 40.33 27.17 22.42
N SER D 99 40.35 26.90 23.72
CA SER D 99 40.19 25.52 24.17
C SER D 99 38.82 24.92 23.93
N LEU D 100 37.82 25.73 23.58
CA LEU D 100 36.51 25.22 23.23
C LEU D 100 36.25 25.24 21.69
N ARG D 101 37.14 25.85 20.90
CA ARG D 101 36.99 25.87 19.47
C ARG D 101 36.96 24.47 18.93
N GLY D 102 36.03 24.19 18.04
CA GLY D 102 35.88 22.87 17.46
C GLY D 102 35.24 21.82 18.34
N THR D 103 34.91 22.15 19.57
CA THR D 103 34.19 21.22 20.45
C THR D 103 32.72 21.22 20.11
N ASN D 104 31.98 20.29 20.71
CA ASN D 104 30.54 20.22 20.57
C ASN D 104 29.83 21.05 21.64
N THR D 105 30.43 22.19 21.98
CA THR D 105 29.83 23.18 22.87
C THR D 105 28.60 23.76 22.19
N GLY D 106 27.52 23.87 22.97
CA GLY D 106 26.20 24.35 22.49
C GLY D 106 25.98 25.84 22.76
N VAL D 107 25.00 26.41 22.09
CA VAL D 107 24.61 27.78 22.33
C VAL D 107 23.09 27.84 22.35
N TRP D 108 22.51 28.37 23.39
CA TRP D 108 21.10 28.56 23.48
C TRP D 108 20.87 30.01 23.89
N VAL D 109 20.06 30.72 23.14
CA VAL D 109 19.77 32.12 23.45
C VAL D 109 18.26 32.32 23.57
N GLY D 110 17.83 32.83 24.72
CA GLY D 110 16.46 33.25 24.93
C GLY D 110 16.25 34.66 24.39
N VAL D 111 15.32 34.82 23.44
CA VAL D 111 15.10 36.07 22.74
C VAL D 111 13.67 36.12 22.16
N SER D 112 13.02 37.26 22.30
CA SER D 112 11.60 37.46 22.01
C SER D 112 11.29 38.49 20.98
N GLY D 113 12.29 39.25 20.53
CA GLY D 113 12.04 40.36 19.66
C GLY D 113 13.18 40.63 18.71
N SER D 114 12.81 41.18 17.56
CA SER D 114 13.74 41.44 16.50
C SER D 114 13.32 42.78 15.91
N GLU D 115 13.26 43.79 16.74
CA GLU D 115 12.78 45.09 16.33
C GLU D 115 13.78 45.72 15.36
N ALA D 116 15.07 45.47 15.53
CA ALA D 116 16.07 45.94 14.54
C ALA D 116 15.82 45.38 13.15
N SER D 117 15.46 44.11 13.08
CA SER D 117 15.04 43.50 11.82
C SER D 117 13.96 44.32 11.14
N GLU D 118 12.94 44.74 11.88
CA GLU D 118 11.84 45.51 11.30
C GLU D 118 12.35 46.82 10.75
N ALA D 119 13.15 47.50 11.57
CA ALA D 119 13.66 48.80 11.22
C ALA D 119 14.52 48.71 9.96
N LEU D 120 15.52 47.84 9.97
CA LEU D 120 16.50 47.70 8.88
C LEU D 120 15.97 47.11 7.61
N SER D 121 14.76 46.53 7.64
CA SER D 121 14.14 46.03 6.42
C SER D 121 12.96 46.91 5.94
N ARG D 122 12.85 48.13 6.45
CA ARG D 122 11.70 48.97 6.14
C ARG D 122 11.64 49.50 4.72
N ASP D 123 12.78 49.63 4.05
CA ASP D 123 12.84 50.24 2.72
C ASP D 123 13.50 49.31 1.69
N PRO D 124 12.70 48.63 0.87
CA PRO D 124 13.20 47.72 -0.17
C PRO D 124 14.24 48.31 -1.07
N GLU D 125 14.11 49.61 -1.38
CA GLU D 125 15.04 50.29 -2.28
C GLU D 125 16.47 50.23 -1.72
N THR D 126 16.63 50.60 -0.45
CA THR D 126 17.95 50.84 0.14
C THR D 126 18.46 49.80 1.18
N LEU D 127 17.67 48.77 1.48
CA LEU D 127 18.05 47.83 2.54
C LEU D 127 19.14 46.91 2.04
N LEU D 128 19.87 46.34 2.97
CA LEU D 128 20.97 45.48 2.61
C LEU D 128 20.60 44.06 2.92
N GLY D 129 21.03 43.14 2.08
CA GLY D 129 20.90 41.73 2.37
C GLY D 129 21.55 41.37 3.70
N TYR D 130 22.62 42.09 4.08
CA TYR D 130 23.24 41.83 5.36
C TYR D 130 22.34 41.95 6.56
N SER D 131 21.27 42.74 6.44
CA SER D 131 20.32 42.93 7.54
C SER D 131 19.74 41.61 8.04
N MET D 132 19.43 40.70 7.13
CA MET D 132 19.00 39.36 7.48
C MET D 132 20.07 38.63 8.32
N VAL D 133 21.30 38.63 7.87
CA VAL D 133 22.38 37.90 8.54
C VAL D 133 22.71 38.48 9.93
N GLY D 134 22.40 39.74 10.13
CA GLY D 134 22.64 40.42 11.39
C GLY D 134 21.43 40.63 12.27
N CYS D 135 20.23 40.25 11.79
CA CYS D 135 18.98 40.47 12.55
C CYS D 135 18.01 39.34 12.68
N GLN D 136 18.00 38.38 11.75
CA GLN D 136 17.12 37.21 11.88
C GLN D 136 17.40 36.52 13.20
N ARG D 137 16.33 36.14 13.89
CA ARG D 137 16.45 35.67 15.24
C ARG D 137 17.39 34.50 15.44
N ALA D 138 17.43 33.56 14.50
CA ALA D 138 18.35 32.45 14.62
C ALA D 138 19.79 32.90 14.75
N MET D 139 20.12 34.05 14.18
CA MET D 139 21.48 34.60 14.19
C MET D 139 21.94 35.04 15.56
N MET D 140 21.02 35.36 16.46
CA MET D 140 21.38 35.69 17.84
C MET D 140 22.17 34.52 18.45
N ALA D 141 21.88 33.29 18.01
CA ALA D 141 22.68 32.11 18.40
C ALA D 141 23.70 31.67 17.34
N ASN D 142 23.31 31.65 16.07
CA ASN D 142 24.14 31.14 15.01
C ASN D 142 25.45 31.95 14.81
N ARG D 143 25.41 33.28 14.94
CA ARG D 143 26.62 34.11 14.82
C ARG D 143 27.56 33.90 15.99
N LEU D 144 27.02 33.57 17.16
CA LEU D 144 27.86 33.21 18.26
C LEU D 144 28.56 31.88 17.93
N SER D 145 27.81 30.89 17.48
CA SER D 145 28.38 29.59 17.18
C SER D 145 29.50 29.74 16.10
N PHE D 146 29.27 30.65 15.16
CA PHE D 146 30.20 30.93 14.06
C PHE D 146 31.51 31.55 14.55
N PHE D 147 31.43 32.53 15.44
CA PHE D 147 32.64 33.20 15.94
C PHE D 147 33.49 32.32 16.84
N PHE D 148 32.87 31.71 17.85
CA PHE D 148 33.57 30.88 18.83
C PHE D 148 33.92 29.46 18.33
N ASP D 149 33.42 29.09 17.12
CA ASP D 149 33.56 27.76 16.53
C ASP D 149 32.97 26.72 17.43
N PHE D 150 31.76 26.97 17.94
CA PHE D 150 31.03 25.97 18.75
C PHE D 150 30.14 25.17 17.84
N LYS D 151 30.38 23.86 17.80
CA LYS D 151 29.75 22.98 16.83
C LYS D 151 28.61 22.14 17.44
N GLY D 152 28.25 22.38 18.70
CA GLY D 152 27.07 21.75 19.27
C GLY D 152 25.83 22.45 18.74
N PRO D 153 24.67 22.17 19.32
CA PRO D 153 23.41 22.82 18.94
C PRO D 153 23.51 24.32 19.02
N SER D 154 22.80 25.04 18.17
CA SER D 154 22.84 26.53 18.15
C SER D 154 21.41 26.98 17.91
N ILE D 155 20.74 27.41 18.98
CA ILE D 155 19.28 27.50 18.98
C ILE D 155 18.86 28.82 19.55
N ALA D 156 18.00 29.53 18.86
CA ALA D 156 17.38 30.70 19.45
C ALA D 156 15.98 30.26 19.89
N LEU D 157 15.59 30.62 21.10
CA LEU D 157 14.31 30.14 21.55
C LEU D 157 13.46 31.16 22.29
N ASP D 158 12.16 31.05 22.06
CA ASP D 158 11.20 32.00 22.58
C ASP D 158 10.12 31.26 23.35
N THR D 159 10.09 31.50 24.66
CA THR D 159 8.91 31.15 25.46
C THR D 159 8.47 32.37 26.22
N ALA D 160 8.61 33.54 25.60
CA ALA D 160 8.37 34.82 26.25
C ALA D 160 9.24 34.97 27.50
N CYS D 161 8.70 35.34 28.65
CA CYS D 161 9.55 35.78 29.75
C CYS D 161 10.49 34.72 30.31
N SER D 162 10.14 33.44 30.12
CA SER D 162 10.94 32.32 30.62
C SER D 162 12.05 31.86 29.66
N SER D 163 12.28 32.58 28.57
CA SER D 163 13.11 32.09 27.50
C SER D 163 14.57 31.80 27.91
N SER D 164 15.19 32.73 28.62
CA SER D 164 16.56 32.56 28.98
C SER D 164 16.77 31.49 30.05
N LEU D 165 15.81 31.30 30.96
CA LEU D 165 16.00 30.28 31.98
C LEU D 165 15.65 28.93 31.37
N LEU D 166 14.72 28.91 30.44
CA LEU D 166 14.50 27.74 29.61
C LEU D 166 15.80 27.39 28.86
N ALA D 167 16.44 28.38 28.28
CA ALA D 167 17.68 28.18 27.59
C ALA D 167 18.72 27.55 28.52
N LEU D 168 18.75 28.02 29.75
CA LEU D 168 19.71 27.50 30.71
C LEU D 168 19.40 26.02 31.00
N GLN D 169 18.12 25.74 31.13
CA GLN D 169 17.64 24.42 31.44
C GLN D 169 17.93 23.44 30.30
N ASN D 170 17.69 23.86 29.06
CA ASN D 170 18.06 23.07 27.90
C ASN D 170 19.57 22.75 27.86
N ALA D 171 20.39 23.78 28.07
CA ALA D 171 21.85 23.62 28.11
C ALA D 171 22.27 22.65 29.22
N TYR D 172 21.68 22.83 30.39
CA TYR D 172 21.94 21.95 31.52
C TYR D 172 21.67 20.49 31.11
N GLN D 173 20.51 20.22 30.51
CA GLN D 173 20.17 18.85 30.08
C GLN D 173 21.18 18.29 29.06
N ALA D 174 21.66 19.14 28.16
CA ALA D 174 22.62 18.74 27.12
C ALA D 174 23.99 18.35 27.69
N ILE D 175 24.44 19.07 28.71
CA ILE D 175 25.69 18.76 29.38
C ILE D 175 25.55 17.53 30.27
N ARG D 176 24.46 17.46 31.02
CA ARG D 176 24.14 16.34 31.88
C ARG D 176 24.16 15.02 31.13
N SER D 177 23.60 15.02 29.94
CA SER D 177 23.44 13.83 29.15
C SER D 177 24.71 13.43 28.41
N GLY D 178 25.76 14.26 28.44
CA GLY D 178 26.92 14.01 27.63
C GLY D 178 26.90 14.54 26.21
N GLU D 179 25.81 15.14 25.74
CA GLU D 179 25.81 15.74 24.38
C GLU D 179 26.87 16.83 24.23
N CYS D 180 27.03 17.66 25.26
CA CYS D 180 27.89 18.83 25.19
C CYS D 180 28.82 18.89 26.38
N PRO D 181 30.06 19.29 26.16
CA PRO D 181 30.97 19.47 27.30
C PRO D 181 30.72 20.79 28.01
N ALA D 182 30.08 21.72 27.30
CA ALA D 182 29.89 23.08 27.77
C ALA D 182 28.79 23.73 26.94
N ALA D 183 28.30 24.87 27.41
CA ALA D 183 27.24 25.61 26.71
C ALA D 183 27.33 27.06 27.00
N LEU D 184 27.22 27.89 25.97
CA LEU D 184 27.06 29.33 26.14
C LEU D 184 25.56 29.62 26.17
N VAL D 185 25.07 30.32 27.17
CA VAL D 185 23.65 30.57 27.31
C VAL D 185 23.39 32.06 27.40
N GLY D 186 22.46 32.56 26.63
CA GLY D 186 22.26 34.00 26.50
C GLY D 186 20.82 34.44 26.75
N GLY D 187 20.64 35.68 27.19
CA GLY D 187 19.32 36.29 27.21
C GLY D 187 19.42 37.75 26.77
N ILE D 188 18.53 38.19 25.88
CA ILE D 188 18.55 39.53 25.32
C ILE D 188 17.17 40.15 25.14
N ASN D 189 17.10 41.45 25.41
CA ASN D 189 15.89 42.24 25.22
C ASN D 189 16.24 43.71 25.04
N LEU D 190 15.64 44.36 24.04
CA LEU D 190 15.75 45.80 23.85
C LEU D 190 14.40 46.48 23.63
N LEU D 191 14.28 47.73 24.05
CA LEU D 191 13.08 48.52 23.88
C LEU D 191 13.36 49.56 22.80
N LEU D 192 13.23 49.17 21.54
CA LEU D 192 13.46 50.12 20.43
C LEU D 192 12.17 50.63 19.81
N LYS D 193 11.12 49.80 19.78
CA LYS D 193 9.87 50.12 19.11
C LYS D 193 8.80 50.48 20.14
N PRO D 194 8.31 51.73 20.14
CA PRO D 194 7.28 52.11 21.12
C PRO D 194 6.02 51.31 20.98
N ASN D 195 5.61 51.03 19.74
CA ASN D 195 4.37 50.30 19.47
C ASN D 195 4.26 49.02 20.33
N THR D 196 5.39 48.34 20.52
CA THR D 196 5.48 47.15 21.38
C THR D 196 5.01 47.41 22.82
N SER D 197 5.54 48.49 23.42
CA SER D 197 5.07 48.87 24.76
C SER D 197 3.55 49.15 24.75
N VAL D 198 3.05 49.78 23.68
CA VAL D 198 1.64 50.08 23.54
C VAL D 198 0.79 48.81 23.61
N GLN D 199 1.23 47.76 22.91
CA GLN D 199 0.51 46.49 22.95
C GLN D 199 0.40 45.96 24.38
N PHE D 200 1.49 46.02 25.13
CA PHE D 200 1.48 45.53 26.50
C PHE D 200 0.62 46.42 27.37
N MET D 201 0.66 47.73 27.10
CA MET D 201 -0.15 48.68 27.87
C MET D 201 -1.61 48.38 27.67
N LYS D 202 -2.04 48.25 26.43
CA LYS D 202 -3.44 47.91 26.18
C LYS D 202 -3.87 46.57 26.74
N LEU D 203 -2.99 45.59 26.88
CA LEU D 203 -3.34 44.35 27.63
C LEU D 203 -3.42 44.56 29.13
N GLY D 204 -3.03 45.71 29.63
CA GLY D 204 -3.05 45.93 31.05
C GLY D 204 -1.97 45.20 31.82
N MET D 205 -0.84 44.92 31.17
CA MET D 205 0.29 44.27 31.85
C MET D 205 1.30 45.23 32.46
N LEU D 206 1.36 46.47 31.94
CA LEU D 206 2.31 47.47 32.43
C LEU D 206 1.73 48.30 33.54
N SER D 207 2.48 48.50 34.61
CA SER D 207 2.15 49.49 35.61
C SER D 207 2.37 50.91 35.08
N PRO D 208 1.41 51.82 35.28
CA PRO D 208 1.60 53.23 34.84
C PRO D 208 2.84 53.91 35.45
N ASP D 209 3.02 53.70 36.72
CA ASP D 209 4.23 53.78 37.52
C ASP D 209 5.57 53.37 36.96
N GLY D 210 5.56 52.49 35.96
CA GLY D 210 6.78 51.85 35.45
C GLY D 210 7.61 51.22 36.57
N THR D 211 7.00 50.38 37.41
CA THR D 211 7.70 49.80 38.54
C THR D 211 7.21 48.39 38.85
N CYS D 212 8.13 47.46 39.08
CA CYS D 212 7.77 46.13 39.53
C CYS D 212 7.79 46.10 41.05
N ARG D 213 6.62 46.28 41.66
CA ARG D 213 6.52 46.23 43.10
C ARG D 213 6.34 44.83 43.59
N SER D 214 7.34 44.03 43.34
CA SER D 214 7.33 42.65 43.75
C SER D 214 6.79 42.46 45.16
N PHE D 215 5.70 41.72 45.23
CA PHE D 215 5.10 41.20 46.46
C PHE D 215 4.26 42.20 47.24
N ASP D 216 4.21 43.44 46.77
CA ASP D 216 3.60 44.53 47.51
C ASP D 216 2.15 44.63 47.15
N ASP D 217 1.32 44.99 48.11
CA ASP D 217 -0.11 45.25 47.89
C ASP D 217 -0.40 46.25 46.76
N SER D 218 0.48 47.18 46.53
CA SER D 218 0.32 48.23 45.52
C SER D 218 0.76 47.82 44.09
N GLY D 219 1.09 46.53 43.86
CA GLY D 219 1.44 46.07 42.54
C GLY D 219 0.33 46.22 41.50
N SER D 220 0.66 46.81 40.35
CA SER D 220 -0.27 47.09 39.29
C SER D 220 0.31 46.81 37.89
N GLY D 221 1.24 45.87 37.77
CA GLY D 221 1.85 45.54 36.48
C GLY D 221 3.34 45.69 36.50
N TYR D 222 3.97 45.43 35.36
CA TYR D 222 5.42 45.40 35.32
C TYR D 222 6.02 46.57 34.52
N CYS D 223 7.31 46.78 34.80
CA CYS D 223 8.14 47.76 34.13
C CYS D 223 8.94 47.07 33.03
N ARG D 224 8.83 47.54 31.80
CA ARG D 224 9.64 46.95 30.72
C ARG D 224 11.10 47.35 30.87
N SER D 225 12.00 46.37 30.71
CA SER D 225 13.43 46.65 30.79
C SER D 225 14.24 45.93 29.75
N GLU D 226 15.48 46.38 29.59
CA GLU D 226 16.45 45.80 28.68
C GLU D 226 17.45 45.01 29.46
N ALA D 227 18.13 44.11 28.76
CA ALA D 227 19.25 43.34 29.35
C ALA D 227 19.92 42.53 28.26
N VAL D 228 21.21 42.30 28.45
CA VAL D 228 22.01 41.43 27.60
C VAL D 228 22.92 40.67 28.53
N VAL D 229 22.69 39.38 28.68
CA VAL D 229 23.34 38.60 29.71
C VAL D 229 23.83 37.29 29.13
N ALA D 230 24.95 36.80 29.62
CA ALA D 230 25.45 35.53 29.13
C ALA D 230 26.17 34.80 30.19
N VAL D 231 26.08 33.49 30.13
CA VAL D 231 26.58 32.64 31.17
C VAL D 231 27.24 31.45 30.48
N LEU D 232 28.38 31.01 30.98
CA LEU D 232 29.00 29.79 30.47
C LEU D 232 28.68 28.67 31.43
N LEU D 233 28.11 27.59 30.92
CA LEU D 233 27.93 26.33 31.66
C LEU D 233 29.06 25.36 31.23
N THR D 234 29.60 24.57 32.16
CA THR D 234 30.47 23.42 31.79
C THR D 234 30.21 22.23 32.69
N LYS D 235 30.68 21.08 32.27
CA LYS D 235 30.76 19.93 33.16
C LYS D 235 31.83 20.20 34.22
N LYS D 236 31.62 19.71 35.43
CA LYS D 236 32.49 19.96 36.61
C LYS D 236 33.99 19.80 36.30
N SER D 237 34.34 18.74 35.60
CA SER D 237 35.74 18.44 35.33
C SER D 237 36.45 19.44 34.43
N LEU D 238 35.74 20.26 33.67
CA LEU D 238 36.33 21.31 32.81
C LEU D 238 36.46 22.67 33.50
N ALA D 239 35.80 22.83 34.63
CA ALA D 239 35.57 24.14 35.21
C ALA D 239 36.79 24.66 35.95
N ARG D 240 37.01 25.97 35.91
CA ARG D 240 38.01 26.56 36.81
C ARG D 240 37.19 27.25 37.90
N ARG D 241 36.49 28.30 37.54
CA ARG D 241 35.61 28.99 38.47
C ARG D 241 34.33 28.19 38.54
N VAL D 242 33.67 28.20 39.69
CA VAL D 242 32.38 27.56 39.82
C VAL D 242 31.53 28.42 40.72
N TYR D 243 30.59 29.16 40.11
CA TYR D 243 29.65 29.97 40.86
C TYR D 243 28.72 29.05 41.62
N ALA D 244 28.18 28.06 40.94
CA ALA D 244 27.23 27.15 41.56
C ALA D 244 27.10 25.90 40.71
N THR D 245 26.51 24.87 41.30
CA THR D 245 26.31 23.60 40.66
C THR D 245 24.83 23.53 40.43
N ILE D 246 24.42 23.13 39.22
CA ILE D 246 23.01 23.05 38.93
C ILE D 246 22.56 21.69 39.42
N LEU D 247 21.74 21.66 40.49
CA LEU D 247 21.30 20.39 41.07
C LEU D 247 20.12 19.80 40.31
N ASN D 248 19.22 20.65 39.79
CA ASN D 248 18.13 20.18 38.96
C ASN D 248 17.52 21.37 38.24
N ALA D 249 16.73 21.08 37.20
CA ALA D 249 16.04 22.12 36.46
C ALA D 249 14.95 21.51 35.60
N GLY D 250 13.82 22.19 35.43
CA GLY D 250 12.78 21.67 34.55
C GLY D 250 11.84 22.72 34.09
N THR D 251 10.96 22.34 33.17
CA THR D 251 9.93 23.24 32.59
C THR D 251 8.61 22.50 32.48
N ASN D 252 7.50 23.20 32.67
CA ASN D 252 6.20 22.65 32.29
C ASN D 252 5.41 23.81 31.69
N THR D 253 4.14 23.61 31.39
CA THR D 253 3.31 24.63 30.81
C THR D 253 1.94 24.58 31.45
N ASP D 254 1.34 25.74 31.66
CA ASP D 254 0.12 25.83 32.45
C ASP D 254 -0.96 24.99 31.83
N GLY D 255 -1.05 24.99 30.52
CA GLY D 255 -2.08 24.26 29.81
C GLY D 255 -3.33 25.13 29.76
N SER D 256 -4.47 24.47 29.82
CA SER D 256 -5.78 25.12 29.73
C SER D 256 -6.18 25.78 31.05
N LYS D 257 -6.76 26.97 30.95
CA LYS D 257 -7.13 27.78 32.12
C LYS D 257 -8.40 28.57 31.79
N GLU D 258 -9.42 28.50 32.65
CA GLU D 258 -10.69 29.22 32.41
C GLU D 258 -10.45 30.70 32.16
N GLN D 259 -9.49 31.25 32.89
CA GLN D 259 -9.36 32.70 33.02
C GLN D 259 -8.64 33.34 31.82
N GLY D 260 -8.03 32.53 30.96
CA GLY D 260 -7.39 33.02 29.75
C GLY D 260 -5.93 32.63 29.71
N VAL D 261 -5.31 32.83 28.54
CA VAL D 261 -3.95 32.35 28.33
C VAL D 261 -2.85 33.06 29.12
N THR D 262 -3.08 34.33 29.44
CA THR D 262 -2.11 35.11 30.20
C THR D 262 -2.41 35.20 31.71
N PHE D 263 -3.32 34.38 32.23
CA PHE D 263 -3.52 34.27 33.67
C PHE D 263 -2.61 33.14 34.14
N PRO D 264 -1.64 33.44 35.01
CA PRO D 264 -0.75 32.35 35.44
C PRO D 264 -1.41 31.34 36.38
N SER D 265 -1.13 30.06 36.18
CA SER D 265 -1.64 28.99 37.03
C SER D 265 -0.65 28.65 38.09
N GLY D 266 -0.85 29.24 39.26
CA GLY D 266 -0.09 28.86 40.46
C GLY D 266 -0.10 27.37 40.76
N GLU D 267 -1.20 26.71 40.44
CA GLU D 267 -1.31 25.29 40.69
C GLU D 267 -0.32 24.54 39.82
N VAL D 268 -0.23 24.89 38.54
CA VAL D 268 0.76 24.22 37.67
C VAL D 268 2.20 24.60 38.00
N GLN D 269 2.44 25.88 38.34
CA GLN D 269 3.75 26.30 38.83
C GLN D 269 4.19 25.45 40.00
N GLU D 270 3.24 25.20 40.91
CA GLU D 270 3.44 24.36 42.10
C GLU D 270 3.84 22.96 41.70
N GLN D 271 3.12 22.39 40.73
CA GLN D 271 3.45 21.05 40.21
C GLN D 271 4.87 20.96 39.70
N LEU D 272 5.34 22.00 39.02
CA LEU D 272 6.70 21.99 38.51
C LEU D 272 7.71 21.89 39.63
N ILE D 273 7.54 22.76 40.61
CA ILE D 273 8.46 22.87 41.75
C ILE D 273 8.47 21.52 42.49
N CYS D 274 7.30 21.02 42.86
CA CYS D 274 7.15 19.70 43.51
C CYS D 274 7.90 18.60 42.80
N SER D 275 7.85 18.61 41.48
CA SER D 275 8.48 17.56 40.71
C SER D 275 10.00 17.61 40.71
N LEU D 276 10.60 18.73 41.12
CA LEU D 276 12.07 18.88 41.09
C LEU D 276 12.80 18.71 42.42
N TYR D 277 12.06 18.78 43.52
CA TYR D 277 12.65 18.64 44.86
C TYR D 277 12.61 17.18 45.31
N GLN D 278 11.54 16.76 46.01
CA GLN D 278 11.56 15.44 46.70
C GLN D 278 11.84 14.29 45.72
N PRO D 279 11.18 14.27 44.55
CA PRO D 279 11.47 13.22 43.58
C PRO D 279 12.91 13.10 43.14
N ALA D 280 13.72 14.14 43.24
CA ALA D 280 15.15 14.04 42.87
C ALA D 280 16.04 13.90 44.09
N GLY D 281 15.43 13.67 45.25
CA GLY D 281 16.14 13.53 46.49
C GLY D 281 16.66 14.83 47.05
N LEU D 282 15.91 15.91 46.88
CA LEU D 282 16.35 17.23 47.33
C LEU D 282 15.27 17.80 48.19
N ALA D 283 15.61 18.19 49.41
CA ALA D 283 14.59 18.62 50.35
C ALA D 283 14.38 20.13 50.22
N PRO D 284 13.10 20.57 50.17
CA PRO D 284 12.76 21.98 50.35
C PRO D 284 13.38 22.57 51.60
N GLU D 285 13.56 21.77 52.66
CA GLU D 285 14.28 22.23 53.83
C GLU D 285 15.70 22.73 53.50
N SER D 286 16.37 22.23 52.45
CA SER D 286 17.73 22.72 52.13
C SER D 286 17.84 24.12 51.50
N LEU D 287 16.72 24.68 51.07
CA LEU D 287 16.72 26.01 50.44
C LEU D 287 17.00 27.10 51.45
N GLU D 288 17.84 28.06 51.10
CA GLU D 288 17.98 29.28 51.86
C GLU D 288 17.10 30.39 51.29
N TYR D 289 17.06 30.49 49.97
CA TYR D 289 16.51 31.65 49.28
C TYR D 289 15.87 31.21 48.00
N ILE D 290 14.76 31.82 47.64
CA ILE D 290 14.18 31.55 46.32
C ILE D 290 14.02 32.86 45.59
N GLU D 291 14.55 32.91 44.38
CA GLU D 291 14.39 34.09 43.52
C GLU D 291 13.11 33.89 42.73
N ALA D 292 12.06 34.59 43.12
CA ALA D 292 10.76 34.49 42.48
C ALA D 292 10.80 35.29 41.19
N HIS D 293 9.91 34.95 40.29
CA HIS D 293 9.65 35.71 39.09
C HIS D 293 9.24 37.12 39.50
N GLY D 294 8.22 37.26 40.32
CA GLY D 294 7.92 38.54 40.96
C GLY D 294 7.77 39.80 40.11
N THR D 295 6.94 39.74 39.08
CA THR D 295 6.72 40.91 38.25
C THR D 295 5.83 42.02 38.87
N GLY D 296 5.18 41.73 40.00
CA GLY D 296 4.35 42.73 40.67
C GLY D 296 3.02 43.03 40.04
N THR D 297 2.34 41.98 39.63
CA THR D 297 0.99 42.09 39.04
C THR D 297 -0.02 41.65 40.10
N LYS D 298 -1.22 42.22 40.07
CA LYS D 298 -2.29 41.88 41.03
C LYS D 298 -2.52 40.37 41.08
N VAL D 299 -2.54 39.72 39.91
CA VAL D 299 -2.85 38.29 39.77
C VAL D 299 -1.66 37.37 39.99
N GLY D 300 -0.54 37.68 39.32
CA GLY D 300 0.62 36.80 39.29
C GLY D 300 1.38 36.59 40.58
N ASP D 301 1.50 37.68 41.33
CA ASP D 301 2.22 37.60 42.60
C ASP D 301 1.57 36.59 43.56
N PRO D 302 0.23 36.66 43.76
CA PRO D 302 -0.36 35.67 44.62
C PRO D 302 -0.32 34.25 44.06
N GLN D 303 -0.54 34.10 42.76
CA GLN D 303 -0.43 32.77 42.18
C GLN D 303 0.93 32.17 42.44
N GLU D 304 1.97 32.98 42.24
CA GLU D 304 3.32 32.49 42.36
C GLU D 304 3.65 32.12 43.81
N LEU D 305 3.51 33.11 44.68
CA LEU D 305 3.93 32.98 46.07
C LEU D 305 3.11 31.95 46.85
N ASN D 306 1.81 31.86 46.52
CA ASN D 306 1.00 30.80 47.11
C ASN D 306 1.49 29.44 46.60
N GLY D 307 1.79 29.33 45.32
CA GLY D 307 2.40 28.09 44.77
C GLY D 307 3.70 27.73 45.46
N ILE D 308 4.51 28.73 45.75
CA ILE D 308 5.74 28.56 46.49
C ILE D 308 5.45 28.06 47.91
N THR D 309 4.42 28.66 48.54
CA THR D 309 4.01 28.25 49.87
C THR D 309 3.63 26.75 49.92
N ARG D 310 2.79 26.32 48.99
CA ARG D 310 2.32 24.94 49.00
C ARG D 310 3.39 23.92 48.58
N SER D 311 4.31 24.30 47.71
CA SER D 311 5.33 23.37 47.21
C SER D 311 6.57 23.32 48.07
N LEU D 312 6.86 24.42 48.80
CA LEU D 312 8.14 24.51 49.52
C LEU D 312 8.00 24.88 50.99
N CYS D 313 7.29 25.96 51.33
CA CYS D 313 7.10 26.34 52.75
C CYS D 313 6.43 25.26 53.59
N ALA D 314 5.51 24.54 52.97
CA ALA D 314 4.82 23.45 53.64
C ALA D 314 5.71 22.29 54.04
N PHE D 315 6.96 22.24 53.57
CA PHE D 315 7.87 21.15 53.94
C PHE D 315 9.12 21.66 54.64
N ARG D 316 8.92 22.72 55.45
CA ARG D 316 9.99 23.56 56.06
C ARG D 316 9.70 23.94 57.52
N GLN D 317 10.71 23.92 58.39
CA GLN D 317 10.61 24.54 59.74
C GLN D 317 10.86 26.04 59.63
N ALA D 318 11.97 26.38 58.96
CA ALA D 318 12.42 27.77 58.88
C ALA D 318 11.66 28.63 57.86
N PRO D 319 11.59 29.96 58.09
CA PRO D 319 11.16 30.85 57.00
C PRO D 319 12.07 30.75 55.78
N LEU D 320 11.50 30.96 54.59
CA LEU D 320 12.22 30.92 53.33
C LEU D 320 12.38 32.35 52.85
N LEU D 321 13.63 32.76 52.61
CA LEU D 321 13.88 34.10 52.08
C LEU D 321 13.40 34.12 50.63
N ILE D 322 12.83 35.24 50.21
CA ILE D 322 12.37 35.41 48.83
C ILE D 322 12.72 36.80 48.29
N GLY D 323 13.10 36.89 47.02
CA GLY D 323 13.39 38.19 46.39
C GLY D 323 13.02 38.20 44.94
N SER D 324 13.14 39.37 44.33
CA SER D 324 12.98 39.52 42.89
C SER D 324 13.74 40.72 42.40
N THR D 325 14.75 40.43 41.59
CA THR D 325 15.53 41.38 40.85
C THR D 325 14.72 42.33 40.02
N LYS D 326 13.51 41.95 39.64
CA LYS D 326 12.64 42.88 38.90
C LYS D 326 12.28 44.17 39.66
N SER D 327 12.20 44.07 41.00
CA SER D 327 12.05 45.26 41.84
C SER D 327 13.19 46.26 41.70
N ASN D 328 14.38 45.75 41.44
CA ASN D 328 15.57 46.57 41.31
C ASN D 328 15.71 47.18 39.91
N MET D 329 15.38 46.43 38.86
CA MET D 329 15.73 46.86 37.49
C MET D 329 14.64 46.70 36.42
N GLY D 330 13.43 46.33 36.86
CA GLY D 330 12.32 46.04 35.96
C GLY D 330 12.42 44.67 35.32
N HIS D 331 11.49 44.40 34.43
CA HIS D 331 11.32 43.09 33.82
C HIS D 331 11.90 43.08 32.40
N PRO D 332 13.02 42.35 32.18
CA PRO D 332 13.61 42.33 30.87
C PRO D 332 13.12 41.19 30.01
N GLU D 333 11.91 40.71 30.33
CA GLU D 333 11.12 39.84 29.44
C GLU D 333 11.96 38.54 29.24
N PRO D 334 12.34 38.15 28.01
CA PRO D 334 12.98 36.83 27.98
C PRO D 334 14.29 36.71 28.71
N ALA D 335 14.95 37.84 28.97
CA ALA D 335 16.22 37.84 29.70
C ALA D 335 16.04 37.84 31.20
N SER D 336 14.80 37.79 31.67
CA SER D 336 14.52 37.85 33.11
C SER D 336 15.27 36.81 33.93
N GLY D 337 15.24 35.58 33.48
CA GLY D 337 15.90 34.51 34.21
C GLY D 337 17.39 34.69 34.35
N LEU D 338 18.09 35.02 33.26
CA LEU D 338 19.53 35.22 33.41
C LEU D 338 19.90 36.48 34.18
N ALA D 339 19.13 37.55 34.00
CA ALA D 339 19.32 38.76 34.79
C ALA D 339 19.20 38.41 36.28
N ALA D 340 18.18 37.67 36.63
CA ALA D 340 17.96 37.28 38.03
C ALA D 340 19.06 36.36 38.51
N LEU D 341 19.46 35.40 37.67
CA LEU D 341 20.54 34.50 38.03
C LEU D 341 21.81 35.29 38.37
N THR D 342 22.05 36.36 37.64
CA THR D 342 23.20 37.22 37.91
C THR D 342 23.17 37.82 39.33
N LYS D 343 22.04 38.37 39.72
CA LYS D 343 21.84 38.84 41.09
C LYS D 343 22.12 37.77 42.12
N VAL D 344 21.61 36.59 41.89
CA VAL D 344 21.80 35.49 42.85
C VAL D 344 23.27 35.14 43.00
N LEU D 345 23.97 35.03 41.89
CA LEU D 345 25.37 34.63 41.95
C LEU D 345 26.21 35.76 42.51
N LEU D 346 25.94 36.98 42.11
CA LEU D 346 26.66 38.11 42.70
C LEU D 346 26.48 38.14 44.22
N SER D 347 25.24 37.94 44.68
CA SER D 347 24.95 37.92 46.12
C SER D 347 25.77 36.87 46.82
N LEU D 348 25.70 35.63 46.31
CA LEU D 348 26.46 34.52 46.89
C LEU D 348 27.97 34.79 46.91
N GLU D 349 28.50 35.42 45.86
CA GLU D 349 29.95 35.63 45.81
C GLU D 349 30.42 36.69 46.79
N HIS D 350 29.57 37.67 47.07
CA HIS D 350 29.90 38.69 48.03
C HIS D 350 29.35 38.37 49.43
N GLY D 351 28.78 37.20 49.61
CA GLY D 351 28.25 36.82 50.90
C GLY D 351 27.07 37.59 51.46
N VAL D 352 26.39 38.41 50.65
CA VAL D 352 25.20 39.14 51.12
C VAL D 352 24.10 39.25 50.03
N TRP D 353 22.83 39.07 50.43
CA TRP D 353 21.71 39.12 49.51
C TRP D 353 21.35 40.56 49.19
N ALA D 354 21.33 40.90 47.91
CA ALA D 354 20.85 42.19 47.51
C ALA D 354 19.37 42.29 47.75
N PRO D 355 18.95 43.37 48.38
CA PRO D 355 17.55 43.48 48.73
C PRO D 355 16.68 43.97 47.59
N ASN D 356 15.40 43.61 47.72
CA ASN D 356 14.33 44.13 46.90
C ASN D 356 14.11 45.61 47.16
N LEU D 357 13.66 46.32 46.13
CA LEU D 357 13.04 47.60 46.32
C LEU D 357 11.54 47.48 46.34
N HIS D 358 10.92 48.60 46.68
CA HIS D 358 9.51 48.82 46.54
C HIS D 358 8.59 47.94 47.41
N PHE D 359 9.13 47.27 48.44
CA PHE D 359 8.36 46.38 49.30
C PHE D 359 7.94 47.06 50.60
N HIS D 360 6.70 47.50 50.69
CA HIS D 360 6.24 48.33 51.80
C HIS D 360 5.15 47.62 52.59
N ASN D 361 4.04 47.27 51.95
CA ASN D 361 2.95 46.48 52.58
C ASN D 361 2.83 45.16 51.86
N PRO D 362 2.89 44.04 52.58
CA PRO D 362 2.69 42.73 51.95
C PRO D 362 1.37 42.64 51.22
N ASN D 363 1.33 41.89 50.14
CA ASN D 363 0.06 41.60 49.48
C ASN D 363 -0.77 40.70 50.45
N PRO D 364 -1.95 41.18 50.88
CA PRO D 364 -2.77 40.43 51.83
C PRO D 364 -3.34 39.10 51.27
N GLU D 365 -3.46 38.96 49.94
CA GLU D 365 -3.80 37.67 49.33
C GLU D 365 -2.71 36.57 49.47
N ILE D 366 -1.61 36.86 50.18
CA ILE D 366 -0.48 35.93 50.23
C ILE D 366 -0.24 35.65 51.70
N PRO D 367 -0.98 34.68 52.27
CA PRO D 367 -0.88 34.32 53.69
C PRO D 367 0.54 34.27 54.26
N ALA D 368 1.45 33.66 53.50
CA ALA D 368 2.80 33.40 54.00
C ALA D 368 3.67 34.64 54.20
N LEU D 369 3.30 35.76 53.60
CA LEU D 369 3.96 37.04 53.85
C LEU D 369 3.53 37.61 55.20
N LEU D 370 2.23 37.51 55.48
CA LEU D 370 1.65 37.88 56.77
C LEU D 370 2.04 36.97 57.96
N ASP D 371 2.29 35.68 57.75
CA ASP D 371 2.68 34.81 58.87
C ASP D 371 4.16 34.46 58.95
N GLY D 372 5.00 35.06 58.11
CA GLY D 372 6.45 34.89 58.21
C GLY D 372 7.07 33.59 57.68
N ARG D 373 6.26 32.72 57.05
CA ARG D 373 6.81 31.53 56.38
C ARG D 373 7.66 31.91 55.14
N LEU D 374 7.27 33.00 54.48
CA LEU D 374 8.07 33.70 53.51
C LEU D 374 8.52 35.05 54.07
N GLN D 375 9.81 35.31 53.94
CA GLN D 375 10.45 36.51 54.43
C GLN D 375 11.10 37.21 53.23
N VAL D 376 10.50 38.31 52.79
CA VAL D 376 11.04 39.12 51.70
C VAL D 376 12.36 39.73 52.11
N VAL D 377 13.38 39.70 51.24
CA VAL D 377 14.68 40.32 51.52
C VAL D 377 14.56 41.80 51.23
N ASP D 378 14.22 42.59 52.26
CA ASP D 378 14.07 44.04 52.14
C ASP D 378 15.20 44.84 52.77
N ARG D 379 16.21 44.13 53.26
CA ARG D 379 17.43 44.75 53.79
C ARG D 379 18.55 43.80 53.41
N PRO D 380 19.78 44.27 53.35
CA PRO D 380 20.87 43.34 53.09
C PRO D 380 21.01 42.29 54.20
N LEU D 381 20.84 41.01 53.86
CA LEU D 381 21.04 39.94 54.83
C LEU D 381 22.25 39.14 54.48
N PRO D 382 23.02 38.72 55.47
CA PRO D 382 24.18 37.90 55.17
C PRO D 382 23.79 36.49 54.76
N VAL D 383 24.66 35.84 53.97
CA VAL D 383 24.32 34.58 53.36
C VAL D 383 24.65 33.51 54.35
N ARG D 384 23.63 32.85 54.87
CA ARG D 384 23.83 31.91 55.97
C ARG D 384 24.15 30.51 55.45
N GLY D 385 23.84 30.20 54.21
CA GLY D 385 24.16 28.87 53.67
C GLY D 385 22.92 28.10 53.29
N GLY D 386 23.02 27.32 52.22
CA GLY D 386 21.89 26.55 51.69
C GLY D 386 21.73 26.70 50.19
N ASN D 387 20.83 25.90 49.63
CA ASN D 387 20.54 25.92 48.22
C ASN D 387 19.66 27.12 47.85
N VAL D 388 19.62 27.40 46.54
CA VAL D 388 18.85 28.52 45.97
C VAL D 388 17.96 28.05 44.83
N GLY D 389 16.71 28.48 44.82
CA GLY D 389 15.78 28.19 43.69
C GLY D 389 15.53 29.45 42.86
N ILE D 390 15.17 29.25 41.58
CA ILE D 390 14.84 30.35 40.66
C ILE D 390 13.64 30.02 39.82
N ASN D 391 12.62 30.88 39.83
CA ASN D 391 11.43 30.76 38.98
C ASN D 391 11.52 31.71 37.82
N SER D 392 11.12 31.27 36.63
CA SER D 392 10.84 32.18 35.54
C SER D 392 9.63 31.67 34.84
N PHE D 393 8.59 32.49 34.74
CA PHE D 393 7.30 32.11 34.17
C PHE D 393 6.95 33.05 33.05
N GLY D 394 6.80 32.50 31.85
CA GLY D 394 6.41 33.29 30.70
C GLY D 394 4.92 33.55 30.67
N PHE D 395 4.54 34.70 30.10
CA PHE D 395 3.14 35.05 30.04
C PHE D 395 2.27 34.17 29.14
N GLY D 396 2.81 33.20 28.42
CA GLY D 396 1.95 32.23 27.71
C GLY D 396 1.85 30.89 28.39
N GLY D 397 2.41 30.82 29.59
CA GLY D 397 2.20 29.67 30.45
C GLY D 397 3.43 28.78 30.58
N SER D 398 4.54 29.13 29.94
CA SER D 398 5.72 28.30 29.97
C SER D 398 6.55 28.59 31.21
N ASN D 399 6.65 27.64 32.13
CA ASN D 399 7.31 27.81 33.44
C ASN D 399 8.64 27.09 33.52
N VAL D 400 9.59 27.69 34.24
CA VAL D 400 10.91 27.07 34.42
C VAL D 400 11.32 27.25 35.85
N HIS D 401 11.94 26.23 36.42
CA HIS D 401 12.53 26.34 37.74
C HIS D 401 13.92 25.70 37.74
N VAL D 402 14.90 26.37 38.35
CA VAL D 402 16.22 25.76 38.56
C VAL D 402 16.67 25.83 40.02
N ILE D 403 17.40 24.79 40.44
CA ILE D 403 17.91 24.63 41.79
C ILE D 403 19.43 24.63 41.75
N LEU D 404 20.01 25.54 42.52
CA LEU D 404 21.44 25.78 42.53
C LEU D 404 22.01 25.43 43.88
N GLN D 405 23.23 24.91 43.86
CA GLN D 405 24.00 24.64 45.06
C GLN D 405 25.19 25.56 44.98
N PRO D 406 25.27 26.52 45.89
CA PRO D 406 26.40 27.43 45.79
C PRO D 406 27.69 26.75 46.12
N ASN D 407 28.77 27.22 45.49
CA ASN D 407 30.08 26.72 45.72
C ASN D 407 30.50 27.35 46.99
N THR D 408 30.93 26.60 48.00
CA THR D 408 31.42 27.20 49.26
C THR D 408 32.91 26.95 49.55
N ARG D 409 33.68 26.56 48.55
CA ARG D 409 35.06 26.14 48.79
C ARG D 409 35.82 27.31 49.35
N GLN D 410 36.50 27.04 50.47
CA GLN D 410 37.42 28.04 51.09
C GLN D 410 38.78 27.83 50.49
N ALA D 411 39.61 28.87 50.47
CA ALA D 411 40.93 28.77 49.83
C ALA D 411 41.85 27.94 50.73
N PRO D 412 42.91 27.36 50.16
CA PRO D 412 43.84 26.62 51.02
C PRO D 412 44.56 27.56 52.01
N ALA D 413 45.08 26.99 53.07
CA ALA D 413 46.01 27.65 53.96
C ALA D 413 47.38 27.79 53.23
N PRO D 414 47.99 29.00 53.25
CA PRO D 414 49.19 29.22 52.42
C PRO D 414 50.38 28.34 52.86
N THR D 415 51.21 27.94 51.89
CA THR D 415 52.41 27.10 52.10
C THR D 415 53.67 27.81 51.57
N ALA D 416 54.84 27.19 51.69
CA ALA D 416 56.12 27.76 51.22
C ALA D 416 56.22 28.02 49.69
N HIS D 417 55.61 27.13 48.90
CA HIS D 417 55.47 27.31 47.42
C HIS D 417 54.55 28.48 46.97
N ALA D 418 53.61 28.91 47.82
CA ALA D 418 52.84 30.16 47.62
C ALA D 418 53.68 31.46 47.79
N ALA D 419 54.71 31.41 48.65
CA ALA D 419 55.58 32.57 48.95
C ALA D 419 56.58 32.95 47.84
N LEU D 420 56.79 32.05 46.87
CA LEU D 420 57.69 32.29 45.74
C LEU D 420 57.14 33.41 44.89
N PRO D 421 57.99 34.09 44.10
CA PRO D 421 57.40 35.03 43.15
C PRO D 421 56.71 34.28 42.02
N HIS D 422 55.73 34.94 41.39
CA HIS D 422 54.94 34.37 40.30
C HIS D 422 54.94 35.32 39.12
N LEU D 423 54.57 34.77 37.96
CA LEU D 423 54.54 35.53 36.72
C LEU D 423 53.12 35.60 36.24
N LEU D 424 52.73 36.79 35.79
CA LEU D 424 51.37 37.03 35.31
C LEU D 424 51.37 37.62 33.89
N HIS D 425 50.66 36.96 32.95
CA HIS D 425 50.50 37.45 31.59
C HIS D 425 49.11 38.02 31.32
N ALA D 426 49.04 39.02 30.45
CA ALA D 426 47.78 39.48 29.88
C ALA D 426 47.89 39.78 28.39
N SER D 427 46.75 39.79 27.71
CA SER D 427 46.63 40.26 26.34
C SER D 427 45.41 41.16 26.24
N GLY D 428 45.28 41.90 25.14
CA GLY D 428 44.18 42.83 25.05
C GLY D 428 44.04 43.54 23.74
N ARG D 429 42.94 44.24 23.58
CA ARG D 429 42.63 45.03 22.39
C ARG D 429 43.30 46.38 22.39
N THR D 430 43.63 46.87 23.59
CA THR D 430 44.19 48.19 23.76
C THR D 430 45.22 48.08 24.86
N LEU D 431 46.13 49.04 24.95
CA LEU D 431 47.08 48.99 26.04
C LEU D 431 46.38 49.07 27.41
N GLU D 432 45.27 49.81 27.47
CA GLU D 432 44.43 49.96 28.70
C GLU D 432 43.94 48.59 29.19
N ALA D 433 43.43 47.81 28.25
CA ALA D 433 42.95 46.44 28.50
C ALA D 433 43.99 45.57 29.21
N VAL D 434 45.24 45.67 28.76
CA VAL D 434 46.35 44.90 29.32
C VAL D 434 46.71 45.42 30.69
N GLN D 435 46.92 46.73 30.78
CA GLN D 435 47.19 47.38 32.07
C GLN D 435 46.16 47.02 33.13
N ASP D 436 44.89 47.12 32.75
CA ASP D 436 43.77 46.85 33.65
C ASP D 436 43.81 45.44 34.22
N LEU D 437 44.15 44.47 33.38
CA LEU D 437 44.20 43.07 33.82
C LEU D 437 45.41 42.81 34.68
N LEU D 438 46.56 43.38 34.30
CA LEU D 438 47.78 43.26 35.11
C LEU D 438 47.60 43.90 36.46
N GLU D 439 46.99 45.10 36.47
CA GLU D 439 46.69 45.81 37.72
C GLU D 439 45.84 44.95 38.62
N GLN D 440 44.83 44.32 38.04
CA GLN D 440 43.92 43.49 38.81
C GLN D 440 44.65 42.28 39.40
N GLY D 441 45.65 41.78 38.68
CA GLY D 441 46.47 40.71 39.21
C GLY D 441 47.40 41.09 40.33
N ARG D 442 48.11 42.22 40.16
CA ARG D 442 48.98 42.80 41.21
C ARG D 442 48.11 42.83 42.47
N GLN D 443 46.94 43.47 42.40
CA GLN D 443 46.07 43.62 43.59
C GLN D 443 45.58 42.36 44.25
N HIS D 444 45.44 41.26 43.51
CA HIS D 444 45.05 39.99 44.11
C HIS D 444 46.13 38.94 43.92
N SER D 445 47.38 39.38 43.88
CA SER D 445 48.53 38.50 43.69
C SER D 445 48.57 37.28 44.64
N GLN D 446 48.00 37.37 45.81
CA GLN D 446 47.98 36.21 46.74
C GLN D 446 46.88 35.20 46.42
N ASP D 447 45.84 35.59 45.67
CA ASP D 447 44.80 34.64 45.17
C ASP D 447 45.37 33.86 44.01
N LEU D 448 45.80 32.64 44.27
CA LEU D 448 46.58 31.88 43.29
C LEU D 448 45.71 31.35 42.19
N ALA D 449 44.48 30.97 42.53
CA ALA D 449 43.50 30.56 41.52
C ALA D 449 43.24 31.66 40.52
N PHE D 450 42.99 32.87 41.01
CA PHE D 450 42.79 34.07 40.18
C PHE D 450 43.96 34.28 39.20
N VAL D 451 45.19 34.11 39.69
CA VAL D 451 46.39 34.32 38.85
C VAL D 451 46.50 33.20 37.78
N SER D 452 46.26 31.96 38.17
CA SER D 452 46.17 30.87 37.22
C SER D 452 45.17 31.14 36.10
N MET D 453 43.98 31.59 36.47
CA MET D 453 42.91 31.83 35.51
C MET D 453 43.31 32.91 34.55
N LEU D 454 43.93 33.96 35.06
CA LEU D 454 44.36 35.11 34.23
C LEU D 454 45.45 34.76 33.26
N ASN D 455 46.35 33.85 33.66
CA ASN D 455 47.37 33.33 32.76
C ASN D 455 46.76 32.46 31.67
N ASP D 456 45.82 31.59 32.01
CA ASP D 456 45.14 30.76 31.02
C ASP D 456 44.42 31.55 29.93
N ILE D 457 43.79 32.66 30.28
CA ILE D 457 43.08 33.47 29.28
C ILE D 457 44.00 34.39 28.49
N ALA D 458 45.28 34.48 28.86
CA ALA D 458 46.23 35.37 28.19
C ALA D 458 46.81 34.82 26.90
N ALA D 459 46.77 33.50 26.71
CA ALA D 459 47.35 32.89 25.47
C ALA D 459 46.38 33.03 24.28
N THR D 460 46.40 34.16 23.62
CA THR D 460 45.42 34.47 22.59
C THR D 460 46.09 34.88 21.30
N PRO D 461 45.56 34.40 20.15
CA PRO D 461 46.20 34.71 18.85
C PRO D 461 46.45 36.20 18.64
N THR D 462 47.62 36.55 18.10
CA THR D 462 48.15 37.93 18.22
C THR D 462 47.43 38.89 17.29
N ALA D 463 46.86 38.39 16.20
CA ALA D 463 46.05 39.24 15.33
C ALA D 463 44.75 39.70 16.01
N ALA D 464 44.22 38.86 16.90
CA ALA D 464 42.99 39.15 17.66
C ALA D 464 43.26 40.13 18.79
N MET D 465 44.31 39.86 19.58
CA MET D 465 44.70 40.67 20.74
C MET D 465 46.10 41.23 20.54
N PRO D 466 46.21 42.42 19.90
CA PRO D 466 47.49 42.98 19.54
C PRO D 466 48.33 43.64 20.62
N PHE D 467 47.88 43.69 21.89
CA PHE D 467 48.70 44.20 22.97
C PHE D 467 48.92 43.08 23.95
N ARG D 468 50.12 43.01 24.51
CA ARG D 468 50.45 42.01 25.53
C ARG D 468 51.22 42.63 26.68
N GLY D 469 51.27 41.93 27.80
CA GLY D 469 51.97 42.42 28.95
C GLY D 469 52.27 41.32 29.95
N TYR D 470 53.19 41.61 30.86
CA TYR D 470 53.46 40.75 31.99
C TYR D 470 53.83 41.58 33.20
N THR D 471 53.74 40.95 34.36
CA THR D 471 54.17 41.50 35.65
C THR D 471 54.75 40.33 36.44
N VAL D 472 55.75 40.61 37.26
CA VAL D 472 56.27 39.62 38.18
C VAL D 472 55.74 39.99 39.55
N LEU D 473 55.09 39.05 40.19
CA LEU D 473 54.39 39.29 41.42
C LEU D 473 55.25 38.76 42.53
N GLY D 474 55.21 39.45 43.67
CA GLY D 474 55.90 39.02 44.89
C GLY D 474 57.37 39.39 44.91
N VAL D 475 57.72 40.53 44.29
CA VAL D 475 59.10 41.02 44.29
C VAL D 475 59.16 42.53 44.53
N GLU D 476 60.27 42.99 45.11
CA GLU D 476 60.40 44.38 45.53
C GLU D 476 60.15 45.41 44.46
N GLY D 477 60.51 45.14 43.22
CA GLY D 477 60.29 46.13 42.16
C GLY D 477 58.82 46.46 41.86
N ARG D 478 58.59 47.16 40.76
CA ARG D 478 57.32 47.10 40.05
C ARG D 478 57.68 46.68 38.63
N VAL D 479 57.79 45.38 38.44
CA VAL D 479 58.30 44.78 37.23
C VAL D 479 57.15 44.51 36.27
N GLN D 480 57.09 45.30 35.20
CA GLN D 480 55.98 45.24 34.27
C GLN D 480 56.36 45.88 32.96
N GLU D 481 55.90 45.27 31.89
CA GLU D 481 56.21 45.71 30.55
C GLU D 481 54.98 45.37 29.71
N VAL D 482 54.67 46.25 28.76
CA VAL D 482 53.45 46.11 27.97
C VAL D 482 53.72 46.72 26.62
N GLN D 483 53.38 46.00 25.55
CA GLN D 483 53.49 46.59 24.22
C GLN D 483 52.65 45.91 23.15
N GLN D 484 52.61 46.59 22.00
CA GLN D 484 51.96 46.12 20.80
C GLN D 484 52.80 45.03 20.16
N VAL D 485 52.18 44.09 19.45
CA VAL D 485 52.86 42.90 18.91
C VAL D 485 52.89 42.96 17.38
N SER D 486 53.99 42.51 16.77
CA SER D 486 54.01 42.35 15.29
C SER D 486 53.29 41.05 14.93
N THR D 487 52.38 41.12 13.96
CA THR D 487 51.57 39.92 13.62
C THR D 487 52.42 38.84 12.92
N ASN D 488 53.66 39.17 12.52
CA ASN D 488 54.68 38.18 12.14
C ASN D 488 54.63 36.83 12.86
N LYS D 489 54.97 35.77 12.10
CA LYS D 489 55.45 34.52 12.65
C LYS D 489 56.77 34.84 13.36
N ARG D 490 56.85 34.48 14.64
CA ARG D 490 58.08 34.71 15.38
C ARG D 490 58.66 33.40 15.85
N PRO D 491 59.71 32.90 15.15
CA PRO D 491 60.25 31.59 15.48
C PRO D 491 61.22 31.62 16.67
N LEU D 492 61.29 30.50 17.36
CA LEU D 492 61.93 30.38 18.65
C LEU D 492 63.25 29.62 18.56
N TRP D 493 64.33 30.26 18.99
CA TRP D 493 65.67 29.66 18.91
C TRP D 493 66.28 29.48 20.31
N PHE D 494 66.68 28.25 20.62
CA PHE D 494 67.46 27.95 21.82
C PHE D 494 68.96 28.05 21.49
N ILE D 495 69.70 28.76 22.33
CA ILE D 495 71.15 28.82 22.24
C ILE D 495 71.70 28.26 23.54
N CYS D 496 72.38 27.10 23.46
CA CYS D 496 73.07 26.50 24.59
C CYS D 496 74.54 26.98 24.62
N SER D 497 74.92 27.64 25.73
CA SER D 497 76.24 28.26 25.88
C SER D 497 77.26 27.29 26.44
N GLY D 498 78.53 27.69 26.27
CA GLY D 498 79.69 26.88 26.62
C GLY D 498 80.29 27.23 27.97
N MET D 499 81.62 27.09 28.05
CA MET D 499 82.34 27.37 29.28
C MET D 499 82.45 28.86 29.52
N GLY D 500 82.78 29.21 30.75
CA GLY D 500 82.86 30.60 31.19
C GLY D 500 81.59 31.07 31.85
N THR D 501 80.63 30.19 32.05
CA THR D 501 79.31 30.56 32.58
C THR D 501 79.12 30.13 34.01
N GLN D 502 80.14 29.52 34.62
CA GLN D 502 80.02 28.94 35.97
C GLN D 502 80.09 30.03 37.03
N TRP D 503 79.52 29.76 38.20
CA TRP D 503 79.67 30.62 39.38
C TRP D 503 79.22 29.96 40.69
N ARG D 504 79.57 30.56 41.83
CA ARG D 504 79.41 29.92 43.15
C ARG D 504 77.94 29.91 43.53
N GLY D 505 77.39 28.72 43.79
CA GLY D 505 75.96 28.59 44.14
C GLY D 505 74.98 28.97 43.05
N MET D 506 75.38 28.73 41.80
CA MET D 506 74.53 28.98 40.64
C MET D 506 73.37 27.99 40.61
N GLY D 507 72.22 28.49 40.22
CA GLY D 507 70.98 27.71 40.18
C GLY D 507 70.38 27.34 41.51
N LEU D 508 70.85 27.96 42.61
CA LEU D 508 70.29 27.65 43.94
C LEU D 508 68.97 28.38 44.10
N SER D 509 68.86 29.55 43.46
CA SER D 509 67.59 30.26 43.31
C SER D 509 66.49 29.39 42.67
N LEU D 510 66.79 28.75 41.54
CA LEU D 510 65.77 27.97 40.81
C LEU D 510 65.46 26.60 41.42
N MET D 511 66.14 26.17 42.47
CA MET D 511 65.82 24.85 43.10
C MET D 511 64.48 24.88 43.86
N ARG D 512 64.01 26.10 44.16
CA ARG D 512 62.67 26.38 44.69
C ARG D 512 61.55 25.86 43.73
N LEU D 513 61.78 25.92 42.41
CA LEU D 513 60.88 25.28 41.44
C LEU D 513 61.05 23.76 41.43
N ASP D 514 59.96 23.03 41.64
CA ASP D 514 59.99 21.55 41.67
C ASP D 514 60.53 20.93 40.38
N SER D 515 60.15 21.46 39.21
CA SER D 515 60.60 20.90 37.91
C SER D 515 62.12 21.03 37.71
N PHE D 516 62.69 22.12 38.22
CA PHE D 516 64.12 22.35 38.15
C PHE D 516 64.85 21.40 39.07
N ARG D 517 64.46 21.40 40.34
CA ARG D 517 65.02 20.53 41.38
C ARG D 517 65.00 19.07 40.92
N GLU D 518 63.85 18.59 40.44
CA GLU D 518 63.72 17.20 39.98
C GLU D 518 64.65 16.85 38.81
N SER D 519 64.94 17.83 37.95
CA SER D 519 65.89 17.65 36.86
C SER D 519 67.34 17.53 37.36
N ILE D 520 67.65 18.32 38.39
CA ILE D 520 68.97 18.28 39.02
C ILE D 520 69.17 16.98 39.81
N LEU D 521 68.15 16.56 40.57
CA LEU D 521 68.20 15.28 41.30
C LEU D 521 68.21 14.07 40.38
N ARG D 522 67.70 14.22 39.17
CA ARG D 522 67.77 13.16 38.16
C ARG D 522 69.18 13.15 37.54
N SER D 523 69.78 14.33 37.35
CA SER D 523 71.20 14.45 36.96
C SER D 523 72.14 13.88 38.03
N ASP D 524 71.75 13.95 39.31
CA ASP D 524 72.49 13.28 40.40
C ASP D 524 72.52 11.76 40.25
N GLU D 525 71.41 11.15 39.85
CA GLU D 525 71.35 9.69 39.67
C GLU D 525 72.37 9.20 38.64
N ALA D 526 72.63 10.00 37.60
CA ALA D 526 73.60 9.66 36.58
C ALA D 526 75.03 9.61 37.13
N VAL D 527 75.43 10.61 37.91
CA VAL D 527 76.84 10.73 38.39
C VAL D 527 77.10 10.38 39.87
N LYS D 528 76.14 9.73 40.55
CA LYS D 528 76.36 9.27 41.94
C LYS D 528 77.32 8.07 41.97
N PRO D 529 77.08 7.02 41.14
CA PRO D 529 78.05 5.92 41.05
C PRO D 529 79.51 6.38 40.82
N LEU D 530 79.72 7.48 40.07
CA LEU D 530 81.05 8.06 39.83
C LEU D 530 81.52 9.04 40.94
N GLY D 531 80.87 9.01 42.10
CA GLY D 531 81.32 9.73 43.29
C GLY D 531 81.02 11.20 43.42
N VAL D 532 80.08 11.74 42.64
CA VAL D 532 79.73 13.19 42.72
C VAL D 532 78.23 13.46 42.64
N LYS D 533 77.81 14.53 43.31
CA LYS D 533 76.39 14.94 43.42
C LYS D 533 76.29 16.38 42.93
N VAL D 534 75.51 16.64 41.89
CA VAL D 534 75.44 18.02 41.33
C VAL D 534 74.84 18.97 42.38
N SER D 535 73.83 18.52 43.13
CA SER D 535 73.22 19.32 44.19
C SER D 535 74.23 19.76 45.27
N ASP D 536 75.06 18.83 45.74
CA ASP D 536 76.21 19.15 46.64
C ASP D 536 77.17 20.21 46.04
N LEU D 537 77.44 20.13 44.74
CA LEU D 537 78.34 21.08 44.05
C LEU D 537 77.73 22.48 43.99
N LEU D 538 76.41 22.54 43.80
CA LEU D 538 75.71 23.82 43.75
C LEU D 538 75.69 24.42 45.15
N LEU D 539 75.27 23.62 46.14
CA LEU D 539 75.18 24.03 47.56
C LEU D 539 76.51 24.57 48.09
N SER D 540 77.58 23.80 47.88
CA SER D 540 78.94 24.22 48.22
C SER D 540 79.23 25.64 47.72
N THR D 541 79.41 26.55 48.68
CA THR D 541 79.99 27.88 48.42
C THR D 541 81.43 27.93 49.00
N ASP D 542 82.08 26.76 49.06
CA ASP D 542 83.54 26.64 48.87
C ASP D 542 83.85 27.20 47.49
N GLU D 543 84.54 28.33 47.41
CA GLU D 543 84.48 29.17 46.19
C GLU D 543 85.42 28.81 45.03
N ARG D 544 86.10 27.68 45.12
CA ARG D 544 86.90 27.14 43.99
C ARG D 544 86.35 25.79 43.45
N THR D 545 85.13 25.41 43.83
CA THR D 545 84.57 24.09 43.45
C THR D 545 84.41 23.93 41.94
N PHE D 546 84.02 25.02 41.26
CA PHE D 546 83.89 25.01 39.77
C PHE D 546 85.19 25.42 39.04
N ASP D 547 86.34 25.33 39.70
CA ASP D 547 87.64 25.37 39.00
C ASP D 547 88.00 23.98 38.48
N ASP D 548 87.56 22.93 39.19
CA ASP D 548 87.62 21.55 38.74
C ASP D 548 86.77 21.40 37.46
N ILE D 549 87.40 20.95 36.37
CA ILE D 549 86.73 20.83 35.06
C ILE D 549 85.55 19.87 35.05
N VAL D 550 85.61 18.80 35.83
CA VAL D 550 84.50 17.84 35.93
C VAL D 550 83.34 18.51 36.66
N HIS D 551 83.62 19.18 37.77
CA HIS D 551 82.59 19.89 38.52
C HIS D 551 81.84 20.91 37.66
N ALA D 552 82.58 21.64 36.81
CA ALA D 552 82.00 22.65 35.92
C ALA D 552 81.17 22.05 34.77
N PHE D 553 81.78 21.18 33.96
CA PHE D 553 81.11 20.55 32.82
C PHE D 553 79.79 19.88 33.22
N VAL D 554 79.81 19.10 34.29
CA VAL D 554 78.63 18.39 34.78
C VAL D 554 77.55 19.36 35.30
N SER D 555 77.95 20.43 35.97
CA SER D 555 77.02 21.38 36.57
C SER D 555 76.36 22.27 35.51
N LEU D 556 77.16 22.83 34.60
CA LEU D 556 76.67 23.57 33.43
C LEU D 556 75.64 22.76 32.66
N THR D 557 76.00 21.55 32.28
CA THR D 557 75.13 20.74 31.44
C THR D 557 73.87 20.29 32.18
N ALA D 558 73.97 19.95 33.46
CA ALA D 558 72.81 19.55 34.30
C ALA D 558 71.76 20.65 34.47
N ILE D 559 72.26 21.88 34.58
CA ILE D 559 71.45 23.09 34.64
C ILE D 559 70.84 23.44 33.29
N GLN D 560 71.65 23.43 32.24
CA GLN D 560 71.14 23.63 30.90
C GLN D 560 69.95 22.70 30.66
N ILE D 561 70.05 21.46 31.12
CA ILE D 561 68.97 20.50 31.02
C ILE D 561 67.74 20.94 31.85
N ALA D 562 67.96 21.32 33.10
CA ALA D 562 66.86 21.75 33.97
C ALA D 562 66.09 22.93 33.38
N LEU D 563 66.83 23.90 32.84
CA LEU D 563 66.22 25.00 32.12
C LEU D 563 65.42 24.51 30.93
N ILE D 564 65.99 23.59 30.13
CA ILE D 564 65.25 23.04 28.98
C ILE D 564 63.92 22.42 29.49
N ASP D 565 64.03 21.64 30.56
CA ASP D 565 62.86 21.05 31.21
C ASP D 565 61.78 22.09 31.63
N LEU D 566 62.20 23.23 32.20
CA LEU D 566 61.30 24.32 32.55
C LEU D 566 60.62 24.91 31.32
N LEU D 567 61.44 25.28 30.34
CA LEU D 567 60.94 25.81 29.08
C LEU D 567 59.91 24.88 28.44
N THR D 568 60.16 23.59 28.53
CA THR D 568 59.25 22.59 28.03
C THR D 568 57.97 22.55 28.88
N SER D 569 58.10 22.54 30.20
CA SER D 569 56.94 22.50 31.09
C SER D 569 56.00 23.67 30.76
N VAL D 570 56.58 24.80 30.39
CA VAL D 570 55.84 26.01 30.03
C VAL D 570 55.27 26.03 28.62
N GLY D 571 55.49 24.98 27.84
CA GLY D 571 54.99 24.85 26.46
C GLY D 571 55.87 25.39 25.33
N LEU D 572 57.09 25.83 25.63
CA LEU D 572 58.01 26.29 24.58
C LEU D 572 58.76 25.16 23.84
N LYS D 573 58.49 25.00 22.55
CA LYS D 573 59.15 24.04 21.68
C LYS D 573 60.05 24.79 20.70
N PRO D 574 61.35 24.46 20.64
CA PRO D 574 62.25 25.26 19.77
C PRO D 574 62.09 24.98 18.26
N ASP D 575 62.17 26.05 17.45
CA ASP D 575 62.20 25.92 16.00
C ASP D 575 63.64 25.71 15.48
N GLY D 576 64.61 26.31 16.18
CA GLY D 576 66.02 26.02 15.92
C GLY D 576 66.85 25.92 17.19
N ILE D 577 67.93 25.13 17.10
CA ILE D 577 68.85 24.92 18.22
C ILE D 577 70.29 25.15 17.75
N ILE D 578 71.10 25.82 18.56
CA ILE D 578 72.52 26.03 18.26
C ILE D 578 73.34 25.91 19.53
N GLY D 579 74.42 25.13 19.50
CA GLY D 579 75.32 24.98 20.66
C GLY D 579 76.64 25.68 20.48
N HIS D 580 77.19 26.23 21.56
CA HIS D 580 78.56 26.76 21.57
C HIS D 580 79.41 25.81 22.40
N SER D 581 80.30 25.05 21.75
CA SER D 581 81.30 24.21 22.47
C SER D 581 80.56 23.15 23.32
N LEU D 582 80.73 23.15 24.65
CA LEU D 582 80.07 22.20 25.60
C LEU D 582 78.54 22.23 25.54
N GLY D 583 77.97 23.35 25.08
CA GLY D 583 76.55 23.49 24.79
C GLY D 583 75.99 22.44 23.83
N GLU D 584 76.82 21.94 22.90
CA GLU D 584 76.36 20.90 21.95
C GLU D 584 75.93 19.62 22.63
N VAL D 585 76.30 19.40 23.88
CA VAL D 585 75.75 18.27 24.66
C VAL D 585 74.31 18.54 25.02
N ALA D 586 74.06 19.70 25.63
CA ALA D 586 72.70 20.12 26.01
C ALA D 586 71.77 20.21 24.80
N CYS D 587 72.28 20.79 23.71
CA CYS D 587 71.58 20.80 22.42
C CYS D 587 71.02 19.44 22.02
N GLY D 588 71.79 18.39 22.28
CA GLY D 588 71.37 17.02 22.00
C GLY D 588 70.17 16.59 22.82
N TYR D 589 70.13 17.01 24.08
CA TYR D 589 68.98 16.75 24.94
C TYR D 589 67.75 17.50 24.39
N ALA D 590 67.94 18.76 24.07
CA ALA D 590 66.88 19.57 23.51
C ALA D 590 66.33 19.00 22.19
N ASP D 591 67.20 18.38 21.39
CA ASP D 591 66.82 17.89 20.08
C ASP D 591 66.15 16.52 20.09
N GLY D 592 66.26 15.78 21.20
CA GLY D 592 65.75 14.42 21.30
C GLY D 592 66.75 13.32 20.98
N CYS D 593 68.01 13.69 20.65
CA CYS D 593 69.08 12.70 20.42
C CYS D 593 69.57 12.01 21.70
N LEU D 594 69.75 12.79 22.77
CA LEU D 594 70.32 12.29 23.99
C LEU D 594 69.33 12.30 25.15
N SER D 595 69.27 11.21 25.90
CA SER D 595 68.57 11.20 27.18
C SER D 595 69.27 12.12 28.17
N GLN D 596 68.64 12.42 29.30
CA GLN D 596 69.29 13.19 30.37
C GLN D 596 70.56 12.50 30.87
N ARG D 597 70.49 11.18 31.06
CA ARG D 597 71.62 10.39 31.56
C ARG D 597 72.79 10.47 30.58
N GLU D 598 72.50 10.19 29.32
CA GLU D 598 73.50 10.27 28.25
C GLU D 598 74.18 11.63 28.20
N ALA D 599 73.41 12.71 28.31
CA ALA D 599 73.98 14.06 28.26
C ALA D 599 74.83 14.39 29.48
N VAL D 600 74.34 14.08 30.68
CA VAL D 600 75.09 14.38 31.90
C VAL D 600 76.40 13.58 31.94
N LEU D 601 76.32 12.29 31.66
CA LEU D 601 77.51 11.41 31.58
C LEU D 601 78.47 11.80 30.44
N ALA D 602 77.97 12.23 29.29
CA ALA D 602 78.86 12.75 28.24
C ALA D 602 79.57 13.99 28.71
N ALA D 603 78.94 14.80 29.57
CA ALA D 603 79.61 15.95 30.21
C ALA D 603 80.67 15.48 31.19
N TYR D 604 80.35 14.47 32.01
CA TYR D 604 81.29 13.92 33.00
C TYR D 604 82.59 13.47 32.32
N TRP D 605 82.47 12.49 31.43
CA TRP D 605 83.63 11.87 30.79
C TRP D 605 84.38 12.85 29.87
N ARG D 606 83.68 13.74 29.20
CA ARG D 606 84.33 14.85 28.51
C ARG D 606 85.30 15.61 29.44
N GLY D 607 84.88 15.81 30.69
CA GLY D 607 85.71 16.49 31.69
C GLY D 607 86.73 15.60 32.37
N GLN D 608 86.35 14.36 32.69
CA GLN D 608 87.21 13.39 33.38
C GLN D 608 88.38 12.93 32.50
N CYS D 609 88.13 12.75 31.20
CA CYS D 609 89.17 12.37 30.24
C CYS D 609 90.23 13.44 30.03
N ILE D 610 89.84 14.70 30.17
CA ILE D 610 90.79 15.81 30.13
C ILE D 610 91.55 15.89 31.46
N LYS D 611 90.85 15.76 32.57
CA LYS D 611 91.47 15.74 33.91
C LYS D 611 92.58 14.66 34.02
N ASP D 612 92.34 13.45 33.49
CA ASP D 612 93.30 12.30 33.56
C ASP D 612 94.45 12.34 32.54
N ALA D 613 94.35 13.17 31.51
CA ALA D 613 95.50 13.53 30.63
C ALA D 613 96.26 14.72 31.24
N HIS D 614 95.60 15.48 32.14
CA HIS D 614 96.19 16.54 32.99
C HIS D 614 97.15 17.52 32.23
N LEU D 615 96.57 18.42 31.44
CA LEU D 615 97.34 19.24 30.52
C LEU D 615 97.88 20.55 31.11
N PRO D 616 98.99 21.08 30.54
CA PRO D 616 99.71 22.18 31.22
C PRO D 616 98.98 23.53 31.10
N PRO D 617 98.96 24.35 32.18
CA PRO D 617 98.19 25.60 32.22
C PRO D 617 98.00 26.40 30.93
N GLY D 618 96.76 26.39 30.39
CA GLY D 618 96.38 27.15 29.19
C GLY D 618 95.18 28.05 29.43
N SER D 619 94.95 29.02 28.53
CA SER D 619 93.87 30.02 28.69
C SER D 619 93.34 30.62 27.40
N MET D 620 92.10 31.12 27.50
CA MET D 620 91.40 31.69 26.36
C MET D 620 90.87 33.10 26.64
N ALA D 621 90.99 33.96 25.64
CA ALA D 621 90.49 35.33 25.71
C ALA D 621 89.77 35.66 24.39
N ALA D 622 88.53 36.14 24.51
CA ALA D 622 87.81 36.70 23.36
C ALA D 622 88.54 37.99 22.95
N VAL D 623 88.80 38.16 21.66
CA VAL D 623 89.42 39.40 21.17
C VAL D 623 88.63 40.02 20.03
N GLY D 624 88.77 41.34 19.91
CA GLY D 624 88.03 42.15 18.95
C GLY D 624 88.70 42.29 17.61
N LEU D 625 88.72 41.20 16.85
CA LEU D 625 89.17 41.22 15.46
C LEU D 625 88.61 40.01 14.73
N SER D 626 88.51 40.12 13.41
CA SER D 626 87.82 39.12 12.59
C SER D 626 88.46 37.72 12.63
N TRP D 627 87.77 36.74 12.06
CA TRP D 627 88.30 35.37 11.97
C TRP D 627 89.62 35.42 11.19
N GLU D 628 89.58 36.06 10.04
CA GLU D 628 90.79 36.11 9.19
C GLU D 628 91.96 36.94 9.80
N GLU D 629 91.67 38.10 10.40
CA GLU D 629 92.67 38.90 11.11
C GLU D 629 93.36 38.12 12.25
N CYS D 630 92.66 37.15 12.85
CA CYS D 630 93.25 36.27 13.89
C CYS D 630 94.33 35.30 13.38
N LYS D 631 94.24 34.88 12.11
CA LYS D 631 95.27 34.04 11.50
C LYS D 631 96.63 34.75 11.59
N GLN D 632 96.71 35.96 11.03
CA GLN D 632 97.96 36.72 10.95
C GLN D 632 98.49 37.05 12.34
N ARG D 633 97.80 37.96 13.04
CA ARG D 633 98.36 38.60 14.23
C ARG D 633 98.59 37.67 15.45
N CYS D 634 98.19 36.40 15.36
CA CYS D 634 98.56 35.39 16.36
C CYS D 634 100.06 35.09 16.35
N PRO D 635 100.67 34.82 17.52
CA PRO D 635 102.08 34.39 17.57
C PRO D 635 102.30 33.01 16.96
N ALA D 636 102.19 31.90 17.68
CA ALA D 636 102.26 30.58 17.02
C ALA D 636 101.63 29.37 17.76
N GLY D 637 101.88 29.25 19.07
CA GLY D 637 101.15 28.33 19.97
C GLY D 637 99.77 28.81 20.43
N VAL D 638 99.31 29.89 19.82
CA VAL D 638 98.02 30.51 20.05
C VAL D 638 97.28 30.39 18.73
N VAL D 639 96.02 29.91 18.78
CA VAL D 639 95.21 29.82 17.56
C VAL D 639 93.79 30.36 17.71
N PRO D 640 93.15 30.73 16.58
CA PRO D 640 91.73 31.06 16.58
C PRO D 640 90.88 29.85 16.93
N ALA D 641 90.16 29.90 18.05
CA ALA D 641 89.42 28.75 18.59
C ALA D 641 87.86 28.78 18.36
N CYS D 642 87.24 29.94 18.64
CA CYS D 642 85.78 30.08 18.54
C CYS D 642 85.41 31.28 17.70
N HIS D 643 84.75 31.07 16.56
CA HIS D 643 84.25 32.20 15.73
C HIS D 643 82.90 32.68 16.25
N ASN D 644 82.91 33.57 17.21
CA ASN D 644 81.65 34.01 17.87
C ASN D 644 80.86 34.98 16.95
N SER D 645 81.38 36.16 16.66
CA SER D 645 80.86 37.03 15.58
C SER D 645 82.02 37.47 14.67
N GLU D 646 81.76 38.33 13.70
CA GLU D 646 82.85 38.87 12.86
C GLU D 646 83.67 39.92 13.59
N ASP D 647 83.21 40.42 14.74
CA ASP D 647 84.03 41.22 15.66
C ASP D 647 84.71 40.39 16.72
N THR D 648 84.02 39.41 17.28
CA THR D 648 84.50 38.63 18.44
C THR D 648 85.01 37.26 18.04
N VAL D 649 86.28 36.97 18.34
CA VAL D 649 86.87 35.65 18.13
C VAL D 649 87.59 35.23 19.40
N THR D 650 87.31 34.03 19.91
CA THR D 650 88.08 33.49 21.04
C THR D 650 89.36 32.83 20.50
N ILE D 651 90.48 33.08 21.21
CA ILE D 651 91.75 32.45 20.89
C ILE D 651 92.15 31.51 22.03
N SER D 652 93.03 30.57 21.72
CA SER D 652 93.44 29.58 22.69
C SER D 652 94.91 29.23 22.56
N GLY D 653 95.55 29.03 23.72
CA GLY D 653 96.98 28.68 23.80
C GLY D 653 97.47 28.57 25.25
N PRO D 654 98.81 28.57 25.45
CA PRO D 654 99.37 28.72 26.81
C PRO D 654 99.41 30.21 27.19
N GLN D 655 99.49 30.58 28.47
CA GLN D 655 99.78 31.99 28.85
C GLN D 655 101.14 32.48 28.31
N ALA D 656 102.09 31.56 28.15
CA ALA D 656 103.41 31.79 27.51
C ALA D 656 103.42 32.64 26.22
N ALA D 657 102.29 32.69 25.51
CA ALA D 657 102.03 33.73 24.48
C ALA D 657 100.66 34.45 24.58
N VAL D 658 99.65 33.89 25.27
CA VAL D 658 98.27 34.44 25.17
C VAL D 658 98.11 35.76 25.91
N ASN D 659 98.69 35.87 27.10
CA ASN D 659 98.66 37.12 27.86
C ASN D 659 99.52 38.23 27.23
N GLU D 660 100.74 37.91 26.84
CA GLU D 660 101.67 38.91 26.23
C GLU D 660 101.27 39.40 24.80
N PHE D 661 100.68 38.52 23.99
CA PHE D 661 100.16 38.88 22.66
C PHE D 661 98.60 39.11 22.68
N VAL D 662 98.04 39.28 23.90
CA VAL D 662 96.77 40.01 24.16
C VAL D 662 97.05 41.50 24.43
N GLU D 663 98.18 41.80 25.07
CA GLU D 663 98.55 43.19 25.37
C GLU D 663 99.07 43.98 24.17
N GLN D 664 99.74 43.31 23.22
CA GLN D 664 100.05 43.97 21.94
C GLN D 664 98.78 44.38 21.14
N LEU D 665 97.64 43.73 21.46
CA LEU D 665 96.33 44.18 21.02
C LEU D 665 95.77 45.29 21.89
N LYS D 666 95.61 45.04 23.20
CA LYS D 666 94.92 46.00 24.10
C LYS D 666 95.74 47.27 24.48
N GLN D 667 96.98 47.35 23.99
CA GLN D 667 97.72 48.62 23.91
C GLN D 667 97.28 49.45 22.67
N GLU D 668 96.83 48.78 21.60
CA GLU D 668 96.14 49.42 20.47
C GLU D 668 94.60 49.44 20.63
N GLY D 669 94.12 49.47 21.88
CA GLY D 669 92.69 49.64 22.20
C GLY D 669 91.71 48.58 21.72
N VAL D 670 92.22 47.39 21.43
CA VAL D 670 91.42 46.29 20.87
C VAL D 670 90.76 45.54 22.04
N PHE D 671 89.52 45.12 21.84
CA PHE D 671 88.68 44.47 22.87
C PHE D 671 89.38 43.20 23.40
N ALA D 672 89.12 42.87 24.67
CA ALA D 672 89.67 41.68 25.33
C ALA D 672 89.06 41.50 26.75
N LYS D 673 88.24 40.46 26.93
CA LYS D 673 87.82 39.99 28.28
C LYS D 673 88.30 38.55 28.51
N GLU D 674 88.87 38.27 29.68
CA GLU D 674 89.24 36.88 30.10
C GLU D 674 87.99 35.96 30.10
N VAL D 675 88.20 34.64 29.92
CA VAL D 675 87.10 33.63 29.97
C VAL D 675 87.43 32.56 31.02
N ARG D 676 86.42 32.19 31.83
CA ARG D 676 86.58 31.16 32.88
C ARG D 676 86.49 29.72 32.33
N THR D 677 87.66 29.20 31.95
CA THR D 677 87.83 27.83 31.46
C THR D 677 88.16 26.80 32.57
N GLY D 678 88.30 27.25 33.81
CA GLY D 678 88.91 26.44 34.87
C GLY D 678 90.38 26.09 34.63
N GLY D 679 91.10 26.98 33.93
CA GLY D 679 92.54 26.82 33.65
C GLY D 679 92.97 26.09 32.38
N LEU D 680 92.10 25.97 31.37
CA LEU D 680 92.39 25.12 30.17
C LEU D 680 92.27 25.83 28.80
N ALA D 681 92.89 25.24 27.78
CA ALA D 681 92.92 25.79 26.41
C ALA D 681 92.21 24.88 25.39
N PHE D 682 90.90 24.97 25.34
CA PHE D 682 90.04 24.09 24.47
C PHE D 682 90.10 24.47 22.98
N HIS D 683 89.55 23.62 22.11
CA HIS D 683 89.40 23.88 20.65
C HIS D 683 90.69 24.29 19.96
N SER D 684 91.76 23.66 20.42
CA SER D 684 93.11 23.86 19.97
C SER D 684 93.83 22.51 19.95
N TYR D 685 95.10 22.55 19.55
CA TYR D 685 96.00 21.42 19.62
C TYR D 685 95.99 20.58 20.93
N PHE D 686 95.96 21.24 22.12
CA PHE D 686 96.04 20.51 23.42
C PHE D 686 95.09 19.32 23.63
N MET D 687 93.99 19.31 22.88
CA MET D 687 92.90 18.38 23.09
C MET D 687 93.02 17.15 22.24
N GLU D 688 93.85 17.19 21.19
CA GLU D 688 93.81 16.06 20.20
C GLU D 688 94.33 14.71 20.85
N GLY D 689 95.11 14.85 21.90
CA GLY D 689 95.54 13.73 22.72
C GLY D 689 94.50 13.10 23.62
N ILE D 690 93.33 13.72 23.71
CA ILE D 690 92.20 13.17 24.47
C ILE D 690 91.32 12.28 23.58
N ALA D 691 91.32 12.53 22.26
CA ALA D 691 90.44 11.82 21.30
C ALA D 691 90.29 10.29 21.53
N PRO D 692 91.39 9.54 21.62
CA PRO D 692 91.25 8.08 21.79
C PRO D 692 90.58 7.62 23.11
N THR D 693 90.99 8.17 24.25
CA THR D 693 90.43 7.80 25.56
C THR D 693 88.97 8.33 25.79
N LEU D 694 88.66 9.52 25.28
CA LEU D 694 87.29 10.08 25.33
C LEU D 694 86.34 9.29 24.42
N LEU D 695 86.74 9.11 23.17
CA LEU D 695 86.00 8.27 22.20
C LEU D 695 85.64 6.90 22.75
N GLN D 696 86.50 6.33 23.61
CA GLN D 696 86.22 5.05 24.24
C GLN D 696 85.18 5.14 25.35
N ALA D 697 85.31 6.14 26.23
CA ALA D 697 84.35 6.35 27.32
C ALA D 697 82.95 6.72 26.79
N LEU D 698 82.90 7.57 25.76
CA LEU D 698 81.63 8.01 25.15
C LEU D 698 80.92 6.94 24.32
N LYS D 699 81.63 5.90 23.88
CA LYS D 699 80.99 4.76 23.18
C LYS D 699 80.33 3.82 24.19
N LYS D 700 80.87 3.75 25.41
CA LYS D 700 80.21 3.09 26.53
C LYS D 700 78.99 3.88 27.06
N VAL D 701 78.90 5.18 26.75
CA VAL D 701 77.82 6.07 27.23
C VAL D 701 76.68 6.27 26.20
N ILE D 702 77.05 6.67 24.98
CA ILE D 702 76.08 6.79 23.87
C ILE D 702 76.00 5.44 23.14
N ARG D 703 75.27 4.49 23.72
CA ARG D 703 74.98 3.17 23.13
C ARG D 703 74.62 3.20 21.65
N GLU D 704 73.48 3.79 21.30
CA GLU D 704 73.02 3.81 19.92
C GLU D 704 72.73 5.24 19.50
N PRO D 705 73.64 5.85 18.71
CA PRO D 705 73.45 7.23 18.25
C PRO D 705 72.13 7.44 17.50
N ARG D 706 71.44 8.55 17.81
CA ARG D 706 70.16 8.89 17.17
C ARG D 706 70.36 10.09 16.25
N PRO D 707 69.52 10.21 15.20
CA PRO D 707 69.72 11.28 14.21
C PRO D 707 69.51 12.66 14.79
N ARG D 708 70.23 13.66 14.28
CA ARG D 708 70.04 15.05 14.68
C ARG D 708 69.04 15.68 13.72
N SER D 709 67.98 16.30 14.25
CA SER D 709 66.96 16.94 13.40
C SER D 709 67.52 18.11 12.62
N ALA D 710 66.75 18.57 11.63
CA ALA D 710 67.07 19.77 10.84
C ALA D 710 67.15 21.02 11.72
N ARG D 711 66.39 21.01 12.81
CA ARG D 711 66.30 22.14 13.72
C ARG D 711 67.67 22.43 14.37
N TRP D 712 68.43 21.37 14.67
CA TRP D 712 69.76 21.52 15.28
C TRP D 712 70.88 21.80 14.25
N LEU D 713 71.47 22.98 14.34
CA LEU D 713 72.60 23.42 13.52
C LEU D 713 73.94 23.20 14.25
N SER D 714 74.83 22.43 13.62
CA SER D 714 76.15 22.15 14.21
C SER D 714 77.04 23.38 14.18
N THR D 715 77.83 23.53 15.24
CA THR D 715 78.95 24.46 15.30
C THR D 715 80.31 23.75 15.24
N SER D 716 80.35 22.45 15.55
CA SER D 716 81.56 21.65 15.45
C SER D 716 81.93 21.33 13.98
N ILE D 717 80.92 21.13 13.14
CA ILE D 717 81.08 20.71 11.75
C ILE D 717 80.60 21.83 10.81
N PRO D 718 81.44 22.28 9.86
CA PRO D 718 81.00 23.37 8.97
C PRO D 718 79.91 22.93 8.02
N GLU D 719 79.16 23.91 7.52
CA GLU D 719 77.91 23.66 6.82
C GLU D 719 78.03 22.72 5.62
N ALA D 720 79.11 22.85 4.84
CA ALA D 720 79.36 21.99 3.67
C ALA D 720 79.25 20.47 3.98
N GLN D 721 79.68 20.04 5.17
CA GLN D 721 79.59 18.63 5.59
C GLN D 721 78.50 18.35 6.63
N TRP D 722 77.43 19.15 6.65
CA TRP D 722 76.25 18.79 7.47
C TRP D 722 75.59 17.53 6.95
N GLN D 723 75.71 17.33 5.64
CA GLN D 723 75.28 16.08 5.00
C GLN D 723 76.06 14.84 5.41
N SER D 724 77.32 15.00 5.83
CA SER D 724 78.18 13.88 6.24
C SER D 724 77.55 12.93 7.25
N SER D 725 78.11 11.74 7.37
CA SER D 725 77.61 10.74 8.32
C SER D 725 78.16 10.97 9.75
N LEU D 726 79.20 11.80 9.94
CA LEU D 726 79.59 12.23 11.29
C LEU D 726 78.50 13.14 11.87
N ALA D 727 78.01 14.03 11.01
CA ALA D 727 76.93 14.97 11.32
C ALA D 727 75.58 14.30 11.57
N ARG D 728 75.25 13.22 10.85
CA ARG D 728 73.92 12.58 10.94
C ARG D 728 73.44 12.28 12.39
N THR D 729 74.31 11.84 13.29
CA THR D 729 73.91 11.50 14.68
C THR D 729 74.78 12.18 15.76
N SER D 730 74.28 12.16 17.00
CA SER D 730 75.02 12.62 18.17
C SER D 730 75.70 11.42 18.79
N SER D 731 76.77 11.01 18.11
CA SER D 731 77.52 9.82 18.45
C SER D 731 78.64 10.24 19.35
N ALA D 732 79.29 9.25 19.95
CA ALA D 732 80.59 9.45 20.61
C ALA D 732 81.57 10.26 19.72
N GLU D 733 81.53 10.02 18.40
CA GLU D 733 82.40 10.68 17.43
C GLU D 733 82.11 12.17 17.25
N TYR D 734 80.81 12.52 17.15
CA TYR D 734 80.40 13.93 17.03
C TYR D 734 80.93 14.78 18.18
N ASN D 735 80.75 14.27 19.40
CA ASN D 735 81.19 14.90 20.64
C ASN D 735 82.70 15.12 20.73
N VAL D 736 83.47 14.10 20.36
CA VAL D 736 84.93 14.19 20.39
C VAL D 736 85.37 15.23 19.38
N ASN D 737 84.80 15.16 18.17
CA ASN D 737 85.09 16.15 17.12
C ASN D 737 84.84 17.61 17.59
N ASN D 738 83.77 17.83 18.38
CA ASN D 738 83.43 19.15 18.88
C ASN D 738 84.55 19.77 19.71
N LEU D 739 85.15 18.89 20.52
CA LEU D 739 86.14 19.26 21.51
C LEU D 739 87.49 19.67 20.90
N VAL D 740 87.82 19.10 19.74
CA VAL D 740 89.06 19.43 19.01
C VAL D 740 88.90 20.37 17.82
N SER D 741 87.71 20.44 17.24
CA SER D 741 87.45 21.34 16.11
C SER D 741 87.17 22.75 16.63
N PRO D 742 87.38 23.78 15.78
CA PRO D 742 86.97 25.12 16.22
C PRO D 742 85.44 25.22 16.35
N VAL D 743 84.96 26.30 17.00
CA VAL D 743 83.52 26.51 17.20
C VAL D 743 82.99 27.53 16.19
N LEU D 744 82.23 27.01 15.22
CA LEU D 744 81.74 27.79 14.09
C LEU D 744 80.36 28.39 14.41
N PHE D 745 80.38 29.36 15.31
CA PHE D 745 79.21 29.94 15.92
C PHE D 745 78.51 30.97 15.01
N GLN D 746 79.18 32.07 14.64
CA GLN D 746 78.66 33.06 13.66
C GLN D 746 78.04 32.40 12.42
N GLU D 747 78.68 31.30 12.02
CA GLU D 747 78.28 30.52 10.84
C GLU D 747 76.85 29.98 11.01
N ALA D 748 76.51 29.53 12.21
CA ALA D 748 75.15 29.07 12.52
C ALA D 748 74.14 30.22 12.73
N LEU D 749 74.61 31.32 13.31
CA LEU D 749 73.77 32.50 13.55
C LEU D 749 73.33 33.22 12.28
N TRP D 750 74.15 33.14 11.22
CA TRP D 750 73.76 33.62 9.89
C TRP D 750 72.42 32.95 9.47
N HIS D 751 72.19 31.70 9.89
CA HIS D 751 70.96 30.94 9.59
C HIS D 751 69.72 31.27 10.44
N ILE D 752 69.84 32.07 11.50
CA ILE D 752 68.66 32.46 12.28
C ILE D 752 67.88 33.53 11.49
N PRO D 753 66.57 33.28 11.22
CA PRO D 753 65.76 34.12 10.32
C PRO D 753 65.32 35.44 10.92
N GLU D 754 64.72 36.32 10.11
CA GLU D 754 64.25 37.64 10.61
C GLU D 754 63.14 37.47 11.66
N HIS D 755 63.08 38.41 12.60
CA HIS D 755 62.04 38.47 13.65
C HIS D 755 61.99 37.23 14.54
N ALA D 756 63.14 36.71 14.92
CA ALA D 756 63.19 35.50 15.72
C ALA D 756 63.39 35.85 17.18
N VAL D 757 62.99 34.92 18.04
CA VAL D 757 63.17 35.09 19.48
C VAL D 757 64.19 34.05 19.91
N VAL D 758 65.23 34.54 20.58
CA VAL D 758 66.45 33.78 20.85
C VAL D 758 66.69 33.72 22.36
N LEU D 759 66.60 32.52 22.94
CA LEU D 759 66.80 32.29 24.36
C LEU D 759 68.20 31.70 24.62
N GLU D 760 69.01 32.40 25.41
CA GLU D 760 70.29 31.88 25.83
C GLU D 760 70.15 30.98 27.06
N ILE D 761 70.24 29.67 26.81
CA ILE D 761 70.11 28.65 27.83
C ILE D 761 71.47 28.35 28.48
N ALA D 762 71.63 28.87 29.69
CA ALA D 762 72.90 28.82 30.41
C ALA D 762 72.77 29.52 31.75
N PRO D 763 73.52 29.03 32.77
CA PRO D 763 73.53 29.61 34.12
C PRO D 763 74.07 31.02 34.23
N HIS D 764 74.66 31.55 33.17
CA HIS D 764 74.82 32.96 33.04
C HIS D 764 74.79 33.26 31.57
N ALA D 765 74.13 34.35 31.22
CA ALA D 765 73.86 34.68 29.83
C ALA D 765 75.04 35.40 29.20
N LEU D 766 76.17 34.71 29.15
CA LEU D 766 77.46 35.24 28.71
C LEU D 766 77.48 35.75 27.27
N LEU D 767 76.81 35.01 26.38
CA LEU D 767 76.79 35.31 24.95
C LEU D 767 75.80 36.39 24.45
N GLN D 768 75.15 37.14 25.34
CA GLN D 768 74.14 38.11 24.92
C GLN D 768 74.75 39.11 23.95
N ALA D 769 75.87 39.69 24.37
CA ALA D 769 76.65 40.62 23.57
C ALA D 769 77.00 40.10 22.18
N VAL D 770 77.39 38.82 22.09
CA VAL D 770 77.72 38.20 20.80
C VAL D 770 76.50 38.03 19.94
N LEU D 771 75.43 37.50 20.53
CA LEU D 771 74.19 37.20 19.77
C LEU D 771 73.61 38.48 19.17
N LYS D 772 73.61 39.58 19.94
CA LYS D 772 73.15 40.86 19.41
C LYS D 772 73.95 41.30 18.16
N ARG D 773 75.27 41.24 18.21
CA ARG D 773 76.13 41.54 17.04
C ARG D 773 75.90 40.53 15.93
N GLY D 774 75.77 39.27 16.30
CA GLY D 774 75.80 38.17 15.34
C GLY D 774 74.52 37.76 14.66
N VAL D 775 73.37 38.13 15.21
CA VAL D 775 72.10 37.85 14.54
C VAL D 775 71.39 39.14 14.21
N LYS D 776 70.59 39.10 13.13
CA LYS D 776 69.82 40.26 12.63
C LYS D 776 69.21 41.13 13.73
N SER D 777 69.22 42.45 13.50
CA SER D 777 68.62 43.45 14.43
C SER D 777 67.16 43.17 14.75
N SER D 778 66.43 42.66 13.74
CA SER D 778 65.02 42.30 13.89
C SER D 778 64.71 41.20 14.92
N CYS D 779 65.73 40.49 15.40
CA CYS D 779 65.53 39.43 16.39
C CYS D 779 65.55 40.01 17.79
N THR D 780 64.98 39.25 18.72
CA THR D 780 64.98 39.64 20.14
C THR D 780 65.73 38.56 20.94
N ILE D 781 66.75 39.01 21.67
CA ILE D 781 67.69 38.12 22.35
C ILE D 781 67.36 38.20 23.84
N ILE D 782 67.09 37.06 24.45
CA ILE D 782 66.60 37.01 25.81
C ILE D 782 67.51 36.13 26.68
N PRO D 783 68.01 36.66 27.80
CA PRO D 783 68.69 35.80 28.75
C PRO D 783 67.73 35.04 29.63
N LEU D 784 68.28 34.14 30.45
CA LEU D 784 67.48 33.35 31.41
C LEU D 784 68.04 33.32 32.84
N MET D 785 69.37 33.40 33.02
CA MET D 785 70.00 33.58 34.33
C MET D 785 71.13 34.59 34.25
N LYS D 786 71.36 35.32 35.33
CA LYS D 786 72.56 36.15 35.47
C LYS D 786 73.40 35.68 36.65
N ARG D 787 74.68 36.07 36.61
CA ARG D 787 75.71 35.61 37.54
C ARG D 787 75.59 36.50 38.76
N ASP D 788 75.48 35.86 39.92
CA ASP D 788 75.31 36.55 41.20
C ASP D 788 74.09 37.49 41.22
N HIS D 789 73.05 37.22 40.43
CA HIS D 789 71.82 38.03 40.51
C HIS D 789 71.17 37.69 41.83
N LYS D 790 70.62 38.71 42.50
CA LYS D 790 70.09 38.50 43.85
C LYS D 790 69.03 37.40 43.88
N ASP D 791 68.11 37.42 42.92
CA ASP D 791 67.09 36.38 42.74
C ASP D 791 67.05 35.99 41.27
N ASN D 792 67.50 34.77 40.95
CA ASN D 792 67.44 34.28 39.56
C ASN D 792 66.03 33.83 39.17
N LEU D 793 65.28 33.31 40.12
CA LEU D 793 63.87 32.97 39.90
C LEU D 793 63.10 34.20 39.39
N GLU D 794 63.26 35.34 40.05
CA GLU D 794 62.72 36.60 39.54
C GLU D 794 63.24 36.88 38.12
N PHE D 795 64.55 36.79 37.90
CA PHE D 795 65.15 37.13 36.59
C PHE D 795 64.61 36.23 35.45
N PHE D 796 64.52 34.94 35.75
CA PHE D 796 64.00 33.96 34.82
C PHE D 796 62.58 34.29 34.43
N LEU D 797 61.72 34.47 35.45
CA LEU D 797 60.33 34.92 35.28
C LEU D 797 60.18 36.17 34.42
N THR D 798 61.02 37.16 34.60
CA THR D 798 60.84 38.42 33.90
C THR D 798 61.15 38.28 32.43
N ASN D 799 62.09 37.38 32.17
CA ASN D 799 62.53 37.09 30.82
C ASN D 799 61.56 36.15 30.14
N LEU D 800 60.95 35.29 30.93
CA LEU D 800 59.90 34.40 30.42
C LEU D 800 58.66 35.22 30.03
N GLY D 801 58.38 36.25 30.82
CA GLY D 801 57.40 37.27 30.43
C GLY D 801 57.75 38.00 29.16
N LYS D 802 59.02 38.34 28.99
CA LYS D 802 59.48 38.93 27.73
C LYS D 802 59.20 38.05 26.55
N VAL D 803 59.16 36.74 26.75
CA VAL D 803 58.79 35.84 25.63
C VAL D 803 57.30 35.95 25.32
N HIS D 804 56.44 35.98 26.34
CA HIS D 804 55.01 36.26 26.14
C HIS D 804 54.83 37.56 25.35
N LEU D 805 55.61 38.60 25.66
CA LEU D 805 55.53 39.87 24.93
C LEU D 805 55.73 39.77 23.42
N THR D 806 56.46 38.77 22.96
CA THR D 806 56.78 38.66 21.54
C THR D 806 55.62 38.13 20.67
N GLY D 807 54.67 37.46 21.31
CA GLY D 807 53.58 36.79 20.59
C GLY D 807 53.52 35.31 20.79
N ILE D 808 54.53 34.76 21.45
CA ILE D 808 54.67 33.32 21.63
C ILE D 808 54.02 32.98 22.96
N ASN D 809 53.17 31.96 22.96
CA ASN D 809 52.41 31.62 24.14
C ASN D 809 53.27 30.84 25.12
N VAL D 810 52.97 31.03 26.40
CA VAL D 810 53.75 30.56 27.53
C VAL D 810 52.77 30.33 28.66
N ASN D 811 52.76 29.15 29.25
CA ASN D 811 51.94 28.88 30.41
C ASN D 811 52.77 28.78 31.69
N PRO D 812 52.98 29.91 32.38
CA PRO D 812 53.81 29.87 33.59
C PRO D 812 53.19 29.06 34.70
N ASN D 813 51.86 28.80 34.64
CA ASN D 813 51.24 28.02 35.70
C ASN D 813 51.96 26.69 35.94
N ALA D 814 52.52 26.06 34.91
CA ALA D 814 53.19 24.76 35.06
C ALA D 814 54.50 24.79 35.87
N LEU D 815 55.14 25.95 36.00
CA LEU D 815 56.30 26.11 36.86
C LEU D 815 56.02 25.85 38.35
N PHE D 816 54.78 25.99 38.77
CA PHE D 816 54.44 25.91 40.20
C PHE D 816 53.46 24.75 40.42
N PRO D 817 53.30 24.33 41.68
CA PRO D 817 52.33 23.27 41.94
C PRO D 817 50.95 23.60 41.43
N PRO D 818 50.21 22.58 40.99
CA PRO D 818 48.95 22.91 40.36
C PRO D 818 47.97 23.51 41.37
N VAL D 819 47.17 24.47 40.92
CA VAL D 819 46.06 24.98 41.71
C VAL D 819 44.93 23.95 41.70
N GLU D 820 44.35 23.66 42.86
CA GLU D 820 43.21 22.74 42.91
C GLU D 820 41.91 23.45 42.60
N PHE D 821 41.42 23.33 41.37
CA PHE D 821 40.10 23.83 41.01
C PHE D 821 39.05 22.81 41.41
N PRO D 822 37.77 23.21 41.57
CA PRO D 822 37.17 24.54 41.46
C PRO D 822 37.80 25.63 42.32
N ALA D 823 37.90 26.83 41.78
CA ALA D 823 38.42 27.95 42.54
C ALA D 823 37.54 28.22 43.74
N PRO D 824 38.14 28.79 44.79
CA PRO D 824 37.34 29.11 45.95
C PRO D 824 36.36 30.22 45.68
N ARG D 825 35.26 30.18 46.45
CA ARG D 825 34.23 31.24 46.47
C ARG D 825 34.88 32.59 46.69
N GLY D 826 34.34 33.62 46.05
CA GLY D 826 34.88 34.96 46.23
C GLY D 826 36.14 35.26 45.41
N THR D 827 36.56 34.33 44.54
CA THR D 827 37.61 34.65 43.56
C THR D 827 37.09 35.83 42.74
N PRO D 828 37.86 36.92 42.60
CA PRO D 828 37.31 38.11 41.92
C PRO D 828 36.74 37.84 40.53
N LEU D 829 35.74 38.60 40.15
CA LEU D 829 35.15 38.52 38.82
C LEU D 829 36.21 39.05 37.82
N ILE D 830 36.20 38.43 36.64
CA ILE D 830 37.05 38.82 35.51
C ILE D 830 36.26 39.61 34.47
N SER D 831 34.99 39.26 34.22
CA SER D 831 34.22 39.92 33.14
C SER D 831 34.28 41.45 33.15
N PRO D 832 34.22 42.09 34.32
CA PRO D 832 34.17 43.57 34.24
C PRO D 832 35.47 44.22 33.83
N HIS D 833 36.59 43.50 33.82
CA HIS D 833 37.88 44.09 33.47
C HIS D 833 38.33 43.76 32.08
N ILE D 834 37.43 43.20 31.29
CA ILE D 834 37.70 42.93 29.88
C ILE D 834 37.37 44.22 29.13
N LYS D 835 38.35 44.79 28.45
CA LYS D 835 38.14 46.08 27.78
C LYS D 835 38.29 45.92 26.29
N TRP D 836 37.43 46.61 25.55
CA TRP D 836 37.34 46.48 24.12
C TRP D 836 37.84 47.75 23.48
N ASP D 837 38.09 47.71 22.17
CA ASP D 837 38.32 48.91 21.38
C ASP D 837 36.95 49.41 20.98
N HIS D 838 36.46 50.43 21.69
CA HIS D 838 35.19 51.09 21.39
C HIS D 838 35.31 52.46 20.72
N SER D 839 36.35 52.62 19.91
CA SER D 839 36.58 53.89 19.23
C SER D 839 35.55 54.15 18.15
N GLN D 840 34.99 53.15 17.51
CA GLN D 840 33.93 53.37 16.51
C GLN D 840 32.57 53.61 17.18
N THR D 841 31.62 54.12 16.39
CA THR D 841 30.22 54.29 16.81
C THR D 841 29.26 53.79 15.71
N TRP D 842 28.45 52.79 16.05
CA TRP D 842 27.63 52.10 15.07
C TRP D 842 26.19 52.57 15.15
N ASP D 843 25.42 52.35 14.08
CA ASP D 843 24.06 52.83 14.00
C ASP D 843 23.21 52.06 14.96
N VAL D 844 22.14 52.70 15.39
CA VAL D 844 21.16 52.08 16.26
C VAL D 844 19.79 52.50 15.76
N PRO D 845 18.89 51.56 15.58
CA PRO D 845 17.52 51.97 15.24
C PRO D 845 16.90 52.94 16.24
N VAL D 846 16.05 53.81 15.74
CA VAL D 846 15.41 54.86 16.53
C VAL D 846 13.90 54.76 16.39
N ALA D 847 13.16 55.41 17.28
CA ALA D 847 11.68 55.31 17.24
C ALA D 847 11.11 55.67 15.86
N GLU D 848 11.72 56.68 15.23
CA GLU D 848 11.28 57.18 13.91
C GLU D 848 11.38 56.12 12.81
N ASP D 849 12.21 55.09 13.00
CA ASP D 849 12.34 54.01 12.01
C ASP D 849 11.15 53.04 11.99
N PHE D 850 10.20 53.16 12.94
CA PHE D 850 9.02 52.30 12.95
C PHE D 850 7.72 53.04 12.62
N PRO D 851 6.71 52.35 12.11
CA PRO D 851 5.42 52.98 11.78
C PRO D 851 4.68 53.66 12.94
N ASN D 852 3.80 54.65 12.64
CA ASN D 852 2.96 55.41 13.63
C ASN D 852 1.58 55.86 13.10
#